data_9QK2
#
_entry.id   9QK2
#
_cell.length_a   1.00
_cell.length_b   1.00
_cell.length_c   1.00
_cell.angle_alpha   90.00
_cell.angle_beta   90.00
_cell.angle_gamma   90.00
#
_symmetry.space_group_name_H-M   'P 1'
#
loop_
_entity.id
_entity.type
_entity.pdbx_description
1 polymer 'Complement C4-A'
2 polymer 'Complement C2'
3 polymer 'Anti-C4b nanobody B12'
4 polymer 'Complement C3'
5 non-polymer 2-acetamido-2-deoxy-beta-D-glucopyranose
6 non-polymer 'MAGNESIUM ION'
#
loop_
_entity_poly.entity_id
_entity_poly.type
_entity_poly.pdbx_seq_one_letter_code
_entity_poly.pdbx_strand_id
1 'polypeptide(L)'
;MRLLWGLIWASSFFTLSLQKPRLLLFSPSVVHLGVPLSVGVQLQDVPRGQVVKGSVFLRNPSRNNVPCSPKVDFTLSSER
DFALLSLQVPLKDAKSCGLHQLLRGPEVQLVAHSPWLKDSLSRTTNIQGINLLFSSRRGHLFLQTDQPIYNPGQRVRYRV
FALDQKMRPSTDTITVMVENSHGLRVRKKEVYMPSSIFQDDFVIPDISEPGTWKISARFSDGLESNSSTQFEVKKYVLPN
FEVKITPGKPYILTVPGHLDEMQLDIQARYIYGKPVQGVAYVRFGLLDEDGKKTFFRGLESQTKLVNGQSHISLSKAEFQ
DALEKLNMGITDLQGLRLYVAAAIIESPGGEMEEAELTSWYFVSSPFSLDLSKTKRHLVPGAPFLLQALVREMSGSPASG
IPVKVSATVSSPGSVPEVQDIQQNTDGSGQVSIPIIIPQTISELQLSVSAGSPHPAIARLTVAAPPSGGPGFLSIERPDS
RPPRVGDTLNLNLRAVGSGATFSHYYYMILSRGQIVFMNREPKRTLTSVSVFVDHHLAPSFYFVAFYYHGDHPVANSLRV
DVQAGACEGKLELSVDGAKQYRNGESVKLHLETDSLALVALGALDTALYAAGSKSHKPLNMGKVFEAMNSYDLGCGPGGG
DSALQVFQAAGLAFSDGDQWTLSRKRLSCPKEKTTRKKRNVNFQKAINEKLGQYASPTAKRCCQDGVTRLPMMRSCEQRA
ARVQQPDCREPFLSCCQFAESLRKKSRDKGQAGLQRALEILQEEDLIDEDDIPVRSFFPENWLWRVETVDRFQILTLWLP
DSLTTWEIHGLSLSKTKGLCVATPVQLRVFREFHLHLRLPMSVRRFEQLELRPVLYNYLDKNLTVSVHVSPVEGLCLAGG
GGLAQQVLVPAGSARPVAFSVVPTAAAAVSLKVVARGSFEFPVGDAVSKVLQIEKEGAIHREELVYELNPLDHRGRTLEI
PGNSDPNMIPDGDFNSYVRVTASDPLDTLGSEGALSPGGVASLLRLPRGCGEQTMIYLAPTLAASRYLDKTEQWSTLPPE
TKDHAVDLIQKGYMRIQQFRKADGSYAAWLSRDSSTWLTAFVLKVLSLAQEQVGGSPEKLQETSNWLLSQQQADGSFQDP
CPVLDRSMQGGLVGNDETVALTAFVTIALHHGLAVFQDEGAEPLKQRVEASISKANSFLGEKASAGLLGAHAAAITAYAL
SLTKAPVDLLGVAHNNLMAMAQETGDNLYWGSVTGSQSNAVSPTPAPRNPSDPMPQAPALWIETTAYALLHLLLHEGKAE
MADQASAWLTRQGSFQGGFRSTQDTVIALDALSAYWIASHTTEERGLNVTLSSTGRNGFKSHALQLNNRQIRGLEEELQF
SLGSKINVKVGGNSKGTLKVLRTYNVLDMKNTTCQDLQIEVTVKGHVEYTMEANEDYEDYEYDELPAKDDPDAPLQPVTP
LQLFEGRRNRRRREAPKVVEEQESRVHYTVCIWRNGKVGLSGMAIADVTLLSGFHALRADLEKLTSLSDRYVSHFETEGP
HVLLYFDSVPTSRECVGFEAVQEVPVGLVQPASATLYDYYNPERRCSVFYGAPSKSRLLATLCSAEVCQCAEGKCPRQRR
ALERGLQDEDGYRMKFACYYPRVEYGFQVKVLREDSRAAFRLFETKITQVLHFTKDVKAAANQMRNFLVRASCRLRLEPG
KEYLIMGLDGATYDLEGHPQYLLDSNSWIEEMPSERLCRSTRQRAACAQLNDFLQEYGTQGCQV
;
A,C,B
2 'polypeptide(L)'
;MGPLMVLFCLLFLYPGLADSAPSCPQNVNISGGTFTLSHGWAPGSLLTYSCPQGLYPSPASRLCKSSGQWQTPGATRSLS
KAVCKPVRCPAPVSFENGIYTPRLGSYPVGGNVSFECEDGFILRGSPVRQCRPNGMWDGETAVCDNGAGHCPNPGISLGA
VRTGFRFGHGDKVRYRCSSNLVLTGSSERECQGNGVWSGTEPICRQPYSYDFPEDVAPALGTSFSHMLGATNPTQKTKES
LGRKIQIQRSGHLNLYLLLDCSQSVSENDFLIFKESASLMVDRIFSFEINVSVAIITFASEPKVLMSVLNDNSRDMTEVI
SSLENANYKDHENGTGTNTYAALNSVYLMMNNQMRLLGMETMAWQEIRHAIILLTDGKSNMGGSPKTAVDHIREILNINQ
KRNDYLDIYAIGVGKLDVDWRELNELGSKKDGERHAFILQDTKALHQVFEHMLDVSKLTDTICGVGNMSANASDQERTPW
HVTIKPKSQETCRGALISDQWVLTAAHCFRDGNDHSLWRVNVGDPKSQWGKEFLIEKAVISPGFDVFAKKNQGILEFYGD
DIALLKLAQKVKMSTHARPICLPCTMEANLALRRPQGSTCRDHENELLNKQSVPAHFVALNGSKLNINLKMGVEWTSCAE
VVSQEKTMFPNLTDVREVVTDQFLCSGTQEDESPCKGEAGGAVFLERRFRFFQVGLVSWGLYNPCLGSADKNSRKRAPRS
KVPPPRDFHINLFRMQPWLRQHLGDVLNFLPL
;
E
3 'polypeptide(L)'
;EVQLVESGGGLVQAGGSLRLSCVASERTYMAWFRQAPGKEREFVAAITSSGMMTEYAPSVKGRFTISRDNAKNTVYLQMN
SLKPEDTAVYYCAADLRQRFGERVTEYDYWGQGTQVTVSS
;
D
4 'polypeptide(L)'
;MGPTSGPSLLLLLLTHLPLALGSPMYSIITPNILRLESEETMVLEAHDAQGDVPVTVTVHDFPGKKLVLSSEKTVLTPAT
NHMGNVTFTIPANREFKSEKGRNKFVTVQATFGTQVVEKVVLVSLQSGYLFIQTDKTIYTPGSTVLYRIFTVNHKLLPVG
RTVMVNIENPEGIPVKQDSLSSQNQLGVLPLSWDIPELVNMGQWKIRAYYENSPQQVFSTEFEVKEYVLPSFEVIVEPTE
KFYYIYNEKGLEVTITARFLYGKKVEGTAFVIFGIQDGEQRISLPESLKRIPIEDGSGEVVLSRKVLLDGVQNLRAEDLV
GKSLYVSATVILHSGSDMVQAERSGIPIVTSPYQIHFTKTPKYFKPGMPFDLMVFVTNPDGSPAYRVPVAVQGEDTVQSL
TQGDGVAKLSINTHPSQKPLSITVRTKKQELSEAEQATRTMQALPYSTVGNSNNYLHLSVLRTELRPGETLNVNFLLRMD
RAHEAKIRYYTYLIMNKGRLLKAGRQVREPGQDLVVLPLSITTDFIPSFRLVAYYTLIGASGQREVVADSVWVDVKDSCV
GSLVVKSGQSEDRQPVPGQQMTLKIEGDHGARVVLVAVDKGVFVLNKKNKLTQSKIWDVVEKADIGCTPGSGKDYAGVFS
DAGLTFTSSSGQQTAQRAELQCPQPAARRRRSVQLTEKRMDKVGKYPKELRKCCEDGMRENPMRFSCQRRTRFISLGEAC
KKVFLDCCNYITELRRQHARASHLGLARSNLDEDIIAEENIVSRSEFPESWLWNVEDLKEPPKNGISTKLMNIFLKDSIT
TWEILAVSMSDKKGICVADPFEVTVMQDFFIDLRLPYSVVRNEQVEIRAVLYNYRQNQELKVRVELLHNPAFCSLATTKR
RHQQTVTIPPKSSLSVPYVIVPLKTGLQEVEVKAAVYHHFISDGVRKSLKVVPEGIRMNKTVAVRTLDPERLGREGVQKE
DIPPADLSDQVPDTESETRILLQGTPVAQMTEDAVDAERLKHLIVTPSGCGEQNMIGMTPTVIAVHYLDETEQWEKFGLE
KRQGALELIKKGYTQQLAFRQPSSAFAAFVKRAPSTWLTAYVVKVFSLAVNLIAIDSQVLCGAVKWLILEKQKPDGVFQE
DAPVIHQEMIGGLRNNNEKDMALTAFVLISLQEAKDICEEQVNSLPGSITKAGDFLEANYMNLQRSYTVAIAGYALAQMG
RLKGPLLNKFLTTAKDKNRWEDPGKQLYNVEATSYALLALLQLKDFDFVPPVVRWLNEQRYYGGGYGSTQATFMVFQALA
QYQKDAPDHQELNLDVSLQLPSRSSKITHRIHWESASLLRSEETKENEGFTVTAEGKGQGTLSVVTMYHAKAKDQLTCNK
FDLKVTIKPAPETEKRPQDAKNTMILEICTRYRGDQDATMSILDISMMTGFAPDTDDLKQLANGVDRYISKYELDKAFSD
RNTLIIYLDKVSHSEDDCLAFKVHQYFNVELIQPGAVKVYAYYNLEESCTRFYHPEKEDGKLNKLCRDELCRCAEENCFI
QKSDDKVTLEERLDKACEPGVDYVYKTRLVKVQLSNDFDEYIMAIEQTIKSGSDEVQVGQQRTFISPIKCREALKLEEKK
HYLMWGLSSDFWGEKPNLSYIIGKDTWVEHWPEEDECQDEENQKQCQDLGAFTESMVVFGCPN
;
F,G
#
# COMPACT_ATOMS: atom_id res chain seq x y z
N LYS A 20 49.12 30.49 42.50
CA LYS A 20 48.24 29.33 42.63
C LYS A 20 46.90 29.49 41.90
N PRO A 21 46.20 30.62 42.06
CA PRO A 21 44.98 30.82 41.28
C PRO A 21 45.26 30.80 39.78
N ARG A 22 44.35 30.21 39.02
CA ARG A 22 44.53 30.07 37.58
C ARG A 22 43.20 30.33 36.88
N LEU A 23 43.29 30.76 35.63
CA LEU A 23 42.13 31.02 34.79
C LEU A 23 42.26 30.15 33.55
N LEU A 24 41.40 29.15 33.44
CA LEU A 24 41.46 28.25 32.29
C LEU A 24 40.78 28.90 31.08
N LEU A 25 40.96 28.27 29.92
CA LEU A 25 40.44 28.80 28.66
C LEU A 25 40.38 27.66 27.66
N PHE A 26 39.19 27.29 27.23
CA PHE A 26 38.99 26.20 26.29
C PHE A 26 38.25 26.70 25.06
N SER A 27 38.67 26.22 23.88
CA SER A 27 38.02 26.59 22.63
C SER A 27 38.35 25.53 21.60
N PRO A 28 37.51 25.37 20.57
CA PRO A 28 37.83 24.40 19.52
C PRO A 28 39.13 24.74 18.81
N SER A 29 39.81 23.69 18.34
CA SER A 29 41.12 23.86 17.72
C SER A 29 41.04 24.67 16.43
N VAL A 30 39.97 24.52 15.66
CA VAL A 30 39.84 25.13 14.35
C VAL A 30 38.63 26.06 14.35
N VAL A 31 38.81 27.26 13.82
CA VAL A 31 37.74 28.25 13.70
C VAL A 31 37.21 28.24 12.28
N HIS A 32 35.90 28.14 12.12
CA HIS A 32 35.26 28.24 10.82
C HIS A 32 34.64 29.63 10.71
N LEU A 33 35.16 30.44 9.81
CA LEU A 33 34.78 31.85 9.74
C LEU A 33 33.29 32.00 9.43
N GLY A 34 32.65 32.96 10.08
CA GLY A 34 31.23 33.18 9.91
C GLY A 34 30.34 32.30 10.75
N VAL A 35 30.91 31.53 11.67
CA VAL A 35 30.15 30.63 12.53
C VAL A 35 30.59 30.85 13.97
N PRO A 36 29.66 30.96 14.93
CA PRO A 36 30.06 31.29 16.30
C PRO A 36 31.00 30.26 16.90
N LEU A 37 31.88 30.73 17.77
CA LEU A 37 32.89 29.91 18.42
C LEU A 37 32.48 29.68 19.87
N SER A 38 32.56 28.43 20.32
CA SER A 38 32.16 28.06 21.67
C SER A 38 33.39 28.11 22.56
N VAL A 39 33.51 29.17 23.34
CA VAL A 39 34.67 29.40 24.19
C VAL A 39 34.24 29.19 25.64
N GLY A 40 34.86 28.22 26.31
CA GLY A 40 34.58 27.95 27.69
C GLY A 40 35.68 28.42 28.62
N VAL A 41 35.34 29.29 29.56
CA VAL A 41 36.30 29.82 30.52
C VAL A 41 36.01 29.18 31.87
N GLN A 42 37.06 29.03 32.69
CA GLN A 42 36.92 28.42 34.00
C GLN A 42 37.90 29.08 34.96
N LEU A 43 37.49 29.20 36.22
CA LEU A 43 38.32 29.78 37.27
C LEU A 43 38.68 28.68 38.27
N GLN A 44 39.98 28.51 38.52
CA GLN A 44 40.49 27.43 39.33
C GLN A 44 41.25 27.98 40.53
N ASP A 45 40.93 27.46 41.71
CA ASP A 45 41.61 27.78 42.97
C ASP A 45 41.59 29.29 43.23
N VAL A 46 40.38 29.81 43.41
CA VAL A 46 40.19 31.24 43.67
C VAL A 46 39.60 31.39 45.08
N PRO A 47 40.04 32.37 45.86
CA PRO A 47 39.41 32.62 47.16
C PRO A 47 37.96 33.03 46.99
N ARG A 48 37.16 32.74 48.02
CA ARG A 48 35.73 33.00 47.95
C ARG A 48 35.42 34.48 47.79
N GLY A 49 36.30 35.36 48.25
CA GLY A 49 36.05 36.78 48.19
C GLY A 49 36.43 37.47 46.90
N GLN A 50 36.89 36.74 45.89
CA GLN A 50 37.36 37.32 44.64
C GLN A 50 36.32 37.11 43.54
N VAL A 51 35.95 38.20 42.89
CA VAL A 51 35.05 38.17 41.74
C VAL A 51 35.77 38.83 40.57
N VAL A 52 35.86 38.12 39.45
CA VAL A 52 36.63 38.59 38.30
C VAL A 52 35.67 38.90 37.16
N LYS A 53 36.07 39.85 36.31
CA LYS A 53 35.29 40.24 35.15
C LYS A 53 36.25 40.70 34.05
N GLY A 54 35.97 40.28 32.82
CA GLY A 54 36.82 40.63 31.71
C GLY A 54 36.11 40.40 30.40
N SER A 55 36.90 40.40 29.32
CA SER A 55 36.39 40.20 27.98
C SER A 55 37.27 39.21 27.22
N VAL A 56 36.69 38.60 26.20
CA VAL A 56 37.41 37.67 25.33
C VAL A 56 37.09 38.02 23.89
N PHE A 57 38.13 38.01 23.04
CA PHE A 57 37.96 38.37 21.64
C PHE A 57 39.04 37.70 20.81
N LEU A 58 38.78 37.58 19.51
CA LEU A 58 39.79 37.10 18.59
C LEU A 58 40.77 38.23 18.27
N ARG A 59 41.89 37.86 17.66
CA ARG A 59 42.95 38.84 17.42
C ARG A 59 43.91 38.31 16.37
N ASN A 60 44.29 39.16 15.42
CA ASN A 60 45.30 38.82 14.44
C ASN A 60 46.67 39.21 14.99
N PRO A 61 47.63 38.29 15.07
CA PRO A 61 48.92 38.65 15.67
C PRO A 61 49.81 39.44 14.75
N SER A 62 49.66 39.25 13.43
CA SER A 62 50.58 39.85 12.47
C SER A 62 50.21 41.29 12.13
N ARG A 63 49.03 41.51 11.56
CA ARG A 63 48.65 42.84 11.12
C ARG A 63 48.80 43.86 12.25
N ASN A 64 48.06 43.66 13.33
CA ASN A 64 48.17 44.41 14.57
C ASN A 64 47.16 43.79 15.54
N ASN A 65 47.20 44.24 16.79
CA ASN A 65 46.23 43.74 17.76
C ASN A 65 44.87 44.34 17.46
N VAL A 66 44.30 44.01 16.31
CA VAL A 66 43.00 44.53 15.90
C VAL A 66 41.97 43.43 16.06
N PRO A 67 41.12 43.52 17.08
CA PRO A 67 40.15 42.43 17.33
C PRO A 67 39.02 42.46 16.33
N CYS A 68 39.05 41.54 15.37
CA CYS A 68 37.95 41.41 14.41
C CYS A 68 36.96 40.35 14.87
N SER A 69 36.39 40.61 16.04
CA SER A 69 35.34 39.81 16.62
C SER A 69 34.71 40.61 17.75
N PRO A 70 33.39 40.62 17.87
CA PRO A 70 32.74 41.37 18.96
C PRO A 70 33.18 40.83 20.31
N LYS A 71 33.76 41.71 21.11
CA LYS A 71 34.23 41.32 22.44
C LYS A 71 33.07 40.79 23.28
N VAL A 72 33.25 39.64 23.90
CA VAL A 72 32.25 39.00 24.73
C VAL A 72 32.74 39.04 26.17
N ASP A 73 31.91 39.59 27.06
CA ASP A 73 32.27 39.73 28.46
C ASP A 73 31.95 38.47 29.24
N PHE A 74 32.68 38.27 30.33
CA PHE A 74 32.43 37.15 31.22
C PHE A 74 32.70 37.57 32.66
N THR A 75 31.87 37.08 33.58
CA THR A 75 32.04 37.35 35.00
C THR A 75 32.06 36.02 35.74
N LEU A 76 33.05 35.84 36.61
CA LEU A 76 33.24 34.59 37.33
C LEU A 76 33.45 34.87 38.81
N SER A 77 33.09 33.91 39.64
CA SER A 77 33.25 34.02 41.08
C SER A 77 33.50 32.62 41.65
N SER A 78 33.56 32.54 42.98
CA SER A 78 33.77 31.24 43.63
C SER A 78 32.60 30.30 43.42
N GLU A 79 31.37 30.82 43.54
CA GLU A 79 30.19 29.95 43.37
C GLU A 79 29.93 29.62 41.91
N ARG A 80 30.29 30.52 41.00
CA ARG A 80 30.17 30.29 39.56
C ARG A 80 31.56 30.50 38.97
N ASP A 81 32.36 29.44 38.95
CA ASP A 81 33.74 29.53 38.52
C ASP A 81 33.95 29.20 37.04
N PHE A 82 32.88 28.93 36.30
CA PHE A 82 33.00 28.65 34.88
C PHE A 82 31.83 29.28 34.14
N ALA A 83 32.03 29.54 32.85
CA ALA A 83 31.02 30.15 32.01
C ALA A 83 31.30 29.79 30.57
N LEU A 84 30.25 29.42 29.84
CA LEU A 84 30.35 29.06 28.43
C LEU A 84 29.88 30.25 27.59
N LEU A 85 30.80 30.85 26.85
CA LEU A 85 30.50 32.00 26.01
C LEU A 85 30.45 31.58 24.54
N SER A 86 29.62 32.29 23.78
CA SER A 86 29.56 32.12 22.33
C SER A 86 30.12 33.39 21.70
N LEU A 87 31.17 33.23 20.90
CA LEU A 87 31.92 34.35 20.34
C LEU A 87 31.76 34.33 18.82
N GLN A 88 31.02 35.31 18.29
CA GLN A 88 30.80 35.40 16.86
C GLN A 88 32.10 35.77 16.14
N VAL A 89 32.22 35.30 14.90
CA VAL A 89 33.34 35.68 14.05
C VAL A 89 32.77 36.12 12.69
N PRO A 90 32.21 37.32 12.60
CA PRO A 90 31.55 37.75 11.37
C PRO A 90 32.53 37.86 10.21
N LEU A 91 32.02 37.63 9.00
CA LEU A 91 32.85 37.69 7.80
C LEU A 91 33.43 39.08 7.57
N LYS A 92 32.62 40.11 7.80
CA LYS A 92 33.06 41.48 7.52
C LYS A 92 34.30 41.84 8.34
N ASP A 93 34.24 41.64 9.65
CA ASP A 93 35.38 41.97 10.50
C ASP A 93 36.59 41.10 10.14
N ALA A 94 36.37 39.81 9.92
CA ALA A 94 37.48 38.91 9.61
C ALA A 94 38.19 39.33 8.34
N LYS A 95 37.44 39.75 7.32
CA LYS A 95 38.06 40.30 6.12
C LYS A 95 38.73 41.63 6.40
N SER A 96 38.21 42.41 7.35
CA SER A 96 38.77 43.74 7.63
C SER A 96 40.20 43.65 8.18
N CYS A 97 40.46 42.70 9.06
CA CYS A 97 41.74 42.67 9.75
C CYS A 97 42.87 42.11 8.89
N GLY A 98 42.60 41.74 7.65
CA GLY A 98 43.63 41.17 6.82
C GLY A 98 43.93 39.71 7.09
N LEU A 99 42.98 38.97 7.68
CA LEU A 99 43.17 37.54 7.87
C LEU A 99 43.32 36.82 6.53
N HIS A 100 42.74 37.37 5.47
CA HIS A 100 42.84 36.80 4.13
C HIS A 100 44.05 37.31 3.35
N GLN A 101 44.78 38.29 3.89
CA GLN A 101 45.98 38.79 3.27
C GLN A 101 47.25 38.15 3.82
N LEU A 102 47.13 37.18 4.71
CA LEU A 102 48.30 36.48 5.22
C LEU A 102 48.96 35.66 4.13
N LEU A 103 50.29 35.64 4.12
CA LEU A 103 51.03 34.94 3.08
C LEU A 103 51.06 33.44 3.34
N ARG A 104 51.65 33.02 4.45
CA ARG A 104 51.76 31.61 4.80
C ARG A 104 51.19 31.37 6.18
N GLY A 105 50.25 30.43 6.28
CA GLY A 105 49.69 30.06 7.56
C GLY A 105 48.35 30.72 7.83
N PRO A 106 47.27 29.95 7.76
CA PRO A 106 45.94 30.46 8.14
C PRO A 106 45.71 30.31 9.65
N GLU A 107 46.33 31.19 10.42
CA GLU A 107 46.34 31.09 11.87
C GLU A 107 45.89 32.40 12.49
N VAL A 108 44.95 32.31 13.43
CA VAL A 108 44.44 33.47 14.17
C VAL A 108 44.55 33.16 15.64
N GLN A 109 44.65 34.20 16.45
CA GLN A 109 44.81 34.07 17.88
C GLN A 109 43.54 34.49 18.61
N LEU A 110 43.26 33.81 19.71
CA LEU A 110 42.14 34.13 20.58
C LEU A 110 42.68 34.60 21.91
N VAL A 111 42.17 35.73 22.41
CA VAL A 111 42.75 36.38 23.57
C VAL A 111 41.65 36.66 24.58
N ALA A 112 41.96 36.42 25.86
CA ALA A 112 41.07 36.70 26.97
C ALA A 112 41.75 37.72 27.87
N HIS A 113 41.23 38.94 27.88
CA HIS A 113 41.83 40.06 28.59
C HIS A 113 40.97 40.43 29.79
N SER A 114 41.59 40.50 30.97
CA SER A 114 40.90 40.90 32.18
C SER A 114 41.89 41.57 33.11
N PRO A 115 41.49 42.65 33.79
CA PRO A 115 42.42 43.35 34.70
C PRO A 115 42.72 42.57 35.98
N TRP A 116 42.00 41.48 36.25
CA TRP A 116 42.27 40.71 37.46
C TRP A 116 43.63 40.02 37.40
N LEU A 117 44.10 39.67 36.21
CA LEU A 117 45.36 38.93 36.10
C LEU A 117 46.52 39.75 36.65
N LYS A 118 46.68 40.98 36.17
CA LYS A 118 47.77 41.83 36.62
C LYS A 118 47.64 42.18 38.09
N ASP A 119 46.41 42.47 38.54
CA ASP A 119 46.20 42.88 39.93
C ASP A 119 46.50 41.75 40.90
N SER A 120 46.08 40.52 40.57
CA SER A 120 46.19 39.41 41.51
C SER A 120 47.48 38.61 41.32
N LEU A 121 47.67 38.02 40.14
CA LEU A 121 48.82 37.16 39.92
C LEU A 121 50.11 37.95 39.67
N SER A 122 50.01 39.26 39.41
CA SER A 122 51.17 40.08 39.08
C SER A 122 51.93 39.50 37.89
N ARG A 123 51.20 39.10 36.85
CA ARG A 123 51.81 38.49 35.69
C ARG A 123 52.58 39.53 34.87
N THR A 124 53.42 39.03 33.96
CA THR A 124 54.16 39.93 33.08
C THR A 124 53.20 40.73 32.20
N THR A 125 52.16 40.09 31.67
CA THR A 125 51.13 40.76 30.90
C THR A 125 49.79 40.11 31.19
N ASN A 126 48.72 40.88 31.01
CA ASN A 126 47.36 40.42 31.29
C ASN A 126 46.66 39.89 30.04
N ILE A 127 47.41 39.32 29.10
CA ILE A 127 46.85 38.73 27.89
C ILE A 127 47.18 37.24 27.91
N GLN A 128 46.15 36.40 27.85
CA GLN A 128 46.31 34.96 27.83
C GLN A 128 45.40 34.36 26.77
N GLY A 129 45.94 33.47 25.96
CA GLY A 129 45.16 32.88 24.90
C GLY A 129 45.91 31.79 24.18
N ILE A 130 45.33 31.34 23.06
CA ILE A 130 45.86 30.23 22.29
C ILE A 130 45.98 30.66 20.83
N ASN A 131 46.77 29.89 20.08
CA ASN A 131 46.95 30.11 18.65
C ASN A 131 46.10 29.09 17.90
N LEU A 132 44.90 29.51 17.48
CA LEU A 132 43.99 28.62 16.78
C LEU A 132 44.40 28.53 15.31
N LEU A 133 43.53 27.95 14.49
CA LEU A 133 43.79 27.79 13.05
C LEU A 133 42.46 27.91 12.33
N PHE A 134 42.20 29.08 11.75
CA PHE A 134 40.91 29.30 11.11
C PHE A 134 40.80 28.51 9.81
N SER A 135 39.56 28.31 9.37
CA SER A 135 39.27 27.67 8.09
C SER A 135 38.17 28.46 7.40
N SER A 136 37.67 27.95 6.27
CA SER A 136 36.64 28.63 5.52
C SER A 136 35.40 27.80 5.24
N ARG A 137 35.38 26.53 5.65
CA ARG A 137 34.17 25.72 5.49
C ARG A 137 33.04 26.26 6.33
N ARG A 138 31.81 26.07 5.84
CA ARG A 138 30.62 26.51 6.56
C ARG A 138 29.40 25.88 5.92
N GLY A 139 28.46 25.43 6.75
CA GLY A 139 27.21 24.91 6.25
C GLY A 139 27.32 23.63 5.45
N HIS A 140 26.17 23.09 5.06
CA HIS A 140 26.11 21.87 4.27
C HIS A 140 25.30 22.11 2.99
N LEU A 141 25.72 21.48 1.91
CA LEU A 141 25.02 21.54 0.64
C LEU A 141 24.85 20.13 0.12
N PHE A 142 23.63 19.80 -0.30
CA PHE A 142 23.30 18.47 -0.81
C PHE A 142 22.76 18.60 -2.22
N LEU A 143 23.30 17.81 -3.15
CA LEU A 143 22.92 17.87 -4.55
C LEU A 143 22.23 16.56 -4.95
N GLN A 144 21.20 16.69 -5.77
CA GLN A 144 20.45 15.55 -6.29
C GLN A 144 20.27 15.72 -7.78
N THR A 145 20.24 14.61 -8.50
CA THR A 145 19.99 14.61 -9.93
C THR A 145 18.73 13.82 -10.24
N ASP A 146 18.29 13.91 -11.50
CA ASP A 146 17.05 13.28 -11.91
C ASP A 146 17.18 11.76 -11.86
N GLN A 147 18.25 11.21 -12.44
CA GLN A 147 18.47 9.77 -12.49
C GLN A 147 19.96 9.51 -12.41
N PRO A 148 20.38 8.30 -12.02
CA PRO A 148 21.82 8.03 -11.88
C PRO A 148 22.60 8.07 -13.18
N ILE A 149 22.10 7.42 -14.23
CA ILE A 149 22.84 7.28 -15.49
C ILE A 149 22.02 7.90 -16.61
N TYR A 150 22.68 8.70 -17.44
CA TYR A 150 22.02 9.44 -18.52
C TYR A 150 22.52 8.95 -19.87
N ASN A 151 21.62 8.96 -20.85
CA ASN A 151 21.96 8.77 -22.25
C ASN A 151 22.57 10.06 -22.81
N PRO A 152 23.51 9.95 -23.75
CA PRO A 152 24.03 11.17 -24.37
C PRO A 152 22.94 11.95 -25.07
N GLY A 153 22.99 13.27 -24.93
CA GLY A 153 21.96 14.11 -25.51
C GLY A 153 20.66 14.15 -24.75
N GLN A 154 20.66 13.79 -23.47
CA GLN A 154 19.46 13.75 -22.65
C GLN A 154 19.53 14.82 -21.58
N ARG A 155 18.37 15.43 -21.29
CA ARG A 155 18.32 16.52 -20.32
C ARG A 155 18.65 16.01 -18.92
N VAL A 156 19.34 16.86 -18.16
CA VAL A 156 19.72 16.56 -16.78
C VAL A 156 19.09 17.61 -15.89
N ARG A 157 18.28 17.16 -14.93
CA ARG A 157 17.64 18.04 -13.97
C ARG A 157 18.26 17.79 -12.60
N TYR A 158 18.74 18.86 -11.96
CA TYR A 158 19.37 18.74 -10.65
C TYR A 158 18.85 19.83 -9.73
N ARG A 159 18.73 19.50 -8.45
CA ARG A 159 18.37 20.46 -7.42
C ARG A 159 19.34 20.35 -6.26
N VAL A 160 19.65 21.48 -5.64
CA VAL A 160 20.61 21.55 -4.55
C VAL A 160 19.96 22.22 -3.34
N PHE A 161 20.04 21.58 -2.19
CA PHE A 161 19.56 22.13 -0.93
C PHE A 161 20.73 22.71 -0.14
N ALA A 162 20.45 23.78 0.60
CA ALA A 162 21.48 24.46 1.37
C ALA A 162 21.03 24.57 2.83
N LEU A 163 21.92 24.19 3.74
CA LEU A 163 21.67 24.26 5.17
C LEU A 163 22.90 24.83 5.85
N ASP A 164 22.70 25.38 7.05
CA ASP A 164 23.81 25.91 7.83
C ASP A 164 24.33 24.84 8.78
N GLN A 165 25.32 25.21 9.59
CA GLN A 165 25.93 24.24 10.51
C GLN A 165 24.95 23.77 11.57
N LYS A 166 23.97 24.59 11.92
CA LYS A 166 22.93 24.19 12.86
C LYS A 166 21.95 23.19 12.25
N MET A 167 22.10 22.89 10.95
CA MET A 167 21.25 21.96 10.19
C MET A 167 19.88 22.52 9.88
N ARG A 168 19.71 23.83 9.95
CA ARG A 168 18.48 24.49 9.56
C ARG A 168 18.61 25.07 8.16
N PRO A 169 17.51 25.27 7.43
CA PRO A 169 17.61 25.81 6.08
C PRO A 169 18.25 27.19 6.08
N SER A 170 19.04 27.45 5.04
CA SER A 170 19.81 28.67 4.91
C SER A 170 19.42 29.43 3.65
N THR A 171 19.56 30.75 3.70
CA THR A 171 19.21 31.62 2.59
C THR A 171 20.44 32.23 1.92
N ASP A 172 21.62 31.65 2.14
CA ASP A 172 22.85 32.18 1.57
C ASP A 172 22.90 31.92 0.07
N THR A 173 23.98 32.39 -0.56
CA THR A 173 24.12 32.39 -2.01
C THR A 173 25.23 31.42 -2.40
N ILE A 174 24.90 30.48 -3.28
CA ILE A 174 25.85 29.48 -3.74
C ILE A 174 26.19 29.74 -5.20
N THR A 175 27.21 29.04 -5.70
CA THR A 175 27.65 29.13 -7.10
C THR A 175 27.90 27.72 -7.61
N VAL A 176 26.89 27.12 -8.24
CA VAL A 176 27.00 25.78 -8.78
C VAL A 176 27.89 25.80 -10.01
N MET A 177 28.36 24.62 -10.43
CA MET A 177 29.13 24.50 -11.66
C MET A 177 29.19 23.05 -12.09
N VAL A 178 28.95 22.79 -13.37
CA VAL A 178 29.01 21.45 -13.91
C VAL A 178 30.41 21.21 -14.46
N GLU A 179 30.81 19.95 -14.53
CA GLU A 179 32.11 19.60 -15.09
C GLU A 179 31.97 18.45 -16.06
N ASN A 180 32.84 18.45 -17.07
CA ASN A 180 32.85 17.46 -18.12
C ASN A 180 33.64 16.23 -17.67
N SER A 181 33.53 15.15 -18.44
CA SER A 181 34.22 13.91 -18.10
C SER A 181 35.72 14.10 -18.11
N HIS A 182 36.24 14.92 -19.02
CA HIS A 182 37.67 15.21 -19.05
C HIS A 182 38.11 16.09 -17.89
N GLY A 183 37.18 16.78 -17.23
CA GLY A 183 37.49 17.70 -16.16
C GLY A 183 37.27 19.15 -16.50
N LEU A 184 36.78 19.44 -17.71
CA LEU A 184 36.58 20.81 -18.16
C LEU A 184 35.25 21.33 -17.64
N ARG A 185 35.22 22.60 -17.22
CA ARG A 185 33.97 23.20 -16.82
C ARG A 185 33.04 23.34 -18.02
N VAL A 186 31.74 23.18 -17.78
CA VAL A 186 30.76 23.25 -18.84
C VAL A 186 29.69 24.31 -18.59
N ARG A 187 29.34 24.59 -17.34
CA ARG A 187 28.28 25.54 -17.02
C ARG A 187 28.48 26.03 -15.60
N LYS A 188 28.27 27.34 -15.40
CA LYS A 188 28.38 27.92 -14.06
C LYS A 188 27.22 28.88 -13.85
N LYS A 189 26.78 29.00 -12.61
CA LYS A 189 25.64 29.83 -12.25
C LYS A 189 25.82 30.35 -10.83
N GLU A 190 25.07 31.40 -10.50
CA GLU A 190 25.02 31.95 -9.16
C GLU A 190 23.56 32.23 -8.80
N VAL A 191 23.18 31.93 -7.56
CA VAL A 191 21.77 31.91 -7.17
C VAL A 191 21.59 32.70 -5.88
N TYR A 192 20.38 33.22 -5.70
CA TYR A 192 19.94 33.91 -4.49
C TYR A 192 18.75 33.12 -3.94
N MET A 193 19.01 32.11 -3.13
CA MET A 193 17.93 31.26 -2.63
C MET A 193 17.06 31.98 -1.61
N PRO A 194 15.76 32.08 -1.81
CA PRO A 194 14.87 32.50 -0.71
C PRO A 194 14.21 31.31 -0.02
N SER A 195 14.36 30.11 -0.60
CA SER A 195 13.68 28.93 -0.09
C SER A 195 14.63 27.76 0.15
N SER A 196 15.94 27.98 0.12
CA SER A 196 16.95 26.97 0.40
C SER A 196 16.90 25.80 -0.58
N ILE A 197 16.32 26.00 -1.76
CA ILE A 197 16.34 25.00 -2.83
C ILE A 197 16.58 25.73 -4.15
N PHE A 198 17.40 25.13 -5.01
CA PHE A 198 17.71 25.67 -6.32
C PHE A 198 17.62 24.54 -7.33
N GLN A 199 16.76 24.69 -8.33
CA GLN A 199 16.55 23.68 -9.35
C GLN A 199 16.98 24.22 -10.71
N ASP A 200 17.51 23.34 -11.54
CA ASP A 200 18.04 23.77 -12.83
C ASP A 200 18.14 22.57 -13.78
N ASP A 201 18.13 22.87 -15.07
CA ASP A 201 18.21 21.87 -16.12
C ASP A 201 19.36 22.21 -17.07
N PHE A 202 20.00 21.18 -17.61
CA PHE A 202 20.99 21.38 -18.66
C PHE A 202 21.04 20.14 -19.53
N VAL A 203 21.50 20.31 -20.76
CA VAL A 203 21.48 19.27 -21.77
C VAL A 203 22.90 18.78 -22.02
N ILE A 204 23.09 17.47 -21.96
CA ILE A 204 24.37 16.86 -22.34
C ILE A 204 24.58 17.02 -23.84
N PRO A 205 25.76 17.40 -24.30
CA PRO A 205 26.01 17.44 -25.75
C PRO A 205 25.83 16.05 -26.37
N ASP A 206 25.30 16.04 -27.60
CA ASP A 206 24.92 14.79 -28.24
C ASP A 206 26.12 13.87 -28.47
N ILE A 207 27.30 14.43 -28.72
CA ILE A 207 28.48 13.66 -29.04
C ILE A 207 29.35 13.39 -27.82
N SER A 208 28.82 13.60 -26.62
CA SER A 208 29.61 13.43 -25.41
C SER A 208 30.10 11.99 -25.28
N GLU A 209 31.39 11.83 -25.03
CA GLU A 209 31.96 10.52 -24.82
C GLU A 209 31.57 9.96 -23.45
N PRO A 210 31.54 8.64 -23.30
CA PRO A 210 31.19 8.07 -21.99
C PRO A 210 32.18 8.49 -20.91
N GLY A 211 31.65 8.72 -19.72
CA GLY A 211 32.48 9.15 -18.61
C GLY A 211 31.61 9.44 -17.41
N THR A 212 32.18 10.15 -16.43
CA THR A 212 31.47 10.53 -15.23
C THR A 212 31.57 12.03 -15.05
N TRP A 213 30.43 12.71 -14.97
CA TRP A 213 30.36 14.14 -14.79
C TRP A 213 30.14 14.47 -13.32
N LYS A 214 30.66 15.61 -12.89
CA LYS A 214 30.57 16.03 -11.50
C LYS A 214 29.92 17.41 -11.44
N ILE A 215 29.00 17.57 -10.49
CA ILE A 215 28.35 18.85 -10.23
C ILE A 215 28.76 19.30 -8.84
N SER A 216 29.26 20.54 -8.74
CA SER A 216 29.72 21.09 -7.48
C SER A 216 28.87 22.28 -7.08
N ALA A 217 28.92 22.61 -5.80
CA ALA A 217 28.18 23.75 -5.27
C ALA A 217 28.85 24.22 -3.99
N ARG A 218 29.21 25.50 -3.95
CA ARG A 218 29.89 26.07 -2.79
C ARG A 218 29.25 27.40 -2.44
N PHE A 219 29.38 27.79 -1.18
CA PHE A 219 28.95 29.11 -0.76
C PHE A 219 29.82 30.17 -1.44
N SER A 220 29.19 31.28 -1.83
CA SER A 220 29.93 32.32 -2.55
C SER A 220 31.05 32.89 -1.69
N ASP A 221 30.77 33.14 -0.41
CA ASP A 221 31.79 33.70 0.47
C ASP A 221 32.85 32.67 0.84
N GLY A 222 32.42 31.46 1.20
CA GLY A 222 33.34 30.44 1.66
C GLY A 222 34.01 29.68 0.53
N LEU A 223 35.32 29.86 0.38
CA LEU A 223 36.04 29.28 -0.75
C LEU A 223 36.01 27.75 -0.72
N GLU A 224 36.20 27.15 0.46
CA GLU A 224 36.38 25.71 0.58
C GLU A 224 35.13 25.00 1.09
N SER A 225 33.96 25.58 0.89
CA SER A 225 32.70 25.00 1.37
C SER A 225 31.97 24.23 0.28
N ASN A 226 32.71 23.59 -0.63
CA ASN A 226 32.10 22.93 -1.76
C ASN A 226 31.54 21.56 -1.39
N SER A 227 30.62 21.08 -2.22
CA SER A 227 30.04 19.74 -2.10
C SER A 227 29.67 19.30 -3.50
N SER A 228 29.82 18.00 -3.79
CA SER A 228 29.73 17.52 -5.15
C SER A 228 28.85 16.28 -5.24
N THR A 229 28.35 16.06 -6.45
CA THR A 229 27.64 14.83 -6.81
C THR A 229 28.15 14.39 -8.19
N GLN A 230 27.92 13.12 -8.51
CA GLN A 230 28.39 12.56 -9.76
C GLN A 230 27.26 11.81 -10.46
N PHE A 231 27.28 11.87 -11.79
CA PHE A 231 26.37 11.07 -12.60
C PHE A 231 27.11 10.59 -13.84
N GLU A 232 26.92 9.32 -14.18
CA GLU A 232 27.60 8.72 -15.31
C GLU A 232 26.83 9.00 -16.60
N VAL A 233 27.57 9.25 -17.67
CA VAL A 233 27.00 9.41 -19.00
C VAL A 233 27.44 8.22 -19.84
N LYS A 234 26.49 7.51 -20.41
CA LYS A 234 26.79 6.30 -21.16
C LYS A 234 25.64 5.99 -22.09
N LYS A 235 25.96 5.46 -23.27
CA LYS A 235 24.95 5.09 -24.24
C LYS A 235 24.39 3.72 -23.90
N TYR A 236 23.09 3.67 -23.65
CA TYR A 236 22.46 2.46 -23.14
C TYR A 236 21.01 2.41 -23.60
N VAL A 237 20.45 1.21 -23.55
CA VAL A 237 19.01 1.00 -23.69
C VAL A 237 18.54 0.28 -22.42
N LEU A 238 17.46 0.80 -21.84
CA LEU A 238 17.04 0.33 -20.52
C LEU A 238 16.74 -1.17 -20.56
N PRO A 239 17.30 -1.96 -19.66
CA PRO A 239 17.14 -3.41 -19.72
C PRO A 239 15.75 -3.84 -19.28
N ASN A 240 15.47 -5.12 -19.48
CA ASN A 240 14.20 -5.72 -19.09
C ASN A 240 14.31 -6.58 -17.84
N PHE A 241 15.46 -7.22 -17.60
CA PHE A 241 15.64 -8.05 -16.43
C PHE A 241 17.06 -7.92 -15.93
N GLU A 242 17.25 -8.25 -14.65
CA GLU A 242 18.54 -8.10 -13.97
C GLU A 242 19.09 -9.47 -13.61
N VAL A 243 20.40 -9.63 -13.75
CA VAL A 243 21.11 -10.87 -13.43
C VAL A 243 22.04 -10.60 -12.27
N LYS A 244 21.95 -11.45 -11.23
CA LYS A 244 22.75 -11.31 -10.03
C LYS A 244 23.47 -12.62 -9.75
N ILE A 245 24.77 -12.54 -9.50
CA ILE A 245 25.58 -13.70 -9.14
C ILE A 245 25.91 -13.60 -7.66
N THR A 246 25.61 -14.66 -6.92
CA THR A 246 25.82 -14.69 -5.47
C THR A 246 26.72 -15.87 -5.12
N PRO A 247 27.89 -15.65 -4.53
CA PRO A 247 28.72 -16.78 -4.11
C PRO A 247 28.13 -17.49 -2.92
N GLY A 248 28.48 -18.77 -2.78
CA GLY A 248 28.08 -19.50 -1.58
C GLY A 248 28.64 -18.88 -0.32
N LYS A 249 29.92 -18.51 -0.35
CA LYS A 249 30.59 -17.75 0.69
C LYS A 249 31.38 -16.63 0.06
N PRO A 250 31.49 -15.49 0.72
CA PRO A 250 32.18 -14.34 0.11
C PRO A 250 33.70 -14.48 0.11
N TYR A 251 34.21 -15.67 0.38
CA TYR A 251 35.65 -15.89 0.47
C TYR A 251 35.96 -17.32 0.07
N ILE A 252 37.22 -17.56 -0.28
CA ILE A 252 37.74 -18.89 -0.55
C ILE A 252 38.99 -19.10 0.28
N LEU A 253 39.04 -20.20 1.02
CA LEU A 253 40.18 -20.50 1.88
C LEU A 253 41.27 -21.18 1.06
N THR A 254 42.37 -20.47 0.81
CA THR A 254 43.51 -21.03 0.12
C THR A 254 44.59 -21.53 1.08
N VAL A 255 44.22 -21.81 2.32
CA VAL A 255 45.17 -22.34 3.30
C VAL A 255 45.71 -23.68 2.80
N PRO A 256 47.01 -23.95 2.93
CA PRO A 256 47.55 -25.21 2.40
C PRO A 256 46.89 -26.46 2.96
N GLY A 257 46.31 -26.38 4.16
CA GLY A 257 45.64 -27.54 4.73
C GLY A 257 44.49 -28.03 3.87
N HIS A 258 43.64 -27.11 3.42
CA HIS A 258 42.45 -27.50 2.65
C HIS A 258 41.95 -26.32 1.84
N LEU A 259 41.17 -26.64 0.81
CA LEU A 259 40.52 -25.65 -0.04
C LEU A 259 39.03 -25.95 -0.06
N ASP A 260 38.21 -24.95 0.30
CA ASP A 260 36.79 -25.18 0.44
C ASP A 260 36.12 -25.27 -0.93
N GLU A 261 34.83 -25.59 -0.91
CA GLU A 261 34.07 -25.72 -2.14
C GLU A 261 33.77 -24.35 -2.73
N MET A 262 33.76 -24.30 -4.07
CA MET A 262 33.44 -23.09 -4.82
C MET A 262 32.08 -23.30 -5.48
N GLN A 263 31.06 -22.64 -4.95
CA GLN A 263 29.70 -22.77 -5.46
C GLN A 263 29.06 -21.40 -5.60
N LEU A 264 28.29 -21.22 -6.66
CA LEU A 264 27.64 -19.95 -6.97
C LEU A 264 26.18 -20.19 -7.31
N ASP A 265 25.37 -19.16 -7.08
CA ASP A 265 23.97 -19.17 -7.49
C ASP A 265 23.72 -17.94 -8.35
N ILE A 266 23.25 -18.16 -9.57
CA ILE A 266 22.92 -17.10 -10.51
C ILE A 266 21.41 -17.01 -10.60
N GLN A 267 20.86 -15.82 -10.38
CA GLN A 267 19.42 -15.61 -10.41
C GLN A 267 19.10 -14.53 -11.44
N ALA A 268 18.07 -14.79 -12.25
CA ALA A 268 17.56 -13.83 -13.22
C ALA A 268 16.12 -13.50 -12.87
N ARG A 269 15.80 -12.21 -12.87
CA ARG A 269 14.49 -11.75 -12.42
C ARG A 269 14.07 -10.56 -13.25
N TYR A 270 12.86 -10.60 -13.81
CA TYR A 270 12.33 -9.44 -14.49
C TYR A 270 12.20 -8.28 -13.51
N ILE A 271 12.09 -7.07 -14.05
CA ILE A 271 12.02 -5.89 -13.18
C ILE A 271 10.73 -5.91 -12.35
N TYR A 272 9.64 -6.44 -12.90
CA TYR A 272 8.36 -6.48 -12.20
C TYR A 272 8.20 -7.69 -11.29
N GLY A 273 9.23 -8.53 -11.17
CA GLY A 273 9.21 -9.56 -10.15
C GLY A 273 9.23 -10.99 -10.65
N LYS A 274 8.55 -11.26 -11.76
CA LYS A 274 8.43 -12.63 -12.24
C LYS A 274 9.81 -13.19 -12.62
N PRO A 275 10.02 -14.49 -12.43
CA PRO A 275 11.31 -15.08 -12.79
C PRO A 275 11.55 -15.13 -14.29
N VAL A 276 12.76 -15.50 -14.70
CA VAL A 276 13.18 -15.47 -16.09
C VAL A 276 13.50 -16.89 -16.53
N GLN A 277 13.00 -17.27 -17.70
CA GLN A 277 13.32 -18.56 -18.31
C GLN A 277 14.38 -18.33 -19.39
N GLY A 278 15.48 -19.07 -19.29
CA GLY A 278 16.57 -18.88 -20.22
C GLY A 278 17.72 -19.81 -19.93
N VAL A 279 18.81 -19.61 -20.65
CA VAL A 279 20.00 -20.44 -20.54
C VAL A 279 21.16 -19.56 -20.07
N ALA A 280 21.83 -19.99 -19.02
CA ALA A 280 22.95 -19.26 -18.46
C ALA A 280 24.27 -19.83 -18.97
N TYR A 281 25.09 -18.98 -19.57
CA TYR A 281 26.41 -19.34 -20.04
C TYR A 281 27.44 -18.61 -19.17
N VAL A 282 28.25 -19.38 -18.43
CA VAL A 282 29.15 -18.83 -17.43
C VAL A 282 30.58 -19.20 -17.80
N ARG A 283 31.51 -18.26 -17.61
CA ARG A 283 32.93 -18.49 -17.85
C ARG A 283 33.72 -18.08 -16.62
N PHE A 284 34.80 -18.81 -16.35
CA PHE A 284 35.62 -18.62 -15.18
C PHE A 284 36.99 -18.10 -15.57
N GLY A 285 37.70 -17.56 -14.59
CA GLY A 285 39.06 -17.12 -14.80
C GLY A 285 39.64 -16.51 -13.54
N LEU A 286 40.93 -16.23 -13.60
CA LEU A 286 41.66 -15.55 -12.54
C LEU A 286 41.75 -14.07 -12.84
N LEU A 287 41.81 -13.26 -11.79
CA LEU A 287 41.90 -11.81 -11.94
C LEU A 287 42.76 -11.25 -10.83
N ASP A 288 43.77 -10.46 -11.21
CA ASP A 288 44.71 -9.87 -10.28
C ASP A 288 44.29 -8.44 -9.96
N GLU A 289 44.81 -7.93 -8.83
CA GLU A 289 44.46 -6.58 -8.40
C GLU A 289 44.83 -5.52 -9.44
N ASP A 290 45.80 -5.81 -10.31
CA ASP A 290 46.12 -4.87 -11.39
C ASP A 290 44.95 -4.72 -12.35
N GLY A 291 44.31 -5.83 -12.71
CA GLY A 291 43.20 -5.78 -13.64
C GLY A 291 43.39 -6.67 -14.86
N LYS A 292 44.26 -7.67 -14.74
CA LYS A 292 44.54 -8.60 -15.83
C LYS A 292 43.75 -9.88 -15.58
N LYS A 293 42.96 -10.28 -16.57
CA LYS A 293 42.10 -11.44 -16.45
C LYS A 293 42.69 -12.60 -17.25
N THR A 294 42.71 -13.79 -16.66
CA THR A 294 43.24 -14.99 -17.30
C THR A 294 42.15 -16.06 -17.23
N PHE A 295 41.42 -16.24 -18.33
CA PHE A 295 40.33 -17.19 -18.36
C PHE A 295 40.85 -18.61 -18.55
N PHE A 296 40.13 -19.57 -17.99
CA PHE A 296 40.41 -20.97 -18.22
C PHE A 296 39.75 -21.39 -19.53
N ARG A 297 40.55 -21.85 -20.49
CA ARG A 297 40.00 -22.31 -21.77
C ARG A 297 39.33 -23.66 -21.52
N GLY A 298 38.16 -23.59 -20.90
CA GLY A 298 37.43 -24.73 -20.41
C GLY A 298 36.68 -24.34 -19.15
N LEU A 299 36.15 -25.34 -18.46
CA LEU A 299 35.42 -25.18 -17.21
C LEU A 299 34.15 -24.34 -17.36
N GLU A 300 33.74 -24.04 -18.58
CA GLU A 300 32.54 -23.23 -18.78
C GLU A 300 31.29 -24.05 -18.49
N SER A 301 30.23 -23.35 -18.09
CA SER A 301 28.97 -23.98 -17.73
C SER A 301 27.85 -23.41 -18.59
N GLN A 302 26.95 -24.28 -19.03
CA GLN A 302 25.79 -23.90 -19.83
C GLN A 302 24.59 -24.66 -19.28
N THR A 303 23.81 -24.00 -18.43
CA THR A 303 22.70 -24.64 -17.74
C THR A 303 21.44 -23.81 -17.88
N LYS A 304 20.31 -24.49 -17.94
CA LYS A 304 19.02 -23.80 -17.98
C LYS A 304 18.69 -23.23 -16.60
N LEU A 305 17.66 -22.39 -16.56
CA LEU A 305 17.22 -21.75 -15.34
C LEU A 305 15.88 -22.34 -14.92
N VAL A 306 15.82 -22.83 -13.68
CA VAL A 306 14.58 -23.38 -13.10
C VAL A 306 14.18 -22.46 -11.96
N ASN A 307 12.96 -21.91 -12.04
CA ASN A 307 12.45 -20.92 -11.12
C ASN A 307 13.27 -19.63 -11.13
N GLY A 308 14.04 -19.41 -12.19
CA GLY A 308 14.87 -18.22 -12.29
C GLY A 308 16.21 -18.31 -11.58
N GLN A 309 16.56 -19.46 -11.04
CA GLN A 309 17.83 -19.65 -10.35
C GLN A 309 18.53 -20.88 -10.89
N SER A 310 19.85 -20.81 -11.02
CA SER A 310 20.67 -21.93 -11.44
C SER A 310 21.85 -22.06 -10.50
N HIS A 311 22.11 -23.28 -10.02
CA HIS A 311 23.17 -23.55 -9.07
C HIS A 311 24.34 -24.21 -9.78
N ILE A 312 25.51 -23.58 -9.70
CA ILE A 312 26.72 -24.06 -10.35
C ILE A 312 27.84 -24.13 -9.32
N SER A 313 28.86 -24.92 -9.64
CA SER A 313 29.99 -25.09 -8.74
C SER A 313 31.20 -25.56 -9.53
N LEU A 314 32.37 -25.29 -8.97
CA LEU A 314 33.65 -25.71 -9.55
C LEU A 314 34.29 -26.73 -8.61
N SER A 315 34.44 -27.97 -9.09
CA SER A 315 35.03 -29.02 -8.27
C SER A 315 36.51 -28.75 -8.03
N LYS A 316 37.03 -29.32 -6.95
CA LYS A 316 38.44 -29.13 -6.62
C LYS A 316 39.34 -29.77 -7.67
N ALA A 317 38.98 -30.96 -8.16
CA ALA A 317 39.82 -31.65 -9.12
C ALA A 317 39.94 -30.87 -10.42
N GLU A 318 38.81 -30.43 -10.98
CA GLU A 318 38.84 -29.67 -12.22
C GLU A 318 39.54 -28.33 -12.05
N PHE A 319 39.34 -27.68 -10.90
CA PHE A 319 40.03 -26.42 -10.63
C PHE A 319 41.53 -26.61 -10.58
N GLN A 320 41.99 -27.67 -9.89
CA GLN A 320 43.43 -27.93 -9.82
C GLN A 320 43.99 -28.30 -11.19
N ASP A 321 43.23 -29.06 -11.99
CA ASP A 321 43.66 -29.37 -13.34
C ASP A 321 43.81 -28.11 -14.17
N ALA A 322 42.83 -27.19 -14.07
CA ALA A 322 42.91 -25.93 -14.80
C ALA A 322 44.11 -25.11 -14.35
N LEU A 323 44.38 -25.08 -13.03
CA LEU A 323 45.52 -24.34 -12.52
C LEU A 323 46.84 -24.91 -13.03
N GLU A 324 46.96 -26.24 -13.07
CA GLU A 324 48.19 -26.85 -13.56
C GLU A 324 48.37 -26.61 -15.05
N LYS A 325 47.27 -26.56 -15.80
CA LYS A 325 47.34 -26.25 -17.23
C LYS A 325 47.77 -24.81 -17.48
N LEU A 326 47.60 -23.94 -16.49
CA LEU A 326 48.03 -22.55 -16.59
C LEU A 326 49.46 -22.34 -16.09
N ASN A 327 50.16 -23.42 -15.75
CA ASN A 327 51.53 -23.34 -15.21
C ASN A 327 51.56 -22.50 -13.93
N MET A 328 50.79 -22.95 -12.95
CA MET A 328 50.68 -22.26 -11.67
C MET A 328 50.25 -23.27 -10.61
N GLY A 329 50.50 -22.92 -9.35
CA GLY A 329 50.12 -23.73 -8.22
C GLY A 329 49.17 -22.97 -7.30
N ILE A 330 48.58 -23.71 -6.36
CA ILE A 330 47.64 -23.11 -5.43
C ILE A 330 48.32 -22.19 -4.43
N THR A 331 49.65 -22.21 -4.34
CA THR A 331 50.34 -21.32 -3.42
C THR A 331 50.37 -19.89 -3.92
N ASP A 332 50.30 -19.68 -5.23
CA ASP A 332 50.36 -18.34 -5.80
C ASP A 332 49.08 -17.54 -5.62
N LEU A 333 47.99 -18.18 -5.15
CA LEU A 333 46.71 -17.51 -4.98
C LEU A 333 46.70 -16.74 -3.66
N GLN A 334 47.43 -15.62 -3.66
CA GLN A 334 47.52 -14.76 -2.48
C GLN A 334 46.62 -13.53 -2.61
N GLY A 335 46.82 -12.73 -3.65
CA GLY A 335 46.01 -11.55 -3.86
C GLY A 335 45.03 -11.70 -5.00
N LEU A 336 45.13 -12.81 -5.73
CA LEU A 336 44.25 -13.06 -6.86
C LEU A 336 42.83 -13.35 -6.38
N ARG A 337 41.87 -13.11 -7.25
CA ARG A 337 40.48 -13.43 -7.00
C ARG A 337 39.90 -14.17 -8.19
N LEU A 338 38.95 -15.07 -7.92
CA LEU A 338 38.29 -15.82 -8.97
C LEU A 338 37.23 -14.93 -9.61
N TYR A 339 37.36 -14.70 -10.92
CA TYR A 339 36.47 -13.82 -11.66
C TYR A 339 35.54 -14.69 -12.50
N VAL A 340 34.24 -14.53 -12.29
CA VAL A 340 33.22 -15.30 -12.99
C VAL A 340 32.33 -14.34 -13.76
N ALA A 341 32.17 -14.59 -15.06
CA ALA A 341 31.33 -13.77 -15.92
C ALA A 341 30.22 -14.64 -16.49
N ALA A 342 29.02 -14.08 -16.58
CA ALA A 342 27.85 -14.81 -17.06
C ALA A 342 27.10 -13.95 -18.06
N ALA A 343 26.52 -14.61 -19.06
CA ALA A 343 25.73 -13.94 -20.10
C ALA A 343 24.55 -14.86 -20.44
N ILE A 344 23.42 -14.63 -19.79
CA ILE A 344 22.25 -15.49 -19.95
C ILE A 344 21.41 -14.97 -21.10
N ILE A 345 20.73 -15.88 -21.79
CA ILE A 345 19.89 -15.56 -22.93
C ILE A 345 18.47 -15.98 -22.61
N GLU A 346 17.55 -15.01 -22.56
CA GLU A 346 16.16 -15.31 -22.32
C GLU A 346 15.57 -16.08 -23.50
N SER A 347 14.67 -17.02 -23.20
CA SER A 347 14.05 -17.83 -24.22
C SER A 347 12.55 -17.88 -24.00
N PRO A 348 11.75 -17.72 -25.07
CA PRO A 348 12.12 -17.47 -26.46
C PRO A 348 12.19 -15.99 -26.81
N GLY A 349 12.27 -15.09 -25.83
CA GLY A 349 12.37 -13.67 -26.14
C GLY A 349 13.60 -13.33 -26.95
N GLY A 350 14.76 -13.89 -26.58
CA GLY A 350 16.00 -13.69 -27.30
C GLY A 350 16.91 -12.64 -26.71
N GLU A 351 16.42 -11.80 -25.81
CA GLU A 351 17.25 -10.78 -25.19
C GLU A 351 18.28 -11.41 -24.27
N MET A 352 19.50 -10.87 -24.29
CA MET A 352 20.59 -11.36 -23.48
C MET A 352 21.07 -10.27 -22.53
N GLU A 353 21.49 -10.68 -21.33
CA GLU A 353 22.01 -9.77 -20.32
C GLU A 353 23.21 -10.42 -19.66
N GLU A 354 24.14 -9.59 -19.20
CA GLU A 354 25.41 -10.06 -18.67
C GLU A 354 25.61 -9.58 -17.23
N ALA A 355 26.32 -10.40 -16.45
CA ALA A 355 26.68 -10.04 -15.09
C ALA A 355 28.10 -10.54 -14.82
N GLU A 356 28.78 -9.88 -13.89
CA GLU A 356 30.15 -10.21 -13.55
C GLU A 356 30.35 -10.08 -12.05
N LEU A 357 31.30 -10.84 -11.52
CA LEU A 357 31.63 -10.83 -10.10
C LEU A 357 33.10 -10.50 -9.92
N THR A 358 33.39 -9.49 -9.09
CA THR A 358 34.76 -9.06 -8.84
C THR A 358 34.98 -8.86 -7.35
N SER A 359 34.46 -9.79 -6.54
CA SER A 359 34.60 -9.68 -5.09
C SER A 359 34.86 -11.03 -4.41
N TRP A 360 35.28 -12.04 -5.17
CA TRP A 360 35.48 -13.38 -4.63
C TRP A 360 36.98 -13.58 -4.37
N TYR A 361 37.46 -12.95 -3.31
CA TYR A 361 38.87 -12.97 -3.00
C TYR A 361 39.31 -14.35 -2.50
N PHE A 362 40.60 -14.62 -2.63
CA PHE A 362 41.23 -15.77 -2.01
C PHE A 362 41.82 -15.33 -0.67
N VAL A 363 41.43 -16.00 0.41
CA VAL A 363 41.82 -15.59 1.76
C VAL A 363 42.41 -16.78 2.49
N SER A 364 43.16 -16.48 3.55
CA SER A 364 43.76 -17.47 4.44
C SER A 364 43.13 -17.48 5.82
N SER A 365 42.05 -16.72 6.03
CA SER A 365 41.35 -16.66 7.30
C SER A 365 39.93 -16.17 7.07
N PRO A 366 38.92 -16.91 7.52
CA PRO A 366 37.52 -16.54 7.25
C PRO A 366 36.96 -15.45 8.13
N PHE A 367 37.76 -14.82 8.98
CA PHE A 367 37.29 -13.77 9.88
C PHE A 367 38.20 -12.55 9.75
N SER A 368 37.89 -11.52 10.54
CA SER A 368 38.67 -10.29 10.54
C SER A 368 38.55 -9.66 11.92
N LEU A 369 39.49 -8.78 12.23
CA LEU A 369 39.51 -8.07 13.50
C LEU A 369 39.74 -6.59 13.28
N ASP A 370 38.99 -5.76 14.00
CA ASP A 370 39.10 -4.30 13.91
C ASP A 370 39.30 -3.76 15.32
N LEU A 371 40.56 -3.55 15.70
CA LEU A 371 40.90 -3.05 17.02
C LEU A 371 40.97 -1.53 17.06
N SER A 372 40.30 -0.84 16.15
CA SER A 372 40.30 0.63 16.17
C SER A 372 39.51 1.19 17.35
N LYS A 373 38.60 0.40 17.93
CA LYS A 373 37.84 0.88 19.08
C LYS A 373 38.69 0.90 20.35
N THR A 374 39.69 0.02 20.44
CA THR A 374 40.52 -0.07 21.63
C THR A 374 41.30 1.23 21.82
N LYS A 375 41.34 1.70 23.06
CA LYS A 375 42.13 2.88 23.39
C LYS A 375 43.61 2.55 23.31
N ARG A 376 44.44 3.55 23.57
CA ARG A 376 45.88 3.37 23.62
C ARG A 376 46.43 4.15 24.79
N HIS A 377 47.58 3.71 25.29
CA HIS A 377 48.28 4.31 26.43
C HIS A 377 47.31 4.69 27.54
N LEU A 378 46.65 3.66 28.08
CA LEU A 378 45.68 3.87 29.14
C LEU A 378 46.35 3.81 30.52
N VAL A 379 45.62 4.30 31.52
CA VAL A 379 46.14 4.53 32.86
C VAL A 379 46.43 3.23 33.57
N PRO A 380 47.41 3.19 34.49
CA PRO A 380 47.64 1.99 35.29
C PRO A 380 46.88 2.02 36.61
N GLY A 381 46.56 0.82 37.09
CA GLY A 381 45.78 0.68 38.30
C GLY A 381 44.30 0.51 38.07
N ALA A 382 43.83 0.59 36.84
CA ALA A 382 42.42 0.43 36.48
C ALA A 382 42.30 -0.55 35.34
N PRO A 383 41.17 -1.24 35.22
CA PRO A 383 41.02 -2.24 34.15
C PRO A 383 41.13 -1.61 32.76
N PHE A 384 41.74 -2.36 31.86
CA PHE A 384 41.94 -1.95 30.47
C PHE A 384 40.97 -2.76 29.61
N LEU A 385 40.02 -2.08 28.98
CA LEU A 385 39.00 -2.75 28.18
C LEU A 385 39.47 -2.85 26.74
N LEU A 386 39.62 -4.08 26.25
CA LEU A 386 39.96 -4.33 24.86
C LEU A 386 38.67 -4.54 24.07
N GLN A 387 38.41 -3.66 23.10
CA GLN A 387 37.20 -3.70 22.30
C GLN A 387 37.55 -4.12 20.88
N ALA A 388 36.87 -5.15 20.39
CA ALA A 388 37.13 -5.69 19.06
C ALA A 388 35.81 -5.90 18.34
N LEU A 389 35.87 -5.84 17.01
CA LEU A 389 34.71 -6.04 16.14
C LEU A 389 35.06 -7.13 15.14
N VAL A 390 34.75 -8.37 15.48
CA VAL A 390 34.98 -9.48 14.56
C VAL A 390 33.98 -9.41 13.43
N ARG A 391 34.47 -9.43 12.20
CA ARG A 391 33.63 -9.33 11.01
C ARG A 391 34.08 -10.38 10.00
N GLU A 392 33.11 -10.99 9.32
CA GLU A 392 33.43 -11.95 8.28
C GLU A 392 34.16 -11.26 7.14
N MET A 393 34.93 -12.05 6.39
CA MET A 393 35.63 -11.50 5.24
C MET A 393 34.63 -11.05 4.18
N SER A 394 34.48 -9.73 4.03
CA SER A 394 33.51 -9.14 3.11
C SER A 394 32.09 -9.61 3.43
N GLY A 395 31.63 -9.24 4.63
CA GLY A 395 30.31 -9.66 5.06
C GLY A 395 29.88 -8.91 6.29
N SER A 396 28.71 -9.29 6.80
CA SER A 396 28.15 -8.68 7.99
C SER A 396 28.96 -9.09 9.22
N PRO A 397 28.93 -8.29 10.28
CA PRO A 397 29.65 -8.66 11.50
C PRO A 397 29.16 -9.98 12.06
N ALA A 398 30.10 -10.78 12.56
CA ALA A 398 29.80 -12.11 13.05
C ALA A 398 29.27 -12.05 14.48
N SER A 399 28.78 -13.20 14.95
CA SER A 399 28.25 -13.32 16.30
C SER A 399 28.41 -14.76 16.76
N GLY A 400 28.85 -14.92 18.01
CA GLY A 400 29.09 -16.25 18.55
C GLY A 400 30.44 -16.83 18.23
N ILE A 401 31.35 -16.05 17.66
CA ILE A 401 32.69 -16.52 17.29
C ILE A 401 33.61 -16.27 18.47
N PRO A 402 34.22 -17.30 19.06
CA PRO A 402 35.09 -17.09 20.23
C PRO A 402 36.30 -16.23 19.88
N VAL A 403 36.68 -15.37 20.83
CA VAL A 403 37.83 -14.48 20.70
C VAL A 403 38.75 -14.75 21.89
N LYS A 404 40.01 -15.06 21.60
CA LYS A 404 40.99 -15.35 22.64
C LYS A 404 42.03 -14.24 22.67
N VAL A 405 42.28 -13.70 23.86
CA VAL A 405 43.22 -12.61 24.05
C VAL A 405 44.32 -13.08 24.98
N SER A 406 45.57 -12.95 24.56
CA SER A 406 46.73 -13.22 25.39
C SER A 406 47.45 -11.90 25.64
N ALA A 407 47.32 -11.38 26.86
CA ALA A 407 47.89 -10.08 27.24
C ALA A 407 49.06 -10.33 28.18
N THR A 408 50.23 -9.82 27.80
CA THR A 408 51.43 -9.97 28.60
C THR A 408 51.78 -8.62 29.22
N VAL A 409 51.63 -8.51 30.54
CA VAL A 409 52.04 -7.31 31.24
C VAL A 409 53.55 -7.34 31.38
N SER A 410 54.23 -6.43 30.69
CA SER A 410 55.68 -6.50 30.65
C SER A 410 56.27 -6.07 31.98
N SER A 411 57.58 -6.31 32.11
CA SER A 411 58.34 -6.19 33.35
C SER A 411 58.10 -4.88 34.08
N PRO A 412 57.42 -4.91 35.23
CA PRO A 412 57.37 -3.74 36.11
C PRO A 412 58.54 -3.66 37.08
N GLY A 413 59.50 -4.58 36.98
CA GLY A 413 60.54 -4.75 37.97
C GLY A 413 60.82 -6.22 38.18
N SER A 414 59.86 -7.06 37.76
CA SER A 414 60.00 -8.51 37.81
C SER A 414 59.74 -9.11 36.44
N VAL A 415 59.64 -10.44 36.37
CA VAL A 415 59.41 -11.14 35.11
C VAL A 415 58.02 -10.80 34.59
N PRO A 416 57.80 -10.77 33.28
CA PRO A 416 56.46 -10.48 32.75
C PRO A 416 55.49 -11.61 33.05
N GLU A 417 54.21 -11.24 33.14
CA GLU A 417 53.14 -12.17 33.44
C GLU A 417 52.10 -12.12 32.33
N VAL A 418 51.58 -13.29 31.96
CA VAL A 418 50.63 -13.40 30.86
C VAL A 418 49.27 -13.79 31.40
N GLN A 419 48.23 -13.39 30.68
CA GLN A 419 46.84 -13.72 31.00
C GLN A 419 46.12 -14.12 29.73
N ASP A 420 45.23 -15.11 29.83
CA ASP A 420 44.43 -15.57 28.70
C ASP A 420 42.96 -15.41 29.06
N ILE A 421 42.23 -14.71 28.20
CA ILE A 421 40.80 -14.47 28.39
C ILE A 421 40.09 -14.80 27.09
N GLN A 422 39.01 -15.58 27.19
CA GLN A 422 38.21 -15.96 26.03
C GLN A 422 36.79 -15.45 26.21
N GLN A 423 36.21 -14.93 25.13
CA GLN A 423 34.85 -14.42 25.18
C GLN A 423 34.24 -14.55 23.79
N ASN A 424 32.96 -14.94 23.76
CA ASN A 424 32.24 -15.09 22.51
C ASN A 424 31.59 -13.77 22.13
N THR A 425 31.69 -13.40 20.85
CA THR A 425 31.05 -12.19 20.36
C THR A 425 29.54 -12.28 20.53
N ASP A 426 28.92 -11.16 20.91
CA ASP A 426 27.51 -11.16 21.25
C ASP A 426 26.61 -10.81 20.07
N GLY A 427 26.78 -9.62 19.51
CA GLY A 427 25.96 -9.15 18.42
C GLY A 427 26.57 -7.93 17.78
N SER A 428 26.62 -7.92 16.45
CA SER A 428 27.40 -6.97 15.65
C SER A 428 28.90 -7.16 15.85
N GLY A 429 29.32 -8.28 16.44
CA GLY A 429 30.71 -8.61 16.58
C GLY A 429 31.41 -7.97 17.76
N GLN A 430 30.73 -7.11 18.50
CA GLN A 430 31.36 -6.39 19.59
C GLN A 430 31.79 -7.37 20.69
N VAL A 431 32.99 -7.16 21.22
CA VAL A 431 33.48 -7.90 22.38
C VAL A 431 34.31 -6.94 23.21
N SER A 432 34.07 -6.93 24.52
CA SER A 432 34.77 -6.06 25.45
C SER A 432 35.39 -6.93 26.54
N ILE A 433 36.69 -7.16 26.43
CA ILE A 433 37.42 -8.06 27.32
C ILE A 433 38.21 -7.21 28.31
N PRO A 434 37.86 -7.21 29.59
CA PRO A 434 38.55 -6.39 30.61
C PRO A 434 39.82 -7.02 31.17
N ILE A 435 40.92 -6.86 30.44
CA ILE A 435 42.21 -7.35 30.91
C ILE A 435 42.70 -6.43 32.02
N ILE A 436 43.10 -7.03 33.13
CA ILE A 436 43.53 -6.24 34.29
C ILE A 436 44.99 -5.89 34.14
N ILE A 437 45.37 -4.70 34.60
CA ILE A 437 46.76 -4.27 34.55
C ILE A 437 47.18 -3.77 35.94
N PRO A 438 48.33 -4.17 36.44
CA PRO A 438 48.78 -3.73 37.76
C PRO A 438 49.36 -2.33 37.68
N GLN A 439 49.72 -1.80 38.85
CA GLN A 439 50.43 -0.53 38.92
C GLN A 439 51.89 -0.74 38.57
N THR A 440 52.58 0.37 38.30
CA THR A 440 54.00 0.36 37.93
C THR A 440 54.25 -0.46 36.66
N ILE A 441 53.24 -0.57 35.80
CA ILE A 441 53.38 -1.34 34.57
C ILE A 441 54.32 -0.59 33.62
N SER A 442 55.04 -1.35 32.79
CA SER A 442 55.95 -0.77 31.80
C SER A 442 55.32 -0.73 30.41
N GLU A 443 54.88 -1.86 29.89
CA GLU A 443 54.17 -1.91 28.62
C GLU A 443 53.28 -3.14 28.60
N LEU A 444 52.29 -3.11 27.70
CA LEU A 444 51.33 -4.19 27.57
C LEU A 444 51.32 -4.66 26.13
N GLN A 445 51.44 -5.98 25.93
CA GLN A 445 51.46 -6.59 24.61
C GLN A 445 50.23 -7.45 24.45
N LEU A 446 49.50 -7.28 23.35
CA LEU A 446 48.20 -7.89 23.17
C LEU A 446 48.19 -8.73 21.90
N SER A 447 47.82 -10.00 22.04
CA SER A 447 47.73 -10.93 20.91
C SER A 447 46.31 -11.46 20.86
N VAL A 448 45.55 -11.03 19.85
CA VAL A 448 44.12 -11.35 19.74
C VAL A 448 43.95 -12.35 18.61
N SER A 449 43.21 -13.43 18.88
CA SER A 449 42.92 -14.46 17.90
C SER A 449 41.43 -14.71 17.89
N ALA A 450 40.81 -14.54 16.72
CA ALA A 450 39.36 -14.65 16.58
C ALA A 450 39.00 -15.89 15.77
N GLY A 451 38.19 -16.75 16.37
CA GLY A 451 37.69 -17.93 15.68
C GLY A 451 38.68 -19.08 15.72
N SER A 452 38.19 -20.26 15.32
CA SER A 452 38.99 -21.46 15.21
C SER A 452 38.20 -22.54 14.46
N PRO A 453 38.83 -23.29 13.55
CA PRO A 453 40.24 -23.20 13.12
C PRO A 453 40.46 -22.04 12.15
N HIS A 454 41.71 -21.82 11.72
CA HIS A 454 42.10 -20.72 10.86
C HIS A 454 41.72 -19.39 11.50
N PRO A 455 42.39 -19.00 12.58
CA PRO A 455 42.00 -17.78 13.29
C PRO A 455 42.54 -16.54 12.63
N ALA A 456 41.85 -15.43 12.86
CA ALA A 456 42.31 -14.11 12.46
C ALA A 456 43.09 -13.50 13.62
N ILE A 457 44.36 -13.17 13.38
CA ILE A 457 45.28 -12.77 14.43
C ILE A 457 45.61 -11.29 14.27
N ALA A 458 45.54 -10.55 15.38
CA ALA A 458 45.94 -9.15 15.40
C ALA A 458 46.80 -8.91 16.64
N ARG A 459 47.62 -7.86 16.57
CA ARG A 459 48.53 -7.52 17.64
C ARG A 459 48.42 -6.05 17.97
N LEU A 460 48.66 -5.72 19.23
CA LEU A 460 48.62 -4.33 19.69
C LEU A 460 49.56 -4.17 20.87
N THR A 461 50.36 -3.12 20.85
CA THR A 461 51.30 -2.81 21.91
C THR A 461 50.96 -1.46 22.52
N VAL A 462 50.95 -1.38 23.84
CA VAL A 462 50.59 -0.18 24.57
C VAL A 462 51.71 0.17 25.52
N ALA A 463 52.12 1.43 25.54
CA ALA A 463 53.21 1.90 26.38
C ALA A 463 52.64 2.69 27.56
N ALA A 464 53.07 2.33 28.77
CA ALA A 464 52.55 2.96 29.97
C ALA A 464 53.07 4.40 30.08
N PRO A 465 52.33 5.26 30.76
CA PRO A 465 52.77 6.65 30.93
C PRO A 465 54.01 6.72 31.81
N PRO A 466 54.81 7.77 31.67
CA PRO A 466 56.00 7.90 32.52
C PRO A 466 55.65 8.00 33.99
N SER A 467 56.53 7.47 34.83
CA SER A 467 56.29 7.44 36.27
C SER A 467 56.48 8.83 36.86
N GLY A 468 56.03 8.98 38.10
CA GLY A 468 56.15 10.24 38.81
C GLY A 468 55.09 11.27 38.49
N GLY A 469 54.04 10.89 37.76
CA GLY A 469 53.00 11.81 37.39
C GLY A 469 52.14 12.22 38.57
N PRO A 470 51.37 13.30 38.41
CA PRO A 470 50.52 13.77 39.50
C PRO A 470 49.28 12.92 39.75
N GLY A 471 49.12 11.81 39.02
CA GLY A 471 48.00 10.92 39.16
C GLY A 471 47.46 10.52 37.82
N PHE A 472 46.32 9.82 37.83
CA PHE A 472 45.65 9.40 36.62
C PHE A 472 44.15 9.46 36.86
N LEU A 473 43.40 9.58 35.77
CA LEU A 473 41.94 9.62 35.82
C LEU A 473 41.39 8.46 35.00
N SER A 474 40.50 7.68 35.61
CA SER A 474 39.92 6.51 34.97
C SER A 474 38.45 6.77 34.71
N ILE A 475 38.05 6.71 33.43
CA ILE A 475 36.67 6.91 33.02
C ILE A 475 36.12 5.54 32.62
N GLU A 476 35.14 5.07 33.37
CA GLU A 476 34.56 3.75 33.17
C GLU A 476 33.16 3.86 32.59
N ARG A 477 32.87 3.03 31.60
CA ARG A 477 31.56 3.00 30.97
C ARG A 477 30.88 1.68 31.31
N PRO A 478 29.90 1.67 32.22
CA PRO A 478 29.25 0.40 32.59
C PRO A 478 28.60 -0.33 31.43
N ASP A 479 28.04 0.38 30.47
CA ASP A 479 27.40 -0.22 29.31
C ASP A 479 28.25 0.05 28.08
N SER A 480 28.60 -1.01 27.35
CA SER A 480 29.49 -0.93 26.20
C SER A 480 28.73 -1.06 24.88
N ARG A 481 27.56 -0.43 24.79
CA ARG A 481 26.76 -0.45 23.58
C ARG A 481 26.43 0.98 23.14
N PRO A 482 26.27 1.23 21.84
CA PRO A 482 26.01 2.58 21.36
C PRO A 482 24.67 3.09 21.85
N PRO A 483 24.65 4.20 22.59
CA PRO A 483 23.37 4.74 23.05
C PRO A 483 22.56 5.29 21.89
N ARG A 484 21.24 5.22 22.03
CA ARG A 484 20.34 5.79 21.05
C ARG A 484 20.13 7.27 21.37
N VAL A 485 19.20 7.92 20.69
CA VAL A 485 18.89 9.32 20.92
C VAL A 485 17.74 9.41 21.91
N GLY A 486 17.92 10.20 22.96
CA GLY A 486 16.95 10.32 24.02
C GLY A 486 17.20 9.45 25.23
N ASP A 487 18.28 8.66 25.22
CA ASP A 487 18.62 7.79 26.34
C ASP A 487 19.78 8.40 27.11
N THR A 488 19.65 8.46 28.43
CA THR A 488 20.72 9.00 29.25
C THR A 488 21.91 8.03 29.27
N LEU A 489 23.11 8.59 29.43
CA LEU A 489 24.34 7.82 29.47
C LEU A 489 25.06 8.08 30.78
N ASN A 490 25.53 7.02 31.43
CA ASN A 490 26.20 7.12 32.72
C ASN A 490 27.66 6.70 32.58
N LEU A 491 28.57 7.53 33.08
CA LEU A 491 29.98 7.24 33.14
C LEU A 491 30.46 7.37 34.57
N ASN A 492 31.41 6.53 34.97
CA ASN A 492 31.90 6.51 36.34
C ASN A 492 33.32 7.06 36.35
N LEU A 493 33.47 8.27 36.91
CA LEU A 493 34.78 8.87 37.07
C LEU A 493 35.42 8.40 38.35
N ARG A 494 36.73 8.15 38.30
CA ARG A 494 37.48 7.80 39.48
C ARG A 494 38.91 8.29 39.32
N ALA A 495 39.55 8.62 40.44
CA ALA A 495 40.93 9.08 40.47
C ALA A 495 41.79 7.99 41.09
N VAL A 496 42.82 7.57 40.36
CA VAL A 496 43.67 6.46 40.77
C VAL A 496 45.10 6.95 40.91
N GLY A 497 45.77 6.52 41.96
CA GLY A 497 47.16 6.87 42.18
C GLY A 497 47.40 8.36 42.37
N SER A 498 46.55 9.01 43.16
CA SER A 498 46.65 10.46 43.35
C SER A 498 46.20 10.80 44.76
N GLY A 499 46.47 12.04 45.16
CA GLY A 499 46.06 12.53 46.47
C GLY A 499 44.72 13.23 46.40
N ALA A 500 43.83 12.88 47.33
CA ALA A 500 42.46 13.40 47.34
C ALA A 500 42.45 14.76 48.02
N THR A 501 42.95 15.76 47.30
CA THR A 501 42.97 17.13 47.78
C THR A 501 41.93 18.02 47.13
N PHE A 502 41.39 17.63 45.97
CA PHE A 502 40.42 18.43 45.24
C PHE A 502 39.01 18.14 45.75
N SER A 503 38.03 18.82 45.16
CA SER A 503 36.65 18.68 45.59
C SER A 503 35.65 18.48 44.45
N HIS A 504 35.99 18.85 43.21
CA HIS A 504 35.06 18.74 42.10
C HIS A 504 35.75 18.15 40.89
N TYR A 505 35.00 17.38 40.10
CA TYR A 505 35.42 16.97 38.77
C TYR A 505 34.78 17.89 37.75
N TYR A 506 35.59 18.38 36.81
CA TYR A 506 35.12 19.25 35.75
C TYR A 506 35.13 18.47 34.45
N TYR A 507 34.00 18.45 33.76
CA TYR A 507 33.84 17.68 32.54
C TYR A 507 33.15 18.52 31.47
N MET A 508 33.31 18.10 30.22
CA MET A 508 32.76 18.82 29.09
C MET A 508 32.52 17.86 27.94
N ILE A 509 31.67 18.28 27.00
CA ILE A 509 31.26 17.47 25.86
C ILE A 509 31.66 18.21 24.59
N LEU A 510 32.03 17.44 23.56
CA LEU A 510 32.52 18.01 22.31
C LEU A 510 31.87 17.25 21.16
N SER A 511 30.87 17.85 20.53
CA SER A 511 30.16 17.21 19.44
C SER A 511 30.22 18.09 18.20
N ARG A 512 30.60 17.49 17.07
CA ARG A 512 30.68 18.18 15.78
C ARG A 512 31.66 19.35 15.81
N GLY A 513 32.70 19.23 16.62
CA GLY A 513 33.77 20.22 16.64
C GLY A 513 33.53 21.45 17.48
N GLN A 514 32.43 21.51 18.23
CA GLN A 514 32.14 22.66 19.07
C GLN A 514 31.77 22.20 20.48
N ILE A 515 32.29 22.93 21.47
CA ILE A 515 31.94 22.62 22.86
C ILE A 515 30.45 22.83 23.05
N VAL A 516 29.79 21.85 23.66
CA VAL A 516 28.35 21.86 23.85
C VAL A 516 27.99 22.05 25.32
N PHE A 517 28.58 21.27 26.19
CA PHE A 517 28.22 21.25 27.61
C PHE A 517 29.48 21.43 28.44
N MET A 518 29.31 21.99 29.64
CA MET A 518 30.42 22.19 30.56
C MET A 518 29.85 22.32 31.96
N ASN A 519 30.23 21.41 32.85
CA ASN A 519 29.58 21.28 34.15
C ASN A 519 30.66 21.10 35.23
N ARG A 520 30.22 20.72 36.42
CA ARG A 520 31.11 20.59 37.57
C ARG A 520 30.47 19.61 38.55
N GLU A 521 31.05 18.42 38.69
CA GLU A 521 30.46 17.38 39.52
C GLU A 521 31.25 17.21 40.80
N PRO A 522 30.59 17.16 41.96
CA PRO A 522 31.32 17.01 43.23
C PRO A 522 32.00 15.65 43.32
N LYS A 523 33.06 15.59 44.12
CA LYS A 523 33.89 14.39 44.22
C LYS A 523 33.37 13.49 45.34
N ARG A 524 33.05 12.26 44.99
CA ARG A 524 32.69 11.23 45.97
C ARG A 524 33.44 9.96 45.62
N THR A 525 33.11 8.85 46.28
CA THR A 525 33.66 7.56 45.89
C THR A 525 32.89 7.04 44.68
N LEU A 526 33.60 6.89 43.56
CA LEU A 526 32.97 6.47 42.29
C LEU A 526 31.89 7.45 41.87
N THR A 527 32.31 8.68 41.57
CA THR A 527 31.40 9.69 41.08
C THR A 527 30.80 9.27 39.74
N SER A 528 29.50 9.43 39.60
CA SER A 528 28.77 9.05 38.39
C SER A 528 28.19 10.31 37.74
N VAL A 529 28.44 10.48 36.45
CA VAL A 529 27.93 11.61 35.68
C VAL A 529 26.94 11.10 34.65
N SER A 530 25.82 11.80 34.50
CA SER A 530 24.77 11.42 33.58
C SER A 530 24.66 12.49 32.50
N VAL A 531 24.74 12.07 31.24
CA VAL A 531 24.62 12.96 30.09
C VAL A 531 23.43 12.51 29.26
N PHE A 532 22.51 13.42 29.02
CA PHE A 532 21.31 13.14 28.24
C PHE A 532 21.65 13.27 26.76
N VAL A 533 21.58 12.15 26.03
CA VAL A 533 21.92 12.14 24.62
C VAL A 533 20.80 12.81 23.84
N ASP A 534 21.00 14.06 23.47
CA ASP A 534 19.97 14.86 22.81
C ASP A 534 20.10 14.70 21.30
N HIS A 535 19.39 15.54 20.54
CA HIS A 535 19.44 15.51 19.09
C HIS A 535 20.58 16.32 18.52
N HIS A 536 21.27 17.11 19.34
CA HIS A 536 22.41 17.91 18.91
C HIS A 536 23.75 17.28 19.27
N LEU A 537 23.76 16.00 19.64
CA LEU A 537 24.99 15.28 19.94
C LEU A 537 25.34 14.22 18.91
N ALA A 538 24.40 13.83 18.06
CA ALA A 538 24.66 12.81 17.06
C ALA A 538 25.65 13.31 16.01
N PRO A 539 26.37 12.40 15.34
CA PRO A 539 26.40 10.94 15.50
C PRO A 539 27.51 10.46 16.44
N SER A 540 28.22 11.36 17.11
CA SER A 540 29.25 10.98 18.06
C SER A 540 29.61 12.21 18.90
N PHE A 541 30.25 11.96 20.03
CA PHE A 541 30.69 13.07 20.88
C PHE A 541 31.86 12.60 21.73
N TYR A 542 32.60 13.57 22.25
CA TYR A 542 33.75 13.33 23.11
C TYR A 542 33.45 13.83 24.50
N PHE A 543 33.72 13.00 25.50
CA PHE A 543 33.51 13.36 26.90
C PHE A 543 34.87 13.57 27.54
N VAL A 544 35.22 14.82 27.81
CA VAL A 544 36.52 15.17 28.39
C VAL A 544 36.29 15.64 29.81
N ALA A 545 36.92 14.95 30.77
CA ALA A 545 36.86 15.30 32.17
C ALA A 545 38.26 15.48 32.72
N PHE A 546 38.38 16.27 33.78
CA PHE A 546 39.69 16.53 34.37
C PHE A 546 39.52 17.10 35.77
N TYR A 547 40.65 17.22 36.46
CA TYR A 547 40.70 17.82 37.79
C TYR A 547 42.13 18.30 38.04
N TYR A 548 42.26 19.23 38.98
CA TYR A 548 43.55 19.82 39.31
C TYR A 548 44.10 19.18 40.58
N HIS A 549 45.24 18.49 40.45
CA HIS A 549 45.93 17.91 41.59
C HIS A 549 47.06 18.86 41.99
N GLY A 550 46.70 19.89 42.73
CA GLY A 550 47.67 20.90 43.13
C GLY A 550 47.77 22.02 42.13
N ASP A 551 48.80 21.96 41.27
CA ASP A 551 49.01 22.96 40.22
C ASP A 551 49.13 22.32 38.84
N HIS A 552 48.73 21.05 38.71
CA HIS A 552 48.85 20.35 37.45
C HIS A 552 47.53 19.71 37.06
N PRO A 553 47.14 19.80 35.80
CA PRO A 553 45.92 19.13 35.35
C PRO A 553 46.12 17.65 35.15
N VAL A 554 45.09 16.88 35.50
CA VAL A 554 45.02 15.46 35.20
C VAL A 554 43.72 15.22 34.45
N ALA A 555 43.82 14.74 33.21
CA ALA A 555 42.68 14.69 32.32
C ALA A 555 42.58 13.32 31.66
N ASN A 556 41.37 13.01 31.21
CA ASN A 556 41.11 11.83 30.40
C ASN A 556 39.93 12.11 29.49
N SER A 557 39.87 11.39 28.38
CA SER A 557 38.80 11.59 27.40
C SER A 557 38.26 10.24 26.94
N LEU A 558 37.21 10.29 26.14
CA LEU A 558 36.48 9.11 25.73
C LEU A 558 35.56 9.49 24.59
N ARG A 559 35.40 8.59 23.62
CA ARG A 559 34.55 8.84 22.46
C ARG A 559 33.37 7.89 22.48
N VAL A 560 32.17 8.44 22.27
CA VAL A 560 30.94 7.68 22.26
C VAL A 560 30.28 7.84 20.90
N ASP A 561 29.91 6.73 20.27
CA ASP A 561 29.27 6.76 18.97
C ASP A 561 27.78 6.53 19.15
N VAL A 562 26.99 7.60 19.01
CA VAL A 562 25.54 7.51 19.10
C VAL A 562 25.02 6.68 17.92
N GLN A 563 24.12 5.74 18.21
CA GLN A 563 23.61 4.86 17.17
C GLN A 563 22.79 5.64 16.15
N ALA A 564 22.96 5.31 14.88
CA ALA A 564 22.24 5.99 13.82
C ALA A 564 20.78 5.55 13.81
N GLY A 565 19.87 6.51 13.82
CA GLY A 565 18.44 6.23 13.89
C GLY A 565 17.63 7.28 13.19
N ALA A 566 16.54 7.69 13.83
CA ALA A 566 15.60 8.61 13.20
C ALA A 566 16.18 10.03 13.14
N CYS A 567 15.45 10.90 12.47
CA CYS A 567 15.87 12.28 12.25
C CYS A 567 15.46 13.15 13.43
N GLU A 568 15.81 14.43 13.35
CA GLU A 568 15.25 15.40 14.28
C GLU A 568 13.74 15.52 14.09
N GLY A 569 13.29 15.60 12.85
CA GLY A 569 11.90 15.53 12.48
C GLY A 569 11.50 14.16 11.99
N LYS A 570 10.52 14.11 11.10
CA LYS A 570 10.12 12.84 10.52
C LYS A 570 9.46 13.09 9.17
N LEU A 571 9.48 12.06 8.34
CA LEU A 571 8.83 12.10 7.03
C LEU A 571 8.55 10.66 6.62
N GLU A 572 7.28 10.30 6.56
CA GLU A 572 6.86 8.95 6.22
C GLU A 572 6.02 9.00 4.95
N LEU A 573 6.59 8.56 3.83
CA LEU A 573 5.84 8.38 2.59
C LEU A 573 5.30 6.97 2.58
N SER A 574 3.98 6.83 2.73
CA SER A 574 3.34 5.53 2.80
C SER A 574 2.22 5.45 1.78
N VAL A 575 2.18 4.37 1.03
CA VAL A 575 1.09 4.08 0.10
C VAL A 575 0.41 2.82 0.61
N ASP A 576 -0.74 2.99 1.26
CA ASP A 576 -1.45 1.86 1.85
C ASP A 576 -2.04 0.98 0.75
N GLY A 577 -1.78 -0.33 0.85
CA GLY A 577 -2.26 -1.30 -0.11
C GLY A 577 -1.17 -2.21 -0.58
N ALA A 578 -1.53 -3.08 -1.53
CA ALA A 578 -0.58 -4.03 -2.07
C ALA A 578 0.42 -3.34 -2.98
N LYS A 579 1.60 -3.96 -3.11
CA LYS A 579 2.62 -3.42 -4.01
C LYS A 579 2.19 -3.48 -5.47
N GLN A 580 1.42 -4.51 -5.84
CA GLN A 580 1.02 -4.66 -7.23
C GLN A 580 0.09 -3.53 -7.66
N TYR A 581 0.17 -3.18 -8.94
CA TYR A 581 -0.66 -2.15 -9.52
C TYR A 581 -0.82 -2.44 -11.02
N ARG A 582 -1.52 -1.54 -11.70
CA ARG A 582 -1.67 -1.59 -13.14
C ARG A 582 -1.39 -0.21 -13.71
N ASN A 583 -0.84 -0.18 -14.94
CA ASN A 583 -0.51 1.08 -15.56
C ASN A 583 -1.76 1.95 -15.72
N GLY A 584 -1.61 3.24 -15.44
CA GLY A 584 -2.72 4.16 -15.48
C GLY A 584 -3.53 4.24 -14.20
N GLU A 585 -3.20 3.44 -13.20
CA GLU A 585 -3.93 3.48 -11.94
C GLU A 585 -3.65 4.78 -11.19
N SER A 586 -4.55 5.11 -10.28
CA SER A 586 -4.38 6.26 -9.40
C SER A 586 -3.88 5.76 -8.04
N VAL A 587 -2.81 6.38 -7.55
CA VAL A 587 -2.15 5.96 -6.33
C VAL A 587 -2.25 7.10 -5.32
N LYS A 588 -2.69 6.78 -4.11
CA LYS A 588 -2.80 7.75 -3.03
C LYS A 588 -1.51 7.76 -2.23
N LEU A 589 -0.80 8.88 -2.25
CA LEU A 589 0.48 9.03 -1.57
C LEU A 589 0.31 9.97 -0.38
N HIS A 590 0.61 9.48 0.82
CA HIS A 590 0.46 10.25 2.04
C HIS A 590 1.81 10.76 2.52
N LEU A 591 1.88 12.04 2.86
CA LEU A 591 3.07 12.65 3.43
C LEU A 591 2.72 13.23 4.78
N GLU A 592 3.58 13.00 5.78
CA GLU A 592 3.34 13.48 7.12
C GLU A 592 4.66 13.94 7.74
N THR A 593 4.62 15.11 8.40
CA THR A 593 5.79 15.68 9.04
C THR A 593 5.40 16.14 10.44
N ASP A 594 6.30 16.87 11.09
CA ASP A 594 6.02 17.46 12.39
C ASP A 594 5.79 18.96 12.31
N SER A 595 6.08 19.58 11.17
CA SER A 595 5.89 21.01 10.97
C SER A 595 5.76 21.26 9.48
N LEU A 596 5.74 22.53 9.08
CA LEU A 596 5.69 22.86 7.66
C LEU A 596 7.06 22.61 7.05
N ALA A 597 7.09 21.81 5.99
CA ALA A 597 8.35 21.40 5.38
C ALA A 597 8.18 21.38 3.87
N LEU A 598 9.30 21.55 3.16
CA LEU A 598 9.34 21.51 1.70
C LEU A 598 9.78 20.11 1.29
N VAL A 599 8.82 19.21 1.12
CA VAL A 599 9.15 17.86 0.69
C VAL A 599 9.60 17.88 -0.76
N ALA A 600 10.78 17.33 -1.02
CA ALA A 600 11.34 17.24 -2.37
C ALA A 600 11.17 15.81 -2.85
N LEU A 601 10.16 15.60 -3.69
CA LEU A 601 9.78 14.26 -4.13
C LEU A 601 10.49 13.87 -5.41
N GLY A 602 10.57 12.55 -5.64
CA GLY A 602 11.15 12.02 -6.85
C GLY A 602 10.90 10.54 -7.00
N ALA A 603 10.39 10.12 -8.15
CA ALA A 603 10.10 8.72 -8.44
C ALA A 603 11.01 8.26 -9.57
N LEU A 604 11.67 7.12 -9.37
CA LEU A 604 12.71 6.66 -10.29
C LEU A 604 12.45 5.22 -10.70
N ASP A 605 12.75 4.92 -11.96
CA ASP A 605 12.72 3.54 -12.43
C ASP A 605 13.84 2.75 -11.75
N THR A 606 13.64 1.45 -11.65
CA THR A 606 14.63 0.57 -11.04
C THR A 606 15.55 -0.09 -12.07
N ALA A 607 15.11 -0.21 -13.33
CA ALA A 607 15.97 -0.78 -14.35
C ALA A 607 17.20 0.08 -14.62
N LEU A 608 17.20 1.34 -14.17
CA LEU A 608 18.38 2.18 -14.32
C LEU A 608 19.57 1.60 -13.55
N TYR A 609 19.31 1.07 -12.35
CA TYR A 609 20.39 0.44 -11.58
C TYR A 609 20.98 -0.74 -12.32
N ALA A 610 20.14 -1.57 -12.94
CA ALA A 610 20.63 -2.68 -13.74
C ALA A 610 21.43 -2.19 -14.94
N ALA A 611 20.96 -1.10 -15.58
CA ALA A 611 21.68 -0.55 -16.73
C ALA A 611 23.07 -0.06 -16.33
N GLY A 612 23.17 0.62 -15.19
CA GLY A 612 24.44 1.16 -14.73
C GLY A 612 25.49 0.11 -14.47
N SER A 613 26.70 0.34 -14.99
CA SER A 613 27.78 -0.62 -14.80
C SER A 613 28.21 -0.71 -13.34
N LYS A 614 28.28 0.43 -12.65
CA LYS A 614 28.75 0.49 -11.28
C LYS A 614 27.66 1.06 -10.38
N SER A 615 27.63 0.57 -9.14
CA SER A 615 26.65 1.05 -8.18
C SER A 615 26.89 2.52 -7.85
N HIS A 616 25.79 3.28 -7.76
CA HIS A 616 25.81 4.71 -7.45
C HIS A 616 24.74 4.94 -6.39
N LYS A 617 25.13 4.84 -5.12
CA LYS A 617 24.17 4.91 -4.04
C LYS A 617 23.59 6.32 -3.92
N PRO A 618 22.31 6.43 -3.54
CA PRO A 618 21.69 7.75 -3.42
C PRO A 618 21.99 8.43 -2.11
N LEU A 619 21.35 9.57 -1.87
CA LEU A 619 21.53 10.32 -0.63
C LEU A 619 20.62 9.74 0.44
N ASN A 620 21.20 9.08 1.42
CA ASN A 620 20.48 8.52 2.56
C ASN A 620 21.03 9.13 3.84
N MET A 621 20.53 8.64 4.98
CA MET A 621 20.89 9.24 6.26
C MET A 621 22.36 9.03 6.59
N GLY A 622 22.99 8.00 6.04
CA GLY A 622 24.41 7.81 6.26
C GLY A 622 25.24 8.97 5.73
N LYS A 623 24.92 9.45 4.53
CA LYS A 623 25.63 10.59 3.97
C LYS A 623 25.40 11.84 4.79
N VAL A 624 24.17 12.03 5.28
CA VAL A 624 23.89 13.21 6.11
C VAL A 624 24.70 13.16 7.41
N PHE A 625 24.75 12.00 8.05
CA PHE A 625 25.51 11.87 9.28
C PHE A 625 27.00 12.08 9.05
N GLU A 626 27.53 11.54 7.94
CA GLU A 626 28.93 11.79 7.61
C GLU A 626 29.17 13.28 7.36
N ALA A 627 28.20 13.96 6.74
CA ALA A 627 28.35 15.39 6.50
C ALA A 627 28.38 16.18 7.80
N MET A 628 27.51 15.84 8.75
CA MET A 628 27.48 16.61 10.00
C MET A 628 28.77 16.45 10.80
N ASN A 629 29.29 15.22 10.89
CA ASN A 629 30.46 14.95 11.71
C ASN A 629 31.79 15.18 10.99
N SER A 630 31.75 15.51 9.69
CA SER A 630 32.99 15.85 8.98
C SER A 630 33.57 17.16 9.46
N TYR A 631 32.81 17.95 10.21
CA TYR A 631 33.29 19.21 10.79
C TYR A 631 34.02 19.00 12.10
N ASP A 632 34.08 17.76 12.61
CA ASP A 632 34.68 17.51 13.91
C ASP A 632 36.20 17.65 13.84
N LEU A 633 36.79 17.91 15.01
CA LEU A 633 38.23 18.00 15.14
C LEU A 633 38.81 16.87 15.98
N GLY A 634 37.98 16.05 16.60
CA GLY A 634 38.47 14.93 17.37
C GLY A 634 39.20 13.92 16.50
N CYS A 635 40.04 13.12 17.16
CA CYS A 635 40.92 12.20 16.44
C CYS A 635 41.32 11.08 17.37
N GLY A 636 40.98 9.85 17.01
CA GLY A 636 41.32 8.70 17.81
C GLY A 636 40.25 8.37 18.82
N PRO A 637 40.34 7.21 19.45
CA PRO A 637 39.34 6.78 20.44
C PRO A 637 39.53 7.37 21.83
N GLY A 638 40.45 8.30 22.02
CA GLY A 638 40.61 8.97 23.29
C GLY A 638 41.77 8.43 24.11
N GLY A 639 42.19 9.21 25.08
CA GLY A 639 43.27 8.85 25.96
C GLY A 639 44.56 9.56 25.60
N GLY A 640 45.37 9.87 26.63
CA GLY A 640 46.62 10.58 26.41
C GLY A 640 47.58 10.36 27.55
N ASP A 641 48.86 10.59 27.26
CA ASP A 641 49.89 10.44 28.29
C ASP A 641 49.88 11.59 29.27
N SER A 642 49.38 12.76 28.87
CA SER A 642 49.31 13.93 29.74
C SER A 642 47.98 14.63 29.51
N ALA A 643 47.79 15.77 30.18
CA ALA A 643 46.56 16.53 29.98
C ALA A 643 46.54 17.22 28.61
N LEU A 644 47.66 17.84 28.23
CA LEU A 644 47.70 18.56 26.97
C LEU A 644 47.49 17.62 25.80
N GLN A 645 48.07 16.41 25.86
CA GLN A 645 47.87 15.43 24.80
C GLN A 645 46.41 15.02 24.72
N VAL A 646 45.75 14.85 25.87
CA VAL A 646 44.34 14.48 25.89
C VAL A 646 43.51 15.56 25.22
N PHE A 647 43.76 16.82 25.57
CA PHE A 647 42.99 17.91 24.99
C PHE A 647 43.26 18.04 23.48
N GLN A 648 44.52 17.87 23.07
CA GLN A 648 44.84 17.94 21.65
C GLN A 648 44.15 16.83 20.87
N ALA A 649 44.12 15.61 21.42
CA ALA A 649 43.40 14.53 20.76
C ALA A 649 41.91 14.82 20.70
N ALA A 650 41.35 15.38 21.77
CA ALA A 650 39.92 15.72 21.77
C ALA A 650 39.60 16.78 20.74
N GLY A 651 40.42 17.82 20.65
CA GLY A 651 40.17 18.92 19.73
C GLY A 651 39.97 20.25 20.41
N LEU A 652 40.60 20.44 21.57
CA LEU A 652 40.47 21.64 22.36
C LEU A 652 41.69 22.55 22.17
N ALA A 653 41.67 23.69 22.87
CA ALA A 653 42.79 24.62 22.90
C ALA A 653 42.87 25.18 24.32
N PHE A 654 43.70 24.57 25.14
CA PHE A 654 43.78 24.87 26.56
C PHE A 654 44.98 25.75 26.85
N SER A 655 44.79 26.76 27.70
CA SER A 655 45.90 27.62 28.11
C SER A 655 45.52 28.29 29.42
N ASP A 656 46.21 27.93 30.50
CA ASP A 656 45.98 28.51 31.81
C ASP A 656 47.03 29.52 32.24
N GLY A 657 48.23 29.45 31.68
CA GLY A 657 49.29 30.37 32.05
C GLY A 657 50.64 29.67 32.12
N ASP A 658 50.62 28.38 32.40
CA ASP A 658 51.83 27.57 32.42
C ASP A 658 51.85 26.47 31.39
N GLN A 659 50.71 26.11 30.81
CA GLN A 659 50.64 25.07 29.79
C GLN A 659 49.75 25.55 28.65
N TRP A 660 50.07 25.08 27.45
CA TRP A 660 49.31 25.44 26.26
C TRP A 660 49.54 24.38 25.21
N THR A 661 48.56 24.20 24.33
CA THR A 661 48.65 23.24 23.25
C THR A 661 49.10 23.94 21.98
N LEU A 662 50.11 23.37 21.31
CA LEU A 662 50.60 23.95 20.08
C LEU A 662 49.53 23.88 18.99
N SER A 663 49.61 24.82 18.05
CA SER A 663 48.59 24.93 17.03
C SER A 663 48.57 23.71 16.13
N ARG A 664 47.39 23.41 15.57
CA ARG A 664 47.26 22.34 14.60
C ARG A 664 48.17 22.61 13.39
N LYS A 665 48.82 21.55 12.92
CA LYS A 665 49.67 21.70 11.74
C LYS A 665 48.88 21.58 10.44
N ARG A 666 47.82 20.76 10.42
CA ARG A 666 46.94 20.68 9.28
C ARG A 666 45.57 20.21 9.76
N LEU A 667 44.57 20.44 8.91
CA LEU A 667 43.18 20.16 9.31
C LEU A 667 42.96 18.69 9.62
N SER A 668 43.67 17.80 8.94
CA SER A 668 43.48 16.36 9.10
C SER A 668 44.46 15.81 10.13
N CYS A 669 43.95 14.99 11.05
CA CYS A 669 44.79 14.35 12.04
C CYS A 669 45.72 13.34 11.38
N PRO A 670 46.97 13.21 11.87
CA PRO A 670 47.93 12.22 11.39
C PRO A 670 47.36 10.79 11.38
N SER B 1464 3.64 -29.56 -43.68
CA SER B 1464 3.40 -29.30 -42.27
C SER B 1464 4.71 -29.27 -41.49
N ARG B 1465 5.78 -29.75 -42.12
CA ARG B 1465 7.10 -29.78 -41.50
C ARG B 1465 8.13 -29.24 -42.48
N VAL B 1466 9.22 -28.72 -41.93
CA VAL B 1466 10.30 -28.15 -42.73
C VAL B 1466 11.63 -28.51 -42.08
N HIS B 1467 12.65 -28.75 -42.90
CA HIS B 1467 13.96 -29.13 -42.42
C HIS B 1467 14.93 -27.96 -42.53
N TYR B 1468 15.59 -27.62 -41.43
CA TYR B 1468 16.51 -26.51 -41.37
C TYR B 1468 17.94 -26.98 -41.67
N THR B 1469 18.88 -26.04 -41.65
CA THR B 1469 20.29 -26.32 -41.83
C THR B 1469 21.11 -25.13 -41.37
N VAL B 1470 22.05 -25.33 -40.45
CA VAL B 1470 22.84 -24.25 -39.88
C VAL B 1470 24.31 -24.52 -40.20
N CYS B 1471 24.92 -23.63 -40.97
CA CYS B 1471 26.33 -23.74 -41.32
C CYS B 1471 27.07 -22.56 -40.69
N ILE B 1472 28.16 -22.85 -39.98
CA ILE B 1472 28.95 -21.83 -39.31
C ILE B 1472 30.43 -22.08 -39.60
N TRP B 1473 31.18 -21.00 -39.75
CA TRP B 1473 32.62 -21.05 -39.94
C TRP B 1473 33.20 -19.68 -39.66
N ARG B 1474 34.51 -19.63 -39.46
CA ARG B 1474 35.19 -18.37 -39.19
C ARG B 1474 36.40 -18.22 -40.10
N ASN B 1475 36.52 -17.06 -40.74
CA ASN B 1475 37.69 -16.71 -41.53
C ASN B 1475 38.51 -15.60 -40.89
N GLY B 1476 38.19 -15.23 -39.65
CA GLY B 1476 38.86 -14.16 -38.95
C GLY B 1476 39.65 -14.64 -37.75
N LYS B 1477 40.38 -15.75 -37.91
CA LYS B 1477 41.10 -16.35 -36.80
C LYS B 1477 42.12 -15.40 -36.19
N VAL B 1478 42.55 -14.37 -36.92
CA VAL B 1478 43.48 -13.39 -36.36
C VAL B 1478 42.85 -12.67 -35.18
N GLY B 1479 41.58 -12.31 -35.29
CA GLY B 1479 40.88 -11.63 -34.22
C GLY B 1479 40.50 -12.52 -33.06
N LEU B 1480 39.45 -12.15 -32.32
CA LEU B 1480 38.99 -12.94 -31.19
C LEU B 1480 38.47 -14.28 -31.67
N SER B 1481 38.90 -15.36 -31.00
CA SER B 1481 38.54 -16.73 -31.38
C SER B 1481 37.95 -17.45 -30.17
N GLY B 1482 37.65 -18.72 -30.37
CA GLY B 1482 37.10 -19.55 -29.30
C GLY B 1482 35.87 -20.32 -29.71
N MET B 1483 34.77 -20.06 -29.01
CA MET B 1483 33.50 -20.74 -29.22
C MET B 1483 32.44 -19.74 -29.66
N ALA B 1484 31.21 -20.22 -29.83
CA ALA B 1484 30.13 -19.37 -30.29
C ALA B 1484 28.80 -19.90 -29.79
N ILE B 1485 27.81 -19.02 -29.75
CA ILE B 1485 26.43 -19.36 -29.40
C ILE B 1485 25.58 -19.03 -30.61
N ALA B 1486 25.03 -20.06 -31.26
CA ALA B 1486 24.23 -19.88 -32.46
C ALA B 1486 22.77 -19.80 -32.06
N ASP B 1487 22.19 -18.60 -32.16
CA ASP B 1487 20.80 -18.35 -31.79
C ASP B 1487 20.03 -18.08 -33.08
N VAL B 1488 19.22 -19.04 -33.49
CA VAL B 1488 18.40 -18.90 -34.69
C VAL B 1488 16.95 -18.77 -34.27
N THR B 1489 16.18 -18.03 -35.06
CA THR B 1489 14.75 -17.85 -34.85
C THR B 1489 14.02 -18.58 -35.97
N LEU B 1490 13.20 -19.56 -35.59
CA LEU B 1490 12.42 -20.32 -36.56
C LEU B 1490 11.36 -19.44 -37.21
N LEU B 1491 10.62 -19.97 -38.17
CA LEU B 1491 9.64 -19.17 -38.89
C LEU B 1491 8.51 -18.73 -37.96
N SER B 1492 7.58 -17.92 -38.47
CA SER B 1492 6.62 -17.23 -37.63
C SER B 1492 5.71 -18.18 -36.84
N GLY B 1493 5.59 -19.44 -37.27
CA GLY B 1493 4.70 -20.34 -36.56
C GLY B 1493 5.29 -21.69 -36.21
N PHE B 1494 6.47 -22.01 -36.76
CA PHE B 1494 7.04 -23.33 -36.59
C PHE B 1494 7.70 -23.47 -35.21
N HIS B 1495 7.96 -24.72 -34.83
CA HIS B 1495 8.75 -25.01 -33.65
C HIS B 1495 9.52 -26.30 -33.90
N ALA B 1496 10.77 -26.34 -33.43
CA ALA B 1496 11.69 -27.40 -33.80
C ALA B 1496 11.42 -28.67 -32.99
N LEU B 1497 11.93 -29.78 -33.51
CA LEU B 1497 11.83 -31.06 -32.83
C LEU B 1497 12.95 -31.19 -31.80
N ARG B 1498 12.59 -31.61 -30.59
CA ARG B 1498 13.59 -31.85 -29.57
C ARG B 1498 14.36 -33.14 -29.82
N ALA B 1499 13.73 -34.11 -30.48
CA ALA B 1499 14.37 -35.42 -30.67
C ALA B 1499 15.61 -35.30 -31.55
N ASP B 1500 15.52 -34.53 -32.65
CA ASP B 1500 16.66 -34.41 -33.54
C ASP B 1500 17.82 -33.69 -32.89
N LEU B 1501 17.55 -32.63 -32.14
CA LEU B 1501 18.62 -31.93 -31.43
C LEU B 1501 19.22 -32.81 -30.34
N GLU B 1502 18.39 -33.59 -29.66
CA GLU B 1502 18.91 -34.53 -28.67
C GLU B 1502 19.81 -35.57 -29.31
N LYS B 1503 19.42 -36.08 -30.48
CA LYS B 1503 20.28 -37.01 -31.21
C LYS B 1503 21.59 -36.35 -31.59
N LEU B 1504 21.54 -35.07 -31.98
CA LEU B 1504 22.76 -34.35 -32.33
C LEU B 1504 23.68 -34.21 -31.12
N THR B 1505 23.12 -33.89 -29.95
CA THR B 1505 23.93 -33.63 -28.78
C THR B 1505 24.50 -34.92 -28.19
N SER B 1506 23.70 -35.99 -28.17
CA SER B 1506 24.08 -37.24 -27.54
C SER B 1506 25.01 -38.09 -28.40
N LEU B 1507 25.66 -37.51 -29.40
CA LEU B 1507 26.59 -38.24 -30.23
C LEU B 1507 27.93 -38.41 -29.51
N SER B 1508 28.74 -39.35 -30.02
CA SER B 1508 30.08 -39.53 -29.48
C SER B 1508 30.98 -38.36 -29.86
N ASP B 1509 31.10 -38.09 -31.16
CA ASP B 1509 31.82 -36.91 -31.65
C ASP B 1509 30.84 -35.76 -31.86
N ARG B 1510 30.20 -35.37 -30.76
CA ARG B 1510 29.14 -34.38 -30.81
C ARG B 1510 29.66 -33.05 -31.35
N TYR B 1511 28.85 -32.44 -32.22
CA TYR B 1511 29.20 -31.16 -32.82
C TYR B 1511 28.59 -29.99 -32.07
N VAL B 1512 27.39 -30.18 -31.51
CA VAL B 1512 26.78 -29.20 -30.62
C VAL B 1512 26.83 -29.76 -29.21
N SER B 1513 27.29 -28.93 -28.26
CA SER B 1513 27.46 -29.38 -26.89
C SER B 1513 26.28 -29.04 -25.99
N HIS B 1514 25.45 -28.08 -26.38
CA HIS B 1514 24.31 -27.69 -25.58
C HIS B 1514 23.27 -27.06 -26.49
N PHE B 1515 22.00 -27.27 -26.14
CA PHE B 1515 20.91 -26.72 -26.94
C PHE B 1515 19.73 -26.39 -26.04
N GLU B 1516 18.85 -25.54 -26.55
CA GLU B 1516 17.62 -25.19 -25.85
C GLU B 1516 16.59 -24.75 -26.87
N THR B 1517 15.48 -25.49 -26.95
CA THR B 1517 14.42 -25.21 -27.90
C THR B 1517 13.16 -24.77 -27.15
N GLU B 1518 12.55 -23.69 -27.61
CA GLU B 1518 11.30 -23.22 -27.01
C GLU B 1518 10.56 -22.40 -28.06
N GLY B 1519 9.43 -22.92 -28.54
CA GLY B 1519 8.66 -22.26 -29.56
C GLY B 1519 9.47 -22.05 -30.82
N PRO B 1520 9.52 -20.81 -31.31
CA PRO B 1520 10.30 -20.49 -32.50
C PRO B 1520 11.76 -20.18 -32.25
N HIS B 1521 12.26 -20.37 -31.02
CA HIS B 1521 13.62 -20.03 -30.64
C HIS B 1521 14.43 -21.30 -30.46
N VAL B 1522 15.59 -21.36 -31.11
CA VAL B 1522 16.53 -22.47 -30.96
C VAL B 1522 17.88 -21.89 -30.60
N LEU B 1523 18.48 -22.40 -29.51
CA LEU B 1523 19.78 -21.97 -29.05
C LEU B 1523 20.74 -23.15 -29.16
N LEU B 1524 21.91 -22.91 -29.76
CA LEU B 1524 22.93 -23.93 -29.89
C LEU B 1524 24.25 -23.38 -29.39
N TYR B 1525 25.08 -24.25 -28.82
CA TYR B 1525 26.41 -23.89 -28.33
C TYR B 1525 27.44 -24.72 -29.09
N PHE B 1526 28.23 -24.06 -29.93
CA PHE B 1526 29.28 -24.71 -30.69
C PHE B 1526 30.61 -24.47 -29.98
N ASP B 1527 31.26 -25.56 -29.58
CA ASP B 1527 32.49 -25.48 -28.81
C ASP B 1527 33.74 -25.36 -29.67
N SER B 1528 33.61 -25.50 -30.99
CA SER B 1528 34.76 -25.36 -31.89
C SER B 1528 34.24 -24.87 -33.23
N VAL B 1529 34.38 -23.58 -33.49
CA VAL B 1529 33.99 -23.00 -34.77
C VAL B 1529 35.11 -23.27 -35.77
N PRO B 1530 34.88 -24.03 -36.82
CA PRO B 1530 35.95 -24.36 -37.77
C PRO B 1530 36.16 -23.23 -38.76
N THR B 1531 37.10 -23.46 -39.68
CA THR B 1531 37.38 -22.51 -40.74
C THR B 1531 36.60 -22.82 -42.01
N SER B 1532 36.31 -24.09 -42.27
CA SER B 1532 35.54 -24.50 -43.43
C SER B 1532 34.07 -24.70 -43.04
N ARG B 1533 33.23 -24.83 -44.07
CA ARG B 1533 31.81 -25.02 -43.85
C ARG B 1533 31.54 -26.30 -43.05
N GLU B 1534 30.60 -26.20 -42.11
CA GLU B 1534 30.19 -27.36 -41.30
C GLU B 1534 28.72 -27.17 -40.95
N CYS B 1535 27.85 -27.84 -41.70
CA CYS B 1535 26.41 -27.67 -41.56
C CYS B 1535 25.81 -28.77 -40.70
N VAL B 1536 24.97 -28.37 -39.74
CA VAL B 1536 24.25 -29.28 -38.86
C VAL B 1536 22.77 -28.97 -38.98
N GLY B 1537 21.97 -29.98 -39.32
CA GLY B 1537 20.56 -29.75 -39.57
C GLY B 1537 19.61 -30.47 -38.64
N PHE B 1538 18.36 -30.03 -38.61
CA PHE B 1538 17.33 -30.64 -37.77
C PHE B 1538 16.00 -30.47 -38.49
N GLU B 1539 14.90 -30.65 -37.75
CA GLU B 1539 13.56 -30.59 -38.32
C GLU B 1539 12.65 -29.76 -37.42
N ALA B 1540 11.58 -29.23 -38.02
CA ALA B 1540 10.60 -28.44 -37.30
C ALA B 1540 9.20 -28.77 -37.82
N VAL B 1541 8.21 -28.64 -36.94
CA VAL B 1541 6.82 -28.86 -37.29
C VAL B 1541 6.10 -27.51 -37.27
N GLN B 1542 4.86 -27.52 -37.75
CA GLN B 1542 4.07 -26.30 -37.89
C GLN B 1542 2.87 -26.34 -36.94
N GLU B 1543 2.65 -25.25 -36.22
CA GLU B 1543 1.52 -25.11 -35.31
C GLU B 1543 0.40 -24.25 -35.87
N VAL B 1544 0.72 -23.05 -36.35
CA VAL B 1544 -0.27 -22.12 -36.88
C VAL B 1544 0.19 -21.67 -38.26
N PRO B 1545 -0.72 -21.29 -39.15
CA PRO B 1545 -0.31 -20.91 -40.50
C PRO B 1545 0.48 -19.62 -40.52
N VAL B 1546 1.35 -19.49 -41.52
CA VAL B 1546 2.18 -18.30 -41.68
C VAL B 1546 1.31 -17.19 -42.24
N GLY B 1547 1.05 -16.16 -41.43
CA GLY B 1547 0.12 -15.12 -41.81
C GLY B 1547 0.61 -14.18 -42.89
N LEU B 1548 1.93 -14.08 -43.06
CA LEU B 1548 2.49 -13.16 -44.05
C LEU B 1548 3.89 -13.61 -44.42
N VAL B 1549 4.30 -13.28 -45.64
CA VAL B 1549 5.63 -13.65 -46.13
C VAL B 1549 6.66 -12.71 -45.54
N GLN B 1550 7.67 -13.28 -44.86
CA GLN B 1550 8.66 -12.49 -44.16
C GLN B 1550 9.92 -13.32 -43.99
N PRO B 1551 11.10 -12.68 -43.98
CA PRO B 1551 12.33 -13.40 -43.65
C PRO B 1551 12.64 -13.32 -42.16
N ALA B 1552 13.13 -14.44 -41.62
CA ALA B 1552 13.50 -14.52 -40.21
C ALA B 1552 14.99 -14.22 -40.05
N SER B 1553 15.47 -14.33 -38.81
CA SER B 1553 16.83 -13.92 -38.47
C SER B 1553 17.55 -15.06 -37.77
N ALA B 1554 18.88 -14.99 -37.80
CA ALA B 1554 19.73 -15.97 -37.12
C ALA B 1554 21.03 -15.29 -36.72
N THR B 1555 21.27 -15.21 -35.41
CA THR B 1555 22.44 -14.54 -34.87
C THR B 1555 23.43 -15.55 -34.30
N LEU B 1556 24.70 -15.16 -34.26
CA LEU B 1556 25.76 -15.99 -33.73
C LEU B 1556 26.70 -15.12 -32.92
N TYR B 1557 26.70 -15.29 -31.59
CA TYR B 1557 27.54 -14.50 -30.70
C TYR B 1557 28.85 -15.22 -30.42
N ASP B 1558 29.85 -14.45 -30.00
CA ASP B 1558 31.10 -14.99 -29.50
C ASP B 1558 30.99 -15.19 -28.00
N TYR B 1559 31.44 -16.36 -27.53
CA TYR B 1559 31.21 -16.73 -26.13
C TYR B 1559 31.86 -15.75 -25.17
N TYR B 1560 33.17 -15.50 -25.35
CA TYR B 1560 33.89 -14.68 -24.39
C TYR B 1560 33.58 -13.20 -24.56
N ASN B 1561 33.28 -12.75 -25.77
CA ASN B 1561 32.91 -11.37 -26.04
C ASN B 1561 31.64 -11.37 -26.88
N PRO B 1562 30.47 -11.35 -26.22
CA PRO B 1562 29.20 -11.36 -26.98
C PRO B 1562 29.04 -10.18 -27.91
N GLU B 1563 29.79 -9.10 -27.71
CA GLU B 1563 29.69 -7.95 -28.62
C GLU B 1563 30.20 -8.28 -30.03
N ARG B 1564 30.91 -9.39 -30.19
CA ARG B 1564 31.39 -9.82 -31.51
C ARG B 1564 30.38 -10.80 -32.08
N ARG B 1565 29.36 -10.28 -32.74
CA ARG B 1565 28.25 -11.06 -33.25
C ARG B 1565 28.23 -11.04 -34.78
N CYS B 1566 27.28 -11.80 -35.33
CA CYS B 1566 27.05 -11.82 -36.77
C CYS B 1566 25.60 -12.22 -37.00
N SER B 1567 24.80 -11.29 -37.51
CA SER B 1567 23.38 -11.51 -37.75
C SER B 1567 23.12 -11.67 -39.24
N VAL B 1568 22.35 -12.69 -39.61
CA VAL B 1568 22.06 -13.00 -41.00
C VAL B 1568 20.58 -13.24 -41.15
N PHE B 1569 19.98 -12.64 -42.18
CA PHE B 1569 18.58 -12.86 -42.52
C PHE B 1569 18.46 -14.05 -43.46
N TYR B 1570 17.44 -14.87 -43.25
CA TYR B 1570 17.14 -16.00 -44.11
C TYR B 1570 15.65 -16.01 -44.42
N GLY B 1571 15.29 -16.62 -45.55
CA GLY B 1571 13.94 -16.61 -46.04
C GLY B 1571 13.33 -18.01 -46.09
N ALA B 1572 12.03 -18.03 -46.40
CA ALA B 1572 11.22 -19.23 -46.56
C ALA B 1572 11.80 -20.12 -47.66
N PRO B 1573 11.39 -21.39 -47.77
CA PRO B 1573 12.04 -22.29 -48.72
C PRO B 1573 11.95 -21.87 -50.18
N SER B 1574 11.16 -20.84 -50.52
CA SER B 1574 11.08 -20.38 -51.90
C SER B 1574 11.17 -18.87 -52.06
N LYS B 1575 11.02 -18.09 -51.00
CA LYS B 1575 11.02 -16.64 -51.11
C LYS B 1575 12.45 -16.11 -50.98
N SER B 1576 12.58 -14.78 -50.97
CA SER B 1576 13.87 -14.12 -50.90
C SER B 1576 14.20 -13.75 -49.46
N ARG B 1577 15.47 -13.46 -49.23
CA ARG B 1577 15.96 -13.16 -47.88
C ARG B 1577 15.72 -11.72 -47.47
N LEU B 1578 15.36 -10.84 -48.39
CA LEU B 1578 15.14 -9.44 -48.08
C LEU B 1578 13.85 -8.96 -48.73
N LEU B 1579 13.19 -8.01 -48.06
CA LEU B 1579 11.97 -7.43 -48.60
C LEU B 1579 12.26 -6.69 -49.91
N ALA B 1580 11.44 -6.94 -50.91
CA ALA B 1580 11.61 -6.27 -52.20
C ALA B 1580 11.38 -4.78 -52.05
N THR B 1581 12.26 -3.98 -52.64
CA THR B 1581 12.14 -2.54 -52.57
C THR B 1581 12.78 -1.92 -53.81
N LEU B 1582 12.09 -0.95 -54.40
CA LEU B 1582 12.58 -0.24 -55.58
C LEU B 1582 13.43 0.93 -55.10
N CYS B 1583 14.74 0.81 -55.26
CA CYS B 1583 15.68 1.79 -54.72
C CYS B 1583 16.50 2.37 -55.87
N SER B 1584 16.63 3.70 -55.88
CA SER B 1584 17.40 4.36 -56.92
C SER B 1584 17.87 5.71 -56.38
N ALA B 1585 19.17 5.84 -56.16
CA ALA B 1585 19.81 7.08 -55.66
C ALA B 1585 19.19 7.42 -54.32
N GLU B 1586 18.59 8.59 -54.13
CA GLU B 1586 18.06 8.96 -52.83
C GLU B 1586 16.75 8.24 -52.52
N VAL B 1587 15.89 8.06 -53.50
CA VAL B 1587 14.56 7.49 -53.27
C VAL B 1587 14.64 5.97 -53.26
N CYS B 1588 13.90 5.36 -52.33
CA CYS B 1588 13.88 3.93 -52.12
C CYS B 1588 12.44 3.43 -51.95
N GLN B 1589 11.59 3.79 -52.92
CA GLN B 1589 10.17 3.49 -52.84
C GLN B 1589 9.90 2.00 -52.63
N CYS B 1590 8.97 1.72 -51.73
CA CYS B 1590 8.60 0.34 -51.42
C CYS B 1590 7.88 -0.32 -52.59
N ALA B 1591 8.05 -1.62 -52.71
CA ALA B 1591 7.44 -2.40 -53.78
C ALA B 1591 6.87 -3.70 -53.24
N GLU B 1592 6.23 -3.66 -52.08
CA GLU B 1592 5.70 -4.83 -51.42
C GLU B 1592 4.17 -4.82 -51.49
N GLY B 1593 3.59 -6.01 -51.64
CA GLY B 1593 2.16 -6.14 -51.77
C GLY B 1593 1.77 -7.25 -52.72
N LYS B 1594 0.96 -6.93 -53.72
CA LYS B 1594 0.59 -7.88 -54.76
C LYS B 1594 1.11 -7.40 -56.11
N CYS B 1595 1.19 -8.33 -57.06
CA CYS B 1595 1.56 -7.94 -58.40
C CYS B 1595 0.37 -8.09 -59.34
N PRO B 1596 0.25 -7.23 -60.35
CA PRO B 1596 -1.00 -7.17 -61.12
C PRO B 1596 -1.15 -8.36 -62.05
N ARG B 1597 -2.31 -8.43 -62.68
CA ARG B 1597 -2.64 -9.47 -63.63
C ARG B 1597 -2.75 -8.89 -65.03
N GLN B 1598 -2.69 -9.77 -66.02
CA GLN B 1598 -2.78 -9.40 -67.43
C GLN B 1598 -4.22 -9.62 -67.88
N ARG B 1599 -5.06 -8.62 -67.61
CA ARG B 1599 -6.49 -8.73 -67.90
C ARG B 1599 -6.73 -8.56 -69.40
N ARG B 1600 -7.06 -9.65 -70.07
CA ARG B 1600 -7.38 -9.62 -71.50
C ARG B 1600 -8.88 -9.42 -71.70
N ALA B 1601 -9.36 -8.25 -71.25
CA ALA B 1601 -10.79 -7.96 -71.32
C ALA B 1601 -11.29 -7.94 -72.76
N LEU B 1602 -10.51 -7.35 -73.67
CA LEU B 1602 -10.94 -7.28 -75.07
C LEU B 1602 -11.02 -8.66 -75.70
N GLU B 1603 -10.03 -9.52 -75.42
CA GLU B 1603 -10.02 -10.85 -76.03
C GLU B 1603 -11.22 -11.68 -75.59
N ARG B 1604 -11.54 -11.66 -74.29
CA ARG B 1604 -12.71 -12.36 -73.81
C ARG B 1604 -13.96 -11.51 -74.01
N GLY B 1605 -15.12 -12.15 -73.87
CA GLY B 1605 -16.38 -11.47 -74.08
C GLY B 1605 -16.98 -10.88 -72.81
N LEU B 1606 -17.08 -9.55 -72.75
CA LEU B 1606 -17.66 -8.87 -71.60
C LEU B 1606 -18.15 -7.51 -72.07
N GLN B 1607 -19.05 -6.92 -71.28
CA GLN B 1607 -19.67 -5.66 -71.68
C GLN B 1607 -20.04 -4.85 -70.44
N ASP B 1608 -19.87 -3.53 -70.52
CA ASP B 1608 -20.28 -2.63 -69.46
C ASP B 1608 -20.57 -1.26 -70.04
N GLU B 1609 -21.31 -0.45 -69.28
CA GLU B 1609 -21.73 0.88 -69.72
C GLU B 1609 -20.72 1.90 -69.21
N ASP B 1610 -19.62 2.03 -69.95
CA ASP B 1610 -18.52 2.93 -69.60
C ASP B 1610 -18.02 2.64 -68.19
N GLY B 1611 -17.97 1.36 -67.84
CA GLY B 1611 -17.66 0.95 -66.48
C GLY B 1611 -16.44 0.08 -66.33
N TYR B 1612 -16.03 -0.58 -67.41
CA TYR B 1612 -14.87 -1.46 -67.30
C TYR B 1612 -13.58 -0.67 -67.19
N ARG B 1613 -13.51 0.49 -67.83
CA ARG B 1613 -12.28 1.27 -67.86
C ARG B 1613 -12.46 2.69 -67.35
N MET B 1614 -13.58 3.34 -67.70
CA MET B 1614 -13.84 4.69 -67.21
C MET B 1614 -14.12 4.68 -65.72
N LYS B 1615 -14.87 3.69 -65.22
CA LYS B 1615 -15.06 3.56 -63.79
C LYS B 1615 -13.76 3.25 -63.07
N PHE B 1616 -12.94 2.36 -63.65
CA PHE B 1616 -11.65 2.04 -63.06
C PHE B 1616 -10.72 3.25 -63.03
N ALA B 1617 -10.90 4.18 -63.96
CA ALA B 1617 -10.04 5.35 -64.01
C ALA B 1617 -10.60 6.54 -63.25
N CYS B 1618 -11.90 6.54 -62.90
CA CYS B 1618 -12.50 7.72 -62.30
C CYS B 1618 -13.41 7.46 -61.10
N TYR B 1619 -13.73 6.21 -60.75
CA TYR B 1619 -14.65 5.97 -59.63
C TYR B 1619 -14.00 5.22 -58.47
N TYR B 1620 -13.59 3.96 -58.64
CA TYR B 1620 -13.09 3.30 -57.44
C TYR B 1620 -11.61 3.62 -57.21
N PRO B 1621 -10.70 3.32 -58.16
CA PRO B 1621 -9.32 3.79 -58.00
C PRO B 1621 -9.08 5.07 -58.79
N ARG B 1622 -8.07 5.83 -58.40
CA ARG B 1622 -7.73 7.08 -59.08
C ARG B 1622 -6.34 6.91 -59.69
N VAL B 1623 -6.29 6.82 -61.01
CA VAL B 1623 -5.04 6.57 -61.71
C VAL B 1623 -4.35 7.91 -61.97
N GLU B 1624 -3.16 8.08 -61.41
CA GLU B 1624 -2.44 9.34 -61.54
C GLU B 1624 -1.65 9.46 -62.83
N TYR B 1625 -1.60 8.40 -63.64
CA TYR B 1625 -0.92 8.45 -64.92
C TYR B 1625 -1.52 7.42 -65.85
N GLY B 1626 -1.48 7.71 -67.14
CA GLY B 1626 -1.95 6.78 -68.15
C GLY B 1626 -1.31 7.02 -69.49
N PHE B 1627 -0.73 5.98 -70.10
CA PHE B 1627 -0.05 6.09 -71.36
C PHE B 1627 -0.39 4.88 -72.23
N GLN B 1628 -0.16 5.03 -73.53
CA GLN B 1628 -0.18 3.91 -74.47
C GLN B 1628 1.23 3.77 -75.02
N VAL B 1629 1.85 2.61 -74.77
CA VAL B 1629 3.28 2.43 -74.98
C VAL B 1629 3.51 1.20 -75.84
N LYS B 1630 4.71 1.13 -76.42
CA LYS B 1630 5.15 0.00 -77.24
C LYS B 1630 6.35 -0.64 -76.56
N VAL B 1631 6.31 -1.96 -76.41
CA VAL B 1631 7.36 -2.70 -75.73
C VAL B 1631 8.48 -3.01 -76.71
N LEU B 1632 9.68 -2.53 -76.41
CA LEU B 1632 10.84 -2.76 -77.26
C LEU B 1632 11.79 -3.82 -76.70
N ARG B 1633 12.23 -3.68 -75.45
CA ARG B 1633 13.24 -4.56 -74.90
C ARG B 1633 12.86 -5.02 -73.50
N GLU B 1634 13.24 -6.24 -73.17
CA GLU B 1634 13.03 -6.84 -71.86
C GLU B 1634 14.38 -7.06 -71.21
N ASP B 1635 14.45 -6.83 -69.89
CA ASP B 1635 15.70 -6.95 -69.15
C ASP B 1635 15.36 -7.32 -67.71
N SER B 1636 16.42 -7.58 -66.93
CA SER B 1636 16.28 -7.89 -65.52
C SER B 1636 17.28 -7.07 -64.72
N ARG B 1637 16.84 -6.64 -63.53
CA ARG B 1637 17.68 -5.84 -62.64
C ARG B 1637 17.36 -6.25 -61.21
N ALA B 1638 18.26 -7.03 -60.59
CA ALA B 1638 18.09 -7.55 -59.24
C ALA B 1638 16.83 -8.40 -59.22
N ALA B 1639 15.83 -8.10 -58.39
CA ALA B 1639 14.60 -8.86 -58.33
C ALA B 1639 13.47 -8.23 -59.14
N PHE B 1640 13.75 -7.17 -59.88
CA PHE B 1640 12.75 -6.45 -60.66
C PHE B 1640 12.96 -6.73 -62.14
N ARG B 1641 11.91 -7.21 -62.80
CA ARG B 1641 11.93 -7.36 -64.24
C ARG B 1641 11.68 -6.01 -64.89
N LEU B 1642 12.53 -5.63 -65.84
CA LEU B 1642 12.50 -4.30 -66.45
C LEU B 1642 11.97 -4.38 -67.87
N PHE B 1643 11.08 -3.45 -68.20
CA PHE B 1643 10.53 -3.31 -69.55
C PHE B 1643 10.84 -1.91 -70.06
N GLU B 1644 11.50 -1.83 -71.20
CA GLU B 1644 11.79 -0.55 -71.84
C GLU B 1644 10.73 -0.28 -72.88
N THR B 1645 9.98 0.82 -72.69
CA THR B 1645 8.86 1.15 -73.55
C THR B 1645 9.00 2.59 -74.04
N LYS B 1646 8.31 2.88 -75.14
CA LYS B 1646 8.26 4.21 -75.73
C LYS B 1646 6.81 4.68 -75.75
N ILE B 1647 6.62 5.96 -75.42
CA ILE B 1647 5.27 6.51 -75.30
C ILE B 1647 4.80 7.01 -76.66
N THR B 1648 3.70 6.45 -77.16
CA THR B 1648 3.13 6.91 -78.43
C THR B 1648 2.34 8.19 -78.24
N GLN B 1649 1.29 8.14 -77.41
CA GLN B 1649 0.51 9.31 -77.07
C GLN B 1649 0.24 9.30 -75.57
N VAL B 1650 0.22 10.49 -74.98
CA VAL B 1650 -0.01 10.63 -73.54
C VAL B 1650 -1.49 10.79 -73.28
N LEU B 1651 -2.04 9.92 -72.43
CA LEU B 1651 -3.46 9.97 -72.09
C LEU B 1651 -3.74 10.83 -70.88
N HIS B 1652 -2.93 10.72 -69.82
CA HIS B 1652 -3.15 11.50 -68.62
C HIS B 1652 -1.86 11.50 -67.80
N PHE B 1653 -1.55 12.65 -67.19
CA PHE B 1653 -0.36 12.77 -66.36
C PHE B 1653 -0.60 13.86 -65.31
N THR B 1654 0.07 13.72 -64.17
CA THR B 1654 0.01 14.71 -63.11
C THR B 1654 1.37 15.32 -62.81
N LYS B 1655 2.38 14.50 -62.56
CA LYS B 1655 3.73 14.98 -62.25
C LYS B 1655 4.66 14.87 -63.45
N ASP B 1656 4.58 13.78 -64.22
CA ASP B 1656 5.46 13.59 -65.36
C ASP B 1656 5.07 14.50 -66.52
N VAL B 1657 5.30 15.81 -66.35
CA VAL B 1657 4.93 16.77 -67.37
C VAL B 1657 5.80 16.61 -68.62
N LYS B 1658 7.07 16.26 -68.44
CA LYS B 1658 7.99 16.16 -69.56
C LYS B 1658 7.66 15.01 -70.50
N ALA B 1659 6.80 14.09 -70.11
CA ALA B 1659 6.45 12.96 -70.97
C ALA B 1659 5.71 13.45 -72.21
N ALA B 1660 6.05 12.88 -73.36
CA ALA B 1660 5.45 13.25 -74.63
C ALA B 1660 5.60 12.07 -75.58
N ALA B 1661 5.35 12.31 -76.86
CA ALA B 1661 5.49 11.27 -77.87
C ALA B 1661 6.96 10.96 -78.12
N ASN B 1662 7.23 9.70 -78.50
CA ASN B 1662 8.58 9.23 -78.81
C ASN B 1662 9.54 9.46 -77.63
N GLN B 1663 9.04 9.21 -76.42
CA GLN B 1663 9.84 9.30 -75.21
C GLN B 1663 9.89 7.93 -74.55
N MET B 1664 11.05 7.56 -74.04
CA MET B 1664 11.26 6.24 -73.48
C MET B 1664 10.98 6.24 -71.98
N ARG B 1665 10.41 5.14 -71.50
CA ARG B 1665 10.10 4.97 -70.08
C ARG B 1665 10.43 3.55 -69.68
N ASN B 1666 10.54 3.34 -68.36
CA ASN B 1666 10.88 2.04 -67.78
C ASN B 1666 9.74 1.60 -66.89
N PHE B 1667 9.32 0.35 -67.04
CA PHE B 1667 8.29 -0.25 -66.20
C PHE B 1667 8.89 -1.43 -65.46
N LEU B 1668 8.74 -1.44 -64.13
CA LEU B 1668 9.32 -2.48 -63.29
C LEU B 1668 8.21 -3.32 -62.67
N VAL B 1669 8.37 -4.63 -62.72
CA VAL B 1669 7.46 -5.58 -62.12
C VAL B 1669 8.28 -6.60 -61.35
N ARG B 1670 7.81 -6.97 -60.16
CA ARG B 1670 8.50 -7.99 -59.36
C ARG B 1670 8.58 -9.29 -60.14
N ALA B 1671 9.76 -9.92 -60.10
CA ALA B 1671 10.03 -11.13 -60.85
C ALA B 1671 9.61 -12.38 -60.11
N SER B 1672 8.67 -12.26 -59.16
CA SER B 1672 8.18 -13.40 -58.40
C SER B 1672 6.82 -13.90 -58.86
N CYS B 1673 6.30 -13.39 -59.97
CA CYS B 1673 5.02 -13.84 -60.48
C CYS B 1673 5.08 -13.93 -62.00
N ARG B 1674 3.93 -14.21 -62.62
CA ARG B 1674 3.86 -14.66 -64.00
C ARG B 1674 3.64 -13.53 -65.01
N LEU B 1675 3.55 -12.28 -64.57
CA LEU B 1675 3.30 -11.19 -65.51
C LEU B 1675 4.45 -11.06 -66.49
N ARG B 1676 4.11 -10.80 -67.76
CA ARG B 1676 5.10 -10.66 -68.80
C ARG B 1676 4.55 -9.76 -69.90
N LEU B 1677 5.43 -8.98 -70.51
CA LEU B 1677 5.09 -8.10 -71.62
C LEU B 1677 5.89 -8.55 -72.84
N GLU B 1678 5.19 -9.06 -73.85
CA GLU B 1678 5.86 -9.55 -75.04
C GLU B 1678 6.42 -8.39 -75.85
N PRO B 1679 7.55 -8.58 -76.54
CA PRO B 1679 8.10 -7.51 -77.36
C PRO B 1679 7.28 -7.28 -78.61
N GLY B 1680 7.37 -6.06 -79.13
CA GLY B 1680 6.70 -5.70 -80.36
C GLY B 1680 5.26 -5.24 -80.19
N LYS B 1681 4.56 -5.84 -79.23
CA LYS B 1681 3.16 -5.50 -79.03
C LYS B 1681 3.03 -4.11 -78.41
N GLU B 1682 1.83 -3.54 -78.54
CA GLU B 1682 1.51 -2.23 -78.00
C GLU B 1682 0.54 -2.40 -76.84
N TYR B 1683 0.81 -1.72 -75.73
CA TYR B 1683 0.03 -1.85 -74.51
C TYR B 1683 -0.48 -0.50 -74.04
N LEU B 1684 -1.48 -0.54 -73.17
CA LEU B 1684 -2.01 0.64 -72.50
C LEU B 1684 -1.76 0.49 -71.01
N ILE B 1685 -1.06 1.45 -70.42
CA ILE B 1685 -0.60 1.39 -69.03
C ILE B 1685 -1.28 2.50 -68.25
N MET B 1686 -1.80 2.16 -67.07
CA MET B 1686 -2.49 3.11 -66.21
C MET B 1686 -2.37 2.63 -64.77
N GLY B 1687 -2.12 3.57 -63.86
CA GLY B 1687 -1.93 3.21 -62.46
C GLY B 1687 -1.52 4.41 -61.64
N LEU B 1688 -0.83 4.13 -60.53
CA LEU B 1688 -0.38 5.16 -59.62
C LEU B 1688 1.03 5.62 -59.97
N ASP B 1689 1.30 6.90 -59.75
CA ASP B 1689 2.62 7.45 -60.03
C ASP B 1689 3.62 7.01 -58.96
N GLY B 1690 4.84 6.72 -59.40
CA GLY B 1690 5.90 6.28 -58.51
C GLY B 1690 6.69 7.43 -57.93
N ALA B 1691 7.85 7.08 -57.34
CA ALA B 1691 8.71 8.05 -56.71
C ALA B 1691 10.19 7.93 -57.08
N THR B 1692 10.58 6.89 -57.80
CA THR B 1692 11.96 6.72 -58.20
C THR B 1692 12.20 7.30 -59.60
N TYR B 1693 13.46 7.49 -59.94
CA TYR B 1693 13.86 8.07 -61.21
C TYR B 1693 14.83 7.15 -61.93
N ASP B 1694 14.84 7.26 -63.26
CA ASP B 1694 15.75 6.46 -64.08
C ASP B 1694 17.15 7.05 -64.05
N LEU B 1695 18.07 6.35 -64.71
CA LEU B 1695 19.45 6.82 -64.77
C LEU B 1695 19.57 8.15 -65.52
N GLU B 1696 18.63 8.43 -66.42
CA GLU B 1696 18.63 9.66 -67.20
C GLU B 1696 17.92 10.82 -66.51
N GLY B 1697 17.33 10.59 -65.34
CA GLY B 1697 16.63 11.63 -64.63
C GLY B 1697 15.14 11.71 -64.89
N HIS B 1698 14.55 10.68 -65.51
CA HIS B 1698 13.13 10.65 -65.82
C HIS B 1698 12.39 9.72 -64.87
N PRO B 1699 11.11 9.98 -64.61
CA PRO B 1699 10.36 9.16 -63.65
C PRO B 1699 10.26 7.71 -64.09
N GLN B 1700 10.23 6.82 -63.09
CA GLN B 1700 10.13 5.39 -63.29
C GLN B 1700 8.89 4.87 -62.58
N TYR B 1701 8.15 4.00 -63.25
CA TYR B 1701 6.86 3.53 -62.76
C TYR B 1701 6.93 2.06 -62.39
N LEU B 1702 6.27 1.69 -61.30
CA LEU B 1702 6.22 0.32 -60.82
C LEU B 1702 4.85 -0.27 -61.12
N LEU B 1703 4.83 -1.39 -61.84
CA LEU B 1703 3.57 -2.06 -62.19
C LEU B 1703 3.14 -2.92 -61.01
N ASP B 1704 2.52 -2.28 -60.03
CA ASP B 1704 1.97 -2.95 -58.87
C ASP B 1704 0.50 -3.29 -59.13
N SER B 1705 -0.22 -3.66 -58.09
CA SER B 1705 -1.65 -3.95 -58.23
C SER B 1705 -2.42 -2.66 -58.50
N ASN B 1706 -3.75 -2.80 -58.61
CA ASN B 1706 -4.67 -1.71 -58.94
C ASN B 1706 -4.16 -0.85 -60.09
N SER B 1707 -3.49 -1.49 -61.04
CA SER B 1707 -2.98 -0.84 -62.23
C SER B 1707 -3.60 -1.48 -63.46
N TRP B 1708 -4.07 -0.64 -64.40
CA TRP B 1708 -4.72 -1.13 -65.61
C TRP B 1708 -3.67 -1.31 -66.70
N ILE B 1709 -3.36 -2.56 -67.02
CA ILE B 1709 -2.52 -2.90 -68.16
C ILE B 1709 -3.37 -3.74 -69.11
N GLU B 1710 -3.32 -3.39 -70.39
CA GLU B 1710 -4.15 -4.05 -71.39
C GLU B 1710 -3.50 -3.89 -72.75
N GLU B 1711 -3.28 -4.99 -73.45
CA GLU B 1711 -2.75 -4.92 -74.80
C GLU B 1711 -3.80 -4.33 -75.75
N MET B 1712 -3.37 -3.36 -76.56
CA MET B 1712 -4.29 -2.76 -77.52
C MET B 1712 -4.38 -3.63 -78.77
N PRO B 1713 -5.58 -4.02 -79.19
CA PRO B 1713 -5.69 -4.86 -80.39
C PRO B 1713 -5.20 -4.14 -81.63
N SER B 1714 -4.61 -4.90 -82.54
CA SER B 1714 -4.03 -4.36 -83.76
C SER B 1714 -5.01 -4.38 -84.93
N GLU B 1715 -6.28 -4.66 -84.67
CA GLU B 1715 -7.39 -4.76 -85.62
C GLU B 1715 -7.29 -6.02 -86.48
N ARG B 1716 -6.28 -6.86 -86.29
CA ARG B 1716 -6.20 -8.10 -87.06
C ARG B 1716 -7.23 -9.12 -86.57
N LEU B 1717 -7.44 -9.20 -85.27
CA LEU B 1717 -8.41 -10.12 -84.68
C LEU B 1717 -9.65 -9.38 -84.17
N CYS B 1718 -10.03 -8.31 -84.86
CA CYS B 1718 -11.18 -7.50 -84.46
C CYS B 1718 -12.14 -7.21 -85.60
N ARG B 1719 -11.75 -7.40 -86.86
CA ARG B 1719 -12.59 -7.04 -88.00
C ARG B 1719 -13.91 -7.80 -88.02
N SER B 1720 -13.94 -9.02 -87.47
CA SER B 1720 -15.19 -9.78 -87.44
C SER B 1720 -16.20 -9.05 -86.56
N THR B 1721 -17.48 -9.31 -86.83
CA THR B 1721 -18.54 -8.45 -86.30
C THR B 1721 -18.59 -8.44 -84.77
N ARG B 1722 -18.37 -9.59 -84.13
CA ARG B 1722 -18.57 -9.68 -82.69
C ARG B 1722 -17.64 -8.76 -81.93
N GLN B 1723 -16.34 -8.78 -82.25
CA GLN B 1723 -15.39 -8.01 -81.46
C GLN B 1723 -15.28 -6.56 -81.89
N ARG B 1724 -15.85 -6.18 -83.04
CA ARG B 1724 -15.75 -4.80 -83.49
C ARG B 1724 -16.52 -3.86 -82.56
N ALA B 1725 -17.61 -4.33 -81.95
CA ALA B 1725 -18.31 -3.51 -80.96
C ALA B 1725 -17.45 -3.26 -79.73
N ALA B 1726 -16.73 -4.28 -79.26
CA ALA B 1726 -15.81 -4.11 -78.15
C ALA B 1726 -14.68 -3.16 -78.53
N CYS B 1727 -14.16 -3.28 -79.75
CA CYS B 1727 -13.15 -2.33 -80.20
C CYS B 1727 -13.69 -0.90 -80.27
N ALA B 1728 -14.96 -0.75 -80.66
CA ALA B 1728 -15.59 0.56 -80.65
C ALA B 1728 -15.68 1.13 -79.24
N GLN B 1729 -16.06 0.30 -78.27
CA GLN B 1729 -16.07 0.74 -76.87
C GLN B 1729 -14.68 1.14 -76.42
N LEU B 1730 -13.66 0.38 -76.83
CA LEU B 1730 -12.28 0.76 -76.53
C LEU B 1730 -11.97 2.15 -77.07
N ASN B 1731 -12.08 2.33 -78.39
CA ASN B 1731 -11.70 3.61 -78.98
C ASN B 1731 -12.49 4.76 -78.37
N ASP B 1732 -13.77 4.53 -78.07
CA ASP B 1732 -14.55 5.53 -77.35
C ASP B 1732 -13.89 5.87 -76.03
N PHE B 1733 -13.47 4.85 -75.28
CA PHE B 1733 -12.78 5.09 -74.02
C PHE B 1733 -11.54 5.93 -74.23
N LEU B 1734 -10.54 5.41 -74.96
CA LEU B 1734 -9.28 6.13 -75.11
C LEU B 1734 -9.49 7.57 -75.58
N GLN B 1735 -10.36 7.78 -76.56
CA GLN B 1735 -10.58 9.13 -77.05
C GLN B 1735 -11.18 10.02 -75.96
N GLU B 1736 -12.20 9.53 -75.26
CA GLU B 1736 -12.84 10.35 -74.23
C GLU B 1736 -11.87 10.65 -73.08
N TYR B 1737 -11.12 9.65 -72.64
CA TYR B 1737 -10.17 9.86 -71.55
C TYR B 1737 -9.05 10.79 -71.96
N GLY B 1738 -8.55 10.66 -73.19
CA GLY B 1738 -7.48 11.54 -73.64
C GLY B 1738 -7.95 12.98 -73.79
N THR B 1739 -9.17 13.18 -74.31
CA THR B 1739 -9.65 14.53 -74.55
C THR B 1739 -10.30 15.16 -73.34
N GLN B 1740 -10.88 14.37 -72.44
CA GLN B 1740 -11.57 14.90 -71.27
C GLN B 1740 -10.89 14.44 -69.99
N GLY B 1741 -10.93 15.29 -68.97
CA GLY B 1741 -10.19 15.04 -67.75
C GLY B 1741 -10.91 14.31 -66.65
N CYS B 1742 -11.19 13.02 -66.85
CA CYS B 1742 -11.73 12.13 -65.83
C CYS B 1742 -13.02 12.71 -65.22
N GLN B 1743 -14.04 12.81 -66.06
CA GLN B 1743 -15.35 13.26 -65.59
C GLN B 1743 -15.94 12.26 -64.61
N VAL B 1744 -17.04 12.67 -63.98
CA VAL B 1744 -17.69 11.96 -62.87
C VAL B 1744 -16.78 12.00 -61.64
N LYS C 244 -8.74 18.07 -32.74
CA LYS C 244 -9.81 18.80 -32.05
C LYS C 244 -9.65 20.30 -32.25
N ILE C 245 -10.76 20.96 -32.60
CA ILE C 245 -10.76 22.41 -32.82
C ILE C 245 -10.70 23.07 -31.44
N GLN C 246 -9.52 23.57 -31.08
CA GLN C 246 -9.33 24.16 -29.76
C GLN C 246 -10.12 25.45 -29.62
N ILE C 247 -10.63 25.69 -28.41
CA ILE C 247 -11.37 26.90 -28.08
C ILE C 247 -10.70 27.57 -26.89
N GLN C 248 -10.32 28.83 -27.06
CA GLN C 248 -9.71 29.61 -26.00
C GLN C 248 -9.79 31.08 -26.37
N ARG C 249 -9.49 31.93 -25.40
CA ARG C 249 -9.60 33.38 -25.58
C ARG C 249 -8.38 34.01 -26.22
N SER C 250 -7.28 33.28 -26.37
CA SER C 250 -6.03 33.82 -26.90
C SER C 250 -5.76 33.23 -28.27
N GLY C 251 -5.56 34.08 -29.26
CA GLY C 251 -5.23 33.67 -30.60
C GLY C 251 -6.34 33.91 -31.59
N HIS C 252 -6.28 33.17 -32.69
CA HIS C 252 -7.28 33.25 -33.75
C HIS C 252 -7.49 31.85 -34.32
N LEU C 253 -8.69 31.62 -34.86
CA LEU C 253 -9.05 30.33 -35.43
C LEU C 253 -9.53 30.56 -36.87
N ASN C 254 -8.67 30.23 -37.83
CA ASN C 254 -9.01 30.34 -39.25
C ASN C 254 -9.72 29.05 -39.67
N LEU C 255 -10.99 29.16 -40.02
CA LEU C 255 -11.79 28.02 -40.44
C LEU C 255 -11.94 28.05 -41.96
N TYR C 256 -11.56 26.96 -42.62
CA TYR C 256 -11.67 26.83 -44.06
C TYR C 256 -12.62 25.68 -44.38
N LEU C 257 -13.83 26.01 -44.81
CA LEU C 257 -14.85 25.02 -45.12
C LEU C 257 -14.84 24.76 -46.61
N LEU C 258 -14.48 23.53 -46.99
CA LEU C 258 -14.46 23.10 -48.38
C LEU C 258 -15.64 22.19 -48.65
N LEU C 259 -16.36 22.46 -49.74
CA LEU C 259 -17.55 21.69 -50.08
C LEU C 259 -17.41 21.13 -51.50
N ASP C 260 -17.68 19.84 -51.65
CA ASP C 260 -17.59 19.21 -52.96
C ASP C 260 -18.72 19.72 -53.84
N CYS C 261 -18.38 20.11 -55.07
CA CYS C 261 -19.34 20.63 -56.04
C CYS C 261 -19.09 19.98 -57.39
N SER C 262 -18.93 18.66 -57.40
CA SER C 262 -18.63 17.92 -58.62
C SER C 262 -19.81 17.03 -59.00
N GLN C 263 -19.66 16.31 -60.10
CA GLN C 263 -20.71 15.41 -60.57
C GLN C 263 -20.95 14.27 -59.58
N SER C 264 -19.94 13.90 -58.81
CA SER C 264 -20.08 12.77 -57.90
C SER C 264 -21.04 13.06 -56.75
N VAL C 265 -21.43 14.31 -56.55
CA VAL C 265 -22.43 14.67 -55.55
C VAL C 265 -23.63 15.28 -56.27
N SER C 266 -24.83 14.81 -55.91
CA SER C 266 -26.05 15.30 -56.54
C SER C 266 -26.50 16.61 -55.86
N GLU C 267 -27.63 17.15 -56.34
CA GLU C 267 -28.15 18.39 -55.77
C GLU C 267 -28.60 18.19 -54.32
N ASN C 268 -29.24 17.06 -54.03
CA ASN C 268 -29.66 16.79 -52.65
C ASN C 268 -28.46 16.65 -51.72
N ASP C 269 -27.41 15.98 -52.18
CA ASP C 269 -26.19 15.88 -51.38
C ASP C 269 -25.56 17.25 -51.18
N PHE C 270 -25.62 18.11 -52.18
CA PHE C 270 -25.09 19.45 -52.02
C PHE C 270 -25.92 20.25 -51.01
N LEU C 271 -27.24 20.07 -51.01
CA LEU C 271 -28.06 20.71 -49.99
C LEU C 271 -27.71 20.21 -48.60
N ILE C 272 -27.45 18.90 -48.47
CA ILE C 272 -27.00 18.35 -47.20
C ILE C 272 -25.70 19.01 -46.76
N PHE C 273 -24.74 19.12 -47.68
CA PHE C 273 -23.47 19.77 -47.36
C PHE C 273 -23.67 21.22 -46.95
N LYS C 274 -24.54 21.95 -47.67
CA LYS C 274 -24.75 23.36 -47.39
C LYS C 274 -25.39 23.56 -46.02
N GLU C 275 -26.42 22.78 -45.70
CA GLU C 275 -27.04 22.92 -44.38
C GLU C 275 -26.09 22.48 -43.28
N SER C 276 -25.25 21.47 -43.53
CA SER C 276 -24.26 21.05 -42.55
C SER C 276 -23.25 22.18 -42.28
N ALA C 277 -22.76 22.83 -43.33
CA ALA C 277 -21.84 23.95 -43.16
C ALA C 277 -22.51 25.09 -42.43
N SER C 278 -23.79 25.35 -42.73
CA SER C 278 -24.52 26.40 -42.01
C SER C 278 -24.60 26.08 -40.53
N LEU C 279 -24.92 24.83 -40.19
CA LEU C 279 -24.98 24.44 -38.78
C LEU C 279 -23.62 24.58 -38.11
N MET C 280 -22.55 24.16 -38.78
CA MET C 280 -21.22 24.24 -38.20
C MET C 280 -20.82 25.70 -37.95
N VAL C 281 -21.07 26.58 -38.91
CA VAL C 281 -20.68 27.97 -38.75
C VAL C 281 -21.56 28.66 -37.71
N ASP C 282 -22.82 28.22 -37.58
CA ASP C 282 -23.68 28.79 -36.54
C ASP C 282 -23.19 28.39 -35.15
N ARG C 283 -22.83 27.11 -34.97
CA ARG C 283 -22.40 26.65 -33.65
C ARG C 283 -21.09 27.31 -33.23
N ILE C 284 -20.15 27.45 -34.16
CA ILE C 284 -18.82 27.97 -33.82
C ILE C 284 -18.91 29.38 -33.28
N PHE C 285 -19.80 30.20 -33.86
CA PHE C 285 -19.93 31.60 -33.44
C PHE C 285 -20.62 31.74 -32.10
N SER C 286 -21.25 30.68 -31.58
CA SER C 286 -21.98 30.79 -30.32
C SER C 286 -21.06 31.10 -29.15
N PHE C 287 -19.83 30.61 -29.18
CA PHE C 287 -18.87 30.85 -28.10
C PHE C 287 -18.32 32.27 -28.07
N GLU C 288 -18.81 33.14 -28.95
CA GLU C 288 -18.36 34.54 -29.06
C GLU C 288 -16.85 34.67 -28.93
N ILE C 289 -16.14 33.94 -29.79
CA ILE C 289 -14.69 33.97 -29.83
C ILE C 289 -14.26 34.67 -31.12
N ASN C 290 -12.95 34.90 -31.24
CA ASN C 290 -12.38 35.44 -32.47
C ASN C 290 -12.22 34.30 -33.46
N VAL C 291 -13.04 34.29 -34.51
CA VAL C 291 -13.05 33.24 -35.51
C VAL C 291 -13.12 33.85 -36.89
N SER C 292 -12.38 33.26 -37.84
CA SER C 292 -12.40 33.69 -39.23
C SER C 292 -12.76 32.49 -40.09
N VAL C 293 -13.84 32.61 -40.86
CA VAL C 293 -14.38 31.51 -41.64
C VAL C 293 -14.25 31.84 -43.12
N ALA C 294 -13.76 30.88 -43.90
CA ALA C 294 -13.64 31.02 -45.35
C ALA C 294 -14.34 29.86 -46.02
N ILE C 295 -15.18 30.16 -47.01
CA ILE C 295 -15.95 29.16 -47.74
C ILE C 295 -15.38 29.06 -49.14
N ILE C 296 -14.97 27.85 -49.53
CA ILE C 296 -14.43 27.57 -50.85
C ILE C 296 -15.10 26.31 -51.35
N THR C 297 -16.17 26.46 -52.13
CA THR C 297 -16.77 25.32 -52.81
C THR C 297 -15.91 24.97 -54.02
N PHE C 298 -15.53 23.70 -54.14
CA PHE C 298 -14.52 23.29 -55.10
C PHE C 298 -15.05 22.27 -56.09
N ALA C 299 -14.53 22.35 -57.30
CA ALA C 299 -14.84 21.46 -58.41
C ALA C 299 -13.58 21.38 -59.27
N SER C 300 -13.73 20.97 -60.53
CA SER C 300 -12.62 20.94 -61.49
C SER C 300 -11.77 22.20 -61.44
N GLU C 301 -12.39 23.32 -61.07
CA GLU C 301 -11.67 24.54 -60.76
C GLU C 301 -12.09 25.04 -59.39
N PRO C 302 -11.22 25.76 -58.67
CA PRO C 302 -11.60 26.24 -57.34
C PRO C 302 -12.27 27.60 -57.39
N LYS C 303 -13.46 27.70 -56.79
CA LYS C 303 -14.19 28.95 -56.72
C LYS C 303 -14.28 29.39 -55.26
N VAL C 304 -13.87 30.63 -54.99
CA VAL C 304 -13.87 31.19 -53.65
C VAL C 304 -15.14 32.00 -53.47
N LEU C 305 -15.91 31.68 -52.43
CA LEU C 305 -17.13 32.43 -52.13
C LEU C 305 -16.92 33.53 -51.11
N MET C 306 -15.96 33.37 -50.20
CA MET C 306 -15.71 34.39 -49.20
C MET C 306 -14.28 34.23 -48.69
N SER C 307 -13.62 35.35 -48.42
CA SER C 307 -12.19 35.37 -48.16
C SER C 307 -11.92 35.60 -46.68
N VAL C 308 -10.99 34.80 -46.13
CA VAL C 308 -10.56 35.02 -44.76
C VAL C 308 -9.79 36.33 -44.64
N LEU C 309 -9.04 36.69 -45.68
CA LEU C 309 -8.34 37.98 -45.69
C LEU C 309 -9.32 39.15 -45.63
N ASN C 310 -10.53 38.95 -46.13
CA ASN C 310 -11.53 40.01 -46.11
C ASN C 310 -11.94 40.29 -44.66
N ASP C 311 -12.16 41.58 -44.35
CA ASP C 311 -12.44 41.99 -42.99
C ASP C 311 -13.83 41.59 -42.51
N ASN C 312 -14.70 41.10 -43.40
CA ASN C 312 -16.05 40.72 -43.03
C ASN C 312 -16.15 39.27 -42.58
N SER C 313 -15.03 38.55 -42.49
CA SER C 313 -15.07 37.16 -42.05
C SER C 313 -15.40 37.02 -40.57
N ARG C 314 -15.39 38.12 -39.82
CA ARG C 314 -15.72 38.11 -38.40
C ARG C 314 -17.17 38.51 -38.14
N ASP C 315 -18.07 38.22 -39.09
CA ASP C 315 -19.49 38.51 -38.94
C ASP C 315 -20.28 37.25 -39.30
N MET C 316 -21.18 36.84 -38.39
CA MET C 316 -21.93 35.61 -38.60
C MET C 316 -22.93 35.75 -39.73
N THR C 317 -23.71 36.84 -39.73
CA THR C 317 -24.77 36.98 -40.72
C THR C 317 -24.21 37.09 -42.13
N GLU C 318 -23.09 37.79 -42.30
CA GLU C 318 -22.49 37.91 -43.63
C GLU C 318 -22.04 36.57 -44.16
N VAL C 319 -21.38 35.76 -43.31
CA VAL C 319 -20.93 34.44 -43.74
C VAL C 319 -22.13 33.55 -44.06
N ILE C 320 -23.17 33.62 -43.23
CA ILE C 320 -24.38 32.82 -43.47
C ILE C 320 -25.00 33.19 -44.81
N SER C 321 -25.11 34.48 -45.08
CA SER C 321 -25.69 34.93 -46.35
C SER C 321 -24.82 34.50 -47.53
N SER C 322 -23.50 34.62 -47.40
CA SER C 322 -22.60 34.23 -48.48
C SER C 322 -22.72 32.74 -48.77
N LEU C 323 -22.79 31.91 -47.72
CA LEU C 323 -23.01 30.48 -47.93
C LEU C 323 -24.38 30.21 -48.53
N GLU C 324 -25.37 31.04 -48.19
CA GLU C 324 -26.71 30.86 -48.73
C GLU C 324 -26.75 31.07 -50.23
N ASN C 325 -25.90 31.95 -50.76
CA ASN C 325 -25.87 32.26 -52.19
C ASN C 325 -25.07 31.25 -53.00
N ALA C 326 -24.68 30.12 -52.42
CA ALA C 326 -23.96 29.10 -53.18
C ALA C 326 -24.90 28.44 -54.19
N ASN C 327 -24.33 28.07 -55.33
CA ASN C 327 -25.08 27.46 -56.42
C ASN C 327 -24.42 26.15 -56.84
N TYR C 328 -25.25 25.12 -57.05
CA TYR C 328 -24.75 23.84 -57.49
C TYR C 328 -24.42 23.83 -58.97
N LYS C 329 -25.17 24.60 -59.78
CA LYS C 329 -24.97 24.61 -61.22
C LYS C 329 -23.83 25.52 -61.66
N ASP C 330 -23.18 26.22 -60.72
CA ASP C 330 -22.09 27.12 -61.07
C ASP C 330 -20.87 26.37 -61.62
N HIS C 331 -20.82 25.05 -61.49
CA HIS C 331 -19.69 24.26 -61.96
C HIS C 331 -20.13 23.25 -63.01
N GLU C 332 -20.99 23.68 -63.93
CA GLU C 332 -21.45 22.78 -64.99
C GLU C 332 -20.35 22.56 -66.03
N ASN C 333 -19.56 23.59 -66.32
CA ASN C 333 -18.50 23.46 -67.32
C ASN C 333 -17.46 22.43 -66.87
N GLY C 334 -17.09 22.45 -65.60
CA GLY C 334 -16.20 21.45 -65.05
C GLY C 334 -16.81 20.71 -63.87
N THR C 335 -17.11 19.43 -64.06
CA THR C 335 -17.81 18.64 -63.06
C THR C 335 -16.91 17.60 -62.41
N GLY C 336 -15.60 17.69 -62.60
CA GLY C 336 -14.68 16.77 -61.94
C GLY C 336 -14.32 17.23 -60.54
N THR C 337 -13.90 16.27 -59.72
CA THR C 337 -13.50 16.53 -58.35
C THR C 337 -12.01 16.83 -58.31
N ASN C 338 -11.66 18.06 -57.93
CA ASN C 338 -10.27 18.51 -57.90
C ASN C 338 -9.92 18.96 -56.48
N THR C 339 -9.54 18.00 -55.64
CA THR C 339 -9.14 18.32 -54.27
C THR C 339 -7.89 19.19 -54.25
N TYR C 340 -6.98 18.97 -55.20
CA TYR C 340 -5.76 19.76 -55.24
C TYR C 340 -6.05 21.23 -55.50
N ALA C 341 -7.07 21.53 -56.31
CA ALA C 341 -7.43 22.92 -56.55
C ALA C 341 -7.87 23.61 -55.25
N ALA C 342 -8.73 22.93 -54.48
CA ALA C 342 -9.18 23.52 -53.22
C ALA C 342 -8.04 23.68 -52.23
N LEU C 343 -7.18 22.67 -52.13
CA LEU C 343 -6.06 22.76 -51.19
C LEU C 343 -5.10 23.87 -51.60
N ASN C 344 -4.86 24.03 -52.90
CA ASN C 344 -3.98 25.10 -53.36
C ASN C 344 -4.61 26.47 -53.17
N SER C 345 -5.94 26.58 -53.31
CA SER C 345 -6.61 27.84 -53.00
C SER C 345 -6.46 28.19 -51.52
N VAL C 346 -6.61 27.18 -50.65
CA VAL C 346 -6.42 27.41 -49.22
C VAL C 346 -4.98 27.83 -48.95
N TYR C 347 -4.02 27.19 -49.61
CA TYR C 347 -2.62 27.57 -49.45
C TYR C 347 -2.37 28.99 -49.93
N LEU C 348 -2.98 29.39 -51.05
CA LEU C 348 -2.82 30.75 -51.53
C LEU C 348 -3.38 31.75 -50.54
N MET C 349 -4.55 31.46 -49.98
CA MET C 349 -5.12 32.32 -48.94
C MET C 349 -4.17 32.44 -47.76
N MET C 350 -3.62 31.31 -47.31
CA MET C 350 -2.74 31.31 -46.15
C MET C 350 -1.45 32.07 -46.42
N ASN C 351 -0.87 31.89 -47.62
CA ASN C 351 0.34 32.62 -47.97
C ASN C 351 0.08 34.12 -48.07
N ASN C 352 -1.05 34.51 -48.64
CA ASN C 352 -1.39 35.93 -48.71
C ASN C 352 -1.55 36.52 -47.31
N GLN C 353 -2.17 35.77 -46.40
CA GLN C 353 -2.26 36.23 -45.01
C GLN C 353 -0.87 36.31 -44.39
N MET C 354 0.01 35.35 -44.69
CA MET C 354 1.35 35.32 -44.10
C MET C 354 2.17 36.52 -44.54
N ARG C 355 2.09 36.89 -45.83
CA ARG C 355 2.82 38.06 -46.30
C ARG C 355 2.32 39.33 -45.59
N LEU C 356 1.01 39.46 -45.44
CA LEU C 356 0.45 40.57 -44.69
C LEU C 356 0.78 40.41 -43.21
N LEU C 357 1.01 41.54 -42.53
CA LEU C 357 1.18 41.60 -41.08
C LEU C 357 2.55 41.03 -40.66
N GLY C 358 3.26 40.40 -41.59
CA GLY C 358 4.59 39.91 -41.30
C GLY C 358 4.61 38.55 -40.64
N MET C 359 5.45 37.65 -41.15
CA MET C 359 5.56 36.32 -40.57
C MET C 359 6.16 36.37 -39.17
N GLU C 360 7.16 37.23 -38.98
CA GLU C 360 7.86 37.29 -37.70
C GLU C 360 6.97 37.78 -36.56
N THR C 361 5.90 38.50 -36.87
CA THR C 361 5.00 39.00 -35.83
C THR C 361 4.29 37.85 -35.15
N MET C 362 4.15 37.96 -33.82
CA MET C 362 3.50 36.91 -33.04
C MET C 362 2.02 36.77 -33.39
N ALA C 363 1.41 37.81 -33.97
CA ALA C 363 0.00 37.73 -34.34
C ALA C 363 -0.26 36.59 -35.32
N TRP C 364 0.62 36.43 -36.31
CA TRP C 364 0.49 35.29 -37.22
C TRP C 364 0.88 33.98 -36.53
N GLN C 365 1.85 34.03 -35.62
CA GLN C 365 2.34 32.81 -34.98
C GLN C 365 1.27 32.18 -34.08
N GLU C 366 0.41 32.99 -33.47
CA GLU C 366 -0.62 32.49 -32.58
C GLU C 366 -1.86 32.00 -33.31
N ILE C 367 -1.89 32.10 -34.63
CA ILE C 367 -3.06 31.70 -35.41
C ILE C 367 -3.07 30.19 -35.58
N ARG C 368 -4.21 29.57 -35.26
CA ARG C 368 -4.44 28.16 -35.52
C ARG C 368 -5.34 28.00 -36.75
N HIS C 369 -5.27 26.83 -37.36
CA HIS C 369 -6.00 26.56 -38.59
C HIS C 369 -6.84 25.30 -38.44
N ALA C 370 -7.96 25.27 -39.17
CA ALA C 370 -8.85 24.11 -39.16
C ALA C 370 -9.53 24.06 -40.52
N ILE C 371 -9.24 23.00 -41.29
CA ILE C 371 -9.80 22.80 -42.62
C ILE C 371 -10.79 21.65 -42.54
N ILE C 372 -12.06 21.93 -42.84
CA ILE C 372 -13.12 20.94 -42.83
C ILE C 372 -13.57 20.70 -44.25
N LEU C 373 -13.35 19.49 -44.75
CA LEU C 373 -13.68 19.11 -46.12
C LEU C 373 -14.91 18.21 -46.08
N LEU C 374 -15.97 18.63 -46.75
CA LEU C 374 -17.19 17.82 -46.90
C LEU C 374 -17.20 17.28 -48.32
N THR C 375 -16.77 16.03 -48.48
CA THR C 375 -16.67 15.43 -49.80
C THR C 375 -16.68 13.92 -49.66
N ASP C 376 -16.89 13.24 -50.78
CA ASP C 376 -16.75 11.79 -50.83
C ASP C 376 -15.30 11.35 -50.97
N GLY C 377 -14.38 12.28 -51.24
CA GLY C 377 -12.97 11.99 -51.31
C GLY C 377 -12.45 11.60 -52.68
N LYS C 378 -13.33 11.22 -53.61
CA LYS C 378 -12.92 10.73 -54.92
C LYS C 378 -12.48 11.92 -55.77
N SER C 379 -11.22 12.32 -55.60
CA SER C 379 -10.61 13.37 -56.39
C SER C 379 -9.87 12.74 -57.57
N ASN C 380 -10.38 12.98 -58.78
CA ASN C 380 -9.95 12.25 -59.96
C ASN C 380 -8.93 12.98 -60.81
N MET C 381 -8.48 14.17 -60.40
CA MET C 381 -7.55 14.93 -61.23
C MET C 381 -6.96 16.04 -60.37
N GLY C 382 -5.94 16.70 -60.94
CA GLY C 382 -5.30 17.82 -60.30
C GLY C 382 -4.06 17.46 -59.50
N GLY C 383 -3.88 16.20 -59.14
CA GLY C 383 -2.73 15.79 -58.36
C GLY C 383 -3.10 15.20 -57.02
N SER C 384 -2.17 14.47 -56.41
CA SER C 384 -2.44 13.83 -55.14
C SER C 384 -2.60 14.87 -54.03
N PRO C 385 -3.52 14.66 -53.09
CA PRO C 385 -3.65 15.61 -51.97
C PRO C 385 -2.44 15.64 -51.06
N LYS C 386 -1.58 14.62 -51.10
CA LYS C 386 -0.44 14.57 -50.19
C LYS C 386 0.53 15.71 -50.45
N THR C 387 0.76 16.05 -51.71
CA THR C 387 1.67 17.16 -52.03
C THR C 387 1.16 18.47 -51.43
N ALA C 388 -0.13 18.75 -51.61
CA ALA C 388 -0.71 19.98 -51.08
C ALA C 388 -0.70 19.97 -49.56
N VAL C 389 -0.98 18.82 -48.95
CA VAL C 389 -0.98 18.73 -47.49
C VAL C 389 0.42 18.98 -46.94
N ASP C 390 1.44 18.39 -47.57
CA ASP C 390 2.82 18.63 -47.14
C ASP C 390 3.20 20.09 -47.32
N HIS C 391 2.74 20.72 -48.40
CA HIS C 391 2.97 22.16 -48.58
C HIS C 391 2.33 22.95 -47.45
N ILE C 392 1.10 22.58 -47.08
CA ILE C 392 0.39 23.26 -45.99
C ILE C 392 1.17 23.10 -44.68
N ARG C 393 1.68 21.90 -44.43
CA ARG C 393 2.46 21.69 -43.22
CA ARG C 393 2.46 21.68 -43.22
C ARG C 393 3.75 22.50 -43.24
N GLU C 394 4.39 22.60 -44.41
CA GLU C 394 5.69 23.28 -44.46
C GLU C 394 5.55 24.80 -44.32
N ILE C 395 4.45 25.38 -44.83
CA ILE C 395 4.31 26.83 -44.72
C ILE C 395 4.15 27.24 -43.25
N LEU C 396 3.45 26.43 -42.47
CA LEU C 396 3.28 26.66 -41.03
C LEU C 396 4.31 25.92 -40.18
N ASN C 397 5.31 25.29 -40.81
CA ASN C 397 6.35 24.52 -40.15
C ASN C 397 5.80 23.67 -39.00
N ILE C 398 4.80 22.86 -39.33
CA ILE C 398 4.11 22.03 -38.35
C ILE C 398 5.05 20.88 -37.98
N ASN C 399 5.78 21.04 -36.88
CA ASN C 399 6.66 20.01 -36.38
C ASN C 399 5.91 19.16 -35.35
N GLN C 400 6.65 18.33 -34.61
CA GLN C 400 6.02 17.57 -33.53
C GLN C 400 5.52 18.51 -32.43
N LYS C 401 6.31 19.52 -32.07
CA LYS C 401 5.92 20.43 -31.00
C LYS C 401 4.69 21.26 -31.39
N ARG C 402 4.62 21.70 -32.65
CA ARG C 402 3.52 22.52 -33.13
C ARG C 402 2.45 21.70 -33.85
N ASN C 403 2.24 20.45 -33.42
CA ASN C 403 1.30 19.57 -34.10
C ASN C 403 -0.15 20.01 -33.92
N ASP C 404 -0.42 20.89 -32.96
CA ASP C 404 -1.79 21.29 -32.64
C ASP C 404 -2.25 22.51 -33.42
N TYR C 405 -1.46 22.98 -34.39
CA TYR C 405 -1.79 24.19 -35.14
C TYR C 405 -2.36 23.90 -36.51
N LEU C 406 -2.73 22.65 -36.79
CA LEU C 406 -3.32 22.31 -38.09
C LEU C 406 -4.18 21.08 -37.92
N ASP C 407 -5.47 21.20 -38.22
CA ASP C 407 -6.42 20.10 -38.10
C ASP C 407 -7.20 19.99 -39.40
N ILE C 408 -7.06 18.85 -40.08
CA ILE C 408 -7.73 18.60 -41.35
C ILE C 408 -8.74 17.49 -41.13
N TYR C 409 -10.02 17.80 -41.37
CA TYR C 409 -11.10 16.84 -41.22
C TYR C 409 -11.64 16.45 -42.59
N ALA C 410 -12.32 15.31 -42.63
CA ALA C 410 -12.94 14.81 -43.86
C ALA C 410 -14.26 14.13 -43.47
N ILE C 411 -15.36 14.85 -43.59
CA ILE C 411 -16.67 14.38 -43.15
C ILE C 411 -17.52 14.15 -44.39
N GLY C 412 -17.95 12.91 -44.60
CA GLY C 412 -18.85 12.60 -45.68
C GLY C 412 -20.26 12.31 -45.18
N VAL C 413 -21.18 13.24 -45.41
CA VAL C 413 -22.53 13.17 -44.86
C VAL C 413 -23.52 13.06 -46.01
N GLY C 414 -24.39 12.06 -45.95
CA GLY C 414 -25.43 11.85 -46.94
C GLY C 414 -25.50 10.41 -47.38
N LYS C 415 -26.40 10.16 -48.33
CA LYS C 415 -26.59 8.82 -48.88
C LYS C 415 -25.45 8.41 -49.79
N LEU C 416 -24.63 9.37 -50.24
CA LEU C 416 -23.60 9.09 -51.24
C LEU C 416 -22.60 8.06 -50.73
N ASP C 417 -22.09 7.24 -51.64
CA ASP C 417 -21.06 6.28 -51.29
C ASP C 417 -19.75 7.00 -50.97
N VAL C 418 -19.07 6.53 -49.94
CA VAL C 418 -17.82 7.14 -49.48
C VAL C 418 -16.77 6.05 -49.35
N ASP C 419 -15.59 6.31 -49.90
CA ASP C 419 -14.46 5.41 -49.76
C ASP C 419 -13.78 5.69 -48.43
N TRP C 420 -13.91 4.76 -47.48
CA TRP C 420 -13.43 5.01 -46.13
C TRP C 420 -11.92 5.21 -46.10
N ARG C 421 -11.18 4.44 -46.90
CA ARG C 421 -9.73 4.57 -46.92
C ARG C 421 -9.31 5.95 -47.38
N GLU C 422 -9.95 6.46 -48.45
CA GLU C 422 -9.60 7.78 -48.97
C GLU C 422 -9.92 8.87 -47.97
N LEU C 423 -11.08 8.78 -47.31
CA LEU C 423 -11.44 9.78 -46.30
C LEU C 423 -10.46 9.75 -45.13
N ASN C 424 -10.07 8.55 -44.70
CA ASN C 424 -9.09 8.44 -43.62
C ASN C 424 -7.76 9.04 -44.04
N GLU C 425 -7.34 8.83 -45.29
CA GLU C 425 -6.07 9.38 -45.75
C GLU C 425 -6.13 10.89 -45.85
N LEU C 426 -7.28 11.44 -46.25
CA LEU C 426 -7.42 12.88 -46.36
C LEU C 426 -7.33 13.55 -44.99
N GLY C 427 -7.96 12.96 -43.98
CA GLY C 427 -7.93 13.55 -42.66
C GLY C 427 -6.55 13.49 -42.03
N SER C 428 -6.30 14.42 -41.12
CA SER C 428 -5.03 14.46 -40.42
C SER C 428 -4.90 13.24 -39.52
N LYS C 429 -3.65 12.83 -39.28
CA LYS C 429 -3.34 11.65 -38.48
C LYS C 429 -2.82 12.10 -37.13
N LYS C 430 -3.62 11.89 -36.09
CA LYS C 430 -3.22 12.19 -34.72
C LYS C 430 -3.43 10.96 -33.85
N ASP C 431 -2.71 10.92 -32.73
CA ASP C 431 -2.64 9.71 -31.93
C ASP C 431 -3.98 9.36 -31.29
N GLY C 432 -4.60 10.33 -30.61
CA GLY C 432 -5.75 10.01 -29.78
C GLY C 432 -7.06 10.66 -30.15
N GLU C 433 -7.35 10.77 -31.45
CA GLU C 433 -8.62 11.33 -31.90
C GLU C 433 -8.89 10.89 -33.32
N ARG C 434 -10.16 10.96 -33.71
CA ARG C 434 -10.60 10.62 -35.05
C ARG C 434 -10.86 11.90 -35.83
N HIS C 435 -10.36 11.96 -37.06
CA HIS C 435 -10.47 13.16 -37.88
C HIS C 435 -11.29 12.98 -39.15
N ALA C 436 -11.66 11.75 -39.51
CA ALA C 436 -12.49 11.49 -40.68
C ALA C 436 -13.69 10.66 -40.27
N PHE C 437 -14.87 11.10 -40.69
CA PHE C 437 -16.12 10.45 -40.32
C PHE C 437 -16.99 10.24 -41.55
N ILE C 438 -17.88 9.25 -41.47
CA ILE C 438 -18.94 9.05 -42.44
C ILE C 438 -20.26 9.02 -41.69
N LEU C 439 -21.26 9.74 -42.22
CA LEU C 439 -22.51 9.91 -41.49
C LEU C 439 -23.72 9.63 -42.39
N GLN C 440 -24.92 9.94 -41.91
CA GLN C 440 -26.14 9.67 -42.67
C GLN C 440 -26.99 10.92 -42.83
N ASP C 441 -26.99 11.80 -41.83
CA ASP C 441 -27.84 12.98 -41.86
C ASP C 441 -27.12 14.11 -41.13
N THR C 442 -27.85 15.17 -40.80
CA THR C 442 -27.27 16.36 -40.19
C THR C 442 -27.27 16.31 -38.66
N LYS C 443 -28.21 15.58 -38.05
CA LYS C 443 -28.23 15.48 -36.60
C LYS C 443 -27.02 14.71 -36.06
N ALA C 444 -26.66 13.62 -36.74
CA ALA C 444 -25.45 12.90 -36.37
C ALA C 444 -24.22 13.78 -36.54
N LEU C 445 -24.22 14.64 -37.56
CA LEU C 445 -23.12 15.58 -37.73
C LEU C 445 -23.10 16.60 -36.60
N HIS C 446 -24.27 17.02 -36.12
CA HIS C 446 -24.30 17.91 -34.97
C HIS C 446 -23.69 17.25 -33.74
N GLN C 447 -24.04 15.98 -33.50
CA GLN C 447 -23.45 15.25 -32.38
C GLN C 447 -21.93 15.14 -32.52
N VAL C 448 -21.47 14.73 -33.71
CA VAL C 448 -20.04 14.52 -33.90
C VAL C 448 -19.28 15.83 -33.79
N PHE C 449 -19.84 16.92 -34.33
CA PHE C 449 -19.22 18.24 -34.20
C PHE C 449 -19.22 18.69 -32.74
N GLU C 450 -20.23 18.31 -31.97
CA GLU C 450 -20.19 18.58 -30.53
C GLU C 450 -19.01 17.86 -29.90
N HIS C 451 -18.72 16.64 -30.33
CA HIS C 451 -17.51 15.99 -29.85
C HIS C 451 -16.23 16.56 -30.46
N MET C 452 -16.32 17.26 -31.60
CA MET C 452 -15.12 17.76 -32.27
C MET C 452 -14.57 19.06 -31.69
N LEU C 453 -15.04 19.49 -30.52
CA LEU C 453 -14.50 20.67 -29.85
C LEU C 453 -14.01 20.30 -28.46
N ASP C 454 -13.46 21.30 -27.77
CA ASP C 454 -13.02 21.15 -26.39
C ASP C 454 -13.04 22.52 -25.74
N VAL C 455 -14.00 22.75 -24.85
CA VAL C 455 -14.13 24.04 -24.19
C VAL C 455 -13.38 23.99 -22.86
N SER C 456 -12.61 22.92 -22.65
CA SER C 456 -11.93 22.73 -21.38
C SER C 456 -10.96 23.87 -21.10
N LYS C 457 -10.26 24.35 -22.13
CA LYS C 457 -9.31 25.43 -21.96
C LYS C 457 -9.97 26.78 -21.72
N LEU C 458 -11.29 26.88 -21.91
CA LEU C 458 -12.01 28.13 -21.67
C LEU C 458 -12.53 28.15 -20.24
N THR C 459 -12.18 29.21 -19.50
CA THR C 459 -12.53 29.30 -18.09
C THR C 459 -13.10 30.68 -17.70
N ASP C 460 -13.39 31.53 -18.67
CA ASP C 460 -13.96 32.83 -18.35
C ASP C 460 -15.43 32.70 -17.97
N THR C 461 -15.96 33.75 -17.33
CA THR C 461 -17.33 33.75 -16.83
C THR C 461 -18.27 34.06 -17.99
N ILE C 462 -18.60 33.01 -18.74
CA ILE C 462 -19.57 33.07 -19.83
C ILE C 462 -20.81 32.29 -19.39
N CYS C 463 -21.98 32.85 -19.67
CA CYS C 463 -23.24 32.23 -19.28
C CYS C 463 -23.79 31.37 -20.39
N GLY C 464 -24.58 30.37 -20.01
CA GLY C 464 -25.39 29.61 -20.96
C GLY C 464 -24.67 28.55 -21.74
N VAL C 465 -23.37 28.75 -21.99
CA VAL C 465 -22.62 27.79 -22.78
C VAL C 465 -22.58 26.45 -22.05
N GLY C 466 -22.87 25.38 -22.80
CA GLY C 466 -22.92 24.05 -22.22
C GLY C 466 -22.89 23.01 -23.32
N ASN C 467 -22.64 21.78 -22.91
CA ASN C 467 -22.56 20.67 -23.85
C ASN C 467 -23.92 20.43 -24.49
N MET C 468 -23.90 19.79 -25.66
CA MET C 468 -25.14 19.42 -26.33
C MET C 468 -25.12 18.01 -26.91
N SER C 469 -24.03 17.27 -26.79
CA SER C 469 -24.01 15.89 -27.24
C SER C 469 -24.74 15.00 -26.24
N ALA C 470 -25.35 13.93 -26.76
CA ALA C 470 -26.11 13.02 -25.92
C ALA C 470 -25.22 11.99 -25.23
N ASN C 471 -23.92 11.96 -25.52
CA ASN C 471 -22.99 11.02 -24.91
C ASN C 471 -22.20 11.63 -23.76
N ALA C 472 -22.58 12.81 -23.30
CA ALA C 472 -21.89 13.47 -22.20
C ALA C 472 -22.59 13.18 -20.87
N SER C 473 -21.90 13.49 -19.78
CA SER C 473 -22.49 13.30 -18.46
C SER C 473 -23.59 14.32 -18.21
N ASP C 474 -24.51 13.96 -17.33
CA ASP C 474 -25.69 14.80 -17.10
C ASP C 474 -25.32 16.18 -16.55
N GLN C 475 -24.21 16.27 -15.81
CA GLN C 475 -23.79 17.57 -15.30
C GLN C 475 -23.15 18.44 -16.38
N GLU C 476 -22.49 17.82 -17.37
CA GLU C 476 -21.89 18.60 -18.44
C GLU C 476 -22.93 19.31 -19.29
N ARG C 477 -24.08 18.67 -19.50
CA ARG C 477 -25.13 19.28 -20.32
C ARG C 477 -25.80 20.45 -19.61
N THR C 478 -25.84 20.44 -18.28
CA THR C 478 -26.42 21.52 -17.48
C THR C 478 -25.42 21.93 -16.41
N PRO C 479 -24.34 22.61 -16.80
CA PRO C 479 -23.33 23.01 -15.82
C PRO C 479 -23.83 23.97 -14.75
N TRP C 480 -24.90 24.72 -14.99
CA TRP C 480 -25.40 25.70 -14.04
C TRP C 480 -26.20 25.07 -12.90
N HIS C 481 -26.43 23.77 -12.93
CA HIS C 481 -27.26 23.10 -11.93
C HIS C 481 -26.46 22.89 -10.66
N VAL C 482 -26.88 23.52 -9.56
CA VAL C 482 -26.30 23.32 -8.25
C VAL C 482 -27.44 22.92 -7.31
N THR C 483 -27.07 22.35 -6.17
CA THR C 483 -28.05 21.83 -5.24
C THR C 483 -27.75 22.29 -3.82
N ILE C 484 -28.81 22.42 -3.03
CA ILE C 484 -28.73 22.89 -1.65
C ILE C 484 -29.00 21.72 -0.73
N LYS C 485 -28.10 21.49 0.22
CA LYS C 485 -28.23 20.39 1.17
C LYS C 485 -28.33 20.93 2.59
N PRO C 486 -29.50 20.92 3.22
CA PRO C 486 -29.60 21.41 4.60
C PRO C 486 -28.81 20.58 5.59
N LYS C 487 -29.12 19.29 5.69
CA LYS C 487 -28.39 18.39 6.60
C LYS C 487 -28.42 16.99 5.98
N SER C 488 -27.41 16.68 5.18
CA SER C 488 -27.26 15.37 4.55
C SER C 488 -28.50 14.96 3.77
N GLN C 489 -29.25 15.94 3.27
CA GLN C 489 -30.44 15.68 2.47
C GLN C 489 -30.40 16.53 1.22
N GLU C 490 -31.11 16.07 0.19
CA GLU C 490 -30.97 16.59 -1.15
C GLU C 490 -32.30 17.25 -1.52
N THR C 491 -32.51 18.47 -1.04
CA THR C 491 -33.85 19.04 -0.98
C THR C 491 -34.21 19.95 -2.16
N CYS C 492 -33.47 21.04 -2.33
CA CYS C 492 -33.83 22.05 -3.32
C CYS C 492 -32.69 22.27 -4.30
N ARG C 493 -33.05 22.57 -5.53
CA ARG C 493 -32.11 22.82 -6.62
C ARG C 493 -31.96 24.33 -6.82
N GLY C 494 -31.02 24.69 -7.67
CA GLY C 494 -30.76 26.09 -7.95
C GLY C 494 -30.12 26.28 -9.29
N ALA C 495 -29.65 27.50 -9.53
CA ALA C 495 -28.96 27.84 -10.77
C ALA C 495 -27.90 28.88 -10.48
N LEU C 496 -26.71 28.68 -11.04
CA LEU C 496 -25.63 29.64 -10.89
C LEU C 496 -25.90 30.83 -11.79
N ILE C 497 -26.00 32.03 -11.20
CA ILE C 497 -26.23 33.24 -11.98
C ILE C 497 -25.00 34.13 -12.06
N SER C 498 -23.92 33.77 -11.38
CA SER C 498 -22.69 34.56 -11.39
C SER C 498 -21.57 33.68 -10.85
N ASP C 499 -20.42 34.30 -10.59
CA ASP C 499 -19.29 33.57 -10.02
C ASP C 499 -19.60 33.08 -8.61
N GLN C 500 -20.35 33.86 -7.84
CA GLN C 500 -20.52 33.58 -6.41
C GLN C 500 -21.95 33.79 -5.96
N TRP C 501 -22.93 33.57 -6.83
CA TRP C 501 -24.32 33.76 -6.46
C TRP C 501 -25.16 32.60 -7.00
N VAL C 502 -26.25 32.32 -6.31
CA VAL C 502 -27.18 31.26 -6.67
C VAL C 502 -28.60 31.77 -6.43
N LEU C 503 -29.52 31.39 -7.31
CA LEU C 503 -30.91 31.80 -7.23
C LEU C 503 -31.76 30.57 -6.94
N THR C 504 -32.57 30.64 -5.88
CA THR C 504 -33.36 29.50 -5.44
C THR C 504 -34.71 29.98 -4.91
N ALA C 505 -35.66 29.05 -4.85
CA ALA C 505 -36.98 29.35 -4.32
C ALA C 505 -36.90 29.64 -2.83
N ALA C 506 -37.78 30.53 -2.36
CA ALA C 506 -37.73 31.02 -0.99
C ALA C 506 -38.45 30.13 0.01
N HIS C 507 -39.21 29.14 -0.45
CA HIS C 507 -39.90 28.24 0.47
C HIS C 507 -39.07 27.00 0.82
N CYS C 508 -37.84 26.90 0.31
CA CYS C 508 -36.91 25.90 0.83
C CYS C 508 -36.37 26.32 2.20
N PHE C 509 -36.09 27.61 2.37
CA PHE C 509 -35.57 28.13 3.64
C PHE C 509 -36.72 28.60 4.53
N ARG C 510 -37.59 27.65 4.86
CA ARG C 510 -38.81 27.99 5.60
C ARG C 510 -38.53 28.20 7.09
N ASP C 511 -37.86 27.25 7.72
CA ASP C 511 -37.66 27.25 9.17
C ASP C 511 -36.19 27.09 9.51
N GLY C 512 -35.34 27.87 8.83
CA GLY C 512 -33.92 27.85 9.12
C GLY C 512 -33.26 29.20 8.95
N ASN C 513 -32.58 29.66 9.99
CA ASN C 513 -31.80 30.89 9.93
C ASN C 513 -30.33 30.65 10.25
N ASP C 514 -29.94 29.43 10.55
CA ASP C 514 -28.55 29.07 10.80
C ASP C 514 -27.95 28.58 9.50
N HIS C 515 -27.32 29.50 8.76
CA HIS C 515 -26.72 29.15 7.48
C HIS C 515 -25.59 28.15 7.62
N SER C 516 -25.05 27.98 8.83
CA SER C 516 -24.07 26.94 9.07
C SER C 516 -24.71 25.57 8.92
N LEU C 517 -23.92 24.60 8.48
CA LEU C 517 -24.28 23.23 8.13
C LEU C 517 -25.02 23.18 6.80
N TRP C 518 -25.34 24.32 6.19
CA TRP C 518 -25.98 24.34 4.87
C TRP C 518 -24.88 24.34 3.81
N ARG C 519 -24.93 23.37 2.91
CA ARG C 519 -23.92 23.22 1.88
C ARG C 519 -24.56 23.21 0.51
N VAL C 520 -23.95 23.92 -0.43
CA VAL C 520 -24.39 23.97 -1.82
C VAL C 520 -23.47 23.05 -2.62
N ASN C 521 -24.02 21.98 -3.17
CA ASN C 521 -23.24 21.04 -3.95
C ASN C 521 -23.10 21.55 -5.38
N VAL C 522 -21.87 21.74 -5.83
CA VAL C 522 -21.58 22.26 -7.16
C VAL C 522 -20.78 21.22 -7.92
N GLY C 523 -21.09 21.07 -9.21
CA GLY C 523 -20.41 20.08 -10.02
C GLY C 523 -18.91 20.33 -10.09
N ASP C 524 -18.14 19.24 -10.16
CA ASP C 524 -16.70 19.31 -10.19
C ASP C 524 -16.17 18.45 -11.33
N PRO C 525 -15.15 18.91 -12.05
CA PRO C 525 -14.61 18.11 -13.16
C PRO C 525 -14.06 16.75 -12.75
N LYS C 526 -13.52 16.63 -11.54
CA LYS C 526 -12.86 15.39 -11.13
C LYS C 526 -13.86 14.41 -10.50
N SER C 527 -14.49 14.79 -9.39
CA SER C 527 -15.38 13.91 -8.67
C SER C 527 -16.78 13.95 -9.25
N GLN C 528 -17.45 12.80 -9.25
CA GLN C 528 -18.81 12.72 -9.75
C GLN C 528 -19.84 13.21 -8.74
N TRP C 529 -19.46 13.40 -7.48
CA TRP C 529 -20.38 13.89 -6.47
C TRP C 529 -20.27 15.39 -6.25
N GLY C 530 -19.31 16.05 -6.87
CA GLY C 530 -19.22 17.50 -6.84
C GLY C 530 -18.50 18.02 -5.62
N LYS C 531 -18.23 19.33 -5.66
CA LYS C 531 -17.56 20.03 -4.57
C LYS C 531 -18.56 20.87 -3.80
N GLU C 532 -18.47 20.83 -2.47
CA GLU C 532 -19.44 21.47 -1.60
C GLU C 532 -18.93 22.83 -1.14
N PHE C 533 -19.78 23.84 -1.23
CA PHE C 533 -19.45 25.20 -0.86
C PHE C 533 -20.29 25.65 0.33
N LEU C 534 -19.81 26.67 1.02
CA LEU C 534 -20.49 27.26 2.16
C LEU C 534 -21.14 28.57 1.76
N ILE C 535 -22.33 28.84 2.29
CA ILE C 535 -23.06 30.05 2.00
C ILE C 535 -22.80 31.07 3.11
N GLU C 536 -22.52 32.32 2.71
CA GLU C 536 -22.22 33.37 3.67
C GLU C 536 -23.36 34.35 3.85
N LYS C 537 -24.30 34.40 2.91
CA LYS C 537 -25.42 35.34 3.01
C LYS C 537 -26.58 34.78 2.19
N ALA C 538 -27.70 34.50 2.86
CA ALA C 538 -28.92 34.07 2.20
C ALA C 538 -29.95 35.18 2.33
N VAL C 539 -30.47 35.64 1.19
CA VAL C 539 -31.39 36.77 1.14
C VAL C 539 -32.78 36.22 0.78
N ILE C 540 -33.76 36.52 1.62
CA ILE C 540 -35.12 36.06 1.46
C ILE C 540 -36.00 37.24 1.06
N SER C 541 -36.88 37.03 0.09
CA SER C 541 -37.77 38.08 -0.34
C SER C 541 -38.70 38.49 0.79
N PRO C 542 -38.74 39.76 1.17
CA PRO C 542 -39.59 40.18 2.30
C PRO C 542 -41.08 40.01 2.04
N GLY C 543 -41.50 39.94 0.79
CA GLY C 543 -42.90 39.80 0.45
C GLY C 543 -43.45 38.39 0.48
N PHE C 544 -42.63 37.41 0.86
CA PHE C 544 -43.04 36.02 0.85
C PHE C 544 -43.64 35.66 2.21
N ASP C 545 -44.90 35.20 2.19
CA ASP C 545 -45.56 34.73 3.40
C ASP C 545 -46.63 33.72 2.98
N VAL C 546 -46.40 32.44 3.30
CA VAL C 546 -47.27 31.38 2.82
C VAL C 546 -48.68 31.53 3.40
N PHE C 547 -48.77 31.83 4.68
CA PHE C 547 -50.05 31.86 5.39
C PHE C 547 -50.59 33.27 5.56
N ALA C 548 -50.13 34.23 4.76
CA ALA C 548 -50.61 35.60 4.87
C ALA C 548 -52.10 35.70 4.55
N LYS C 549 -52.55 35.00 3.50
CA LYS C 549 -53.96 34.99 3.12
C LYS C 549 -54.69 33.78 3.65
N LYS C 550 -54.27 33.26 4.81
CA LYS C 550 -54.92 32.09 5.38
C LYS C 550 -56.38 32.37 5.75
N ASN C 551 -56.64 33.53 6.35
CA ASN C 551 -58.00 33.83 6.80
C ASN C 551 -58.95 34.04 5.63
N GLN C 552 -58.46 34.63 4.55
CA GLN C 552 -59.31 34.90 3.39
C GLN C 552 -59.74 33.63 2.66
N GLY C 553 -59.16 32.48 2.98
CA GLY C 553 -59.47 31.22 2.33
C GLY C 553 -58.33 30.64 1.52
N ILE C 554 -57.22 31.35 1.38
CA ILE C 554 -56.07 30.88 0.64
C ILE C 554 -55.13 30.19 1.64
N LEU C 555 -55.10 28.86 1.61
CA LEU C 555 -54.27 28.13 2.56
C LEU C 555 -52.79 28.40 2.34
N GLU C 556 -52.34 28.42 1.09
CA GLU C 556 -50.97 28.79 0.77
C GLU C 556 -50.96 29.77 -0.40
N PHE C 557 -50.22 30.86 -0.24
CA PHE C 557 -50.02 31.84 -1.30
C PHE C 557 -48.51 31.98 -1.51
N TYR C 558 -48.06 31.77 -2.74
CA TYR C 558 -46.63 31.67 -3.04
C TYR C 558 -46.10 32.92 -3.75
N GLY C 559 -46.63 34.10 -3.41
CA GLY C 559 -46.11 35.32 -4.01
C GLY C 559 -44.72 35.65 -3.52
N ASP C 560 -43.93 36.26 -4.41
CA ASP C 560 -42.57 36.69 -4.09
C ASP C 560 -41.70 35.52 -3.62
N ASP C 561 -41.90 34.35 -4.23
CA ASP C 561 -41.19 33.13 -3.85
C ASP C 561 -39.84 33.10 -4.57
N ILE C 562 -38.85 33.76 -3.97
CA ILE C 562 -37.52 33.83 -4.56
C ILE C 562 -36.50 34.10 -3.46
N ALA C 563 -35.30 33.56 -3.62
CA ALA C 563 -34.23 33.79 -2.66
C ALA C 563 -32.90 33.75 -3.40
N LEU C 564 -31.90 34.41 -2.82
CA LEU C 564 -30.55 34.43 -3.37
C LEU C 564 -29.57 33.85 -2.36
N LEU C 565 -28.51 33.24 -2.88
CA LEU C 565 -27.46 32.66 -2.06
C LEU C 565 -26.11 33.18 -2.54
N LYS C 566 -25.25 33.51 -1.58
CA LYS C 566 -23.89 33.95 -1.89
C LYS C 566 -22.91 32.96 -1.28
N LEU C 567 -22.29 32.14 -2.11
CA LEU C 567 -21.31 31.19 -1.62
C LEU C 567 -20.11 31.93 -1.05
N ALA C 568 -19.53 31.35 0.01
CA ALA C 568 -18.39 31.98 0.68
C ALA C 568 -17.11 31.90 -0.13
N GLN C 569 -17.07 31.08 -1.17
CA GLN C 569 -15.88 30.91 -2.00
C GLN C 569 -16.26 31.08 -3.46
N LYS C 570 -15.34 31.66 -4.23
CA LYS C 570 -15.56 31.83 -5.66
C LYS C 570 -15.51 30.48 -6.37
N VAL C 571 -16.49 30.21 -7.21
CA VAL C 571 -16.54 28.97 -7.97
C VAL C 571 -15.64 29.10 -9.19
N LYS C 572 -14.63 28.24 -9.28
CA LYS C 572 -13.70 28.26 -10.40
C LYS C 572 -14.42 27.67 -11.61
N MET C 573 -14.73 28.53 -12.59
CA MET C 573 -15.45 28.08 -13.78
C MET C 573 -14.65 27.01 -14.51
N SER C 574 -15.35 25.96 -14.96
CA SER C 574 -14.74 24.85 -15.65
C SER C 574 -15.75 24.30 -16.64
N THR C 575 -15.51 23.09 -17.13
CA THR C 575 -16.46 22.47 -18.05
C THR C 575 -17.65 21.86 -17.33
N HIS C 576 -17.64 21.82 -15.99
CA HIS C 576 -18.71 21.22 -15.21
C HIS C 576 -19.54 22.21 -14.42
N ALA C 577 -19.24 23.51 -14.51
CA ALA C 577 -20.00 24.51 -13.77
C ALA C 577 -19.84 25.87 -14.45
N ARG C 578 -20.90 26.36 -15.08
CA ARG C 578 -20.91 27.66 -15.72
C ARG C 578 -22.23 28.35 -15.39
N PRO C 579 -22.26 29.68 -15.34
CA PRO C 579 -23.50 30.39 -15.03
C PRO C 579 -24.59 30.18 -16.08
N ILE C 580 -25.78 30.71 -15.82
CA ILE C 580 -26.89 30.66 -16.76
C ILE C 580 -27.29 32.10 -17.08
N CYS C 581 -27.60 32.35 -18.34
CA CYS C 581 -27.87 33.71 -18.80
C CYS C 581 -29.21 34.18 -18.24
N LEU C 582 -29.18 35.29 -17.51
CA LEU C 582 -30.43 35.92 -17.10
C LEU C 582 -30.80 37.02 -18.07
N PRO C 583 -32.09 37.20 -18.38
CA PRO C 583 -32.48 38.31 -19.26
C PRO C 583 -32.31 39.65 -18.57
N CYS C 584 -32.65 40.73 -19.28
CA CYS C 584 -32.54 42.10 -18.76
C CYS C 584 -31.10 42.44 -18.37
N THR C 585 -30.14 41.98 -19.17
CA THR C 585 -28.74 42.27 -18.88
C THR C 585 -27.96 42.33 -20.19
N MET C 586 -26.76 42.90 -20.10
CA MET C 586 -25.93 43.06 -21.29
C MET C 586 -25.53 41.72 -21.88
N GLU C 587 -25.17 40.75 -21.04
CA GLU C 587 -24.71 39.46 -21.54
C GLU C 587 -25.81 38.71 -22.28
N ALA C 588 -27.04 38.79 -21.77
CA ALA C 588 -28.17 38.18 -22.48
C ALA C 588 -28.39 38.84 -23.84
N ASN C 589 -28.23 40.16 -23.90
CA ASN C 589 -28.34 40.87 -25.17
C ASN C 589 -27.25 40.42 -26.14
N LEU C 590 -26.03 40.26 -25.65
CA LEU C 590 -24.93 39.82 -26.50
C LEU C 590 -25.15 38.39 -26.99
N ALA C 591 -25.64 37.51 -26.13
CA ALA C 591 -25.86 36.13 -26.50
C ALA C 591 -26.98 35.97 -27.52
N LEU C 592 -27.89 36.93 -27.61
CA LEU C 592 -28.98 36.87 -28.58
C LEU C 592 -28.65 37.61 -29.87
N ARG C 593 -27.43 38.18 -29.99
CA ARG C 593 -27.00 38.92 -31.17
C ARG C 593 -27.95 40.05 -31.50
N ARG C 594 -28.48 40.70 -30.46
CA ARG C 594 -29.41 41.81 -30.59
C ARG C 594 -28.66 43.13 -30.70
N PRO C 595 -29.30 44.17 -31.22
CA PRO C 595 -28.65 45.48 -31.30
C PRO C 595 -28.31 46.02 -29.91
N GLN C 596 -27.35 46.94 -29.90
CA GLN C 596 -26.85 47.48 -28.63
C GLN C 596 -27.95 48.21 -27.85
N GLY C 597 -28.75 49.01 -28.53
CA GLY C 597 -29.77 49.79 -27.86
C GLY C 597 -31.05 49.04 -27.58
N SER C 598 -30.94 47.85 -26.99
CA SER C 598 -32.11 47.04 -26.67
C SER C 598 -32.55 47.27 -25.22
N THR C 599 -33.81 46.95 -24.97
CA THR C 599 -34.40 47.04 -23.64
C THR C 599 -35.14 45.73 -23.35
N CYS C 600 -35.20 45.35 -22.07
CA CYS C 600 -35.76 44.06 -21.72
C CYS C 600 -37.23 43.93 -22.11
N ARG C 601 -37.92 45.05 -22.36
CA ARG C 601 -39.25 44.98 -22.94
C ARG C 601 -39.24 44.24 -24.26
N ASP C 602 -38.17 44.41 -25.05
CA ASP C 602 -38.00 43.62 -26.26
C ASP C 602 -37.55 42.19 -25.97
N HIS C 603 -36.76 42.00 -24.90
CA HIS C 603 -36.32 40.66 -24.53
C HIS C 603 -37.50 39.76 -24.19
N GLU C 604 -38.48 40.30 -23.48
CA GLU C 604 -39.64 39.51 -23.08
C GLU C 604 -40.39 38.97 -24.29
N ASN C 605 -40.58 39.80 -25.32
CA ASN C 605 -41.25 39.34 -26.53
C ASN C 605 -40.36 38.42 -27.36
N GLU C 606 -39.05 38.68 -27.39
CA GLU C 606 -38.15 37.83 -28.16
C GLU C 606 -38.10 36.42 -27.60
N LEU C 607 -38.09 36.29 -26.27
CA LEU C 607 -37.93 34.98 -25.64
C LEU C 607 -39.24 34.27 -25.37
N LEU C 608 -40.37 34.95 -25.42
CA LEU C 608 -41.66 34.33 -25.12
C LEU C 608 -42.72 34.77 -26.13
N ASN C 609 -42.36 34.77 -27.41
CA ASN C 609 -43.28 35.23 -28.45
C ASN C 609 -44.41 34.23 -28.67
N LYS C 610 -44.09 32.95 -28.80
CA LYS C 610 -45.07 31.94 -29.17
C LYS C 610 -46.10 31.75 -28.07
N GLN C 611 -47.29 31.29 -28.46
CA GLN C 611 -48.33 30.97 -27.50
C GLN C 611 -48.03 29.68 -26.73
N SER C 612 -47.08 28.88 -27.20
CA SER C 612 -46.64 27.68 -26.49
C SER C 612 -45.12 27.59 -26.69
N VAL C 613 -44.39 28.18 -25.75
CA VAL C 613 -42.92 28.27 -25.84
C VAL C 613 -42.34 26.99 -25.23
N PRO C 614 -41.56 26.22 -25.97
CA PRO C 614 -40.89 25.06 -25.36
C PRO C 614 -39.88 25.52 -24.30
N ALA C 615 -39.74 24.69 -23.26
CA ALA C 615 -38.82 24.99 -22.18
C ALA C 615 -38.43 23.67 -21.50
N HIS C 616 -37.39 23.73 -20.70
CA HIS C 616 -36.86 22.53 -20.04
C HIS C 616 -36.57 22.83 -18.58
N PHE C 617 -36.56 21.76 -17.78
CA PHE C 617 -36.09 21.81 -16.41
C PHE C 617 -35.44 20.48 -16.07
N VAL C 618 -34.56 20.50 -15.07
CA VAL C 618 -33.75 19.35 -14.74
C VAL C 618 -34.46 18.50 -13.69
N ALA C 619 -34.50 17.19 -13.91
CA ALA C 619 -35.16 16.26 -13.01
C ALA C 619 -34.27 15.96 -11.80
N LEU C 620 -34.76 15.10 -10.91
CA LEU C 620 -34.01 14.75 -9.72
C LEU C 620 -32.72 14.03 -10.07
N ASN C 621 -32.78 13.04 -10.96
CA ASN C 621 -31.60 12.27 -11.33
C ASN C 621 -30.63 13.05 -12.19
N GLY C 622 -31.01 14.23 -12.67
CA GLY C 622 -30.16 15.05 -13.50
C GLY C 622 -30.56 15.12 -14.96
N SER C 623 -31.54 14.32 -15.38
CA SER C 623 -31.99 14.36 -16.76
C SER C 623 -32.80 15.64 -17.02
N LYS C 624 -33.02 15.92 -18.30
CA LYS C 624 -33.71 17.13 -18.73
C LYS C 624 -35.05 16.75 -19.35
N LEU C 625 -36.12 17.37 -18.86
CA LEU C 625 -37.47 17.12 -19.33
C LEU C 625 -37.99 18.31 -20.13
N ASN C 626 -39.16 18.14 -20.72
CA ASN C 626 -39.73 19.14 -21.61
C ASN C 626 -41.08 19.61 -21.09
N ILE C 627 -41.30 20.92 -21.14
CA ILE C 627 -42.58 21.53 -20.79
C ILE C 627 -42.88 22.62 -21.81
N ASN C 628 -44.10 23.16 -21.75
CA ASN C 628 -44.55 24.19 -22.67
C ASN C 628 -45.15 25.34 -21.88
N LEU C 629 -44.43 26.47 -21.81
CA LEU C 629 -44.96 27.66 -21.15
C LEU C 629 -45.98 28.33 -22.06
N LYS C 630 -47.16 28.61 -21.51
CA LYS C 630 -48.27 29.15 -22.28
C LYS C 630 -48.55 30.59 -21.86
N MET C 631 -48.57 31.48 -22.84
CA MET C 631 -48.84 32.91 -22.64
C MET C 631 -50.13 33.29 -23.36
N GLY C 632 -50.43 34.58 -23.34
CA GLY C 632 -51.57 35.09 -24.08
C GLY C 632 -52.89 34.59 -23.55
N VAL C 633 -53.87 34.46 -24.46
CA VAL C 633 -55.19 33.99 -24.09
C VAL C 633 -55.14 32.56 -23.57
N GLU C 634 -54.15 31.78 -24.01
CA GLU C 634 -54.01 30.41 -23.53
C GLU C 634 -53.76 30.37 -22.02
N TRP C 635 -53.18 31.44 -21.47
CA TRP C 635 -52.94 31.50 -20.03
C TRP C 635 -54.24 31.60 -19.24
N THR C 636 -55.25 32.25 -19.81
CA THR C 636 -56.50 32.48 -19.08
C THR C 636 -57.16 31.16 -18.70
N SER C 637 -57.20 30.20 -19.63
CA SER C 637 -57.79 28.90 -19.33
C SER C 637 -57.00 28.14 -18.26
N CYS C 638 -55.67 28.32 -18.27
CA CYS C 638 -54.80 27.59 -17.36
C CYS C 638 -55.19 27.80 -15.89
N ALA C 639 -55.26 29.07 -15.46
CA ALA C 639 -55.52 29.36 -14.06
C ALA C 639 -56.90 28.90 -13.62
N GLU C 640 -57.84 28.76 -14.55
CA GLU C 640 -59.18 28.33 -14.19
C GLU C 640 -59.16 26.95 -13.54
N VAL C 641 -58.24 26.08 -13.97
CA VAL C 641 -58.16 24.72 -13.44
C VAL C 641 -57.89 24.74 -11.93
N VAL C 642 -57.19 25.76 -11.44
CA VAL C 642 -56.92 25.86 -10.00
C VAL C 642 -58.21 26.00 -9.21
N SER C 643 -59.22 26.68 -9.78
CA SER C 643 -60.48 26.87 -9.08
C SER C 643 -61.16 25.54 -8.76
N GLN C 644 -60.88 24.51 -9.55
CA GLN C 644 -61.44 23.18 -9.27
C GLN C 644 -60.93 22.66 -7.92
N GLU C 645 -59.66 22.86 -7.62
CA GLU C 645 -59.07 22.41 -6.36
C GLU C 645 -59.60 23.29 -5.23
N LYS C 646 -60.83 23.00 -4.81
CA LYS C 646 -61.42 23.66 -3.66
C LYS C 646 -61.22 22.87 -2.37
N THR C 647 -60.60 21.70 -2.44
CA THR C 647 -60.31 20.95 -1.22
C THR C 647 -59.27 21.63 -0.36
N MET C 648 -58.33 22.35 -0.99
CA MET C 648 -57.28 23.01 -0.24
C MET C 648 -57.64 24.46 0.07
N PHE C 649 -58.12 25.20 -0.92
CA PHE C 649 -58.69 26.54 -0.71
C PHE C 649 -60.17 26.51 -1.07
N PRO C 650 -61.07 26.56 -0.08
CA PRO C 650 -62.50 26.42 -0.38
C PRO C 650 -63.08 27.58 -1.20
N ASN C 651 -62.44 28.73 -1.23
CA ASN C 651 -63.00 29.90 -1.91
C ASN C 651 -63.02 29.68 -3.42
N LEU C 652 -63.54 30.68 -4.15
CA LEU C 652 -63.64 30.57 -5.60
C LEU C 652 -62.27 30.47 -6.24
N THR C 653 -61.30 31.24 -5.75
CA THR C 653 -59.90 31.16 -6.18
C THR C 653 -59.77 31.36 -7.69
N ASP C 654 -60.14 32.56 -8.15
CA ASP C 654 -59.92 32.93 -9.53
C ASP C 654 -58.45 33.29 -9.74
N VAL C 655 -58.12 33.70 -10.96
CA VAL C 655 -56.72 33.98 -11.29
C VAL C 655 -56.18 35.14 -10.47
N ARG C 656 -56.97 36.21 -10.31
CA ARG C 656 -56.46 37.40 -9.61
C ARG C 656 -56.10 37.09 -8.16
N GLU C 657 -56.74 36.09 -7.56
CA GLU C 657 -56.53 35.82 -6.14
C GLU C 657 -55.32 34.95 -5.88
N VAL C 658 -55.32 33.72 -6.42
CA VAL C 658 -54.29 32.76 -6.06
C VAL C 658 -53.15 32.75 -7.08
N VAL C 659 -53.45 32.73 -8.36
CA VAL C 659 -52.44 32.62 -9.42
C VAL C 659 -52.11 34.05 -9.87
N THR C 660 -51.18 34.68 -9.18
CA THR C 660 -50.76 36.02 -9.56
C THR C 660 -50.10 35.97 -10.95
N ASP C 661 -49.97 37.14 -11.57
CA ASP C 661 -49.40 37.24 -12.90
C ASP C 661 -47.94 36.79 -12.95
N GLN C 662 -47.29 36.65 -11.80
CA GLN C 662 -45.91 36.21 -11.68
C GLN C 662 -45.70 34.73 -12.00
N PHE C 663 -46.75 33.99 -12.34
CA PHE C 663 -46.66 32.56 -12.54
C PHE C 663 -46.93 32.20 -13.99
N LEU C 664 -46.29 31.11 -14.44
CA LEU C 664 -46.42 30.62 -15.80
C LEU C 664 -47.07 29.24 -15.81
N CYS C 665 -47.85 28.96 -16.85
CA CYS C 665 -48.48 27.66 -16.98
C CYS C 665 -47.46 26.59 -17.34
N SER C 666 -47.89 25.34 -17.17
CA SER C 666 -47.13 24.15 -17.53
C SER C 666 -48.01 22.94 -17.21
N GLY C 667 -47.52 21.76 -17.59
CA GLY C 667 -48.18 20.53 -17.20
C GLY C 667 -49.46 20.22 -17.94
N THR C 668 -49.72 20.89 -19.07
CA THR C 668 -50.93 20.66 -19.84
C THR C 668 -50.64 19.70 -20.99
N GLN C 669 -51.46 18.67 -21.12
CA GLN C 669 -51.37 17.67 -22.20
C GLN C 669 -50.02 16.97 -22.07
N GLU C 670 -49.23 16.88 -23.14
CA GLU C 670 -47.97 16.13 -23.11
C GLU C 670 -46.87 16.99 -22.49
N ASP C 671 -47.00 17.22 -21.19
CA ASP C 671 -46.02 17.97 -20.42
C ASP C 671 -45.75 17.24 -19.12
N GLU C 672 -44.49 17.26 -18.69
CA GLU C 672 -44.08 16.61 -17.45
C GLU C 672 -44.25 17.57 -16.27
N SER C 673 -44.30 16.99 -15.07
CA SER C 673 -44.43 17.75 -13.84
C SER C 673 -43.27 17.47 -12.92
N PRO C 674 -42.77 18.48 -12.20
CA PRO C 674 -41.68 18.24 -11.24
C PRO C 674 -42.16 17.41 -10.06
N CYS C 675 -41.24 16.62 -9.51
CA CYS C 675 -41.53 15.88 -8.28
C CYS C 675 -41.41 16.81 -7.09
N LYS C 676 -41.43 16.26 -5.89
CA LYS C 676 -41.19 17.04 -4.68
C LYS C 676 -39.71 16.92 -4.35
N GLY C 677 -39.04 18.06 -4.30
CA GLY C 677 -37.59 18.11 -4.25
C GLY C 677 -36.92 18.74 -5.45
N GLU C 678 -37.69 19.33 -6.37
CA GLU C 678 -37.15 20.04 -7.51
C GLU C 678 -37.50 21.53 -7.48
N ALA C 679 -37.85 22.06 -6.31
CA ALA C 679 -38.17 23.48 -6.22
C ALA C 679 -36.90 24.31 -6.36
N GLY C 680 -36.99 25.38 -7.14
CA GLY C 680 -35.86 26.25 -7.39
C GLY C 680 -35.11 25.96 -8.66
N GLY C 681 -35.25 24.75 -9.20
CA GLY C 681 -34.61 24.39 -10.45
C GLY C 681 -35.01 25.29 -11.59
N ALA C 682 -34.03 25.75 -12.36
CA ALA C 682 -34.30 26.73 -13.41
C ALA C 682 -35.19 26.14 -14.49
N VAL C 683 -36.16 26.94 -14.94
CA VAL C 683 -36.98 26.59 -16.10
C VAL C 683 -36.41 27.42 -17.25
N PHE C 684 -35.51 26.81 -18.01
CA PHE C 684 -34.74 27.51 -19.03
C PHE C 684 -35.25 27.17 -20.43
N LEU C 685 -34.68 27.86 -21.41
CA LEU C 685 -35.01 27.64 -22.82
C LEU C 685 -33.77 27.92 -23.65
N GLU C 686 -33.71 27.29 -24.82
CA GLU C 686 -32.54 27.37 -25.69
C GLU C 686 -32.82 28.26 -26.88
N ARG C 687 -31.92 29.21 -27.12
CA ARG C 687 -32.00 30.11 -28.27
C ARG C 687 -30.59 30.33 -28.81
N ARG C 688 -30.39 30.01 -30.09
CA ARG C 688 -29.11 30.18 -30.76
C ARG C 688 -27.99 29.48 -30.00
N PHE C 689 -28.26 28.24 -29.58
CA PHE C 689 -27.30 27.38 -28.87
C PHE C 689 -26.87 27.97 -27.52
N ARG C 690 -27.69 28.85 -26.93
CA ARG C 690 -27.39 29.43 -25.64
C ARG C 690 -28.62 29.33 -24.74
N PHE C 691 -28.40 29.03 -23.47
CA PHE C 691 -29.49 28.79 -22.52
C PHE C 691 -29.78 30.05 -21.73
N PHE C 692 -31.07 30.37 -21.60
CA PHE C 692 -31.54 31.52 -20.83
C PHE C 692 -32.56 31.05 -19.81
N GLN C 693 -32.58 31.70 -18.65
CA GLN C 693 -33.49 31.35 -17.57
C GLN C 693 -34.69 32.29 -17.60
N VAL C 694 -35.89 31.72 -17.68
CA VAL C 694 -37.11 32.51 -17.75
C VAL C 694 -38.08 32.07 -16.66
N GLY C 695 -37.56 31.59 -15.55
CA GLY C 695 -38.38 31.24 -14.41
C GLY C 695 -37.85 30.05 -13.64
N LEU C 696 -38.35 29.88 -12.41
CA LEU C 696 -37.95 28.81 -11.53
C LEU C 696 -39.19 28.14 -10.96
N VAL C 697 -39.12 26.81 -10.78
CA VAL C 697 -40.26 26.05 -10.30
C VAL C 697 -40.72 26.57 -8.95
N SER C 698 -42.02 26.73 -8.78
CA SER C 698 -42.60 27.24 -7.54
C SER C 698 -43.52 26.25 -6.85
N TRP C 699 -44.56 25.78 -7.52
CA TRP C 699 -45.51 24.86 -6.92
C TRP C 699 -46.30 24.18 -8.03
N GLY C 700 -47.23 23.32 -7.64
CA GLY C 700 -48.02 22.58 -8.58
C GLY C 700 -49.27 22.02 -7.96
N LEU C 701 -49.89 21.07 -8.67
CA LEU C 701 -51.13 20.44 -8.22
C LEU C 701 -51.06 18.92 -8.23
N TYR C 702 -49.89 18.34 -8.44
CA TYR C 702 -49.73 16.89 -8.44
C TYR C 702 -48.27 16.50 -8.34
N ASN C 703 -47.93 15.63 -7.39
CA ASN C 703 -46.55 15.18 -7.25
C ASN C 703 -46.43 13.80 -7.86
N PRO C 704 -45.77 13.66 -9.01
CA PRO C 704 -45.65 12.34 -9.65
C PRO C 704 -44.58 11.45 -9.06
N CYS C 705 -43.89 11.90 -8.01
CA CYS C 705 -42.88 11.10 -7.34
C CYS C 705 -43.36 10.57 -5.99
N LEU C 706 -44.68 10.57 -5.76
CA LEU C 706 -45.21 10.11 -4.48
C LEU C 706 -44.83 8.65 -4.23
N GLY C 707 -45.01 7.80 -5.23
CA GLY C 707 -44.57 6.43 -5.14
C GLY C 707 -43.06 6.34 -5.03
N SER C 708 -42.56 5.77 -3.95
CA SER C 708 -41.11 5.70 -3.72
C SER C 708 -40.50 4.48 -4.41
N ALA C 709 -40.74 4.35 -5.72
CA ALA C 709 -40.20 3.21 -6.47
C ALA C 709 -38.68 3.32 -6.57
N ASP C 710 -38.17 4.49 -6.94
CA ASP C 710 -36.77 4.89 -7.10
C ASP C 710 -36.75 6.40 -7.22
N LYS C 711 -35.54 6.95 -7.26
CA LYS C 711 -35.38 8.36 -7.58
C LYS C 711 -35.61 8.65 -9.06
N ASN C 712 -35.71 7.60 -9.88
CA ASN C 712 -35.86 7.70 -11.32
C ASN C 712 -37.30 7.52 -11.79
N SER C 713 -37.99 6.51 -11.27
CA SER C 713 -39.36 6.24 -11.72
C SER C 713 -40.28 7.41 -11.39
N ARG C 714 -41.11 7.78 -12.37
CA ARG C 714 -42.03 8.89 -12.25
C ARG C 714 -43.43 8.41 -12.61
N LYS C 715 -44.39 8.69 -11.74
CA LYS C 715 -45.77 8.29 -11.98
C LYS C 715 -46.40 9.16 -13.06
N ARG C 716 -47.48 8.66 -13.63
CA ARG C 716 -48.24 9.38 -14.65
C ARG C 716 -49.63 9.67 -14.12
N ALA C 717 -50.07 10.91 -14.24
CA ALA C 717 -51.38 11.31 -13.76
C ALA C 717 -52.47 10.63 -14.59
N PRO C 718 -53.41 9.92 -13.97
CA PRO C 718 -54.51 9.34 -14.74
C PRO C 718 -55.35 10.42 -15.41
N ARG C 719 -55.93 10.07 -16.56
CA ARG C 719 -56.78 11.02 -17.27
C ARG C 719 -58.02 11.37 -16.45
N SER C 720 -58.45 10.49 -15.56
CA SER C 720 -59.59 10.72 -14.70
C SER C 720 -59.22 11.31 -13.34
N LYS C 721 -57.95 11.61 -13.11
CA LYS C 721 -57.49 12.20 -11.86
C LYS C 721 -58.16 13.56 -11.69
N VAL C 722 -58.95 13.72 -10.62
CA VAL C 722 -59.94 14.80 -10.58
C VAL C 722 -59.31 16.18 -10.71
N PRO C 723 -58.24 16.53 -9.98
CA PRO C 723 -57.51 17.77 -10.28
C PRO C 723 -56.51 17.53 -11.40
N PRO C 724 -56.69 18.18 -12.55
CA PRO C 724 -55.71 18.04 -13.62
C PRO C 724 -54.38 18.64 -13.20
N PRO C 725 -53.26 18.07 -13.66
CA PRO C 725 -51.96 18.65 -13.34
C PRO C 725 -51.81 20.03 -13.94
N ARG C 726 -51.49 21.00 -13.08
CA ARG C 726 -51.33 22.40 -13.52
C ARG C 726 -50.26 23.03 -12.63
N ASP C 727 -49.02 22.99 -13.11
CA ASP C 727 -47.88 23.48 -12.35
C ASP C 727 -47.72 24.98 -12.56
N PHE C 728 -46.81 25.58 -11.81
CA PHE C 728 -46.59 27.01 -11.88
C PHE C 728 -45.11 27.29 -11.59
N HIS C 729 -44.62 28.40 -12.14
CA HIS C 729 -43.24 28.83 -11.95
C HIS C 729 -43.19 30.33 -11.80
N ILE C 730 -42.39 30.80 -10.84
CA ILE C 730 -42.18 32.24 -10.67
C ILE C 730 -41.57 32.80 -11.95
N ASN C 731 -42.13 33.91 -12.44
CA ASN C 731 -41.67 34.53 -13.67
C ASN C 731 -40.59 35.56 -13.34
N LEU C 732 -39.41 35.40 -13.93
CA LEU C 732 -38.27 36.24 -13.56
C LEU C 732 -38.46 37.68 -14.00
N PHE C 733 -39.13 37.89 -15.14
CA PHE C 733 -39.29 39.24 -15.67
C PHE C 733 -40.03 40.15 -14.69
N ARG C 734 -41.10 39.65 -14.08
CA ARG C 734 -41.88 40.45 -13.15
C ARG C 734 -41.08 40.81 -11.90
N MET C 735 -39.99 40.11 -11.62
CA MET C 735 -39.22 40.31 -10.40
C MET C 735 -37.97 41.15 -10.63
N GLN C 736 -37.89 41.85 -11.75
CA GLN C 736 -36.75 42.72 -12.03
C GLN C 736 -36.50 43.77 -10.96
N PRO C 737 -37.52 44.47 -10.42
CA PRO C 737 -37.22 45.44 -9.35
C PRO C 737 -36.52 44.82 -8.15
N TRP C 738 -36.88 43.59 -7.79
CA TRP C 738 -36.22 42.93 -6.67
C TRP C 738 -34.83 42.46 -7.06
N LEU C 739 -34.67 41.98 -8.30
CA LEU C 739 -33.37 41.46 -8.74
C LEU C 739 -32.32 42.56 -8.78
N ARG C 740 -32.64 43.70 -9.39
CA ARG C 740 -31.64 44.72 -9.68
C ARG C 740 -30.98 45.25 -8.41
N GLN C 741 -31.78 45.65 -7.42
CA GLN C 741 -31.22 46.26 -6.22
C GLN C 741 -30.40 45.27 -5.39
N HIS C 742 -30.55 43.97 -5.64
CA HIS C 742 -29.76 42.95 -4.95
C HIS C 742 -28.58 42.44 -5.78
N LEU C 743 -28.57 42.71 -7.09
CA LEU C 743 -27.49 42.24 -7.95
C LEU C 743 -27.02 43.32 -8.92
N GLY C 744 -27.22 44.59 -8.59
CA GLY C 744 -26.83 45.65 -9.50
C GLY C 744 -25.34 45.68 -9.76
N ASP C 745 -24.53 45.46 -8.72
CA ASP C 745 -23.08 45.50 -8.88
C ASP C 745 -22.55 44.25 -9.56
N VAL C 746 -23.13 43.08 -9.25
CA VAL C 746 -22.58 41.83 -9.76
C VAL C 746 -22.73 41.74 -11.27
N LEU C 747 -23.91 42.08 -11.78
CA LEU C 747 -24.20 42.03 -13.20
C LEU C 747 -24.34 43.45 -13.74
N ASN C 748 -24.71 43.55 -15.02
CA ASN C 748 -24.95 44.83 -15.69
C ASN C 748 -26.31 44.75 -16.35
N PHE C 749 -27.34 45.27 -15.68
CA PHE C 749 -28.70 45.21 -16.19
C PHE C 749 -28.94 46.34 -17.20
N LEU C 750 -29.91 46.10 -18.08
CA LEU C 750 -30.26 47.07 -19.11
C LEU C 750 -30.85 48.34 -18.52
N ALA D 757 -2.84 -23.92 -43.99
CA ALA D 757 -3.60 -23.80 -42.75
C ALA D 757 -3.58 -25.11 -41.97
N LEU D 758 -2.51 -25.35 -41.21
CA LEU D 758 -2.39 -26.59 -40.45
C LEU D 758 -3.46 -26.67 -39.36
N GLU D 759 -3.72 -25.57 -38.67
CA GLU D 759 -4.70 -25.51 -37.60
C GLU D 759 -5.82 -24.54 -37.97
N ILE D 760 -6.72 -24.32 -37.03
CA ILE D 760 -7.89 -23.48 -37.25
C ILE D 760 -7.48 -22.01 -37.24
N LEU D 761 -8.35 -21.14 -37.75
CA LEU D 761 -8.13 -19.70 -37.77
C LEU D 761 -9.37 -19.01 -37.23
N GLN D 762 -9.22 -18.26 -36.14
CA GLN D 762 -10.32 -17.49 -35.56
C GLN D 762 -10.22 -16.06 -36.06
N GLU D 763 -10.80 -15.83 -37.24
CA GLU D 763 -10.75 -14.53 -37.90
C GLU D 763 -12.06 -13.79 -37.69
N GLU D 764 -11.97 -12.50 -37.37
CA GLU D 764 -13.08 -11.57 -37.20
C GLU D 764 -14.00 -11.93 -36.04
N ASP D 765 -13.61 -12.88 -35.19
CA ASP D 765 -14.31 -13.14 -33.95
C ASP D 765 -13.54 -12.63 -32.73
N LEU D 766 -12.57 -11.75 -32.96
CA LEU D 766 -11.65 -11.26 -31.95
C LEU D 766 -12.19 -9.97 -31.33
N ILE D 767 -11.36 -9.33 -30.50
CA ILE D 767 -11.78 -8.10 -29.83
C ILE D 767 -11.93 -6.97 -30.86
N ASP D 768 -12.70 -5.95 -30.47
CA ASP D 768 -12.99 -4.83 -31.36
C ASP D 768 -11.72 -4.11 -31.78
N GLU D 769 -10.69 -4.13 -30.92
CA GLU D 769 -9.40 -3.45 -31.06
C GLU D 769 -9.51 -1.96 -30.77
N ASP D 770 -10.71 -1.40 -30.66
CA ASP D 770 -10.87 0.00 -30.28
C ASP D 770 -10.92 0.19 -28.77
N ASP D 771 -11.32 -0.84 -28.02
CA ASP D 771 -11.41 -0.76 -26.58
C ASP D 771 -10.11 -1.11 -25.88
N ILE D 772 -9.09 -1.54 -26.62
CA ILE D 772 -7.79 -1.88 -26.05
C ILE D 772 -6.99 -0.60 -25.90
N PRO D 773 -6.64 -0.20 -24.67
CA PRO D 773 -5.88 1.04 -24.48
C PRO D 773 -4.49 0.94 -25.09
N VAL D 774 -3.96 2.08 -25.52
CA VAL D 774 -2.64 2.17 -26.12
C VAL D 774 -1.69 2.76 -25.09
N ARG D 775 -0.58 2.06 -24.85
CA ARG D 775 0.43 2.49 -23.90
C ARG D 775 1.56 3.17 -24.66
N SER D 776 1.78 4.46 -24.38
CA SER D 776 2.81 5.23 -25.07
C SER D 776 3.69 6.04 -24.14
N PHE D 777 3.33 6.19 -22.87
CA PHE D 777 4.13 6.97 -21.91
C PHE D 777 5.11 6.03 -21.23
N PHE D 778 6.38 6.13 -21.60
CA PHE D 778 7.45 5.29 -21.04
C PHE D 778 8.58 6.17 -20.54
N PRO D 779 8.38 6.90 -19.44
CA PRO D 779 9.46 7.73 -18.90
C PRO D 779 10.38 6.92 -18.01
N GLU D 780 11.60 7.42 -17.86
CA GLU D 780 12.56 6.85 -16.93
C GLU D 780 12.47 7.46 -15.54
N ASN D 781 11.71 8.54 -15.38
CA ASN D 781 11.48 9.14 -14.08
C ASN D 781 10.26 10.05 -14.18
N TRP D 782 9.68 10.36 -13.04
CA TRP D 782 8.54 11.27 -12.97
C TRP D 782 8.41 11.75 -11.53
N LEU D 783 7.49 12.69 -11.33
CA LEU D 783 7.22 13.26 -10.00
C LEU D 783 8.47 13.98 -9.48
N TRP D 784 8.94 14.96 -10.26
CA TRP D 784 10.08 15.78 -9.88
C TRP D 784 9.64 17.10 -9.25
N ARG D 785 8.53 17.09 -8.51
CA ARG D 785 7.97 18.28 -7.92
C ARG D 785 8.41 18.41 -6.45
N VAL D 786 8.31 19.63 -5.94
CA VAL D 786 8.64 19.96 -4.56
C VAL D 786 7.38 20.49 -3.90
N GLU D 787 6.68 19.63 -3.17
CA GLU D 787 5.38 19.98 -2.59
C GLU D 787 5.55 20.22 -1.09
N THR D 788 5.10 21.38 -0.63
CA THR D 788 5.10 21.66 0.80
C THR D 788 4.06 20.81 1.51
N VAL D 789 4.26 20.60 2.80
CA VAL D 789 3.38 19.78 3.62
C VAL D 789 3.09 20.55 4.90
N ASP D 790 1.80 20.74 5.20
CA ASP D 790 1.38 21.36 6.46
C ASP D 790 0.99 20.28 7.47
N ARG D 791 2.00 19.50 7.88
CA ARG D 791 1.88 18.44 8.87
C ARG D 791 1.14 17.22 8.32
N PHE D 792 0.57 17.34 7.11
CA PHE D 792 -0.11 16.24 6.45
C PHE D 792 -0.47 16.68 5.04
N GLN D 793 -0.48 15.72 4.13
CA GLN D 793 -0.80 15.98 2.72
C GLN D 793 -0.99 14.66 2.02
N ILE D 794 -1.94 14.61 1.09
CA ILE D 794 -2.19 13.44 0.26
C ILE D 794 -2.07 13.85 -1.20
N LEU D 795 -1.23 13.14 -1.95
CA LEU D 795 -1.01 13.39 -3.36
C LEU D 795 -1.50 12.19 -4.17
N THR D 796 -2.08 12.47 -5.34
CA THR D 796 -2.55 11.44 -6.24
C THR D 796 -1.58 11.31 -7.41
N LEU D 797 -1.18 10.08 -7.71
CA LEU D 797 -0.21 9.81 -8.76
C LEU D 797 -0.86 8.94 -9.83
N TRP D 798 -0.66 9.31 -11.09
CA TRP D 798 -1.11 8.51 -12.23
C TRP D 798 0.11 7.77 -12.76
N LEU D 799 0.19 6.48 -12.47
CA LEU D 799 1.37 5.70 -12.82
C LEU D 799 1.56 5.67 -14.33
N PRO D 800 2.75 5.99 -14.85
CA PRO D 800 2.97 5.92 -16.29
C PRO D 800 2.87 4.49 -16.79
N ASP D 801 2.80 4.37 -18.12
CA ASP D 801 2.47 3.11 -18.78
C ASP D 801 3.66 2.15 -18.87
N SER D 802 4.73 2.39 -18.12
CA SER D 802 5.88 1.50 -18.11
C SER D 802 5.64 0.35 -17.13
N LEU D 803 6.21 -0.81 -17.46
CA LEU D 803 6.09 -2.01 -16.63
C LEU D 803 7.41 -2.23 -15.90
N THR D 804 7.58 -1.54 -14.78
CA THR D 804 8.78 -1.65 -13.95
C THR D 804 8.35 -1.63 -12.49
N THR D 805 9.31 -1.39 -11.60
CA THR D 805 9.05 -1.22 -10.18
C THR D 805 9.63 0.11 -9.74
N TRP D 806 8.78 1.14 -9.68
CA TRP D 806 9.22 2.48 -9.39
C TRP D 806 9.67 2.61 -7.94
N GLU D 807 10.76 3.33 -7.72
CA GLU D 807 11.24 3.66 -6.39
C GLU D 807 11.03 5.15 -6.16
N ILE D 808 10.28 5.48 -5.12
CA ILE D 808 9.88 6.85 -4.83
C ILE D 808 10.64 7.33 -3.61
N HIS D 809 11.51 8.33 -3.81
CA HIS D 809 12.29 8.91 -2.72
C HIS D 809 11.54 10.09 -2.11
N GLY D 810 12.21 10.83 -1.25
CA GLY D 810 11.63 12.03 -0.67
C GLY D 810 12.46 12.59 0.48
N LEU D 811 12.60 13.91 0.50
CA LEU D 811 13.37 14.62 1.52
C LEU D 811 12.44 15.53 2.31
N SER D 812 13.03 16.26 3.25
CA SER D 812 12.30 17.27 4.00
C SER D 812 13.24 18.42 4.33
N LEU D 813 12.67 19.61 4.47
CA LEU D 813 13.47 20.79 4.80
C LEU D 813 12.57 21.73 5.60
N SER D 814 12.64 21.61 6.92
CA SER D 814 11.81 22.38 7.83
C SER D 814 12.65 23.39 8.60
N LYS D 815 12.07 24.56 8.84
CA LYS D 815 12.80 25.62 9.54
C LYS D 815 13.03 25.32 11.01
N THR D 816 12.37 24.30 11.56
CA THR D 816 12.50 23.97 12.97
C THR D 816 12.88 22.51 13.23
N LYS D 817 13.10 21.71 12.18
CA LYS D 817 13.48 20.32 12.38
C LYS D 817 14.59 19.85 11.45
N GLY D 818 15.08 20.69 10.53
CA GLY D 818 16.19 20.31 9.70
C GLY D 818 15.83 19.29 8.62
N LEU D 819 16.87 18.73 8.02
CA LEU D 819 16.73 17.80 6.91
C LEU D 819 16.45 16.39 7.44
N CYS D 820 15.67 15.64 6.67
CA CYS D 820 15.35 14.25 7.03
C CYS D 820 14.90 13.51 5.79
N VAL D 821 15.66 12.51 5.38
CA VAL D 821 15.26 11.68 4.24
C VAL D 821 14.27 10.62 4.68
N ALA D 822 13.58 10.04 3.71
CA ALA D 822 12.55 9.04 3.97
C ALA D 822 12.90 7.75 3.24
N THR D 823 12.42 6.64 3.79
CA THR D 823 12.70 5.34 3.20
C THR D 823 12.01 5.24 1.84
N PRO D 824 12.74 4.91 0.77
CA PRO D 824 12.12 4.79 -0.54
C PRO D 824 11.02 3.73 -0.55
N VAL D 825 9.96 3.99 -1.30
CA VAL D 825 8.78 3.14 -1.33
C VAL D 825 8.77 2.43 -2.68
N GLN D 826 9.04 1.12 -2.65
CA GLN D 826 8.94 0.32 -3.87
C GLN D 826 7.48 0.20 -4.28
N LEU D 827 7.23 0.35 -5.57
CA LEU D 827 5.86 0.36 -6.10
C LEU D 827 5.89 -0.28 -7.48
N ARG D 828 5.56 -1.56 -7.54
CA ARG D 828 5.67 -2.31 -8.78
C ARG D 828 4.35 -2.31 -9.53
N VAL D 829 4.43 -2.41 -10.85
CA VAL D 829 3.26 -2.43 -11.72
C VAL D 829 3.30 -3.69 -12.55
N PHE D 830 2.12 -4.18 -12.95
CA PHE D 830 2.01 -5.45 -13.63
C PHE D 830 0.75 -5.47 -14.46
N ARG D 831 0.73 -6.34 -15.47
CA ARG D 831 -0.41 -6.41 -16.38
C ARG D 831 -1.00 -7.80 -16.48
N GLU D 832 -0.16 -8.83 -16.32
CA GLU D 832 -0.46 -10.26 -16.41
C GLU D 832 -0.63 -10.70 -17.85
N PHE D 833 -0.77 -9.78 -18.80
CA PHE D 833 -0.71 -10.09 -20.23
C PHE D 833 -0.39 -8.80 -20.97
N HIS D 834 0.76 -8.75 -21.64
CA HIS D 834 1.21 -7.50 -22.21
C HIS D 834 2.13 -7.77 -23.39
N LEU D 835 2.43 -6.70 -24.13
CA LEU D 835 3.36 -6.72 -25.24
C LEU D 835 4.61 -5.95 -24.83
N HIS D 836 5.77 -6.54 -25.08
CA HIS D 836 7.05 -5.90 -24.81
C HIS D 836 7.76 -5.66 -26.13
N LEU D 837 8.11 -4.40 -26.40
CA LEU D 837 8.79 -4.01 -27.63
C LEU D 837 10.03 -3.22 -27.28
N ARG D 838 11.18 -3.64 -27.84
CA ARG D 838 12.47 -3.02 -27.55
C ARG D 838 13.14 -2.69 -28.88
N LEU D 839 13.02 -1.42 -29.29
CA LEU D 839 13.65 -0.95 -30.51
C LEU D 839 15.11 -0.59 -30.24
N PRO D 840 15.96 -0.64 -31.27
CA PRO D 840 17.34 -0.19 -31.10
C PRO D 840 17.40 1.31 -30.92
N MET D 841 18.60 1.80 -30.61
CA MET D 841 18.80 3.23 -30.39
C MET D 841 18.44 4.03 -31.64
N SER D 842 19.01 3.64 -32.78
CA SER D 842 18.71 4.28 -34.06
C SER D 842 19.06 3.30 -35.16
N VAL D 843 18.47 3.51 -36.33
CA VAL D 843 18.69 2.66 -37.49
C VAL D 843 18.86 3.52 -38.72
N ARG D 844 19.85 3.19 -39.54
CA ARG D 844 20.04 3.87 -40.81
C ARG D 844 18.84 3.65 -41.72
N ARG D 845 18.41 4.71 -42.40
CA ARG D 845 17.30 4.59 -43.32
C ARG D 845 17.70 3.71 -44.51
N PHE D 846 16.73 2.96 -45.02
CA PHE D 846 16.82 2.00 -46.11
C PHE D 846 17.47 0.69 -45.68
N GLU D 847 17.90 0.56 -44.43
CA GLU D 847 18.53 -0.65 -43.93
C GLU D 847 17.48 -1.51 -43.25
N GLN D 848 17.34 -2.75 -43.70
CA GLN D 848 16.31 -3.63 -43.16
C GLN D 848 16.60 -3.98 -41.71
N LEU D 849 15.54 -4.01 -40.90
CA LEU D 849 15.64 -4.40 -39.50
C LEU D 849 14.52 -5.37 -39.19
N GLU D 850 14.60 -5.98 -38.01
CA GLU D 850 13.58 -6.91 -37.55
C GLU D 850 13.07 -6.49 -36.18
N LEU D 851 11.76 -6.33 -36.06
CA LEU D 851 11.12 -6.06 -34.78
C LEU D 851 10.68 -7.39 -34.16
N ARG D 852 10.93 -7.54 -32.87
CA ARG D 852 10.59 -8.78 -32.14
C ARG D 852 9.79 -8.45 -30.89
N PRO D 853 8.54 -8.00 -31.04
CA PRO D 853 7.66 -7.92 -29.87
C PRO D 853 7.37 -9.30 -29.30
N VAL D 854 7.31 -9.38 -27.98
CA VAL D 854 7.09 -10.64 -27.29
C VAL D 854 5.82 -10.52 -26.45
N LEU D 855 4.94 -11.51 -26.57
CA LEU D 855 3.73 -11.58 -25.77
C LEU D 855 4.03 -12.33 -24.48
N TYR D 856 3.66 -11.73 -23.36
CA TYR D 856 3.80 -12.38 -22.06
C TYR D 856 2.43 -12.77 -21.56
N ASN D 857 2.27 -14.06 -21.23
CA ASN D 857 0.98 -14.61 -20.80
C ASN D 857 1.19 -15.24 -19.44
N TYR D 858 0.94 -14.46 -18.38
CA TYR D 858 1.06 -14.94 -17.01
C TYR D 858 -0.26 -15.40 -16.45
N LEU D 859 -1.31 -15.46 -17.27
CA LEU D 859 -2.60 -15.96 -16.83
C LEU D 859 -2.55 -17.48 -16.68
N ASP D 860 -3.56 -18.02 -16.02
CA ASP D 860 -3.65 -19.45 -15.79
C ASP D 860 -4.38 -20.20 -16.91
N LYS D 861 -4.78 -19.51 -17.97
CA LYS D 861 -5.52 -20.12 -19.06
C LYS D 861 -4.73 -20.01 -20.36
N ASN D 862 -4.54 -21.16 -21.01
CA ASN D 862 -3.92 -21.21 -22.33
C ASN D 862 -4.70 -20.35 -23.31
N LEU D 863 -3.99 -19.56 -24.11
CA LEU D 863 -4.60 -18.49 -24.90
C LEU D 863 -4.27 -18.65 -26.39
N THR D 864 -4.77 -17.68 -27.17
CA THR D 864 -4.47 -17.55 -28.58
C THR D 864 -4.84 -16.14 -29.00
N VAL D 865 -3.91 -15.45 -29.69
CA VAL D 865 -4.07 -14.04 -30.04
C VAL D 865 -3.63 -13.82 -31.47
N SER D 866 -3.96 -12.64 -32.00
CA SER D 866 -3.56 -12.21 -33.32
C SER D 866 -2.81 -10.89 -33.20
N VAL D 867 -1.60 -10.84 -33.76
CA VAL D 867 -0.71 -9.70 -33.61
C VAL D 867 -0.44 -9.09 -34.98
N HIS D 868 -0.59 -7.77 -35.08
CA HIS D 868 -0.32 -7.05 -36.32
C HIS D 868 0.20 -5.67 -35.97
N VAL D 869 0.98 -5.11 -36.88
CA VAL D 869 1.54 -3.77 -36.73
C VAL D 869 0.78 -2.81 -37.64
N SER D 870 0.37 -1.68 -37.08
CA SER D 870 -0.44 -0.72 -37.83
C SER D 870 0.39 -0.05 -38.92
N PRO D 871 -0.02 -0.12 -40.18
CA PRO D 871 0.77 0.52 -41.24
C PRO D 871 0.82 2.03 -41.10
N VAL D 872 1.94 2.61 -41.51
CA VAL D 872 2.17 4.04 -41.42
C VAL D 872 3.08 4.45 -42.56
N GLU D 873 3.00 5.73 -42.94
CA GLU D 873 3.82 6.24 -44.03
C GLU D 873 5.29 6.22 -43.63
N GLY D 874 6.15 5.86 -44.60
CA GLY D 874 7.57 5.78 -44.37
C GLY D 874 8.09 4.41 -44.02
N LEU D 875 7.21 3.43 -43.77
CA LEU D 875 7.61 2.08 -43.44
C LEU D 875 7.16 1.14 -44.53
N CYS D 876 8.09 0.34 -45.06
CA CYS D 876 7.79 -0.64 -46.10
C CYS D 876 7.64 -2.01 -45.44
N LEU D 877 6.45 -2.26 -44.93
CA LEU D 877 6.14 -3.51 -44.27
C LEU D 877 6.11 -4.65 -45.29
N ALA D 878 5.89 -5.87 -44.78
CA ALA D 878 5.84 -7.06 -45.62
C ALA D 878 4.40 -7.52 -45.77
N GLY D 879 3.98 -7.76 -47.02
CA GLY D 879 2.61 -8.12 -47.32
C GLY D 879 1.69 -6.96 -47.60
N GLY D 880 2.16 -5.72 -47.42
CA GLY D 880 1.33 -4.56 -47.62
C GLY D 880 1.15 -3.73 -46.37
N GLY D 881 0.95 -4.39 -45.23
CA GLY D 881 0.87 -3.68 -43.97
C GLY D 881 -0.30 -4.07 -43.10
N GLY D 882 -1.44 -4.43 -43.70
CA GLY D 882 -2.62 -4.74 -42.94
C GLY D 882 -2.72 -6.16 -42.43
N LEU D 883 -1.80 -7.03 -42.81
CA LEU D 883 -1.90 -8.44 -42.46
C LEU D 883 -1.57 -8.66 -40.98
N ALA D 884 -2.13 -9.74 -40.43
CA ALA D 884 -1.95 -10.11 -39.04
C ALA D 884 -1.47 -11.55 -38.95
N GLN D 885 -0.71 -11.85 -37.90
CA GLN D 885 -0.14 -13.17 -37.67
C GLN D 885 -0.80 -13.81 -36.47
N GLN D 886 -1.27 -15.05 -36.65
CA GLN D 886 -1.86 -15.81 -35.54
C GLN D 886 -0.75 -16.50 -34.75
N VAL D 887 -0.73 -16.24 -33.45
CA VAL D 887 0.26 -16.82 -32.54
C VAL D 887 -0.42 -17.13 -31.21
N LEU D 888 -0.10 -18.28 -30.64
CA LEU D 888 -0.72 -18.75 -29.41
C LEU D 888 0.33 -18.84 -28.32
N VAL D 889 -0.01 -18.32 -27.14
CA VAL D 889 0.89 -18.26 -25.98
C VAL D 889 0.36 -19.21 -24.92
N PRO D 890 1.08 -20.28 -24.57
CA PRO D 890 0.60 -21.19 -23.52
C PRO D 890 0.56 -20.50 -22.17
N ALA D 891 0.02 -21.23 -21.19
CA ALA D 891 -0.10 -20.69 -19.84
C ALA D 891 1.28 -20.48 -19.22
N GLY D 892 1.48 -19.30 -18.64
CA GLY D 892 2.76 -18.97 -18.02
C GLY D 892 3.94 -19.05 -18.96
N SER D 893 3.81 -18.49 -20.16
CA SER D 893 4.87 -18.58 -21.16
C SER D 893 4.87 -17.33 -22.02
N ALA D 894 5.88 -17.24 -22.88
CA ALA D 894 6.07 -16.10 -23.77
C ALA D 894 6.29 -16.61 -25.19
N ARG D 895 5.98 -15.75 -26.16
CA ARG D 895 6.19 -16.06 -27.57
C ARG D 895 6.57 -14.79 -28.31
N PRO D 896 7.59 -14.83 -29.14
CA PRO D 896 7.94 -13.67 -29.97
C PRO D 896 7.31 -13.76 -31.35
N VAL D 897 7.11 -12.59 -31.95
CA VAL D 897 6.68 -12.47 -33.33
C VAL D 897 7.65 -11.56 -34.06
N ALA D 898 8.12 -11.99 -35.22
CA ALA D 898 9.11 -11.27 -36.00
C ALA D 898 8.41 -10.46 -37.09
N PHE D 899 8.79 -9.19 -37.23
CA PHE D 899 8.24 -8.30 -38.24
C PHE D 899 9.40 -7.63 -38.97
N SER D 900 9.67 -8.06 -40.18
CA SER D 900 10.70 -7.41 -40.99
C SER D 900 10.21 -6.06 -41.49
N VAL D 901 11.05 -5.03 -41.34
CA VAL D 901 10.67 -3.66 -41.67
C VAL D 901 11.90 -2.95 -42.18
N VAL D 902 11.76 -2.26 -43.30
CA VAL D 902 12.80 -1.39 -43.84
C VAL D 902 12.30 0.06 -43.78
N PRO D 903 12.78 0.85 -42.83
CA PRO D 903 12.27 2.22 -42.68
C PRO D 903 12.75 3.15 -43.78
N THR D 904 11.84 3.56 -44.66
CA THR D 904 12.16 4.46 -45.77
C THR D 904 11.79 5.90 -45.47
N ALA D 905 11.45 6.23 -44.24
CA ALA D 905 11.05 7.59 -43.89
C ALA D 905 12.28 8.50 -43.85
N ALA D 906 12.05 9.74 -43.42
CA ALA D 906 13.09 10.76 -43.41
C ALA D 906 13.69 10.99 -42.02
N ALA D 907 12.85 11.32 -41.03
CA ALA D 907 13.34 11.67 -39.71
C ALA D 907 12.94 10.64 -38.65
N ALA D 908 11.66 10.37 -38.49
CA ALA D 908 11.19 9.46 -37.45
C ALA D 908 9.81 8.96 -37.81
N VAL D 909 9.43 7.83 -37.20
CA VAL D 909 8.11 7.24 -37.34
C VAL D 909 7.62 6.83 -35.97
N SER D 910 6.32 6.53 -35.89
CA SER D 910 5.69 6.06 -34.66
C SER D 910 4.94 4.78 -34.99
N LEU D 911 5.55 3.63 -34.73
CA LEU D 911 4.98 2.35 -35.07
C LEU D 911 4.27 1.75 -33.87
N LYS D 912 3.08 1.20 -34.11
CA LYS D 912 2.22 0.62 -33.08
C LYS D 912 1.95 -0.83 -33.40
N VAL D 913 2.08 -1.69 -32.40
CA VAL D 913 1.80 -3.12 -32.55
C VAL D 913 0.64 -3.47 -31.63
N VAL D 914 -0.39 -4.13 -32.18
CA VAL D 914 -1.61 -4.43 -31.47
C VAL D 914 -1.80 -5.95 -31.44
N ALA D 915 -2.05 -6.48 -30.25
CA ALA D 915 -2.39 -7.88 -30.07
C ALA D 915 -3.81 -7.98 -29.52
N ARG D 916 -4.66 -8.72 -30.22
CA ARG D 916 -6.08 -8.84 -29.87
C ARG D 916 -6.44 -10.30 -29.69
N GLY D 917 -7.08 -10.61 -28.55
CA GLY D 917 -7.45 -11.96 -28.23
C GLY D 917 -8.86 -12.31 -28.68
N SER D 918 -9.34 -13.46 -28.20
CA SER D 918 -10.65 -13.96 -28.60
C SER D 918 -11.72 -13.44 -27.65
N PHE D 919 -12.98 -13.64 -28.06
CA PHE D 919 -14.10 -13.27 -27.20
C PHE D 919 -14.24 -14.25 -26.03
N GLU D 920 -13.81 -15.50 -26.21
CA GLU D 920 -13.81 -16.44 -25.10
C GLU D 920 -12.86 -15.99 -24.00
N PHE D 921 -11.67 -15.53 -24.37
CA PHE D 921 -10.69 -14.98 -23.44
C PHE D 921 -10.42 -13.54 -23.85
N PRO D 922 -11.16 -12.57 -23.31
CA PRO D 922 -11.05 -11.17 -23.77
C PRO D 922 -9.83 -10.44 -23.21
N VAL D 923 -8.69 -10.63 -23.89
CA VAL D 923 -7.43 -10.02 -23.49
C VAL D 923 -6.75 -9.42 -24.71
N GLY D 924 -5.89 -8.44 -24.45
CA GLY D 924 -5.13 -7.82 -25.52
C GLY D 924 -4.35 -6.64 -24.99
N ASP D 925 -3.46 -6.14 -25.83
CA ASP D 925 -2.64 -4.99 -25.47
C ASP D 925 -2.06 -4.38 -26.73
N ALA D 926 -1.90 -3.05 -26.72
CA ALA D 926 -1.32 -2.31 -27.82
C ALA D 926 -0.21 -1.42 -27.29
N VAL D 927 0.91 -1.39 -28.02
CA VAL D 927 2.08 -0.62 -27.63
C VAL D 927 2.53 0.22 -28.83
N SER D 928 2.67 1.53 -28.64
CA SER D 928 3.13 2.43 -29.68
C SER D 928 4.41 3.11 -29.22
N LYS D 929 5.45 3.02 -30.03
CA LYS D 929 6.75 3.58 -29.70
C LYS D 929 7.32 4.30 -30.92
N VAL D 930 8.15 5.30 -30.66
CA VAL D 930 8.73 6.12 -31.72
C VAL D 930 10.05 5.49 -32.16
N LEU D 931 10.17 5.22 -33.45
CA LEU D 931 11.39 4.67 -34.03
C LEU D 931 12.17 5.81 -34.67
N GLN D 932 13.32 6.13 -34.11
CA GLN D 932 14.15 7.22 -34.61
C GLN D 932 15.01 6.74 -35.76
N ILE D 933 15.19 7.62 -36.74
CA ILE D 933 16.03 7.36 -37.90
C ILE D 933 17.17 8.36 -37.89
N GLU D 934 18.40 7.86 -37.93
CA GLU D 934 19.57 8.72 -37.88
C GLU D 934 19.91 9.23 -39.29
N LYS D 935 20.72 10.29 -39.32
CA LYS D 935 21.04 10.94 -40.59
C LYS D 935 22.00 10.08 -41.41
N GLU D 936 21.90 10.25 -42.73
CA GLU D 936 22.73 9.46 -43.65
C GLU D 936 24.20 9.80 -43.48
N GLY D 937 25.04 8.77 -43.50
CA GLY D 937 26.48 8.96 -43.39
C GLY D 937 27.08 8.41 -42.12
N ALA D 938 28.01 9.16 -41.53
CA ALA D 938 28.67 8.75 -40.31
C ALA D 938 29.18 10.00 -39.60
N ILE D 939 29.55 9.84 -38.33
CA ILE D 939 30.06 10.93 -37.52
C ILE D 939 31.58 10.99 -37.69
N HIS D 940 32.07 12.17 -38.03
CA HIS D 940 33.51 12.40 -38.23
C HIS D 940 33.94 13.55 -37.33
N ARG D 941 35.00 13.34 -36.56
CA ARG D 941 35.51 14.32 -35.63
C ARG D 941 36.95 14.66 -35.98
N GLU D 942 37.23 15.95 -36.14
CA GLU D 942 38.57 16.44 -36.39
C GLU D 942 39.04 17.26 -35.20
N GLU D 943 40.23 16.94 -34.70
CA GLU D 943 40.83 17.63 -33.57
C GLU D 943 41.98 18.51 -34.03
N LEU D 944 42.04 19.72 -33.48
CA LEU D 944 43.11 20.66 -33.78
C LEU D 944 43.75 21.09 -32.46
N VAL D 945 44.85 20.43 -32.09
CA VAL D 945 45.58 20.79 -30.88
C VAL D 945 46.34 22.08 -31.15
N TYR D 946 46.49 22.90 -30.10
CA TYR D 946 47.01 24.25 -30.30
C TYR D 946 47.74 24.69 -29.04
N GLU D 947 49.05 24.90 -29.17
CA GLU D 947 49.84 25.40 -28.05
C GLU D 947 49.64 26.91 -27.92
N LEU D 948 49.77 27.39 -26.69
CA LEU D 948 49.57 28.81 -26.42
C LEU D 948 50.53 29.26 -25.33
N ASN D 949 51.24 30.36 -25.60
CA ASN D 949 52.19 30.94 -24.64
C ASN D 949 52.19 32.45 -24.82
N PRO D 950 51.39 33.17 -24.03
CA PRO D 950 51.35 34.63 -24.16
C PRO D 950 52.59 35.34 -23.66
N LEU D 951 53.63 34.61 -23.25
CA LEU D 951 54.89 35.23 -22.86
C LEU D 951 55.78 35.55 -24.05
N ASP D 952 55.33 35.24 -25.26
CA ASP D 952 56.09 35.48 -26.47
C ASP D 952 55.24 36.28 -27.46
N HIS D 953 55.91 37.05 -28.32
CA HIS D 953 55.20 37.89 -29.28
C HIS D 953 54.38 37.06 -30.26
N ARG D 954 54.92 35.92 -30.70
CA ARG D 954 54.26 35.12 -31.72
C ARG D 954 52.91 34.60 -31.25
N GLY D 955 52.83 34.16 -29.99
CA GLY D 955 51.59 33.60 -29.48
C GLY D 955 50.52 34.61 -29.14
N ARG D 956 50.81 35.91 -29.24
CA ARG D 956 49.86 36.94 -28.87
C ARG D 956 48.64 36.96 -29.79
N THR D 957 48.80 36.61 -31.06
CA THR D 957 47.71 36.56 -32.01
C THR D 957 47.90 35.35 -32.90
N LEU D 958 46.82 34.58 -33.10
CA LEU D 958 46.93 33.30 -33.79
C LEU D 958 45.66 33.04 -34.58
N GLU D 959 45.76 32.14 -35.55
CA GLU D 959 44.70 31.90 -36.52
C GLU D 959 44.44 30.40 -36.65
N ILE D 960 43.18 30.05 -36.87
CA ILE D 960 42.73 28.68 -37.01
C ILE D 960 42.25 28.47 -38.44
N PRO D 961 42.83 27.57 -39.21
CA PRO D 961 42.33 27.31 -40.56
C PRO D 961 41.10 26.42 -40.55
N GLY D 962 40.27 26.60 -41.59
CA GLY D 962 39.07 25.81 -41.74
C GLY D 962 39.34 24.43 -42.32
N ASN D 963 38.26 23.65 -42.42
CA ASN D 963 38.33 22.29 -42.95
C ASN D 963 37.80 22.29 -44.39
N SER D 964 38.64 21.83 -45.32
CA SER D 964 38.29 21.79 -46.74
C SER D 964 38.03 20.37 -47.23
N ASP D 965 37.72 19.45 -46.32
CA ASP D 965 37.44 18.07 -46.70
C ASP D 965 36.16 18.01 -47.52
N PRO D 966 36.18 17.48 -48.74
CA PRO D 966 34.97 17.42 -49.57
C PRO D 966 34.04 16.28 -49.25
N ASN D 967 34.27 15.55 -48.17
CA ASN D 967 33.41 14.44 -47.78
C ASN D 967 32.28 14.85 -46.84
N MET D 968 32.18 16.14 -46.53
CA MET D 968 31.14 16.61 -45.61
C MET D 968 29.78 16.63 -46.32
N ILE D 969 28.77 16.06 -45.67
CA ILE D 969 27.44 15.95 -46.27
C ILE D 969 26.77 17.32 -46.28
N PRO D 970 26.26 17.79 -47.43
CA PRO D 970 25.70 19.14 -47.48
C PRO D 970 24.56 19.37 -46.49
N ASP D 971 23.77 18.35 -46.21
CA ASP D 971 22.69 18.43 -45.23
C ASP D 971 23.08 17.84 -43.88
N GLY D 972 24.36 17.95 -43.50
CA GLY D 972 24.84 17.41 -42.25
C GLY D 972 24.64 18.38 -41.08
N ASP D 973 25.12 17.94 -39.92
CA ASP D 973 25.03 18.70 -38.69
C ASP D 973 26.44 19.11 -38.25
N PHE D 974 26.63 20.40 -38.02
CA PHE D 974 27.94 20.96 -37.69
C PHE D 974 27.97 21.37 -36.21
N ASN D 975 29.00 20.91 -35.50
CA ASN D 975 29.22 21.31 -34.12
C ASN D 975 30.69 21.61 -33.91
N SER D 976 30.97 22.61 -33.08
CA SER D 976 32.33 23.01 -32.76
C SER D 976 32.47 23.18 -31.25
N TYR D 977 33.62 22.79 -30.73
CA TYR D 977 33.90 22.87 -29.30
C TYR D 977 35.33 23.36 -29.09
N VAL D 978 35.50 24.31 -28.18
CA VAL D 978 36.81 24.82 -27.80
C VAL D 978 37.04 24.51 -26.33
N ARG D 979 38.21 23.97 -26.03
CA ARG D 979 38.61 23.66 -24.66
C ARG D 979 40.02 24.16 -24.44
N VAL D 980 40.22 24.94 -23.38
CA VAL D 980 41.51 25.57 -23.10
C VAL D 980 42.01 25.02 -21.77
N THR D 981 42.90 24.03 -21.85
CA THR D 981 43.47 23.39 -20.67
C THR D 981 44.75 24.12 -20.26
N ALA D 982 44.74 24.69 -19.06
CA ALA D 982 45.91 25.39 -18.53
C ALA D 982 46.70 24.43 -17.64
N SER D 983 47.96 24.22 -17.98
CA SER D 983 48.84 23.33 -17.24
C SER D 983 49.77 24.15 -16.36
N ASP D 984 49.75 23.88 -15.05
CA ASP D 984 50.59 24.60 -14.10
C ASP D 984 51.32 23.64 -13.18
N ALA D 994 63.61 29.93 7.18
CA ALA D 994 64.00 31.24 7.70
C ALA D 994 64.72 31.10 9.02
N LEU D 995 65.02 32.23 9.66
CA LEU D 995 65.67 32.21 10.95
C LEU D 995 64.74 31.59 12.00
N SER D 996 65.33 30.78 12.88
CA SER D 996 64.53 30.05 13.85
C SER D 996 63.82 31.03 14.80
N PRO D 997 62.55 30.77 15.13
CA PRO D 997 61.82 31.72 15.99
C PRO D 997 62.47 31.94 17.35
N GLY D 998 63.09 30.92 17.93
CA GLY D 998 63.66 31.07 19.26
C GLY D 998 64.80 32.07 19.30
N GLY D 999 65.72 31.98 18.33
CA GLY D 999 66.87 32.87 18.34
C GLY D 999 66.50 34.33 18.22
N VAL D 1000 65.59 34.65 17.30
CA VAL D 1000 65.14 36.02 17.13
C VAL D 1000 64.29 36.46 18.31
N ALA D 1001 63.53 35.54 18.91
CA ALA D 1001 62.69 35.90 20.06
C ALA D 1001 63.52 36.32 21.26
N SER D 1002 64.69 35.70 21.44
CA SER D 1002 65.51 36.02 22.61
C SER D 1002 65.99 37.46 22.61
N LEU D 1003 65.93 38.15 21.48
CA LEU D 1003 66.36 39.54 21.39
C LEU D 1003 65.44 40.50 22.12
N LEU D 1004 64.26 40.05 22.55
CA LEU D 1004 63.31 40.92 23.25
C LEU D 1004 63.79 41.09 24.68
N ARG D 1005 64.49 42.20 24.95
CA ARG D 1005 65.01 42.52 26.27
C ARG D 1005 64.56 43.91 26.66
N LEU D 1006 64.17 44.07 27.92
CA LEU D 1006 63.68 45.37 28.39
C LEU D 1006 64.82 46.38 28.41
N PRO D 1007 64.66 47.54 27.77
CA PRO D 1007 65.73 48.54 27.77
C PRO D 1007 65.99 49.10 29.16
N ARG D 1008 67.26 49.41 29.42
CA ARG D 1008 67.68 49.98 30.69
C ARG D 1008 69.04 50.64 30.49
N GLY D 1009 69.36 51.56 31.39
CA GLY D 1009 70.63 52.24 31.33
C GLY D 1009 70.54 53.70 30.94
N CYS D 1010 71.61 54.24 30.37
CA CYS D 1010 71.67 55.63 29.98
C CYS D 1010 71.07 55.80 28.58
N GLY D 1011 71.27 56.98 27.98
CA GLY D 1011 70.72 57.27 26.68
C GLY D 1011 71.26 56.41 25.56
N GLU D 1012 72.41 55.77 25.77
CA GLU D 1012 72.99 54.87 24.78
C GLU D 1012 72.61 53.42 25.02
N GLN D 1013 72.54 53.01 26.29
CA GLN D 1013 72.17 51.64 26.61
C GLN D 1013 70.72 51.34 26.22
N THR D 1014 69.84 52.33 26.28
CA THR D 1014 68.46 52.10 25.85
C THR D 1014 68.39 51.76 24.37
N MET D 1015 69.13 52.48 23.53
CA MET D 1015 69.24 52.10 22.12
C MET D 1015 69.91 50.75 21.95
N ILE D 1016 70.95 50.48 22.73
CA ILE D 1016 71.63 49.19 22.65
C ILE D 1016 70.64 48.05 22.86
N TYR D 1017 69.77 48.19 23.86
CA TYR D 1017 68.78 47.15 24.13
C TYR D 1017 67.65 47.15 23.11
N LEU D 1018 67.20 48.34 22.69
CA LEU D 1018 65.97 48.45 21.90
C LEU D 1018 66.19 48.01 20.46
N ALA D 1019 67.32 48.38 19.85
CA ALA D 1019 67.47 48.16 18.42
C ALA D 1019 67.33 46.69 18.03
N PRO D 1020 68.03 45.73 18.63
CA PRO D 1020 67.76 44.33 18.29
C PRO D 1020 66.35 43.90 18.67
N THR D 1021 65.79 44.45 19.74
CA THR D 1021 64.43 44.07 20.13
C THR D 1021 63.40 44.52 19.10
N LEU D 1022 63.48 45.78 18.67
CA LEU D 1022 62.55 46.25 17.65
C LEU D 1022 62.78 45.54 16.32
N ALA D 1023 64.03 45.25 15.98
CA ALA D 1023 64.31 44.48 14.78
C ALA D 1023 63.69 43.10 14.86
N ALA D 1024 63.80 42.44 16.02
CA ALA D 1024 63.21 41.11 16.19
C ALA D 1024 61.69 41.17 16.12
N SER D 1025 61.09 42.17 16.74
CA SER D 1025 59.64 42.32 16.68
C SER D 1025 59.18 42.51 15.24
N ARG D 1026 59.86 43.37 14.49
CA ARG D 1026 59.49 43.59 13.09
C ARG D 1026 59.69 42.34 12.25
N TYR D 1027 60.79 41.62 12.49
CA TYR D 1027 61.06 40.41 11.71
C TYR D 1027 60.00 39.35 11.96
N LEU D 1028 59.67 39.11 13.24
CA LEU D 1028 58.60 38.16 13.54
C LEU D 1028 57.27 38.63 12.97
N ASP D 1029 57.01 39.94 13.03
CA ASP D 1029 55.74 40.48 12.58
C ASP D 1029 55.56 40.29 11.08
N LYS D 1030 56.60 40.58 10.30
CA LYS D 1030 56.51 40.44 8.85
C LYS D 1030 56.60 38.99 8.41
N THR D 1031 57.38 38.17 9.11
CA THR D 1031 57.54 36.77 8.75
C THR D 1031 56.38 35.91 9.25
N GLU D 1032 55.55 36.44 10.16
CA GLU D 1032 54.40 35.72 10.70
C GLU D 1032 54.83 34.47 11.45
N GLN D 1033 55.74 34.65 12.41
CA GLN D 1033 56.19 33.57 13.28
C GLN D 1033 55.58 33.67 14.67
N TRP D 1034 54.62 34.56 14.88
CA TRP D 1034 53.97 34.67 16.19
C TRP D 1034 53.20 33.42 16.54
N SER D 1035 52.78 32.63 15.55
CA SER D 1035 52.03 31.42 15.81
C SER D 1035 52.85 30.37 16.56
N THR D 1036 54.17 30.51 16.60
CA THR D 1036 55.03 29.61 17.34
C THR D 1036 55.27 30.07 18.77
N LEU D 1037 54.75 31.24 19.16
CA LEU D 1037 54.91 31.77 20.49
C LEU D 1037 53.55 32.06 21.12
N PRO D 1038 53.45 32.04 22.45
CA PRO D 1038 52.15 32.33 23.08
C PRO D 1038 51.75 33.77 22.85
N PRO D 1039 50.45 34.06 22.83
CA PRO D 1039 50.00 35.45 22.61
C PRO D 1039 50.46 36.41 23.67
N GLU D 1040 50.76 35.93 24.87
CA GLU D 1040 51.29 36.81 25.91
C GLU D 1040 52.61 37.44 25.51
N THR D 1041 53.40 36.74 24.69
CA THR D 1041 54.69 37.29 24.23
C THR D 1041 54.48 38.54 23.39
N LYS D 1042 53.48 38.53 22.50
CA LYS D 1042 53.26 39.67 21.62
C LYS D 1042 52.92 40.92 22.41
N ASP D 1043 52.00 40.81 23.37
CA ASP D 1043 51.65 41.97 24.18
C ASP D 1043 52.83 42.40 25.05
N HIS D 1044 53.61 41.44 25.55
CA HIS D 1044 54.80 41.78 26.31
C HIS D 1044 55.79 42.57 25.46
N ALA D 1045 55.99 42.13 24.21
CA ALA D 1045 56.88 42.86 23.32
C ALA D 1045 56.34 44.25 23.01
N VAL D 1046 55.02 44.37 22.82
CA VAL D 1046 54.43 45.67 22.53
C VAL D 1046 54.63 46.63 23.70
N ASP D 1047 54.36 46.16 24.92
CA ASP D 1047 54.53 47.00 26.10
C ASP D 1047 56.00 47.35 26.31
N LEU D 1048 56.90 46.39 26.04
CA LEU D 1048 58.33 46.64 26.15
C LEU D 1048 58.77 47.73 25.18
N ILE D 1049 58.29 47.67 23.93
CA ILE D 1049 58.67 48.68 22.95
C ILE D 1049 58.06 50.03 23.30
N GLN D 1050 56.85 50.04 23.87
CA GLN D 1050 56.26 51.30 24.32
C GLN D 1050 57.08 51.93 25.43
N LYS D 1051 57.51 51.12 26.40
CA LYS D 1051 58.34 51.64 27.48
C LYS D 1051 59.68 52.14 26.94
N GLY D 1052 60.26 51.42 25.98
CA GLY D 1052 61.50 51.86 25.38
C GLY D 1052 61.36 53.18 24.63
N TYR D 1053 60.28 53.34 23.89
CA TYR D 1053 60.02 54.60 23.20
C TYR D 1053 59.85 55.74 24.21
N MET D 1054 59.12 55.48 25.31
CA MET D 1054 58.97 56.50 26.33
C MET D 1054 60.27 56.75 27.10
N ARG D 1055 61.23 55.82 27.03
CA ARG D 1055 62.47 55.97 27.79
C ARG D 1055 63.29 57.17 27.31
N ILE D 1056 63.37 57.38 26.00
CA ILE D 1056 64.21 58.46 25.47
C ILE D 1056 63.50 59.80 25.45
N GLN D 1057 62.21 59.85 25.80
CA GLN D 1057 61.50 61.12 25.80
C GLN D 1057 62.04 62.10 26.84
N GLN D 1058 62.66 61.59 27.91
CA GLN D 1058 63.24 62.47 28.90
C GLN D 1058 64.65 62.92 28.55
N PHE D 1059 65.29 62.30 27.56
CA PHE D 1059 66.64 62.68 27.13
C PHE D 1059 66.63 63.64 25.96
N ARG D 1060 65.45 64.03 25.47
CA ARG D 1060 65.37 64.95 24.33
C ARG D 1060 65.84 66.33 24.73
N LYS D 1061 66.52 67.01 23.81
CA LYS D 1061 67.00 68.36 24.03
C LYS D 1061 65.94 69.36 23.56
N ALA D 1062 66.31 70.64 23.51
CA ALA D 1062 65.36 71.66 23.10
C ALA D 1062 64.95 71.49 21.64
N ASP D 1063 65.91 71.18 20.77
CA ASP D 1063 65.66 71.04 19.33
C ASP D 1063 65.61 69.59 18.89
N GLY D 1064 65.26 68.68 19.79
CA GLY D 1064 65.20 67.26 19.44
C GLY D 1064 66.54 66.68 19.06
N SER D 1065 67.59 67.03 19.81
CA SER D 1065 68.92 66.52 19.50
C SER D 1065 69.07 65.05 19.87
N TYR D 1066 68.47 64.66 21.01
CA TYR D 1066 68.57 63.30 21.54
C TYR D 1066 70.03 62.89 21.74
N ALA D 1067 70.69 63.61 22.64
CA ALA D 1067 72.07 63.32 22.98
C ALA D 1067 72.16 62.15 23.96
N ALA D 1068 73.38 61.67 24.17
CA ALA D 1068 73.60 60.59 25.13
C ALA D 1068 73.26 61.03 26.55
N TRP D 1069 73.37 62.33 26.83
CA TRP D 1069 73.00 62.89 28.12
C TRP D 1069 72.41 64.29 27.90
N LEU D 1070 71.66 64.75 28.88
CA LEU D 1070 71.07 66.10 28.78
C LEU D 1070 72.16 67.16 28.74
N SER D 1071 73.19 67.02 29.57
CA SER D 1071 74.27 68.00 29.61
C SER D 1071 75.22 67.83 28.43
N ARG D 1072 75.48 66.59 28.02
CA ARG D 1072 76.44 66.35 26.95
C ARG D 1072 75.92 66.83 25.61
N ASP D 1073 76.84 67.05 24.68
CA ASP D 1073 76.49 67.50 23.35
C ASP D 1073 75.87 66.36 22.54
N SER D 1074 75.30 66.72 21.40
CA SER D 1074 74.57 65.77 20.57
C SER D 1074 75.51 65.06 19.61
N SER D 1075 74.94 64.18 18.79
CA SER D 1075 75.69 63.45 17.78
C SER D 1075 74.77 63.16 16.59
N THR D 1076 75.30 63.32 15.39
CA THR D 1076 74.48 63.13 14.19
C THR D 1076 74.00 61.68 14.08
N TRP D 1077 74.89 60.73 14.32
CA TRP D 1077 74.49 59.32 14.21
C TRP D 1077 73.43 58.97 15.24
N LEU D 1078 73.54 59.52 16.46
CA LEU D 1078 72.55 59.22 17.49
C LEU D 1078 71.18 59.76 17.10
N THR D 1079 71.13 60.98 16.57
CA THR D 1079 69.86 61.53 16.12
C THR D 1079 69.30 60.72 14.96
N ALA D 1080 70.16 60.29 14.03
CA ALA D 1080 69.69 59.48 12.91
C ALA D 1080 69.12 58.15 13.39
N PHE D 1081 69.80 57.50 14.33
CA PHE D 1081 69.33 56.22 14.85
C PHE D 1081 68.00 56.38 15.59
N VAL D 1082 67.90 57.44 16.42
CA VAL D 1082 66.66 57.69 17.14
C VAL D 1082 65.52 57.97 16.18
N LEU D 1083 65.78 58.78 15.14
CA LEU D 1083 64.75 59.08 14.16
C LEU D 1083 64.29 57.83 13.42
N LYS D 1084 65.24 56.98 13.01
CA LYS D 1084 64.89 55.75 12.31
C LYS D 1084 64.06 54.83 13.20
N VAL D 1085 64.47 54.67 14.45
CA VAL D 1085 63.74 53.79 15.37
C VAL D 1085 62.35 54.33 15.64
N LEU D 1086 62.22 55.64 15.87
CA LEU D 1086 60.92 56.23 16.12
C LEU D 1086 60.00 56.11 14.90
N SER D 1087 60.55 56.34 13.71
CA SER D 1087 59.75 56.19 12.49
C SER D 1087 59.29 54.75 12.29
N LEU D 1088 60.18 53.79 12.55
CA LEU D 1088 59.81 52.39 12.38
C LEU D 1088 58.87 51.90 13.47
N ALA D 1089 58.78 52.61 14.59
CA ALA D 1089 57.94 52.21 15.71
C ALA D 1089 56.73 53.10 15.90
N GLN D 1090 56.35 53.85 14.86
CA GLN D 1090 55.16 54.70 14.93
C GLN D 1090 53.88 53.98 14.52
N GLU D 1091 53.99 52.77 13.95
CA GLU D 1091 52.80 52.05 13.53
C GLU D 1091 52.04 51.44 14.71
N GLN D 1092 52.72 51.17 15.81
CA GLN D 1092 52.09 50.54 16.97
C GLN D 1092 51.55 51.56 17.97
N VAL D 1093 52.30 52.64 18.20
CA VAL D 1093 51.91 53.68 19.15
C VAL D 1093 51.94 55.02 18.43
N GLY D 1094 50.90 55.83 18.64
CA GLY D 1094 50.82 57.12 17.98
C GLY D 1094 51.47 58.25 18.75
N GLY D 1095 52.70 58.57 18.39
CA GLY D 1095 53.41 59.70 18.97
C GLY D 1095 53.33 60.91 18.06
N SER D 1096 53.35 62.09 18.68
CA SER D 1096 53.17 63.36 17.97
C SER D 1096 54.23 63.55 16.90
N PRO D 1097 53.85 63.52 15.62
CA PRO D 1097 54.83 63.76 14.55
C PRO D 1097 55.44 65.15 14.60
N GLU D 1098 54.72 66.12 15.16
CA GLU D 1098 55.25 67.47 15.30
C GLU D 1098 56.55 67.50 16.08
N LYS D 1099 56.75 66.53 16.98
CA LYS D 1099 58.02 66.40 17.68
C LYS D 1099 59.09 65.85 16.75
N LEU D 1100 58.73 64.93 15.86
CA LEU D 1100 59.67 64.39 14.88
C LEU D 1100 60.09 65.46 13.87
N GLN D 1101 59.23 66.46 13.64
CA GLN D 1101 59.60 67.55 12.74
C GLN D 1101 60.83 68.27 13.25
N GLU D 1102 60.92 68.51 14.56
CA GLU D 1102 62.08 69.19 15.12
C GLU D 1102 63.35 68.36 14.97
N THR D 1103 63.24 67.04 15.14
CA THR D 1103 64.41 66.18 14.94
C THR D 1103 64.88 66.24 13.50
N SER D 1104 63.95 66.16 12.55
CA SER D 1104 64.32 66.26 11.14
C SER D 1104 64.93 67.62 10.83
N ASN D 1105 64.41 68.68 11.45
CA ASN D 1105 64.97 70.02 11.25
C ASN D 1105 66.39 70.10 11.79
N TRP D 1106 66.64 69.51 12.96
CA TRP D 1106 67.99 69.50 13.51
C TRP D 1106 68.95 68.76 12.58
N LEU D 1107 68.49 67.64 12.01
CA LEU D 1107 69.34 66.91 11.06
C LEU D 1107 69.66 67.76 9.84
N LEU D 1108 68.68 68.50 9.33
CA LEU D 1108 68.91 69.36 8.16
C LEU D 1108 69.87 70.49 8.47
N SER D 1109 69.80 71.04 9.70
CA SER D 1109 70.61 72.20 10.04
C SER D 1109 72.10 71.92 10.02
N GLN D 1110 72.51 70.65 10.11
CA GLN D 1110 73.92 70.29 10.13
C GLN D 1110 74.46 69.93 8.76
N GLN D 1111 73.66 70.04 7.71
CA GLN D 1111 74.12 69.70 6.37
C GLN D 1111 75.19 70.69 5.90
N GLN D 1112 76.11 70.19 5.08
CA GLN D 1112 77.19 70.99 4.53
C GLN D 1112 76.83 71.46 3.12
N ALA D 1113 77.78 72.12 2.47
CA ALA D 1113 77.53 72.68 1.14
C ALA D 1113 77.24 71.58 0.13
N ASP D 1114 78.00 70.48 0.18
CA ASP D 1114 77.83 69.38 -0.76
C ASP D 1114 76.84 68.33 -0.28
N GLY D 1115 76.21 68.53 0.87
CA GLY D 1115 75.22 67.61 1.39
C GLY D 1115 75.73 66.69 2.47
N SER D 1116 76.98 66.82 2.89
CA SER D 1116 77.56 65.95 3.90
C SER D 1116 77.24 66.44 5.31
N PHE D 1117 77.55 65.62 6.29
CA PHE D 1117 77.35 65.93 7.69
C PHE D 1117 78.60 65.58 8.48
N GLN D 1118 78.82 66.28 9.58
CA GLN D 1118 79.98 66.07 10.45
C GLN D 1118 79.49 65.78 11.86
N ASP D 1119 80.06 64.73 12.47
CA ASP D 1119 79.69 64.35 13.82
C ASP D 1119 80.49 65.17 14.82
N PRO D 1120 79.86 66.01 15.64
CA PRO D 1120 80.61 66.80 16.62
C PRO D 1120 81.37 65.95 17.64
N CYS D 1121 80.80 64.82 18.06
CA CYS D 1121 81.42 63.96 19.06
C CYS D 1121 81.21 62.51 18.66
N PRO D 1122 82.26 61.68 18.70
CA PRO D 1122 82.09 60.26 18.38
C PRO D 1122 81.28 59.54 19.45
N VAL D 1123 80.64 58.45 19.03
CA VAL D 1123 79.85 57.65 19.95
C VAL D 1123 80.76 57.05 21.03
N LEU D 1124 80.23 56.91 22.24
CA LEU D 1124 81.02 56.42 23.37
C LEU D 1124 81.52 55.00 23.11
N ASP D 1125 80.64 54.12 22.61
CA ASP D 1125 81.01 52.74 22.32
C ASP D 1125 81.22 52.59 20.82
N ARG D 1126 82.42 52.20 20.43
CA ARG D 1126 82.77 52.11 19.02
C ARG D 1126 82.53 50.72 18.43
N SER D 1127 82.49 49.69 19.26
CA SER D 1127 82.28 48.33 18.77
C SER D 1127 80.84 48.07 18.35
N MET D 1128 79.90 48.90 18.80
CA MET D 1128 78.50 48.74 18.45
C MET D 1128 78.13 49.45 17.16
N GLN D 1129 79.06 50.20 16.57
CA GLN D 1129 78.77 50.97 15.37
C GLN D 1129 78.85 50.15 14.10
N GLY D 1130 79.38 48.93 14.17
CA GLY D 1130 79.45 48.07 13.01
C GLY D 1130 80.60 48.40 12.08
N GLY D 1131 80.32 48.42 10.78
CA GLY D 1131 81.31 48.67 9.76
C GLY D 1131 81.55 50.12 9.41
N LEU D 1132 81.02 51.06 10.20
CA LEU D 1132 81.24 52.48 9.92
C LEU D 1132 82.73 52.81 10.00
N VAL D 1133 83.43 52.28 11.00
CA VAL D 1133 84.86 52.53 11.13
C VAL D 1133 85.61 51.78 10.04
N GLY D 1134 86.64 52.42 9.51
CA GLY D 1134 87.43 51.82 8.45
C GLY D 1134 88.23 52.88 7.71
N ASN D 1135 88.46 52.63 6.42
CA ASN D 1135 89.20 53.58 5.59
C ASN D 1135 88.44 54.89 5.45
N ASP D 1136 87.12 54.81 5.26
CA ASP D 1136 86.28 55.99 5.11
C ASP D 1136 85.14 55.93 6.12
N GLU D 1137 84.84 57.08 6.73
CA GLU D 1137 83.77 57.18 7.73
C GLU D 1137 82.72 58.21 7.37
N THR D 1138 83.13 59.33 6.76
CA THR D 1138 82.17 60.40 6.49
C THR D 1138 81.12 59.96 5.48
N VAL D 1139 81.53 59.27 4.42
CA VAL D 1139 80.57 58.84 3.39
C VAL D 1139 79.55 57.89 3.98
N ALA D 1140 79.99 56.93 4.80
CA ALA D 1140 79.05 55.97 5.39
C ALA D 1140 78.11 56.67 6.37
N LEU D 1141 78.63 57.63 7.14
CA LEU D 1141 77.78 58.38 8.06
C LEU D 1141 76.71 59.17 7.31
N THR D 1142 77.11 59.83 6.22
CA THR D 1142 76.14 60.57 5.43
C THR D 1142 75.10 59.65 4.82
N ALA D 1143 75.53 58.49 4.32
CA ALA D 1143 74.58 57.53 3.75
C ALA D 1143 73.59 57.03 4.81
N PHE D 1144 74.09 56.75 6.01
CA PHE D 1144 73.20 56.30 7.08
C PHE D 1144 72.22 57.39 7.49
N VAL D 1145 72.69 58.64 7.56
CA VAL D 1145 71.78 59.74 7.92
C VAL D 1145 70.73 59.92 6.86
N THR D 1146 71.10 59.78 5.58
CA THR D 1146 70.11 59.87 4.51
C THR D 1146 69.10 58.73 4.61
N ILE D 1147 69.58 57.52 4.94
CA ILE D 1147 68.68 56.39 5.11
C ILE D 1147 67.68 56.67 6.22
N ALA D 1148 68.16 57.21 7.34
CA ALA D 1148 67.26 57.56 8.44
C ALA D 1148 66.26 58.63 8.03
N LEU D 1149 66.71 59.64 7.26
CA LEU D 1149 65.81 60.69 6.81
C LEU D 1149 64.73 60.14 5.90
N HIS D 1150 65.09 59.23 5.00
CA HIS D 1150 64.10 58.62 4.12
C HIS D 1150 63.09 57.79 4.89
N HIS D 1151 63.57 57.05 5.91
CA HIS D 1151 62.67 56.26 6.74
C HIS D 1151 61.67 57.15 7.46
N GLY D 1152 62.13 58.29 7.98
CA GLY D 1152 61.25 59.26 8.61
C GLY D 1152 60.43 60.10 7.66
N LEU D 1153 60.74 60.02 6.36
CA LEU D 1153 59.96 60.77 5.37
C LEU D 1153 58.55 60.22 5.23
N ALA D 1154 58.39 58.90 5.37
CA ALA D 1154 57.07 58.29 5.19
C ALA D 1154 56.08 58.78 6.23
N VAL D 1155 56.52 58.92 7.49
CA VAL D 1155 55.60 59.34 8.56
C VAL D 1155 55.28 60.81 8.52
N PHE D 1156 55.81 61.56 7.55
CA PHE D 1156 55.50 62.98 7.44
C PHE D 1156 54.03 63.18 7.15
N GLN D 1157 53.46 64.25 7.72
CA GLN D 1157 52.05 64.55 7.49
C GLN D 1157 51.81 64.92 6.03
N ASP D 1158 50.67 64.47 5.50
CA ASP D 1158 50.32 64.78 4.12
C ASP D 1158 49.99 66.25 3.91
N GLU D 1159 49.72 67.00 4.97
CA GLU D 1159 49.50 68.44 4.87
C GLU D 1159 50.36 69.16 5.90
N GLY D 1160 50.74 70.39 5.57
CA GLY D 1160 51.54 71.21 6.46
C GLY D 1160 53.03 70.98 6.28
N ALA D 1161 53.80 71.99 6.70
CA ALA D 1161 55.26 71.96 6.63
C ALA D 1161 55.76 71.64 5.22
N GLU D 1162 55.15 72.27 4.23
CA GLU D 1162 55.58 72.07 2.85
C GLU D 1162 57.02 72.51 2.60
N PRO D 1163 57.48 73.69 3.05
CA PRO D 1163 58.91 74.00 2.87
C PRO D 1163 59.83 72.99 3.53
N LEU D 1164 59.42 72.42 4.67
CA LEU D 1164 60.24 71.43 5.36
C LEU D 1164 60.46 70.20 4.49
N LYS D 1165 59.38 69.64 3.93
CA LYS D 1165 59.52 68.46 3.08
C LYS D 1165 60.24 68.80 1.78
N GLN D 1166 60.03 70.01 1.24
CA GLN D 1166 60.74 70.40 0.02
C GLN D 1166 62.25 70.47 0.26
N ARG D 1167 62.66 71.06 1.39
CA ARG D 1167 64.08 71.12 1.70
C ARG D 1167 64.64 69.76 2.06
N VAL D 1168 63.82 68.87 2.65
CA VAL D 1168 64.26 67.50 2.88
C VAL D 1168 64.54 66.81 1.55
N GLU D 1169 63.64 66.98 0.58
CA GLU D 1169 63.84 66.40 -0.74
C GLU D 1169 65.09 66.95 -1.41
N ALA D 1170 65.29 68.27 -1.32
CA ALA D 1170 66.50 68.86 -1.90
C ALA D 1170 67.76 68.31 -1.24
N SER D 1171 67.76 68.21 0.09
CA SER D 1171 68.92 67.70 0.81
C SER D 1171 69.22 66.26 0.43
N ILE D 1172 68.19 65.41 0.38
CA ILE D 1172 68.43 64.01 0.05
C ILE D 1172 68.90 63.88 -1.39
N SER D 1173 68.38 64.71 -2.30
CA SER D 1173 68.84 64.67 -3.68
C SER D 1173 70.31 65.06 -3.79
N LYS D 1174 70.71 66.12 -3.08
CA LYS D 1174 72.13 66.50 -3.07
C LYS D 1174 72.98 65.38 -2.48
N ALA D 1175 72.48 64.72 -1.44
CA ALA D 1175 73.24 63.63 -0.82
C ALA D 1175 73.38 62.44 -1.76
N ASN D 1176 72.33 62.11 -2.52
CA ASN D 1176 72.47 61.05 -3.51
C ASN D 1176 73.46 61.43 -4.60
N SER D 1177 73.46 62.70 -5.00
CA SER D 1177 74.45 63.15 -5.97
C SER D 1177 75.87 62.97 -5.43
N PHE D 1178 76.09 63.36 -4.18
CA PHE D 1178 77.40 63.21 -3.57
C PHE D 1178 77.80 61.75 -3.46
N LEU D 1179 76.86 60.89 -3.06
CA LEU D 1179 77.14 59.46 -2.93
C LEU D 1179 77.48 58.85 -4.28
N GLY D 1180 76.73 59.23 -5.33
CA GLY D 1180 77.04 58.72 -6.66
C GLY D 1180 78.39 59.17 -7.15
N GLU D 1181 78.73 60.43 -6.89
CA GLU D 1181 80.06 60.91 -7.28
C GLU D 1181 81.17 60.15 -6.56
N LYS D 1182 80.99 59.91 -5.25
CA LYS D 1182 81.98 59.16 -4.49
C LYS D 1182 82.10 57.73 -4.98
N ALA D 1183 80.97 57.09 -5.29
CA ALA D 1183 80.99 55.72 -5.81
C ALA D 1183 81.69 55.67 -7.16
N SER D 1184 81.44 56.67 -8.01
CA SER D 1184 82.15 56.75 -9.28
C SER D 1184 83.65 56.92 -9.05
N ALA D 1185 84.03 57.72 -8.06
CA ALA D 1185 85.44 57.86 -7.72
C ALA D 1185 86.05 56.54 -7.26
N GLY D 1186 85.25 55.68 -6.64
CA GLY D 1186 85.73 54.38 -6.24
C GLY D 1186 86.63 54.44 -5.00
N LEU D 1187 87.38 53.36 -4.81
CA LEU D 1187 88.32 53.22 -3.69
C LEU D 1187 87.61 53.41 -2.35
N LEU D 1188 86.40 52.86 -2.23
CA LEU D 1188 85.60 52.95 -1.02
C LEU D 1188 85.62 51.60 -0.30
N GLY D 1189 85.41 51.65 1.02
CA GLY D 1189 85.35 50.43 1.80
C GLY D 1189 84.15 49.58 1.43
N ALA D 1190 84.29 48.27 1.71
CA ALA D 1190 83.24 47.33 1.34
C ALA D 1190 81.92 47.67 2.01
N HIS D 1191 81.94 47.85 3.34
CA HIS D 1191 80.72 48.22 4.04
C HIS D 1191 80.23 49.59 3.59
N ALA D 1192 81.15 50.55 3.42
CA ALA D 1192 80.77 51.88 2.97
C ALA D 1192 80.16 51.84 1.56
N ALA D 1193 80.77 51.07 0.67
CA ALA D 1193 80.21 50.93 -0.68
C ALA D 1193 78.83 50.31 -0.62
N ALA D 1194 78.64 49.30 0.23
CA ALA D 1194 77.35 48.64 0.34
C ALA D 1194 76.27 49.61 0.84
N ILE D 1195 76.57 50.37 1.89
CA ILE D 1195 75.56 51.25 2.44
C ILE D 1195 75.26 52.39 1.47
N THR D 1196 76.28 52.89 0.78
CA THR D 1196 76.04 53.92 -0.23
C THR D 1196 75.17 53.38 -1.37
N ALA D 1197 75.43 52.16 -1.81
CA ALA D 1197 74.62 51.57 -2.88
C ALA D 1197 73.17 51.39 -2.43
N TYR D 1198 72.97 50.90 -1.21
CA TYR D 1198 71.60 50.74 -0.70
C TYR D 1198 70.91 52.09 -0.56
N ALA D 1199 71.62 53.09 -0.07
CA ALA D 1199 71.03 54.43 0.08
C ALA D 1199 70.64 55.00 -1.28
N LEU D 1200 71.47 54.81 -2.30
CA LEU D 1200 71.13 55.26 -3.63
C LEU D 1200 69.91 54.52 -4.18
N SER D 1201 69.89 53.19 -4.03
CA SER D 1201 68.78 52.41 -4.58
C SER D 1201 67.46 52.74 -3.90
N LEU D 1202 67.49 52.94 -2.58
CA LEU D 1202 66.26 53.18 -1.84
C LEU D 1202 65.71 54.59 -2.10
N THR D 1203 66.58 55.59 -2.17
CA THR D 1203 66.16 56.98 -2.22
C THR D 1203 65.96 57.48 -3.65
N LYS D 1204 65.72 56.59 -4.60
CA LYS D 1204 65.45 56.96 -5.99
C LYS D 1204 66.59 57.79 -6.59
N ALA D 1205 67.75 57.15 -6.70
CA ALA D 1205 68.91 57.81 -7.27
C ALA D 1205 68.74 57.96 -8.78
N PRO D 1206 69.43 58.92 -9.39
CA PRO D 1206 69.39 59.03 -10.86
C PRO D 1206 69.99 57.80 -11.53
N VAL D 1207 69.63 57.63 -12.80
CA VAL D 1207 69.96 56.39 -13.52
C VAL D 1207 71.46 56.18 -13.58
N ASP D 1208 72.21 57.24 -13.90
CA ASP D 1208 73.65 57.09 -14.07
C ASP D 1208 74.35 56.78 -12.75
N LEU D 1209 74.04 57.54 -11.69
CA LEU D 1209 74.68 57.31 -10.40
C LEU D 1209 74.30 55.95 -9.83
N LEU D 1210 73.01 55.58 -9.92
CA LEU D 1210 72.60 54.27 -9.45
C LEU D 1210 73.30 53.17 -10.22
N GLY D 1211 73.40 53.32 -11.54
CA GLY D 1211 74.06 52.30 -12.35
C GLY D 1211 75.53 52.14 -12.00
N VAL D 1212 76.25 53.26 -11.86
CA VAL D 1212 77.68 53.16 -11.56
C VAL D 1212 77.89 52.61 -10.15
N ALA D 1213 77.05 53.02 -9.19
CA ALA D 1213 77.17 52.47 -7.84
C ALA D 1213 76.91 50.98 -7.83
N HIS D 1214 75.88 50.53 -8.56
CA HIS D 1214 75.58 49.10 -8.62
C HIS D 1214 76.74 48.33 -9.29
N ASN D 1215 77.30 48.87 -10.37
CA ASN D 1215 78.41 48.22 -11.04
C ASN D 1215 79.63 48.14 -10.12
N ASN D 1216 79.88 49.20 -9.36
CA ASN D 1216 80.97 49.14 -8.37
C ASN D 1216 80.72 48.07 -7.32
N LEU D 1217 79.47 47.95 -6.86
CA LEU D 1217 79.17 47.00 -5.79
C LEU D 1217 79.29 45.55 -6.29
N MET D 1218 78.82 45.26 -7.50
CA MET D 1218 78.86 43.88 -7.97
C MET D 1218 80.27 43.46 -8.35
N ALA D 1219 81.12 44.41 -8.74
CA ALA D 1219 82.48 44.08 -9.16
C ALA D 1219 83.32 43.54 -8.01
N MET D 1220 82.90 43.78 -6.76
CA MET D 1220 83.63 43.31 -5.59
C MET D 1220 82.96 42.12 -4.93
N ALA D 1221 82.01 41.47 -5.61
CA ALA D 1221 81.38 40.28 -5.05
C ALA D 1221 82.36 39.12 -4.99
N GLN D 1222 82.31 38.37 -3.90
CA GLN D 1222 83.14 37.19 -3.69
C GLN D 1222 82.29 35.93 -3.83
N GLU D 1223 82.92 34.79 -3.56
CA GLU D 1223 82.25 33.49 -3.62
C GLU D 1223 82.93 32.49 -2.70
N ASN D 1227 77.88 28.69 -2.43
CA ASN D 1227 76.92 29.53 -1.73
C ASN D 1227 77.62 30.45 -0.74
N LEU D 1228 78.86 30.11 -0.38
CA LEU D 1228 79.63 30.94 0.53
C LEU D 1228 79.86 32.32 -0.07
N TYR D 1229 79.60 33.36 0.71
CA TYR D 1229 79.76 34.73 0.28
C TYR D 1229 80.55 35.48 1.34
N TRP D 1230 81.59 36.21 0.91
CA TRP D 1230 82.42 36.99 1.80
C TRP D 1230 82.97 36.16 2.96
N GLN D 1256 80.96 32.47 12.55
CA GLN D 1256 81.96 33.20 13.29
C GLN D 1256 82.50 34.37 12.47
N ALA D 1257 81.74 34.76 11.46
CA ALA D 1257 82.15 35.84 10.58
C ALA D 1257 82.13 37.17 11.34
N PRO D 1258 83.00 38.11 10.97
CA PRO D 1258 82.99 39.41 11.63
C PRO D 1258 81.69 40.15 11.38
N ALA D 1259 81.32 41.00 12.34
CA ALA D 1259 80.09 41.78 12.21
C ALA D 1259 80.10 42.65 10.97
N LEU D 1260 81.28 43.08 10.53
CA LEU D 1260 81.37 43.86 9.29
C LEU D 1260 80.89 43.04 8.10
N TRP D 1261 81.29 41.76 8.03
CA TRP D 1261 80.85 40.91 6.94
C TRP D 1261 79.33 40.75 6.94
N ILE D 1262 78.75 40.51 8.12
CA ILE D 1262 77.30 40.34 8.22
C ILE D 1262 76.59 41.62 7.80
N GLU D 1263 77.07 42.76 8.28
CA GLU D 1263 76.41 44.03 7.96
C GLU D 1263 76.49 44.33 6.47
N THR D 1264 77.67 44.15 5.86
CA THR D 1264 77.80 44.46 4.44
C THR D 1264 77.00 43.47 3.59
N THR D 1265 76.94 42.20 3.98
CA THR D 1265 76.15 41.24 3.24
C THR D 1265 74.67 41.58 3.32
N ALA D 1266 74.19 41.97 4.51
CA ALA D 1266 72.79 42.34 4.65
C ALA D 1266 72.47 43.59 3.84
N TYR D 1267 73.36 44.58 3.87
CA TYR D 1267 73.14 45.79 3.09
C TYR D 1267 73.11 45.49 1.59
N ALA D 1268 74.03 44.65 1.12
CA ALA D 1268 74.04 44.27 -0.29
C ALA D 1268 72.79 43.50 -0.66
N LEU D 1269 72.34 42.59 0.21
CA LEU D 1269 71.12 41.84 -0.07
C LEU D 1269 69.91 42.76 -0.17
N LEU D 1270 69.79 43.72 0.75
CA LEU D 1270 68.67 44.65 0.70
C LEU D 1270 68.72 45.52 -0.54
N HIS D 1271 69.91 46.02 -0.89
CA HIS D 1271 70.04 46.83 -2.10
C HIS D 1271 69.66 46.03 -3.34
N LEU D 1272 70.14 44.79 -3.43
CA LEU D 1272 69.87 43.95 -4.60
C LEU D 1272 68.40 43.59 -4.69
N LEU D 1273 67.76 43.30 -3.55
CA LEU D 1273 66.32 43.06 -3.56
C LEU D 1273 65.56 44.30 -4.03
N LEU D 1274 66.02 45.49 -3.63
CA LEU D 1274 65.40 46.71 -4.14
C LEU D 1274 65.57 46.84 -5.65
N HIS D 1275 66.63 46.27 -6.20
CA HIS D 1275 66.89 46.35 -7.64
C HIS D 1275 65.88 45.50 -8.41
N LYS D 1278 66.56 39.56 -8.46
CA LYS D 1278 66.39 38.33 -7.70
C LYS D 1278 66.23 37.14 -8.66
N ALA D 1279 67.35 36.55 -9.06
CA ALA D 1279 67.32 35.39 -9.94
C ALA D 1279 68.66 34.65 -9.78
N GLU D 1280 68.64 33.56 -9.02
CA GLU D 1280 69.78 32.68 -8.81
C GLU D 1280 70.97 33.39 -8.16
N MET D 1281 70.77 34.58 -7.63
CA MET D 1281 71.86 35.34 -7.02
C MET D 1281 71.59 35.71 -5.57
N ALA D 1282 70.36 36.12 -5.24
CA ALA D 1282 70.03 36.43 -3.86
C ALA D 1282 69.93 35.18 -3.00
N ASP D 1283 69.69 34.02 -3.61
CA ASP D 1283 69.50 32.79 -2.84
C ASP D 1283 70.74 32.43 -2.05
N GLN D 1284 71.92 32.51 -2.68
CA GLN D 1284 73.15 32.16 -1.99
C GLN D 1284 73.45 33.13 -0.85
N ALA D 1285 73.25 34.43 -1.08
CA ALA D 1285 73.48 35.40 -0.02
C ALA D 1285 72.53 35.18 1.15
N SER D 1286 71.26 34.93 0.86
CA SER D 1286 70.29 34.67 1.92
C SER D 1286 70.65 33.40 2.69
N ALA D 1287 71.06 32.35 1.99
CA ALA D 1287 71.44 31.11 2.65
C ALA D 1287 72.66 31.32 3.55
N TRP D 1288 73.65 32.06 3.07
CA TRP D 1288 74.82 32.34 3.90
C TRP D 1288 74.44 33.14 5.13
N LEU D 1289 73.57 34.15 4.96
CA LEU D 1289 73.14 34.96 6.10
C LEU D 1289 72.40 34.13 7.12
N THR D 1290 71.49 33.24 6.66
CA THR D 1290 70.76 32.37 7.58
C THR D 1290 71.70 31.42 8.31
N ARG D 1291 72.69 30.87 7.60
CA ARG D 1291 73.66 29.99 8.23
C ARG D 1291 74.47 30.73 9.29
N GLN D 1292 74.86 31.98 8.99
CA GLN D 1292 75.57 32.78 9.97
C GLN D 1292 74.70 33.07 11.19
N GLY D 1293 73.42 33.36 10.97
CA GLY D 1293 72.52 33.64 12.07
C GLY D 1293 72.08 32.42 12.86
N SER D 1294 72.35 31.22 12.36
CA SER D 1294 72.03 30.00 13.09
C SER D 1294 72.98 29.75 14.26
N PHE D 1295 74.08 30.49 14.34
CA PHE D 1295 75.02 30.33 15.44
C PHE D 1295 74.35 30.71 16.76
N GLN D 1296 74.55 29.89 17.78
CA GLN D 1296 74.01 30.18 19.10
C GLN D 1296 74.56 31.51 19.60
N GLY D 1297 73.66 32.42 19.96
CA GLY D 1297 74.09 33.76 20.31
C GLY D 1297 74.76 34.49 19.16
N GLY D 1298 74.28 34.30 17.94
CA GLY D 1298 74.81 34.99 16.79
C GLY D 1298 74.30 36.40 16.71
N PHE D 1299 74.77 37.11 15.68
CA PHE D 1299 74.44 38.52 15.47
C PHE D 1299 74.85 39.35 16.69
N ARG D 1300 76.17 39.50 16.82
CA ARG D 1300 76.75 40.12 18.01
C ARG D 1300 76.37 41.60 18.11
N SER D 1301 76.87 42.42 17.19
CA SER D 1301 76.65 43.85 17.28
C SER D 1301 75.21 44.21 16.92
N THR D 1302 74.72 45.31 17.51
CA THR D 1302 73.33 45.71 17.31
C THR D 1302 73.05 46.03 15.85
N GLN D 1303 73.98 46.72 15.18
CA GLN D 1303 73.77 47.12 13.79
C GLN D 1303 73.59 45.90 12.89
N ASP D 1304 74.44 44.89 13.06
CA ASP D 1304 74.30 43.70 12.23
C ASP D 1304 72.98 42.99 12.50
N THR D 1305 72.55 42.92 13.77
CA THR D 1305 71.23 42.35 14.06
C THR D 1305 70.15 43.08 13.29
N VAL D 1306 70.12 44.42 13.40
CA VAL D 1306 69.04 45.19 12.79
C VAL D 1306 69.05 45.00 11.27
N ILE D 1307 70.23 45.18 10.66
CA ILE D 1307 70.29 45.15 9.19
C ILE D 1307 70.01 43.74 8.66
N ALA D 1308 70.57 42.71 9.31
CA ALA D 1308 70.33 41.35 8.85
C ALA D 1308 68.88 40.97 9.00
N LEU D 1309 68.24 41.35 10.11
CA LEU D 1309 66.83 41.03 10.30
C LEU D 1309 65.97 41.74 9.26
N ASP D 1310 66.24 43.02 9.00
CA ASP D 1310 65.46 43.73 7.97
C ASP D 1310 65.65 43.10 6.60
N ALA D 1311 66.90 42.77 6.25
CA ALA D 1311 67.16 42.15 4.95
C ALA D 1311 66.48 40.80 4.82
N LEU D 1312 66.54 39.98 5.88
CA LEU D 1312 65.94 38.65 5.83
C LEU D 1312 64.42 38.74 5.75
N SER D 1313 63.82 39.68 6.50
CA SER D 1313 62.37 39.87 6.41
C SER D 1313 61.96 40.31 5.02
N ALA D 1314 62.70 41.25 4.43
CA ALA D 1314 62.37 41.70 3.08
C ALA D 1314 62.52 40.56 2.08
N TYR D 1315 63.59 39.77 2.20
CA TYR D 1315 63.79 38.63 1.30
C TYR D 1315 62.66 37.62 1.44
N TRP D 1316 62.24 37.32 2.67
CA TRP D 1316 61.14 36.38 2.88
C TRP D 1316 59.86 36.90 2.25
N ILE D 1317 59.53 38.17 2.50
CA ILE D 1317 58.28 38.72 1.98
C ILE D 1317 58.31 38.79 0.46
N ALA D 1318 59.49 38.99 -0.13
CA ALA D 1318 59.59 39.01 -1.59
C ALA D 1318 59.50 37.61 -2.18
N SER D 1319 60.11 36.63 -1.53
CA SER D 1319 60.17 35.29 -2.08
C SER D 1319 58.82 34.57 -1.96
N HIS D 1320 58.14 34.72 -0.82
CA HIS D 1320 56.93 33.95 -0.60
C HIS D 1320 55.70 34.55 -1.28
N THR D 1321 55.80 35.74 -1.86
CA THR D 1321 54.69 36.28 -2.63
C THR D 1321 54.44 35.47 -3.89
N THR D 1322 53.18 35.36 -4.27
CA THR D 1322 52.76 34.57 -5.42
C THR D 1322 52.36 35.50 -6.57
N GLU D 1323 51.93 34.88 -7.67
CA GLU D 1323 51.51 35.60 -8.87
C GLU D 1323 50.13 35.13 -9.29
N GLU D 1324 49.39 36.03 -9.94
CA GLU D 1324 48.01 35.73 -10.32
C GLU D 1324 47.93 34.58 -11.31
N ARG D 1325 48.82 34.58 -12.32
CA ARG D 1325 48.83 33.56 -13.37
C ARG D 1325 47.49 33.47 -14.08
N GLY D 1326 46.98 34.62 -14.52
CA GLY D 1326 45.74 34.66 -15.27
C GLY D 1326 45.93 34.36 -16.75
N LEU D 1327 44.81 34.20 -17.45
CA LEU D 1327 44.81 33.93 -18.87
C LEU D 1327 43.51 34.42 -19.48
N ASN D 1328 43.57 34.82 -20.75
CA ASN D 1328 42.39 35.28 -21.46
C ASN D 1328 42.51 34.83 -22.92
N VAL D 1329 41.41 34.31 -23.46
CA VAL D 1329 41.35 33.91 -24.87
C VAL D 1329 40.05 34.44 -25.45
N THR D 1330 40.13 35.00 -26.66
CA THR D 1330 38.97 35.54 -27.35
C THR D 1330 38.90 34.97 -28.75
N LEU D 1331 37.72 34.53 -29.16
CA LEU D 1331 37.49 33.97 -30.48
C LEU D 1331 36.51 34.86 -31.24
N SER D 1332 36.89 35.22 -32.47
CA SER D 1332 36.04 36.04 -33.33
C SER D 1332 35.98 35.42 -34.71
N SER D 1333 34.77 35.28 -35.25
CA SER D 1333 34.57 34.70 -36.57
C SER D 1333 33.32 35.30 -37.18
N THR D 1334 33.25 35.21 -38.52
CA THR D 1334 32.13 35.76 -39.29
C THR D 1334 31.40 34.62 -39.98
N GLY D 1335 30.08 34.61 -39.84
CA GLY D 1335 29.25 33.56 -40.42
C GLY D 1335 27.89 34.06 -40.84
N ARG D 1336 27.01 33.14 -41.26
CA ARG D 1336 25.67 33.54 -41.68
C ARG D 1336 24.84 34.12 -40.54
N ASN D 1337 25.19 33.80 -39.29
CA ASN D 1337 24.49 34.35 -38.14
C ASN D 1337 25.04 35.72 -37.78
N GLY D 1338 25.11 36.61 -38.76
CA GLY D 1338 25.68 37.94 -38.52
C GLY D 1338 27.14 37.84 -38.12
N PHE D 1339 27.53 38.67 -37.16
CA PHE D 1339 28.87 38.66 -36.61
C PHE D 1339 28.79 38.50 -35.10
N LYS D 1340 29.71 37.71 -34.54
CA LYS D 1340 29.69 37.43 -33.12
C LYS D 1340 31.11 37.10 -32.66
N SER D 1341 31.57 37.76 -31.61
CA SER D 1341 32.87 37.49 -31.00
C SER D 1341 32.65 37.01 -29.58
N HIS D 1342 33.44 36.02 -29.15
CA HIS D 1342 33.15 35.33 -27.90
C HIS D 1342 34.42 35.24 -27.08
N ALA D 1343 34.36 35.72 -25.83
CA ALA D 1343 35.52 35.81 -24.96
C ALA D 1343 35.35 34.89 -23.77
N LEU D 1344 36.38 34.09 -23.50
CA LEU D 1344 36.41 33.19 -22.35
C LEU D 1344 37.74 33.34 -21.63
N GLN D 1345 37.70 33.37 -20.30
CA GLN D 1345 38.88 33.61 -19.48
C GLN D 1345 38.98 32.56 -18.39
N LEU D 1346 40.10 31.86 -18.34
CA LEU D 1346 40.46 31.04 -17.19
C LEU D 1346 41.46 31.78 -16.32
N ASN D 1347 41.61 31.31 -15.10
CA ASN D 1347 42.50 31.95 -14.13
C ASN D 1347 42.79 30.94 -13.02
N ASN D 1348 43.34 31.43 -11.92
CA ASN D 1348 43.39 30.60 -10.72
C ASN D 1348 42.00 30.13 -10.34
N ARG D 1349 41.00 31.02 -10.44
CA ARG D 1349 39.58 30.68 -10.34
C ARG D 1349 39.30 29.73 -9.17
N GLN D 1350 40.10 29.87 -8.11
CA GLN D 1350 40.13 29.02 -6.92
C GLN D 1350 40.60 27.60 -7.21
N ILE D 1351 40.89 27.26 -8.47
CA ILE D 1351 41.33 25.93 -8.86
C ILE D 1351 42.56 26.07 -9.74
N ARG D 1352 43.71 25.58 -9.27
CA ARG D 1352 44.95 25.66 -10.03
C ARG D 1352 44.81 25.01 -11.39
N GLY D 1353 44.88 25.81 -12.45
CA GLY D 1353 44.73 25.30 -13.80
C GLY D 1353 43.29 25.05 -14.21
N LEU D 1354 42.45 26.07 -14.07
CA LEU D 1354 41.05 25.95 -14.47
C LEU D 1354 40.94 25.65 -15.96
N GLU D 1355 40.04 24.76 -16.31
CA GLU D 1355 39.82 24.32 -17.69
C GLU D 1355 38.38 24.60 -18.08
N GLU D 1356 38.18 25.25 -19.22
CA GLU D 1356 36.87 25.67 -19.68
C GLU D 1356 36.59 25.11 -21.07
N GLU D 1357 35.33 24.78 -21.32
CA GLU D 1357 34.89 24.29 -22.62
C GLU D 1357 33.65 25.05 -23.06
N LEU D 1358 33.52 25.26 -24.36
CA LEU D 1358 32.38 25.98 -24.91
C LEU D 1358 31.98 25.40 -26.26
N GLN D 1359 30.70 25.09 -26.41
CA GLN D 1359 30.12 24.66 -27.68
C GLN D 1359 29.80 25.87 -28.53
N PHE D 1360 29.95 25.72 -29.84
CA PHE D 1360 29.73 26.87 -30.70
C PHE D 1360 29.49 26.39 -32.13
N SER D 1361 29.03 27.30 -32.98
CA SER D 1361 28.75 26.98 -34.38
C SER D 1361 29.09 28.19 -35.23
N LEU D 1362 30.03 28.02 -36.14
CA LEU D 1362 30.54 29.12 -36.96
C LEU D 1362 30.74 28.61 -38.38
N GLY D 1363 31.45 29.40 -39.19
CA GLY D 1363 31.71 29.04 -40.58
C GLY D 1363 32.98 28.23 -40.74
N SER D 1364 34.00 28.81 -41.39
CA SER D 1364 35.23 28.07 -41.63
C SER D 1364 36.48 28.92 -41.42
N LYS D 1365 36.40 30.01 -40.67
CA LYS D 1365 37.57 30.82 -40.35
C LYS D 1365 37.35 31.53 -39.03
N ILE D 1366 38.35 31.47 -38.14
CA ILE D 1366 38.23 32.06 -36.81
C ILE D 1366 39.62 32.50 -36.36
N ASN D 1367 39.66 33.62 -35.64
CA ASN D 1367 40.90 34.19 -35.14
C ASN D 1367 40.94 34.11 -33.62
N VAL D 1368 42.16 34.10 -33.08
CA VAL D 1368 42.39 33.91 -31.65
C VAL D 1368 43.21 35.09 -31.15
N LYS D 1369 42.66 35.83 -30.18
CA LYS D 1369 43.35 36.93 -29.52
C LYS D 1369 43.56 36.57 -28.06
N VAL D 1370 44.81 36.62 -27.61
CA VAL D 1370 45.20 36.08 -26.32
C VAL D 1370 45.73 37.22 -25.43
N GLY D 1371 45.33 37.20 -24.17
CA GLY D 1371 45.91 38.08 -23.17
C GLY D 1371 46.54 37.26 -22.06
N GLY D 1372 46.65 37.84 -20.87
CA GLY D 1372 47.16 37.10 -19.74
C GLY D 1372 48.63 36.75 -19.88
N ASN D 1373 49.11 35.99 -18.89
CA ASN D 1373 50.52 35.61 -18.82
C ASN D 1373 50.68 34.17 -18.36
N SER D 1374 49.86 33.26 -18.90
CA SER D 1374 49.90 31.87 -18.48
C SER D 1374 49.93 30.94 -19.69
N LYS D 1375 50.80 29.95 -19.63
CA LYS D 1375 50.87 28.93 -20.65
C LYS D 1375 49.60 28.06 -20.61
N GLY D 1376 49.25 27.51 -21.77
CA GLY D 1376 48.06 26.68 -21.85
C GLY D 1376 48.01 25.96 -23.17
N THR D 1377 46.99 25.11 -23.31
CA THR D 1377 46.81 24.31 -24.50
C THR D 1377 45.37 24.46 -24.98
N LEU D 1378 45.20 24.99 -26.18
CA LEU D 1378 43.88 25.14 -26.78
C LEU D 1378 43.59 23.99 -27.73
N LYS D 1379 42.32 23.59 -27.80
CA LYS D 1379 41.89 22.53 -28.69
C LYS D 1379 40.58 22.94 -29.34
N VAL D 1380 40.52 22.84 -30.67
CA VAL D 1380 39.29 23.07 -31.41
C VAL D 1380 38.87 21.75 -32.03
N LEU D 1381 37.69 21.27 -31.65
CA LEU D 1381 37.15 20.00 -32.11
C LEU D 1381 35.94 20.27 -32.98
N ARG D 1382 35.99 19.81 -34.23
CA ARG D 1382 34.91 19.99 -35.18
C ARG D 1382 34.30 18.63 -35.51
N THR D 1383 33.00 18.50 -35.33
CA THR D 1383 32.28 17.27 -35.61
C THR D 1383 31.23 17.55 -36.68
N TYR D 1384 31.17 16.68 -37.68
CA TYR D 1384 30.24 16.86 -38.79
C TYR D 1384 29.94 15.51 -39.40
N ASN D 1385 28.88 15.45 -40.19
CA ASN D 1385 28.52 14.24 -40.90
C ASN D 1385 29.47 14.03 -42.07
N VAL D 1386 29.80 12.77 -42.33
CA VAL D 1386 30.72 12.40 -43.40
C VAL D 1386 30.09 11.31 -44.24
N LEU D 1387 30.58 11.15 -45.46
CA LEU D 1387 30.10 10.09 -46.33
C LEU D 1387 30.53 8.73 -45.78
N ASP D 1388 29.68 7.73 -45.96
CA ASP D 1388 29.95 6.38 -45.46
C ASP D 1388 31.22 5.80 -46.08
N THR D 1393 27.81 -7.85 -44.77
CA THR D 1393 28.61 -9.07 -44.69
C THR D 1393 29.43 -9.09 -43.40
N CYS D 1394 29.26 -10.17 -42.62
CA CYS D 1394 30.00 -10.31 -41.38
C CYS D 1394 31.50 -10.44 -41.67
N GLN D 1395 32.31 -9.86 -40.78
CA GLN D 1395 33.75 -9.76 -41.03
C GLN D 1395 34.47 -11.06 -40.73
N ASP D 1396 34.35 -11.55 -39.50
CA ASP D 1396 35.10 -12.72 -39.05
C ASP D 1396 34.21 -13.93 -38.78
N LEU D 1397 33.22 -13.81 -37.90
CA LEU D 1397 32.32 -14.91 -37.63
C LEU D 1397 31.21 -14.95 -38.67
N GLN D 1398 30.89 -16.15 -39.17
CA GLN D 1398 29.89 -16.28 -40.21
C GLN D 1398 28.88 -17.35 -39.85
N ILE D 1399 27.66 -17.19 -40.38
CA ILE D 1399 26.57 -18.13 -40.16
C ILE D 1399 25.62 -18.05 -41.35
N GLU D 1400 25.10 -19.20 -41.76
CA GLU D 1400 24.14 -19.28 -42.86
C GLU D 1400 23.10 -20.34 -42.53
N VAL D 1401 21.84 -20.05 -42.87
CA VAL D 1401 20.73 -20.94 -42.58
C VAL D 1401 19.99 -21.24 -43.88
N THR D 1402 19.71 -22.52 -44.13
CA THR D 1402 19.00 -22.98 -45.30
C THR D 1402 17.74 -23.70 -44.88
N VAL D 1403 16.67 -23.53 -45.66
CA VAL D 1403 15.35 -24.04 -45.32
C VAL D 1403 14.82 -24.84 -46.49
N LYS D 1404 14.34 -26.05 -46.23
CA LYS D 1404 13.81 -26.93 -47.26
C LYS D 1404 12.54 -27.60 -46.74
N GLY D 1405 11.45 -27.48 -47.49
CA GLY D 1405 10.20 -28.10 -47.11
C GLY D 1405 9.02 -27.36 -47.71
N HIS D 1406 7.86 -27.58 -47.12
CA HIS D 1406 6.61 -26.98 -47.57
C HIS D 1406 5.99 -26.17 -46.43
N VAL D 1407 5.58 -24.94 -46.73
CA VAL D 1407 5.00 -24.03 -45.76
C VAL D 1407 3.61 -23.63 -46.25
N GLU D 1408 2.65 -23.62 -45.33
CA GLU D 1408 1.25 -23.34 -45.66
C GLU D 1408 0.89 -21.92 -45.23
N TYR D 1409 0.36 -21.14 -46.16
CA TYR D 1409 0.00 -19.75 -45.94
C TYR D 1409 -1.51 -19.57 -46.02
N THR D 1410 -2.00 -18.47 -45.43
CA THR D 1410 -3.41 -18.13 -45.46
C THR D 1410 -3.56 -16.64 -45.73
N MET D 1411 -4.34 -16.32 -46.78
CA MET D 1411 -4.64 -14.93 -47.16
C MET D 1411 -3.35 -14.16 -47.41
N GLU D 1412 -2.33 -14.86 -47.89
CA GLU D 1412 -1.04 -14.25 -48.18
C GLU D 1412 -0.67 -14.35 -49.65
N ALA D 1413 -0.90 -15.50 -50.26
CA ALA D 1413 -0.54 -15.74 -51.66
C ALA D 1413 -0.98 -14.58 -52.55
N ASN D 1414 0.01 -13.90 -53.13
CA ASN D 1414 -0.23 -12.70 -53.93
C ASN D 1414 -0.48 -13.01 -55.40
N GLU D 1415 -0.78 -14.26 -55.74
CA GLU D 1415 -1.10 -14.65 -57.10
C GLU D 1415 -2.61 -14.73 -57.27
N ASP D 1416 -3.14 -13.91 -58.18
CA ASP D 1416 -4.57 -13.86 -58.43
C ASP D 1416 -4.95 -14.94 -59.45
N TYR D 1417 -6.20 -15.39 -59.36
CA TYR D 1417 -6.72 -16.45 -60.22
C TYR D 1417 -5.87 -17.72 -60.11
N VAL E 2 29.32 -48.07 -35.84
CA VAL E 2 28.37 -47.53 -36.80
C VAL E 2 28.56 -48.19 -38.17
N GLN E 3 27.93 -49.35 -38.34
CA GLN E 3 28.03 -50.13 -39.56
C GLN E 3 26.65 -50.28 -40.21
N LEU E 4 26.65 -50.40 -41.53
CA LEU E 4 25.44 -50.49 -42.31
C LEU E 4 25.38 -51.84 -43.01
N VAL E 5 24.23 -52.50 -42.91
CA VAL E 5 24.01 -53.78 -43.59
C VAL E 5 22.79 -53.63 -44.49
N GLU E 6 22.90 -54.17 -45.71
CA GLU E 6 21.86 -54.01 -46.72
C GLU E 6 21.65 -55.34 -47.42
N SER E 7 20.38 -55.65 -47.71
CA SER E 7 20.02 -56.91 -48.34
C SER E 7 18.74 -56.73 -49.13
N GLY E 8 18.52 -57.66 -50.07
CA GLY E 8 17.33 -57.64 -50.89
C GLY E 8 17.60 -58.00 -52.34
N VAL E 12 15.69 -59.11 -61.70
CA VAL E 12 14.25 -59.04 -61.80
C VAL E 12 13.83 -58.49 -63.16
N GLN E 13 12.85 -59.14 -63.77
CA GLN E 13 12.37 -58.72 -65.09
C GLN E 13 11.78 -57.32 -65.05
N ALA E 14 11.91 -56.61 -66.16
CA ALA E 14 11.46 -55.22 -66.23
C ALA E 14 9.95 -55.13 -66.05
N GLY E 15 9.53 -54.07 -65.38
CA GLY E 15 8.12 -53.86 -65.09
C GLY E 15 7.63 -54.49 -63.80
N GLY E 16 8.49 -55.17 -63.07
CA GLY E 16 8.14 -55.79 -61.80
C GLY E 16 8.36 -54.88 -60.62
N SER E 17 8.64 -55.49 -59.47
CA SER E 17 8.79 -54.76 -58.23
C SER E 17 9.77 -55.48 -57.33
N LEU E 18 10.36 -54.71 -56.41
CA LEU E 18 11.34 -55.19 -55.44
C LEU E 18 11.25 -54.34 -54.19
N ARG E 19 11.80 -54.87 -53.10
CA ARG E 19 11.83 -54.18 -51.81
C ARG E 19 13.18 -54.43 -51.14
N LEU E 20 14.11 -53.49 -51.26
CA LEU E 20 15.36 -53.55 -50.53
C LEU E 20 15.17 -53.08 -49.09
N SER E 21 15.98 -53.63 -48.19
CA SER E 21 16.01 -53.24 -46.78
C SER E 21 17.44 -53.03 -46.36
N CYS E 22 17.70 -51.92 -45.67
CA CYS E 22 19.00 -51.63 -45.09
C CYS E 22 18.83 -51.46 -43.60
N VAL E 23 19.65 -52.16 -42.82
CA VAL E 23 19.56 -52.14 -41.36
C VAL E 23 20.82 -51.49 -40.82
N ALA E 24 20.65 -50.62 -39.82
CA ALA E 24 21.76 -49.96 -39.16
C ALA E 24 21.55 -50.02 -37.65
N SER E 25 22.66 -50.14 -36.91
CA SER E 25 22.56 -50.17 -35.45
C SER E 25 22.04 -48.85 -34.91
N GLU E 26 22.51 -47.73 -35.45
CA GLU E 26 22.05 -46.42 -35.04
C GLU E 26 20.85 -45.98 -35.87
N ARG E 27 19.94 -45.24 -35.22
CA ARG E 27 18.75 -44.73 -35.89
C ARG E 27 19.03 -43.30 -36.33
N THR E 28 19.14 -43.11 -37.65
CA THR E 28 19.39 -41.80 -38.24
C THR E 28 18.74 -41.78 -39.62
N TYR E 29 19.18 -40.88 -40.49
CA TYR E 29 18.47 -40.55 -41.73
C TYR E 29 19.05 -41.27 -42.94
N MET E 30 19.49 -42.53 -42.79
CA MET E 30 20.21 -43.22 -43.85
C MET E 30 19.51 -43.09 -45.20
N ALA E 31 20.22 -42.55 -46.17
CA ALA E 31 19.71 -42.35 -47.52
C ALA E 31 20.22 -43.44 -48.45
N TRP E 32 19.70 -43.44 -49.67
CA TRP E 32 20.03 -44.42 -50.69
C TRP E 32 20.76 -43.78 -51.85
N PHE E 33 21.75 -44.49 -52.38
CA PHE E 33 22.52 -44.05 -53.54
C PHE E 33 22.62 -45.21 -54.53
N ARG E 34 22.86 -44.86 -55.78
CA ARG E 34 23.00 -45.86 -56.84
C ARG E 34 24.27 -45.59 -57.64
N GLN E 35 25.02 -46.65 -57.93
CA GLN E 35 26.27 -46.54 -58.67
C GLN E 35 26.23 -47.49 -59.85
N ALA E 36 26.51 -46.95 -61.04
CA ALA E 36 26.56 -47.73 -62.27
C ALA E 36 27.99 -47.74 -62.81
N PRO E 37 28.39 -48.81 -63.48
CA PRO E 37 29.78 -48.91 -63.95
C PRO E 37 30.12 -47.81 -64.95
N GLY E 38 31.34 -47.30 -64.85
CA GLY E 38 31.86 -46.31 -65.77
C GLY E 38 31.41 -44.89 -65.53
N LYS E 39 30.54 -44.64 -64.56
CA LYS E 39 30.03 -43.31 -64.28
C LYS E 39 29.92 -43.11 -62.78
N GLU E 40 30.00 -41.86 -62.36
CA GLU E 40 29.92 -41.52 -60.93
C GLU E 40 28.55 -41.88 -60.37
N ARG E 41 28.53 -42.31 -59.12
CA ARG E 41 27.28 -42.69 -58.47
C ARG E 41 26.38 -41.49 -58.31
N GLU E 42 25.07 -41.74 -58.41
CA GLU E 42 24.05 -40.71 -58.25
C GLU E 42 23.00 -41.19 -57.25
N PHE E 43 22.47 -40.25 -56.48
CA PHE E 43 21.49 -40.59 -55.46
C PHE E 43 20.16 -40.98 -56.11
N VAL E 44 19.33 -41.65 -55.32
CA VAL E 44 17.99 -42.02 -55.75
C VAL E 44 16.91 -41.44 -54.84
N ALA E 45 17.15 -41.40 -53.53
CA ALA E 45 16.17 -40.88 -52.58
C ALA E 45 16.83 -40.73 -51.22
N ALA E 46 16.13 -40.06 -50.31
CA ALA E 46 16.60 -39.85 -48.95
C ALA E 46 15.40 -39.76 -48.01
N ILE E 47 15.62 -40.08 -46.74
CA ILE E 47 14.58 -40.02 -45.72
C ILE E 47 15.19 -39.49 -44.43
N THR E 48 14.41 -38.69 -43.70
CA THR E 48 14.86 -38.13 -42.43
C THR E 48 14.82 -39.21 -41.34
N SER E 49 15.20 -38.83 -40.13
CA SER E 49 15.27 -39.78 -39.02
C SER E 49 13.89 -40.31 -38.65
N SER E 50 12.97 -39.39 -38.31
CA SER E 50 11.64 -39.80 -37.89
C SER E 50 10.89 -40.53 -39.00
N GLY E 51 11.16 -40.17 -40.26
CA GLY E 51 10.54 -40.83 -41.39
C GLY E 51 9.39 -40.08 -42.01
N MET E 52 9.01 -38.93 -41.46
CA MET E 52 7.92 -38.13 -42.01
C MET E 52 8.40 -37.14 -43.06
N MET E 53 9.58 -37.36 -43.62
CA MET E 53 10.09 -36.55 -44.72
C MET E 53 10.87 -37.43 -45.68
N THR E 54 10.52 -37.35 -46.97
CA THR E 54 11.23 -38.09 -47.99
C THR E 54 11.40 -37.20 -49.22
N GLU E 55 12.55 -37.32 -49.87
CA GLU E 55 12.76 -36.72 -51.17
C GLU E 55 13.26 -37.80 -52.12
N TYR E 56 12.93 -37.65 -53.40
CA TYR E 56 13.29 -38.62 -54.41
C TYR E 56 13.93 -37.93 -55.60
N ALA E 57 14.70 -38.70 -56.37
CA ALA E 57 15.33 -38.16 -57.56
C ALA E 57 14.27 -37.78 -58.59
N PRO E 58 14.53 -36.76 -59.42
CA PRO E 58 13.53 -36.36 -60.42
C PRO E 58 13.15 -37.48 -61.38
N SER E 59 14.10 -38.37 -61.70
CA SER E 59 13.80 -39.46 -62.62
C SER E 59 12.85 -40.49 -62.03
N VAL E 60 12.65 -40.48 -60.71
CA VAL E 60 11.82 -41.48 -60.07
C VAL E 60 10.74 -40.82 -59.23
N LYS E 61 10.30 -39.64 -59.65
CA LYS E 61 9.26 -38.92 -58.93
C LYS E 61 7.96 -39.72 -58.91
N GLY E 62 7.40 -39.91 -57.72
CA GLY E 62 6.14 -40.59 -57.58
C GLY E 62 6.16 -42.06 -57.94
N ARG E 63 7.35 -42.66 -58.03
CA ARG E 63 7.50 -44.06 -58.38
C ARG E 63 8.07 -44.91 -57.26
N PHE E 64 9.14 -44.46 -56.62
CA PHE E 64 9.78 -45.18 -55.52
C PHE E 64 9.39 -44.51 -54.22
N THR E 65 9.20 -45.30 -53.17
CA THR E 65 8.89 -44.76 -51.84
C THR E 65 9.76 -45.40 -50.78
N ILE E 66 10.00 -44.65 -49.70
CA ILE E 66 10.81 -45.10 -48.57
C ILE E 66 9.96 -45.05 -47.30
N SER E 67 10.12 -46.06 -46.45
CA SER E 67 9.54 -46.08 -45.12
C SER E 67 10.59 -46.55 -44.13
N ARG E 68 10.28 -46.39 -42.84
CA ARG E 68 11.17 -46.80 -41.77
C ARG E 68 10.39 -47.52 -40.69
N ASP E 69 11.08 -48.40 -39.97
CA ASP E 69 10.48 -49.16 -38.88
C ASP E 69 10.96 -48.60 -37.55
N ASN E 70 10.02 -48.37 -36.64
CA ASN E 70 10.36 -47.81 -35.33
C ASN E 70 10.85 -48.88 -34.34
N ALA E 71 10.68 -50.16 -34.66
CA ALA E 71 11.08 -51.23 -33.74
C ALA E 71 12.52 -51.66 -33.98
N LYS E 72 12.82 -52.16 -35.18
CA LYS E 72 14.15 -52.64 -35.50
C LYS E 72 15.05 -51.57 -36.11
N ASN E 73 14.53 -50.37 -36.36
CA ASN E 73 15.29 -49.23 -36.86
C ASN E 73 15.98 -49.57 -38.20
N THR E 74 15.15 -49.81 -39.21
CA THR E 74 15.62 -50.07 -40.56
C THR E 74 14.83 -49.20 -41.54
N VAL E 75 15.39 -49.01 -42.72
CA VAL E 75 14.74 -48.27 -43.79
C VAL E 75 14.29 -49.25 -44.86
N TYR E 76 13.04 -49.11 -45.31
CA TYR E 76 12.48 -49.89 -46.40
C TYR E 76 12.30 -49.00 -47.63
N LEU E 77 12.61 -49.57 -48.79
CA LEU E 77 12.51 -48.85 -50.07
C LEU E 77 11.85 -49.79 -51.08
N GLN E 78 10.64 -49.44 -51.50
CA GLN E 78 9.88 -50.21 -52.46
C GLN E 78 9.95 -49.55 -53.84
N MET E 79 10.19 -50.37 -54.85
CA MET E 79 10.34 -49.96 -56.24
C MET E 79 9.35 -50.68 -57.15
N ASN E 80 8.07 -50.52 -56.86
CA ASN E 80 7.06 -50.95 -57.81
C ASN E 80 7.22 -50.18 -59.11
N SER E 81 6.76 -50.79 -60.21
CA SER E 81 6.89 -50.22 -61.55
C SER E 81 8.36 -49.98 -61.89
N LEU E 82 9.11 -51.09 -61.93
CA LEU E 82 10.55 -51.05 -62.15
C LEU E 82 10.85 -50.75 -63.62
N LYS E 83 11.73 -49.76 -63.84
CA LYS E 83 12.11 -49.36 -65.19
C LYS E 83 13.27 -50.21 -65.70
N PRO E 84 13.26 -50.56 -66.99
CA PRO E 84 14.24 -51.53 -67.49
C PRO E 84 15.70 -51.12 -67.31
N GLU E 85 16.01 -49.83 -67.47
CA GLU E 85 17.40 -49.38 -67.53
C GLU E 85 17.79 -48.63 -66.25
N ASP E 86 17.39 -49.14 -65.10
CA ASP E 86 17.82 -48.59 -63.82
C ASP E 86 18.84 -49.48 -63.12
N THR E 87 19.43 -50.44 -63.83
CA THR E 87 20.36 -51.37 -63.21
C THR E 87 21.60 -50.64 -62.70
N ALA E 88 21.95 -50.92 -61.45
CA ALA E 88 23.08 -50.29 -60.77
C ALA E 88 23.25 -50.98 -59.44
N VAL E 89 24.40 -50.72 -58.79
CA VAL E 89 24.64 -51.23 -57.45
C VAL E 89 24.02 -50.25 -56.45
N TYR E 90 23.15 -50.74 -55.60
CA TYR E 90 22.39 -49.91 -54.67
C TYR E 90 23.11 -49.86 -53.32
N TYR E 91 23.32 -48.65 -52.81
CA TYR E 91 24.00 -48.46 -51.54
C TYR E 91 23.10 -47.66 -50.60
N CYS E 92 23.22 -47.97 -49.31
CA CYS E 92 22.59 -47.18 -48.26
C CYS E 92 23.69 -46.55 -47.42
N ALA E 93 23.67 -45.22 -47.33
CA ALA E 93 24.69 -44.47 -46.61
C ALA E 93 24.01 -43.46 -45.69
N ALA E 94 24.81 -42.79 -44.86
CA ALA E 94 24.27 -41.85 -43.89
C ALA E 94 25.40 -41.03 -43.30
N ASP E 95 25.03 -39.93 -42.66
CA ASP E 95 25.93 -39.15 -41.83
C ASP E 95 25.31 -38.99 -40.45
N LEU E 96 26.11 -38.45 -39.52
CA LEU E 96 25.69 -38.34 -38.13
C LEU E 96 25.26 -36.93 -37.75
N ARG E 97 25.26 -35.99 -38.70
CA ARG E 97 24.91 -34.60 -38.40
C ARG E 97 23.56 -34.19 -38.99
N GLN E 98 22.82 -35.12 -39.57
CA GLN E 98 21.46 -34.88 -40.06
C GLN E 98 21.43 -33.73 -41.07
N ARG E 99 22.10 -33.93 -42.20
CA ARG E 99 22.02 -33.03 -43.34
C ARG E 99 21.02 -33.62 -44.33
N PHE E 100 19.73 -33.45 -44.03
CA PHE E 100 18.71 -34.00 -44.89
C PHE E 100 18.81 -33.43 -46.30
N GLY E 101 18.69 -34.31 -47.29
CA GLY E 101 18.69 -33.87 -48.67
C GLY E 101 20.03 -33.39 -49.17
N GLU E 102 21.13 -33.76 -48.53
CA GLU E 102 22.44 -33.34 -48.98
C GLU E 102 22.82 -34.11 -50.25
N ARG E 103 22.59 -33.49 -51.41
CA ARG E 103 22.68 -34.21 -52.67
C ARG E 103 24.10 -34.68 -52.96
N VAL E 104 25.08 -33.79 -52.80
CA VAL E 104 26.46 -34.13 -53.14
C VAL E 104 26.97 -35.23 -52.22
N THR E 105 27.98 -35.96 -52.70
CA THR E 105 28.53 -37.07 -51.94
C THR E 105 29.38 -36.58 -50.78
N GLU E 106 28.75 -36.34 -49.62
CA GLU E 106 29.42 -36.01 -48.38
C GLU E 106 28.89 -36.88 -47.25
N TYR E 107 28.60 -38.15 -47.56
CA TYR E 107 28.16 -39.12 -46.58
C TYR E 107 29.37 -39.94 -46.14
N ASP E 108 29.52 -40.10 -44.83
CA ASP E 108 30.62 -40.85 -44.25
C ASP E 108 30.21 -42.30 -43.99
N TYR E 109 31.20 -43.12 -43.65
CA TYR E 109 31.02 -44.54 -43.33
C TYR E 109 30.09 -45.22 -44.34
N TRP E 110 30.54 -45.24 -45.59
CA TRP E 110 29.71 -45.72 -46.68
C TRP E 110 29.42 -47.21 -46.52
N GLY E 111 28.28 -47.63 -47.08
CA GLY E 111 27.89 -49.02 -47.05
C GLY E 111 28.57 -49.85 -48.13
N GLN E 112 28.25 -51.15 -48.12
CA GLN E 112 28.84 -52.08 -49.07
C GLN E 112 27.99 -52.30 -50.31
N GLY E 113 26.67 -52.26 -50.17
CA GLY E 113 25.77 -52.32 -51.30
C GLY E 113 25.52 -53.73 -51.80
N THR E 114 24.50 -53.85 -52.67
CA THR E 114 24.14 -55.09 -53.32
C THR E 114 24.00 -54.86 -54.81
N GLN E 115 24.28 -55.91 -55.58
CA GLN E 115 24.14 -55.86 -57.03
C GLN E 115 22.74 -56.33 -57.41
N VAL E 116 22.00 -55.47 -58.09
CA VAL E 116 20.67 -55.81 -58.61
C VAL E 116 20.71 -55.64 -60.13
N THR E 117 20.23 -56.64 -60.84
CA THR E 117 20.20 -56.63 -62.29
C THR E 117 18.76 -56.67 -62.78
N VAL E 118 18.52 -56.06 -63.94
CA VAL E 118 17.20 -55.97 -64.53
C VAL E 118 17.26 -56.49 -65.96
N SER E 119 16.33 -57.37 -66.32
CA SER E 119 16.24 -57.92 -67.66
C SER E 119 14.96 -57.43 -68.32
N SER E 120 15.07 -56.96 -69.56
CA SER E 120 13.94 -56.43 -70.29
C SER E 120 12.90 -57.51 -70.59
N SER F 23 41.35 -17.89 63.00
CA SER F 23 40.62 -19.15 63.09
C SER F 23 39.75 -19.35 61.86
N PRO F 24 39.74 -20.57 61.32
CA PRO F 24 38.92 -20.85 60.15
C PRO F 24 37.45 -20.60 60.41
N MET F 25 36.77 -20.04 59.41
CA MET F 25 35.33 -19.80 59.46
C MET F 25 34.66 -20.62 58.37
N TYR F 26 33.69 -21.43 58.76
CA TYR F 26 32.95 -22.27 57.83
C TYR F 26 31.56 -21.69 57.62
N SER F 27 31.14 -21.60 56.35
CA SER F 27 29.89 -20.94 56.00
C SER F 27 28.99 -21.90 55.22
N ILE F 28 27.68 -21.73 55.39
CA ILE F 28 26.68 -22.51 54.69
C ILE F 28 25.64 -21.55 54.11
N ILE F 29 25.29 -21.75 52.84
CA ILE F 29 24.32 -20.90 52.15
C ILE F 29 23.34 -21.77 51.39
N THR F 30 22.06 -21.41 51.46
CA THR F 30 20.99 -22.21 50.88
C THR F 30 19.79 -21.30 50.65
N PRO F 31 18.89 -21.65 49.72
CA PRO F 31 17.71 -20.81 49.49
C PRO F 31 16.85 -20.68 50.73
N ASN F 32 16.16 -19.54 50.84
CA ASN F 32 15.36 -19.25 52.01
C ASN F 32 14.24 -20.27 52.20
N ILE F 33 13.63 -20.70 51.09
CA ILE F 33 12.54 -21.66 51.11
C ILE F 33 12.91 -22.84 50.24
N LEU F 34 12.79 -24.05 50.78
CA LEU F 34 13.07 -25.28 50.05
C LEU F 34 11.77 -25.91 49.58
N ARG F 35 11.82 -26.51 48.40
CA ARG F 35 10.64 -27.10 47.75
C ARG F 35 10.79 -28.60 47.63
N LEU F 36 9.69 -29.32 47.84
CA LEU F 36 9.71 -30.78 47.74
C LEU F 36 9.82 -31.25 46.30
N GLU F 37 10.50 -32.38 46.12
CA GLU F 37 10.63 -33.05 44.81
C GLU F 37 11.29 -32.14 43.77
N SER F 38 12.14 -31.23 44.23
CA SER F 38 12.88 -30.34 43.34
C SER F 38 14.31 -30.24 43.83
N GLU F 39 15.25 -30.22 42.88
CA GLU F 39 16.66 -30.12 43.24
C GLU F 39 16.92 -28.81 43.97
N GLU F 40 17.74 -28.89 45.02
CA GLU F 40 18.12 -27.72 45.81
C GLU F 40 19.62 -27.73 46.01
N THR F 41 20.27 -26.61 45.72
CA THR F 41 21.72 -26.50 45.80
C THR F 41 22.12 -25.85 47.12
N MET F 42 23.13 -26.43 47.75
CA MET F 42 23.65 -25.95 49.02
C MET F 42 25.12 -25.57 48.83
N VAL F 43 25.46 -24.33 49.19
CA VAL F 43 26.79 -23.80 48.98
C VAL F 43 27.57 -23.89 50.28
N LEU F 44 28.76 -24.49 50.22
CA LEU F 44 29.60 -24.75 51.38
C LEU F 44 30.94 -24.08 51.17
N GLU F 45 31.45 -23.44 52.23
CA GLU F 45 32.69 -22.69 52.16
C GLU F 45 33.53 -22.90 53.41
N ALA F 46 34.84 -22.75 53.25
CA ALA F 46 35.77 -22.66 54.36
C ALA F 46 36.70 -21.49 54.11
N HIS F 47 36.79 -20.56 55.06
CA HIS F 47 37.63 -19.39 54.93
C HIS F 47 38.82 -19.50 55.89
N ASP F 48 40.02 -19.27 55.36
CA ASP F 48 41.26 -19.35 56.14
C ASP F 48 41.43 -20.73 56.76
N ALA F 49 41.14 -21.77 55.97
CA ALA F 49 41.26 -23.15 56.41
C ALA F 49 42.26 -23.87 55.51
N GLN F 50 43.26 -24.49 56.13
CA GLN F 50 44.30 -25.19 55.39
C GLN F 50 43.93 -26.65 55.15
N GLY F 51 44.58 -27.25 54.16
CA GLY F 51 44.28 -28.63 53.82
C GLY F 51 42.91 -28.77 53.18
N ASP F 52 42.39 -29.98 53.22
CA ASP F 52 41.04 -30.27 52.75
C ASP F 52 40.18 -30.72 53.93
N VAL F 53 38.86 -30.54 53.78
CA VAL F 53 37.91 -30.80 54.84
C VAL F 53 36.78 -31.68 54.31
N PRO F 54 36.51 -32.83 54.91
CA PRO F 54 35.32 -33.60 54.53
C PRO F 54 34.04 -32.90 54.97
N VAL F 55 32.96 -33.20 54.25
CA VAL F 55 31.69 -32.49 54.44
C VAL F 55 30.55 -33.50 54.39
N THR F 56 29.64 -33.42 55.37
CA THR F 56 28.42 -34.20 55.37
C THR F 56 27.27 -33.29 55.79
N VAL F 57 26.28 -33.13 54.91
CA VAL F 57 25.11 -32.31 55.18
C VAL F 57 23.88 -33.21 55.29
N THR F 58 23.08 -33.01 56.33
CA THR F 58 21.86 -33.76 56.54
C THR F 58 20.72 -32.80 56.85
N VAL F 59 19.50 -33.25 56.57
CA VAL F 59 18.28 -32.50 56.87
C VAL F 59 17.38 -33.38 57.73
N HIS F 60 16.86 -32.81 58.81
CA HIS F 60 15.98 -33.52 59.73
C HIS F 60 14.70 -32.72 59.92
N ASP F 61 13.75 -33.33 60.62
CA ASP F 61 12.57 -32.61 61.06
C ASP F 61 12.94 -31.55 62.08
N PHE F 62 12.29 -30.39 62.00
CA PHE F 62 12.59 -29.33 62.96
C PHE F 62 12.20 -29.68 64.39
N PRO F 63 10.96 -30.10 64.69
CA PRO F 63 10.57 -30.22 66.11
C PRO F 63 11.42 -31.20 66.91
N GLY F 64 11.84 -32.31 66.31
CA GLY F 64 12.53 -33.32 67.09
C GLY F 64 13.74 -33.96 66.42
N LYS F 65 14.00 -33.62 65.16
CA LYS F 65 15.07 -34.25 64.39
C LYS F 65 14.91 -35.77 64.38
N LYS F 66 13.67 -36.22 64.23
CA LYS F 66 13.37 -37.64 64.34
C LYS F 66 14.00 -38.45 63.22
N LEU F 67 13.93 -37.96 61.99
CA LEU F 67 14.33 -38.74 60.83
C LEU F 67 15.18 -37.90 59.89
N VAL F 68 15.86 -38.57 58.97
CA VAL F 68 16.67 -37.93 57.95
C VAL F 68 15.92 -37.95 56.64
N LEU F 69 15.60 -36.75 56.13
CA LEU F 69 14.99 -36.65 54.81
C LEU F 69 16.01 -36.85 53.70
N SER F 70 17.25 -36.41 53.91
CA SER F 70 18.31 -36.56 52.93
C SER F 70 19.65 -36.38 53.62
N SER F 71 20.68 -37.04 53.09
CA SER F 71 22.02 -36.97 53.65
C SER F 71 23.03 -37.10 52.54
N GLU F 72 23.79 -36.04 52.29
CA GLU F 72 24.78 -35.99 51.23
C GLU F 72 26.17 -35.74 51.83
N LYS F 73 27.20 -36.09 51.05
CA LYS F 73 28.57 -35.91 51.49
C LYS F 73 29.42 -35.41 50.33
N THR F 74 30.51 -34.72 50.66
CA THR F 74 31.44 -34.17 49.69
C THR F 74 32.72 -33.82 50.46
N VAL F 75 33.78 -33.50 49.72
CA VAL F 75 35.04 -33.06 50.29
C VAL F 75 35.45 -31.75 49.64
N LEU F 76 35.79 -30.76 50.47
CA LEU F 76 36.22 -29.45 49.98
C LEU F 76 37.74 -29.45 49.87
N THR F 77 38.24 -29.27 48.66
CA THR F 77 39.67 -29.31 48.37
C THR F 77 40.24 -27.90 48.28
N PRO F 78 41.50 -27.69 48.69
CA PRO F 78 42.10 -26.36 48.53
C PRO F 78 42.33 -25.95 47.09
N ALA F 79 42.26 -26.89 46.15
CA ALA F 79 42.39 -26.53 44.73
C ALA F 79 41.26 -25.60 44.29
N THR F 80 40.03 -25.89 44.71
CA THR F 80 38.86 -25.10 44.34
C THR F 80 38.56 -24.02 45.37
N ASN F 81 39.55 -23.61 46.17
CA ASN F 81 39.39 -22.57 47.19
C ASN F 81 38.30 -22.92 48.19
N HIS F 82 38.14 -24.22 48.48
CA HIS F 82 37.14 -24.70 49.44
C HIS F 82 35.74 -24.26 49.05
N MET F 83 35.47 -24.24 47.75
CA MET F 83 34.15 -23.95 47.20
C MET F 83 33.50 -25.26 46.81
N GLY F 84 32.33 -25.53 47.37
CA GLY F 84 31.60 -26.74 47.05
C GLY F 84 30.12 -26.49 47.02
N ASN F 85 29.43 -27.21 46.14
CA ASN F 85 27.98 -27.16 46.04
C ASN F 85 27.44 -28.58 46.02
N VAL F 86 26.58 -28.88 46.99
CA VAL F 86 25.95 -30.18 47.12
C VAL F 86 24.47 -30.04 46.80
N THR F 87 23.97 -30.91 45.91
CA THR F 87 22.58 -30.87 45.46
C THR F 87 21.82 -32.03 46.08
N PHE F 88 20.66 -31.73 46.66
CA PHE F 88 19.83 -32.74 47.28
C PHE F 88 18.37 -32.47 46.94
N THR F 89 17.57 -33.54 47.00
CA THR F 89 16.13 -33.46 46.77
C THR F 89 15.41 -33.86 48.05
N ILE F 90 14.48 -33.03 48.49
CA ILE F 90 13.68 -33.31 49.68
C ILE F 90 12.49 -34.16 49.26
N PRO F 91 12.41 -35.42 49.69
CA PRO F 91 11.30 -36.28 49.26
C PRO F 91 9.97 -35.81 49.82
N ALA F 92 8.91 -36.11 49.08
CA ALA F 92 7.55 -35.78 49.52
C ALA F 92 7.02 -36.86 50.45
N ASN F 93 7.77 -37.14 51.52
CA ASN F 93 7.35 -38.17 52.47
C ASN F 93 6.07 -37.77 53.19
N ARG F 94 5.92 -36.47 53.48
CA ARG F 94 4.77 -35.94 54.23
C ARG F 94 4.67 -36.63 55.60
N GLU F 95 5.83 -36.86 56.21
CA GLU F 95 5.86 -37.53 57.52
C GLU F 95 5.23 -36.66 58.60
N PHE F 96 5.41 -35.35 58.52
CA PHE F 96 4.95 -34.42 59.53
C PHE F 96 4.09 -33.33 58.88
N LYS F 97 3.75 -32.31 59.67
CA LYS F 97 2.94 -31.20 59.19
C LYS F 97 3.61 -30.47 58.03
N ASN F 103 3.16 -24.06 58.66
CA ASN F 103 4.49 -23.84 58.11
C ASN F 103 5.45 -24.94 58.53
N LYS F 104 5.65 -25.92 57.66
CA LYS F 104 6.53 -27.04 57.96
C LYS F 104 8.00 -26.61 57.82
N PHE F 105 8.80 -26.95 58.82
CA PHE F 105 10.22 -26.61 58.84
C PHE F 105 11.07 -27.87 58.82
N VAL F 106 12.28 -27.74 58.30
CA VAL F 106 13.30 -28.78 58.40
C VAL F 106 14.59 -28.11 58.85
N THR F 107 15.35 -28.81 59.69
CA THR F 107 16.64 -28.32 60.14
C THR F 107 17.73 -28.91 59.28
N VAL F 108 18.64 -28.06 58.80
CA VAL F 108 19.75 -28.48 57.96
C VAL F 108 21.03 -28.39 58.79
N GLN F 109 21.68 -29.53 59.00
CA GLN F 109 22.89 -29.61 59.80
C GLN F 109 24.02 -30.11 58.92
N ALA F 110 25.11 -29.34 58.85
CA ALA F 110 26.28 -29.69 58.07
C ALA F 110 27.47 -29.87 59.01
N THR F 111 28.14 -31.01 58.89
CA THR F 111 29.34 -31.30 59.67
C THR F 111 30.55 -30.91 58.84
N PHE F 112 31.26 -29.88 59.29
CA PHE F 112 32.43 -29.34 58.59
C PHE F 112 33.67 -29.87 59.30
N GLY F 113 34.08 -31.07 58.92
CA GLY F 113 35.09 -31.76 59.71
C GLY F 113 34.56 -32.02 61.10
N THR F 114 35.25 -31.48 62.10
CA THR F 114 34.75 -31.55 63.46
C THR F 114 33.63 -30.53 63.71
N GLN F 115 33.71 -29.36 63.08
CA GLN F 115 32.75 -28.30 63.32
C GLN F 115 31.39 -28.65 62.72
N VAL F 116 30.36 -28.05 63.28
CA VAL F 116 28.97 -28.27 62.85
C VAL F 116 28.25 -26.93 62.80
N VAL F 117 27.51 -26.70 61.71
CA VAL F 117 26.66 -25.53 61.57
C VAL F 117 25.24 -26.00 61.26
N GLU F 118 24.27 -25.46 61.98
CA GLU F 118 22.88 -25.85 61.83
C GLU F 118 22.01 -24.63 61.54
N LYS F 119 21.04 -24.80 60.66
CA LYS F 119 20.13 -23.74 60.28
C LYS F 119 18.79 -24.35 59.93
N VAL F 120 17.71 -23.79 60.46
CA VAL F 120 16.35 -24.27 60.20
C VAL F 120 15.73 -23.43 59.09
N VAL F 121 15.25 -24.10 58.05
CA VAL F 121 14.74 -23.44 56.86
C VAL F 121 13.29 -23.85 56.64
N LEU F 122 12.48 -22.89 56.19
CA LEU F 122 11.08 -23.15 55.90
C LEU F 122 10.94 -24.02 54.66
N VAL F 123 9.84 -24.76 54.59
CA VAL F 123 9.58 -25.69 53.49
C VAL F 123 8.15 -25.50 53.00
N SER F 124 7.99 -25.51 51.68
CA SER F 124 6.68 -25.47 51.06
C SER F 124 6.81 -26.03 49.65
N LEU F 125 5.67 -26.42 49.08
CA LEU F 125 5.63 -27.01 47.75
C LEU F 125 4.76 -26.17 46.83
N GLN F 126 5.19 -26.06 45.57
CA GLN F 126 4.44 -25.39 44.53
C GLN F 126 3.98 -26.41 43.50
N SER F 127 2.78 -26.18 42.95
CA SER F 127 2.17 -27.14 42.04
C SER F 127 2.55 -26.89 40.59
N GLY F 128 2.24 -25.70 40.09
CA GLY F 128 2.49 -25.38 38.68
C GLY F 128 1.64 -24.21 38.25
N TYR F 129 1.48 -24.10 36.94
CA TYR F 129 0.71 -23.00 36.34
C TYR F 129 -0.17 -23.54 35.22
N LEU F 130 -1.32 -22.89 35.04
CA LEU F 130 -2.23 -23.18 33.95
C LEU F 130 -2.46 -21.92 33.14
N PHE F 131 -2.33 -22.03 31.82
CA PHE F 131 -2.59 -20.93 30.91
C PHE F 131 -3.73 -21.33 29.98
N ILE F 132 -4.76 -20.51 29.93
CA ILE F 132 -5.97 -20.79 29.14
C ILE F 132 -6.00 -19.83 27.97
N GLN F 133 -6.10 -20.37 26.76
CA GLN F 133 -6.10 -19.59 25.53
C GLN F 133 -7.45 -19.73 24.85
N THR F 134 -8.13 -18.60 24.63
CA THR F 134 -9.39 -18.56 23.91
C THR F 134 -9.19 -17.77 22.63
N ASP F 135 -9.77 -18.25 21.53
CA ASP F 135 -9.59 -17.58 20.24
C ASP F 135 -10.17 -16.17 20.25
N LYS F 136 -11.35 -15.99 20.83
CA LYS F 136 -12.01 -14.70 20.86
C LYS F 136 -12.54 -14.43 22.26
N THR F 137 -12.78 -13.14 22.55
CA THR F 137 -13.34 -12.76 23.83
C THR F 137 -14.82 -12.40 23.77
N ILE F 138 -15.36 -12.14 22.58
CA ILE F 138 -16.78 -11.83 22.40
C ILE F 138 -17.37 -12.84 21.43
N TYR F 139 -18.35 -13.60 21.88
CA TYR F 139 -19.03 -14.60 21.08
C TYR F 139 -20.46 -14.15 20.78
N THR F 140 -21.23 -15.05 20.18
CA THR F 140 -22.66 -14.87 19.97
C THR F 140 -23.36 -16.19 20.26
N PRO F 141 -24.63 -16.16 20.65
CA PRO F 141 -25.37 -17.41 20.85
C PRO F 141 -25.41 -18.25 19.58
N GLY F 142 -24.82 -19.43 19.64
CA GLY F 142 -24.74 -20.35 18.50
C GLY F 142 -23.32 -20.70 18.10
N SER F 143 -22.38 -19.80 18.35
CA SER F 143 -20.99 -20.03 17.98
C SER F 143 -20.32 -20.99 18.95
N THR F 144 -19.17 -21.51 18.54
CA THR F 144 -18.42 -22.50 19.29
C THR F 144 -17.26 -21.84 20.01
N VAL F 145 -17.08 -22.16 21.30
CA VAL F 145 -15.97 -21.66 22.09
C VAL F 145 -14.86 -22.69 22.07
N LEU F 146 -13.69 -22.29 21.58
CA LEU F 146 -12.52 -23.15 21.52
C LEU F 146 -11.47 -22.62 22.47
N TYR F 147 -11.02 -23.48 23.40
CA TYR F 147 -10.05 -23.06 24.40
C TYR F 147 -9.08 -24.21 24.68
N ARG F 148 -7.83 -23.84 24.95
CA ARG F 148 -6.75 -24.78 25.24
C ARG F 148 -6.22 -24.54 26.64
N ILE F 149 -5.81 -25.62 27.30
CA ILE F 149 -5.19 -25.54 28.63
C ILE F 149 -3.74 -26.01 28.50
N PHE F 150 -2.81 -25.16 28.94
CA PHE F 150 -1.39 -25.47 28.90
C PHE F 150 -0.91 -25.76 30.32
N THR F 151 -0.28 -26.92 30.51
CA THR F 151 0.21 -27.35 31.80
C THR F 151 1.72 -27.19 31.85
N VAL F 152 2.21 -26.47 32.87
CA VAL F 152 3.64 -26.20 33.03
C VAL F 152 3.99 -26.30 34.51
N ASN F 153 5.28 -26.43 34.77
CA ASN F 153 5.84 -26.39 36.12
C ASN F 153 6.57 -25.07 36.33
N HIS F 154 7.26 -24.97 37.47
CA HIS F 154 7.93 -23.71 37.82
C HIS F 154 9.02 -23.33 36.84
N LYS F 155 9.53 -24.29 36.06
CA LYS F 155 10.56 -24.02 35.06
C LYS F 155 9.99 -23.82 33.67
N LEU F 156 8.67 -23.78 33.53
CA LEU F 156 7.99 -23.70 32.23
C LEU F 156 8.35 -24.91 31.36
N LEU F 157 7.99 -26.08 31.86
CA LEU F 157 8.16 -27.33 31.13
C LEU F 157 6.88 -28.14 31.20
N PRO F 158 6.50 -28.83 30.13
CA PRO F 158 5.27 -29.62 30.15
C PRO F 158 5.34 -30.72 31.20
N VAL F 159 4.20 -30.97 31.85
CA VAL F 159 4.10 -31.96 32.92
C VAL F 159 2.74 -32.62 32.83
N GLY F 160 2.70 -33.93 33.10
CA GLY F 160 1.46 -34.68 33.03
C GLY F 160 0.74 -34.78 34.36
N ARG F 161 -0.32 -33.99 34.54
CA ARG F 161 -1.10 -33.97 35.76
C ARG F 161 -2.57 -34.14 35.40
N THR F 162 -3.43 -34.08 36.42
CA THR F 162 -4.87 -34.14 36.25
C THR F 162 -5.47 -32.80 36.66
N VAL F 163 -6.23 -32.20 35.75
CA VAL F 163 -6.76 -30.84 35.92
C VAL F 163 -8.25 -30.86 35.66
N MET F 164 -9.00 -30.10 36.47
CA MET F 164 -10.44 -29.96 36.32
C MET F 164 -10.75 -28.62 35.68
N VAL F 165 -11.63 -28.62 34.68
CA VAL F 165 -12.01 -27.42 33.95
C VAL F 165 -13.51 -27.23 34.05
N ASN F 166 -13.94 -26.01 34.40
CA ASN F 166 -15.35 -25.68 34.55
C ASN F 166 -15.65 -24.41 33.77
N ILE F 167 -16.88 -24.32 33.27
CA ILE F 167 -17.39 -23.13 32.61
C ILE F 167 -18.57 -22.62 33.43
N GLU F 168 -18.55 -21.33 33.76
CA GLU F 168 -19.53 -20.72 34.65
C GLU F 168 -20.20 -19.55 33.95
N ASN F 169 -21.50 -19.39 34.18
CA ASN F 169 -22.26 -18.27 33.63
C ASN F 169 -22.09 -17.08 34.57
N PRO F 170 -22.66 -15.92 34.25
CA PRO F 170 -22.49 -14.76 35.15
C PRO F 170 -23.00 -15.01 36.56
N GLU F 171 -24.02 -15.86 36.74
CA GLU F 171 -24.52 -16.14 38.07
C GLU F 171 -23.60 -17.07 38.86
N GLY F 172 -22.65 -17.73 38.20
CA GLY F 172 -21.74 -18.62 38.90
C GLY F 172 -22.17 -20.07 38.98
N ILE F 173 -23.01 -20.54 38.06
CA ILE F 173 -23.53 -21.90 38.09
C ILE F 173 -22.76 -22.71 37.05
N PRO F 174 -21.93 -23.67 37.46
CA PRO F 174 -21.11 -24.43 36.48
C PRO F 174 -21.99 -25.20 35.50
N VAL F 175 -21.91 -24.83 34.24
CA VAL F 175 -22.74 -25.46 33.21
C VAL F 175 -22.03 -26.63 32.54
N LYS F 176 -20.70 -26.61 32.47
CA LYS F 176 -19.92 -27.73 31.94
C LYS F 176 -18.76 -28.03 32.88
N GLN F 177 -18.57 -29.31 33.17
CA GLN F 177 -17.49 -29.78 34.02
C GLN F 177 -16.75 -30.91 33.34
N ASP F 178 -15.42 -30.85 33.37
CA ASP F 178 -14.57 -31.83 32.71
C ASP F 178 -13.38 -32.18 33.59
N SER F 179 -12.97 -33.44 33.53
CA SER F 179 -11.80 -33.94 34.25
C SER F 179 -10.84 -34.52 33.22
N LEU F 180 -9.71 -33.85 33.02
CA LEU F 180 -8.74 -34.24 32.00
C LEU F 180 -7.42 -34.61 32.64
N SER F 181 -6.64 -35.39 31.89
CA SER F 181 -5.27 -35.72 32.26
C SER F 181 -4.37 -35.36 31.10
N SER F 182 -3.34 -34.56 31.36
CA SER F 182 -2.43 -34.10 30.32
C SER F 182 -1.28 -35.05 30.05
N GLN F 183 -1.25 -36.20 30.74
CA GLN F 183 -0.17 -37.16 30.55
C GLN F 183 -0.15 -37.67 29.11
N ASN F 184 1.05 -37.69 28.52
CA ASN F 184 1.33 -38.11 27.16
C ASN F 184 0.80 -37.15 26.10
N GLN F 185 0.14 -36.07 26.49
CA GLN F 185 -0.36 -35.07 25.55
C GLN F 185 0.63 -33.93 25.33
N LEU F 186 1.82 -34.01 25.92
CA LEU F 186 2.85 -32.97 25.81
C LEU F 186 2.38 -31.64 26.39
N GLY F 187 1.51 -31.68 27.39
CA GLY F 187 1.13 -30.49 28.11
C GLY F 187 0.13 -29.58 27.42
N VAL F 188 -0.57 -30.08 26.41
CA VAL F 188 -1.58 -29.30 25.70
C VAL F 188 -2.90 -30.05 25.78
N LEU F 189 -3.95 -29.34 26.19
CA LEU F 189 -5.29 -29.92 26.31
C LEU F 189 -6.28 -29.10 25.50
N PRO F 190 -6.80 -29.62 24.40
CA PRO F 190 -7.82 -28.89 23.63
C PRO F 190 -9.23 -29.21 24.11
N LEU F 191 -10.08 -28.18 24.03
CA LEU F 191 -11.45 -28.29 24.49
C LEU F 191 -12.34 -27.39 23.64
N SER F 192 -13.60 -27.79 23.48
CA SER F 192 -14.56 -27.02 22.72
C SER F 192 -15.92 -27.07 23.39
N TRP F 193 -16.66 -25.96 23.32
CA TRP F 193 -17.99 -25.87 23.90
C TRP F 193 -18.94 -25.26 22.86
N ASP F 194 -20.16 -25.81 22.79
CA ASP F 194 -21.16 -25.39 21.83
C ASP F 194 -22.20 -24.54 22.56
N ILE F 195 -22.19 -23.24 22.29
CA ILE F 195 -23.15 -22.33 22.91
C ILE F 195 -24.54 -22.58 22.32
N PRO F 196 -25.54 -22.86 23.15
CA PRO F 196 -26.91 -22.97 22.63
C PRO F 196 -27.42 -21.66 22.04
N GLU F 197 -28.63 -21.68 21.48
CA GLU F 197 -29.20 -20.48 20.88
C GLU F 197 -29.82 -19.55 21.91
N LEU F 198 -30.03 -20.01 23.14
CA LEU F 198 -30.71 -19.21 24.17
C LEU F 198 -29.93 -19.39 25.47
N VAL F 199 -29.03 -18.46 25.76
CA VAL F 199 -28.15 -18.57 26.92
C VAL F 199 -28.18 -17.26 27.70
N ASN F 200 -27.72 -17.34 28.95
CA ASN F 200 -27.57 -16.14 29.77
C ASN F 200 -26.57 -15.19 29.14
N MET F 201 -26.91 -13.91 29.10
CA MET F 201 -26.09 -12.90 28.45
C MET F 201 -25.32 -12.12 29.52
N GLY F 202 -24.00 -12.08 29.38
CA GLY F 202 -23.16 -11.40 30.35
C GLY F 202 -21.70 -11.76 30.19
N GLN F 203 -21.01 -12.00 31.31
CA GLN F 203 -19.58 -12.31 31.31
C GLN F 203 -19.39 -13.72 31.87
N TRP F 204 -19.14 -14.68 30.99
CA TRP F 204 -18.89 -16.05 31.39
C TRP F 204 -17.41 -16.22 31.76
N LYS F 205 -17.12 -17.28 32.51
CA LYS F 205 -15.78 -17.54 33.00
C LYS F 205 -15.43 -19.01 32.81
N ILE F 206 -14.12 -19.27 32.74
CA ILE F 206 -13.58 -20.62 32.69
C ILE F 206 -12.61 -20.78 33.84
N ARG F 207 -12.82 -21.82 34.66
CA ARG F 207 -12.01 -22.08 35.84
C ARG F 207 -11.25 -23.38 35.65
N ALA F 208 -9.95 -23.35 35.89
CA ALA F 208 -9.09 -24.52 35.78
C ALA F 208 -8.20 -24.61 37.01
N TYR F 209 -8.04 -25.83 37.53
CA TYR F 209 -7.23 -26.07 38.71
C TYR F 209 -6.79 -27.53 38.71
N TYR F 210 -5.58 -27.76 39.22
CA TYR F 210 -5.11 -29.13 39.39
C TYR F 210 -5.91 -29.83 40.48
N GLU F 211 -6.11 -31.14 40.30
CA GLU F 211 -6.87 -31.90 41.29
C GLU F 211 -6.14 -31.93 42.63
N ASN F 212 -4.81 -32.01 42.61
CA ASN F 212 -4.05 -32.13 43.85
C ASN F 212 -4.21 -30.89 44.72
N SER F 213 -4.19 -29.70 44.11
CA SER F 213 -4.23 -28.44 44.84
C SER F 213 -5.37 -27.59 44.32
N PRO F 214 -6.61 -27.86 44.76
CA PRO F 214 -7.75 -27.05 44.33
C PRO F 214 -7.79 -25.65 44.93
N GLN F 215 -6.82 -25.30 45.78
CA GLN F 215 -6.80 -23.95 46.35
C GLN F 215 -6.39 -22.90 45.34
N GLN F 216 -5.71 -23.29 44.27
CA GLN F 216 -5.23 -22.36 43.24
C GLN F 216 -6.08 -22.57 41.99
N VAL F 217 -6.88 -21.56 41.64
CA VAL F 217 -7.76 -21.61 40.48
C VAL F 217 -7.36 -20.49 39.53
N PHE F 218 -7.19 -20.83 38.26
CA PHE F 218 -6.83 -19.87 37.22
C PHE F 218 -8.05 -19.63 36.34
N SER F 219 -8.38 -18.35 36.14
CA SER F 219 -9.64 -17.98 35.50
C SER F 219 -9.39 -17.11 34.28
N THR F 220 -10.17 -17.35 33.22
CA THR F 220 -10.24 -16.45 32.08
C THR F 220 -11.72 -16.25 31.76
N GLU F 221 -12.07 -15.03 31.36
CA GLU F 221 -13.46 -14.65 31.16
C GLU F 221 -13.69 -14.15 29.74
N PHE F 222 -14.90 -14.38 29.24
CA PHE F 222 -15.31 -13.88 27.93
C PHE F 222 -16.74 -13.37 28.05
N GLU F 223 -17.30 -12.92 26.93
CA GLU F 223 -18.64 -12.35 26.89
C GLU F 223 -19.47 -13.09 25.84
N VAL F 224 -20.78 -13.12 26.06
CA VAL F 224 -21.70 -13.78 25.14
C VAL F 224 -22.38 -12.78 24.21
N LYS F 225 -22.86 -11.66 24.75
CA LYS F 225 -23.36 -10.56 23.94
C LYS F 225 -24.52 -10.97 23.03
N GLU F 226 -24.91 -10.09 22.12
CA GLU F 226 -25.99 -10.37 21.19
C GLU F 226 -25.57 -9.95 19.79
N TYR F 227 -26.18 -10.58 18.79
CA TYR F 227 -25.80 -10.37 17.40
C TYR F 227 -25.97 -8.91 16.99
N VAL F 228 -24.86 -8.27 16.64
CA VAL F 228 -24.85 -6.90 16.13
C VAL F 228 -23.87 -6.84 14.98
N LEU F 229 -24.26 -6.17 13.89
CA LEU F 229 -23.40 -6.07 12.72
C LEU F 229 -23.70 -4.78 11.96
N PRO F 230 -22.92 -3.73 12.16
CA PRO F 230 -23.18 -2.46 11.45
C PRO F 230 -22.72 -2.53 10.00
N SER F 231 -23.14 -1.52 9.24
CA SER F 231 -22.77 -1.45 7.83
C SER F 231 -21.27 -1.27 7.65
N PHE F 232 -20.67 -0.41 8.46
CA PHE F 232 -19.22 -0.19 8.43
C PHE F 232 -18.78 0.27 9.81
N GLU F 233 -17.47 0.20 10.05
CA GLU F 233 -16.90 0.50 11.35
C GLU F 233 -16.39 1.93 11.37
N VAL F 234 -16.66 2.63 12.48
CA VAL F 234 -16.23 4.00 12.68
C VAL F 234 -15.60 4.11 14.06
N ILE F 235 -14.44 4.74 14.14
CA ILE F 235 -13.69 4.90 15.38
C ILE F 235 -13.49 6.38 15.65
N VAL F 236 -13.88 6.84 16.83
CA VAL F 236 -13.73 8.23 17.24
C VAL F 236 -12.83 8.27 18.46
N GLU F 237 -11.74 9.03 18.36
CA GLU F 237 -10.78 9.12 19.46
C GLU F 237 -10.02 10.43 19.33
N PRO F 238 -9.67 11.06 20.45
CA PRO F 238 -8.84 12.27 20.39
C PRO F 238 -7.36 11.91 20.26
N THR F 239 -6.58 12.92 19.86
CA THR F 239 -5.15 12.72 19.77
C THR F 239 -4.53 12.48 21.15
N GLU F 240 -4.93 13.26 22.13
CA GLU F 240 -4.45 13.10 23.50
C GLU F 240 -5.32 12.12 24.26
N LYS F 241 -4.93 11.83 25.50
CA LYS F 241 -5.71 10.96 26.38
C LYS F 241 -6.46 11.75 27.45
N PHE F 242 -6.48 13.08 27.34
CA PHE F 242 -7.13 13.94 28.31
C PHE F 242 -7.34 15.30 27.67
N TYR F 243 -7.73 16.28 28.48
CA TYR F 243 -7.81 17.67 28.04
C TYR F 243 -7.15 18.55 29.09
N TYR F 244 -6.32 19.48 28.63
CA TYR F 244 -5.67 20.45 29.50
C TYR F 244 -6.41 21.77 29.39
N ILE F 245 -6.78 22.34 30.54
CA ILE F 245 -7.67 23.49 30.55
C ILE F 245 -7.03 24.69 29.84
N TYR F 246 -5.76 24.95 30.14
CA TYR F 246 -5.06 26.10 29.59
C TYR F 246 -4.46 25.84 28.21
N ASN F 247 -4.96 24.83 27.49
CA ASN F 247 -4.47 24.49 26.17
C ASN F 247 -5.31 25.22 25.13
N GLU F 248 -4.75 26.27 24.53
CA GLU F 248 -5.49 27.09 23.59
C GLU F 248 -5.84 26.35 22.29
N LYS F 249 -5.11 25.29 21.96
CA LYS F 249 -5.38 24.55 20.73
C LYS F 249 -6.74 23.87 20.75
N GLY F 250 -7.33 23.68 21.92
CA GLY F 250 -8.60 22.98 22.02
C GLY F 250 -8.42 21.48 22.03
N LEU F 251 -9.56 20.79 21.94
CA LEU F 251 -9.59 19.34 21.89
C LEU F 251 -9.81 18.89 20.44
N GLU F 252 -8.84 18.16 19.90
CA GLU F 252 -8.90 17.70 18.51
C GLU F 252 -9.24 16.22 18.48
N VAL F 253 -10.18 15.84 17.63
CA VAL F 253 -10.67 14.48 17.52
C VAL F 253 -10.50 14.01 16.08
N THR F 254 -10.09 12.76 15.91
CA THR F 254 -9.86 12.17 14.60
C THR F 254 -10.89 11.07 14.36
N ILE F 255 -11.83 11.33 13.46
CA ILE F 255 -12.86 10.36 13.10
C ILE F 255 -12.35 9.51 11.95
N THR F 256 -12.39 8.18 12.13
CA THR F 256 -11.92 7.23 11.13
C THR F 256 -13.05 6.29 10.76
N ALA F 257 -13.21 6.03 9.46
CA ALA F 257 -14.23 5.13 8.97
C ALA F 257 -13.63 4.20 7.92
N ARG F 258 -14.05 2.94 7.93
CA ARG F 258 -13.63 1.98 6.92
C ARG F 258 -14.65 0.85 6.88
N PHE F 259 -14.86 0.32 5.68
CA PHE F 259 -15.83 -0.75 5.48
C PHE F 259 -15.36 -2.02 6.19
N LEU F 260 -16.22 -3.04 6.16
CA LEU F 260 -15.89 -4.32 6.76
C LEU F 260 -14.94 -5.16 5.93
N TYR F 261 -14.76 -4.83 4.65
CA TYR F 261 -13.85 -5.56 3.77
C TYR F 261 -12.54 -4.83 3.54
N GLY F 262 -12.30 -3.72 4.23
CA GLY F 262 -11.00 -3.08 4.19
C GLY F 262 -10.95 -1.71 3.55
N LYS F 263 -11.74 -1.48 2.50
CA LYS F 263 -11.68 -0.23 1.78
C LYS F 263 -12.20 0.91 2.65
N LYS F 264 -11.73 2.12 2.36
CA LYS F 264 -12.04 3.28 3.18
C LYS F 264 -13.44 3.81 2.86
N VAL F 265 -13.85 4.83 3.60
CA VAL F 265 -15.16 5.46 3.45
C VAL F 265 -14.98 6.93 3.11
N GLU F 266 -15.75 7.41 2.14
CA GLU F 266 -15.79 8.83 1.79
C GLU F 266 -17.21 9.33 1.97
N GLY F 267 -17.40 10.26 2.90
CA GLY F 267 -18.72 10.77 3.19
C GLY F 267 -18.68 12.03 4.05
N THR F 268 -19.72 12.24 4.86
CA THR F 268 -19.79 13.39 5.74
C THR F 268 -20.14 12.92 7.14
N ALA F 269 -19.50 13.53 8.13
CA ALA F 269 -19.69 13.19 9.53
C ALA F 269 -20.20 14.40 10.29
N PHE F 270 -21.23 14.20 11.11
CA PHE F 270 -21.77 15.24 11.97
C PHE F 270 -21.34 14.94 13.40
N VAL F 271 -20.54 15.83 13.99
CA VAL F 271 -19.98 15.61 15.31
C VAL F 271 -20.52 16.68 16.26
N ILE F 272 -20.84 16.26 17.48
CA ILE F 272 -21.30 17.16 18.54
C ILE F 272 -20.64 16.74 19.85
N PHE F 273 -20.07 17.71 20.55
CA PHE F 273 -19.43 17.46 21.83
C PHE F 273 -20.40 17.71 22.99
N GLY F 274 -19.92 17.44 24.20
CA GLY F 274 -20.73 17.68 25.37
C GLY F 274 -20.01 17.42 26.68
N ILE F 275 -20.17 18.32 27.65
CA ILE F 275 -19.62 18.14 28.99
C ILE F 275 -20.42 17.04 29.69
N GLN F 276 -19.90 16.55 30.81
CA GLN F 276 -20.61 15.52 31.59
C GLN F 276 -20.23 15.72 33.06
N ASP F 277 -21.15 16.34 33.82
CA ASP F 277 -20.91 16.62 35.24
C ASP F 277 -21.37 15.42 36.05
N GLY F 278 -20.53 14.39 36.08
CA GLY F 278 -20.83 13.20 36.83
C GLY F 278 -21.76 12.25 36.10
N GLU F 279 -23.04 12.59 36.05
CA GLU F 279 -24.01 11.78 35.32
C GLU F 279 -24.97 12.60 34.47
N GLN F 280 -24.89 13.93 34.51
CA GLN F 280 -25.75 14.81 33.72
C GLN F 280 -24.96 15.37 32.55
N ARG F 281 -25.50 15.20 31.34
CA ARG F 281 -24.83 15.64 30.12
C ARG F 281 -25.39 16.99 29.70
N ILE F 282 -24.61 18.05 29.93
CA ILE F 282 -24.99 19.40 29.48
C ILE F 282 -24.42 19.55 28.07
N SER F 283 -25.17 19.04 27.09
CA SER F 283 -24.70 19.02 25.72
C SER F 283 -24.47 20.43 25.20
N LEU F 284 -23.42 20.59 24.40
CA LEU F 284 -23.04 21.89 23.88
C LEU F 284 -23.65 22.09 22.50
N PRO F 285 -24.54 23.07 22.31
CA PRO F 285 -25.20 23.23 21.02
C PRO F 285 -24.35 23.92 19.97
N GLU F 286 -23.49 24.85 20.42
CA GLU F 286 -22.68 25.63 19.49
C GLU F 286 -21.53 24.82 18.90
N SER F 287 -21.22 23.64 19.44
CA SER F 287 -20.10 22.84 18.98
C SER F 287 -20.46 21.87 17.87
N LEU F 288 -21.71 21.86 17.42
CA LEU F 288 -22.11 20.98 16.34
C LEU F 288 -21.41 21.39 15.05
N LYS F 289 -20.74 20.44 14.41
CA LYS F 289 -19.95 20.70 13.22
C LYS F 289 -20.24 19.64 12.17
N ARG F 290 -20.00 19.99 10.91
CA ARG F 290 -20.11 19.07 9.80
C ARG F 290 -18.75 19.01 9.12
N ILE F 291 -18.21 17.80 8.97
CA ILE F 291 -16.87 17.63 8.41
C ILE F 291 -16.91 16.61 7.29
N PRO F 292 -16.08 16.77 6.26
CA PRO F 292 -16.02 15.76 5.20
C PRO F 292 -15.00 14.68 5.50
N ILE F 293 -15.41 13.42 5.43
CA ILE F 293 -14.51 12.30 5.64
C ILE F 293 -13.96 11.91 4.27
N GLU F 294 -12.71 12.29 4.02
CA GLU F 294 -12.02 11.95 2.79
C GLU F 294 -10.83 11.04 3.11
N ASP F 295 -10.59 10.07 2.23
CA ASP F 295 -9.52 9.08 2.37
C ASP F 295 -9.93 8.09 3.47
N GLY F 296 -10.98 8.41 4.20
CA GLY F 296 -11.42 7.60 5.31
C GLY F 296 -11.10 8.12 6.68
N SER F 297 -10.57 9.34 6.79
CA SER F 297 -10.23 9.92 8.08
C SER F 297 -10.58 11.40 8.07
N GLY F 298 -11.15 11.88 9.18
CA GLY F 298 -11.47 13.28 9.32
C GLY F 298 -10.77 13.91 10.50
N GLU F 299 -11.16 15.14 10.86
CA GLU F 299 -10.60 15.83 12.01
C GLU F 299 -11.46 17.02 12.40
N VAL F 300 -11.77 17.15 13.69
CA VAL F 300 -12.59 18.24 14.20
C VAL F 300 -11.96 18.74 15.50
N VAL F 301 -11.96 20.05 15.68
CA VAL F 301 -11.39 20.69 16.86
C VAL F 301 -12.49 21.44 17.61
N LEU F 302 -12.54 21.24 18.93
CA LEU F 302 -13.40 22.04 19.80
C LEU F 302 -12.59 23.19 20.37
N SER F 303 -13.01 24.41 20.09
CA SER F 303 -12.30 25.57 20.60
C SER F 303 -12.54 25.72 22.10
N ARG F 304 -11.51 26.23 22.80
CA ARG F 304 -11.62 26.45 24.23
C ARG F 304 -12.68 27.50 24.56
N LYS F 305 -12.80 28.52 23.71
CA LYS F 305 -13.77 29.59 23.95
C LYS F 305 -15.19 29.04 23.93
N VAL F 306 -15.50 28.13 23.00
CA VAL F 306 -16.83 27.54 22.93
C VAL F 306 -17.15 26.79 24.22
N LEU F 307 -16.20 25.98 24.70
CA LEU F 307 -16.42 25.21 25.91
C LEU F 307 -16.59 26.12 27.12
N LEU F 308 -15.79 27.17 27.21
CA LEU F 308 -15.91 28.09 28.35
C LEU F 308 -17.24 28.83 28.32
N ASP F 309 -17.69 29.26 27.15
CA ASP F 309 -18.95 29.98 27.05
C ASP F 309 -20.15 29.05 27.18
N GLY F 310 -19.98 27.74 26.97
CA GLY F 310 -21.10 26.82 27.09
C GLY F 310 -21.65 26.72 28.50
N VAL F 311 -20.76 26.79 29.50
CA VAL F 311 -21.16 26.65 30.90
C VAL F 311 -21.31 27.98 31.60
N GLN F 312 -21.17 29.10 30.89
CA GLN F 312 -21.35 30.46 31.43
C GLN F 312 -20.60 30.67 32.74
N ASN F 313 -19.47 30.00 32.91
CA ASN F 313 -18.65 30.12 34.11
C ASN F 313 -17.38 30.88 33.76
N LEU F 314 -17.09 31.94 34.53
CA LEU F 314 -15.90 32.74 34.26
C LEU F 314 -14.62 32.02 34.69
N ARG F 315 -14.71 31.12 35.67
CA ARG F 315 -13.55 30.42 36.16
C ARG F 315 -13.28 29.20 35.29
N ALA F 316 -12.07 29.15 34.72
CA ALA F 316 -11.70 28.00 33.89
C ALA F 316 -11.40 26.76 34.73
N GLU F 317 -10.91 26.96 35.96
CA GLU F 317 -10.57 25.83 36.82
C GLU F 317 -11.79 25.06 37.29
N ASP F 318 -12.99 25.64 37.16
CA ASP F 318 -14.19 24.95 37.64
C ASP F 318 -14.55 23.75 36.80
N LEU F 319 -13.99 23.61 35.60
CA LEU F 319 -14.30 22.48 34.74
C LEU F 319 -13.45 21.24 35.04
N VAL F 320 -12.54 21.33 36.01
CA VAL F 320 -11.70 20.18 36.33
C VAL F 320 -12.57 19.05 36.88
N GLY F 321 -12.38 17.85 36.35
CA GLY F 321 -13.16 16.70 36.75
C GLY F 321 -14.45 16.49 35.99
N LYS F 322 -14.81 17.41 35.11
CA LYS F 322 -16.01 17.29 34.29
C LYS F 322 -15.60 16.74 32.93
N SER F 323 -15.67 15.42 32.79
CA SER F 323 -15.23 14.77 31.56
C SER F 323 -16.13 15.13 30.39
N LEU F 324 -15.53 15.19 29.20
CA LEU F 324 -16.24 15.48 27.96
C LEU F 324 -16.59 14.19 27.24
N TYR F 325 -17.47 14.30 26.24
CA TYR F 325 -17.78 13.17 25.38
C TYR F 325 -18.04 13.68 23.97
N VAL F 326 -17.82 12.81 23.00
CA VAL F 326 -17.97 13.14 21.58
C VAL F 326 -18.94 12.15 20.96
N SER F 327 -19.91 12.67 20.21
CA SER F 327 -20.85 11.86 19.46
C SER F 327 -20.72 12.21 17.98
N ALA F 328 -20.49 11.22 17.14
CA ALA F 328 -20.29 11.42 15.73
C ALA F 328 -21.27 10.56 14.94
N THR F 329 -21.72 11.08 13.80
CA THR F 329 -22.67 10.40 12.94
C THR F 329 -22.15 10.45 11.51
N VAL F 330 -21.69 9.32 11.00
CA VAL F 330 -21.09 9.23 9.68
C VAL F 330 -22.16 8.81 8.68
N ILE F 331 -22.28 9.55 7.58
CA ILE F 331 -23.27 9.29 6.54
C ILE F 331 -22.54 9.04 5.23
N LEU F 332 -22.83 7.91 4.60
CA LEU F 332 -22.19 7.56 3.34
C LEU F 332 -22.60 8.54 2.25
N HIS F 333 -21.72 8.68 1.25
CA HIS F 333 -21.98 9.58 0.14
C HIS F 333 -22.76 8.92 -0.99
N SER F 334 -22.67 7.60 -1.12
CA SER F 334 -23.37 6.91 -2.20
C SER F 334 -24.85 6.74 -1.88
N GLY F 335 -25.16 6.03 -0.80
CA GLY F 335 -26.54 5.78 -0.44
C GLY F 335 -27.00 6.56 0.76
N SER F 336 -27.69 5.88 1.69
CA SER F 336 -28.19 6.51 2.91
C SER F 336 -27.77 5.74 4.15
N ASP F 337 -26.71 4.93 4.05
CA ASP F 337 -26.23 4.19 5.21
C ASP F 337 -25.68 5.13 6.27
N MET F 338 -26.06 4.88 7.52
CA MET F 338 -25.69 5.73 8.64
C MET F 338 -25.26 4.87 9.81
N VAL F 339 -24.14 5.21 10.42
CA VAL F 339 -23.65 4.55 11.63
C VAL F 339 -23.23 5.61 12.62
N GLN F 340 -23.24 5.25 13.90
CA GLN F 340 -22.95 6.18 14.97
C GLN F 340 -21.80 5.66 15.83
N ALA F 341 -21.00 6.59 16.34
CA ALA F 341 -19.87 6.27 17.19
C ALA F 341 -19.81 7.27 18.33
N GLU F 342 -19.15 6.87 19.41
CA GLU F 342 -19.06 7.71 20.60
C GLU F 342 -17.74 7.45 21.30
N ARG F 343 -17.29 8.43 22.08
CA ARG F 343 -16.08 8.29 22.88
C ARG F 343 -16.30 9.11 24.16
N SER F 344 -16.80 8.45 25.19
CA SER F 344 -17.18 9.11 26.43
C SER F 344 -16.11 8.94 27.49
N GLY F 345 -15.85 10.00 28.23
CA GLY F 345 -14.92 9.95 29.34
C GLY F 345 -13.57 10.59 29.11
N ILE F 346 -13.50 11.64 28.29
CA ILE F 346 -12.25 12.36 28.08
C ILE F 346 -12.08 13.33 29.25
N PRO F 347 -11.18 13.06 30.20
CA PRO F 347 -11.12 13.88 31.41
C PRO F 347 -10.64 15.29 31.13
N ILE F 348 -11.06 16.21 31.97
CA ILE F 348 -10.53 17.57 32.00
C ILE F 348 -9.65 17.66 33.24
N VAL F 349 -8.35 17.80 33.03
CA VAL F 349 -7.38 17.75 34.13
C VAL F 349 -6.37 18.86 33.98
N THR F 350 -5.88 19.35 35.12
CA THR F 350 -4.78 20.32 35.16
C THR F 350 -3.47 19.70 35.60
N SER F 351 -3.49 18.50 36.18
CA SER F 351 -2.29 17.74 36.53
C SER F 351 -2.46 16.32 35.99
N PRO F 352 -2.42 16.16 34.66
CA PRO F 352 -2.72 14.84 34.09
C PRO F 352 -1.78 13.73 34.52
N TYR F 353 -0.51 14.03 34.73
CA TYR F 353 0.51 13.01 34.98
C TYR F 353 0.76 12.85 36.46
N GLN F 354 0.77 11.60 36.93
CA GLN F 354 1.10 11.26 38.30
C GLN F 354 2.32 10.35 38.30
N ILE F 355 3.20 10.54 39.26
CA ILE F 355 4.55 9.99 39.22
C ILE F 355 4.77 9.08 40.42
N HIS F 356 5.47 7.97 40.18
CA HIS F 356 5.68 6.95 41.20
C HIS F 356 7.06 6.33 41.07
N PHE F 357 7.51 5.70 42.14
CA PHE F 357 8.71 4.87 42.14
C PHE F 357 8.31 3.41 42.02
N THR F 358 9.11 2.61 41.31
CA THR F 358 8.77 1.22 41.06
C THR F 358 9.74 0.23 41.70
N LYS F 359 11.02 0.29 41.35
CA LYS F 359 11.96 -0.77 41.72
C LYS F 359 13.22 -0.21 42.35
N THR F 360 13.10 0.94 43.01
CA THR F 360 14.24 1.50 43.71
C THR F 360 14.53 0.69 44.98
N PRO F 361 15.80 0.48 45.31
CA PRO F 361 16.13 -0.07 46.64
C PRO F 361 15.75 0.94 47.71
N LYS F 362 15.87 0.58 48.98
CA LYS F 362 15.61 1.54 50.05
C LYS F 362 16.83 1.84 50.89
N TYR F 363 17.90 1.04 50.78
CA TYR F 363 19.12 1.26 51.53
C TYR F 363 20.27 1.51 50.57
N PHE F 364 21.00 2.60 50.80
CA PHE F 364 22.07 3.04 49.91
C PHE F 364 23.39 3.05 50.66
N LYS F 365 24.44 2.58 50.00
CA LYS F 365 25.78 2.68 50.57
C LYS F 365 26.23 4.13 50.47
N PRO F 366 26.53 4.80 51.58
CA PRO F 366 26.87 6.23 51.50
C PRO F 366 28.10 6.47 50.65
N GLY F 367 28.07 7.57 49.89
CA GLY F 367 29.19 7.97 49.08
C GLY F 367 29.33 7.26 47.75
N MET F 368 28.32 6.51 47.33
CA MET F 368 28.36 5.77 46.08
C MET F 368 27.02 5.93 45.37
N PRO F 369 27.00 5.79 44.03
CA PRO F 369 25.80 6.10 43.27
C PRO F 369 24.60 5.24 43.67
N PHE F 370 23.42 5.84 43.52
CA PHE F 370 22.14 5.24 43.87
C PHE F 370 21.25 5.27 42.65
N ASP F 371 20.69 4.13 42.27
CA ASP F 371 19.89 4.01 41.06
C ASP F 371 18.40 4.05 41.41
N LEU F 372 17.67 4.93 40.74
CA LEU F 372 16.23 5.04 40.89
C LEU F 372 15.53 4.38 39.72
N MET F 373 14.20 4.47 39.72
CA MET F 373 13.37 4.09 38.59
C MET F 373 11.98 4.65 38.79
N VAL F 374 11.41 5.25 37.77
CA VAL F 374 10.22 6.10 37.91
C VAL F 374 9.17 5.67 36.89
N PHE F 375 7.90 5.79 37.28
CA PHE F 375 6.78 5.36 36.46
C PHE F 375 5.75 6.47 36.41
N VAL F 376 5.49 6.99 35.21
CA VAL F 376 4.57 8.10 34.99
C VAL F 376 3.33 7.58 34.29
N THR F 377 2.16 7.84 34.87
CA THR F 377 0.92 7.28 34.37
C THR F 377 -0.10 8.37 34.06
N ASN F 378 -0.96 8.08 33.09
CA ASN F 378 -2.00 8.99 32.64
C ASN F 378 -3.11 9.04 33.68
N PRO F 379 -4.06 9.98 33.56
CA PRO F 379 -5.17 10.02 34.53
C PRO F 379 -5.97 8.73 34.58
N ASP F 380 -6.11 8.03 33.46
CA ASP F 380 -6.90 6.80 33.43
C ASP F 380 -6.13 5.58 33.91
N GLY F 381 -4.84 5.74 34.24
CA GLY F 381 -4.04 4.63 34.74
C GLY F 381 -3.14 3.96 33.73
N SER F 382 -3.06 4.49 32.51
CA SER F 382 -2.21 3.92 31.49
C SER F 382 -0.81 4.54 31.53
N PRO F 383 0.22 3.79 31.15
CA PRO F 383 1.57 4.34 31.17
C PRO F 383 1.74 5.48 30.18
N ALA F 384 2.52 6.47 30.58
CA ALA F 384 2.81 7.62 29.74
C ALA F 384 3.95 7.30 28.77
N TYR F 385 4.24 8.25 27.89
CA TYR F 385 5.21 8.00 26.83
C TYR F 385 5.87 9.31 26.41
N ARG F 386 7.20 9.32 26.43
CA ARG F 386 8.02 10.51 26.16
C ARG F 386 7.62 11.68 27.05
N VAL F 387 7.54 11.42 28.35
CA VAL F 387 7.40 12.46 29.35
C VAL F 387 8.74 12.60 30.07
N PRO F 388 9.48 13.69 29.88
CA PRO F 388 10.75 13.85 30.58
C PRO F 388 10.57 13.84 32.08
N VAL F 389 11.51 13.22 32.78
CA VAL F 389 11.57 13.24 34.23
C VAL F 389 12.94 13.78 34.64
N ALA F 390 13.02 14.28 35.86
CA ALA F 390 14.27 14.83 36.36
C ALA F 390 14.20 14.97 37.87
N VAL F 391 15.30 14.63 38.55
CA VAL F 391 15.40 14.87 39.98
C VAL F 391 15.47 16.37 40.24
N GLN F 392 14.98 16.78 41.40
CA GLN F 392 14.90 18.19 41.77
C GLN F 392 16.22 18.63 42.40
N GLY F 393 16.86 19.63 41.80
CA GLY F 393 18.09 20.20 42.31
C GLY F 393 19.34 19.79 41.58
N GLU F 394 19.29 18.74 40.77
CA GLU F 394 20.46 18.27 40.03
C GLU F 394 20.39 18.63 38.55
N ASP F 395 19.24 18.43 37.91
CA ASP F 395 18.89 19.02 36.63
C ASP F 395 19.67 18.31 35.51
N THR F 396 20.69 17.53 35.86
CA THR F 396 21.55 16.89 34.88
C THR F 396 21.28 15.40 34.77
N VAL F 397 20.28 14.89 35.48
CA VAL F 397 19.99 13.46 35.53
C VAL F 397 18.69 13.17 34.77
N GLN F 398 18.41 13.96 33.75
CA GLN F 398 17.17 13.84 33.00
C GLN F 398 17.10 12.50 32.27
N SER F 399 15.92 12.22 31.71
CA SER F 399 15.67 11.02 30.93
C SER F 399 14.33 11.20 30.22
N LEU F 400 13.98 10.21 29.40
CA LEU F 400 12.69 10.17 28.71
C LEU F 400 11.97 8.88 29.07
N THR F 401 10.69 9.00 29.40
CA THR F 401 9.88 7.84 29.73
C THR F 401 9.78 6.91 28.52
N GLN F 402 9.92 5.61 28.77
CA GLN F 402 9.96 4.62 27.70
C GLN F 402 8.56 4.11 27.39
N GLY F 403 8.47 3.03 26.61
CA GLY F 403 7.18 2.49 26.23
C GLY F 403 6.40 1.93 27.41
N ASP F 404 7.10 1.33 28.36
CA ASP F 404 6.46 0.73 29.53
C ASP F 404 6.28 1.71 30.67
N GLY F 405 6.61 2.99 30.46
CA GLY F 405 6.47 3.98 31.50
C GLY F 405 7.62 4.09 32.47
N VAL F 406 8.71 3.36 32.25
CA VAL F 406 9.84 3.31 33.17
C VAL F 406 10.92 4.26 32.70
N ALA F 407 11.36 5.15 33.59
CA ALA F 407 12.48 6.04 33.36
C ALA F 407 13.54 5.77 34.42
N LYS F 408 14.78 5.53 33.99
CA LYS F 408 15.85 5.10 34.88
C LYS F 408 16.85 6.24 35.09
N LEU F 409 17.11 6.57 36.34
CA LEU F 409 18.00 7.65 36.72
C LEU F 409 19.04 7.14 37.69
N SER F 410 20.08 7.95 37.90
CA SER F 410 21.10 7.66 38.90
C SER F 410 21.52 8.95 39.59
N ILE F 411 21.68 8.88 40.91
CA ILE F 411 22.08 10.04 41.70
C ILE F 411 23.19 9.62 42.66
N ASN F 412 24.28 10.37 42.69
CA ASN F 412 25.36 10.09 43.63
C ASN F 412 24.98 10.55 45.03
N THR F 413 25.40 9.79 46.02
CA THR F 413 24.97 9.98 47.40
C THR F 413 26.03 10.75 48.20
N HIS F 414 25.58 11.37 49.28
CA HIS F 414 26.46 12.13 50.15
C HIS F 414 27.37 11.20 50.95
N PRO F 415 28.50 11.71 51.45
CA PRO F 415 29.42 10.85 52.20
C PRO F 415 29.06 10.66 53.67
N SER F 416 28.10 11.42 54.19
CA SER F 416 27.67 11.25 55.58
C SER F 416 26.74 10.05 55.68
N GLN F 417 26.14 9.85 56.86
CA GLN F 417 25.20 8.76 57.09
C GLN F 417 23.79 9.24 57.41
N LYS F 418 23.49 10.50 57.09
CA LYS F 418 22.13 10.97 57.22
C LYS F 418 21.27 10.42 56.08
N PRO F 419 19.96 10.25 56.30
CA PRO F 419 19.11 9.68 55.25
C PRO F 419 19.06 10.56 54.01
N LEU F 420 18.87 9.91 52.86
CA LEU F 420 18.87 10.58 51.57
C LEU F 420 17.42 10.79 51.12
N SER F 421 17.07 12.04 50.85
CA SER F 421 15.75 12.40 50.33
C SER F 421 15.88 12.74 48.84
N ILE F 422 15.10 12.05 48.02
CA ILE F 422 15.17 12.20 46.56
C ILE F 422 13.78 12.50 46.04
N THR F 423 13.68 13.55 45.21
CA THR F 423 12.41 13.98 44.62
C THR F 423 12.53 13.97 43.11
N VAL F 424 11.51 13.43 42.43
CA VAL F 424 11.47 13.36 40.99
C VAL F 424 10.28 14.16 40.50
N ARG F 425 10.46 14.88 39.39
CA ARG F 425 9.39 15.67 38.80
C ARG F 425 9.39 15.50 37.29
N THR F 426 8.20 15.40 36.71
CA THR F 426 8.07 15.40 35.26
C THR F 426 8.32 16.80 34.72
N LYS F 427 9.01 16.88 33.59
CA LYS F 427 9.35 18.17 33.02
C LYS F 427 8.82 18.32 31.60
N LYS F 428 7.57 17.94 31.37
CA LYS F 428 6.93 18.24 30.09
C LYS F 428 6.67 19.74 30.00
N GLN F 429 6.91 20.30 28.81
CA GLN F 429 6.97 21.75 28.67
C GLN F 429 5.60 22.42 28.77
N GLU F 430 4.53 21.71 28.39
CA GLU F 430 3.24 22.37 28.24
C GLU F 430 2.71 22.92 29.56
N LEU F 431 2.93 22.21 30.66
CA LEU F 431 2.38 22.61 31.94
C LEU F 431 3.31 23.60 32.65
N SER F 432 2.80 24.21 33.71
CA SER F 432 3.58 25.08 34.57
C SER F 432 4.26 24.27 35.66
N GLU F 433 5.13 24.95 36.42
CA GLU F 433 5.88 24.27 37.47
C GLU F 433 4.96 23.73 38.56
N ALA F 434 3.96 24.51 38.95
CA ALA F 434 3.06 24.09 40.03
C ALA F 434 2.17 22.91 39.64
N GLU F 435 2.03 22.63 38.34
CA GLU F 435 1.15 21.57 37.88
C GLU F 435 1.88 20.28 37.55
N GLN F 436 3.19 20.22 37.73
CA GLN F 436 3.95 19.02 37.40
C GLN F 436 3.85 17.99 38.52
N ALA F 437 3.94 16.71 38.13
CA ALA F 437 3.93 15.63 39.10
C ALA F 437 5.19 15.65 39.96
N THR F 438 5.07 15.14 41.18
CA THR F 438 6.20 15.11 42.11
C THR F 438 6.02 13.98 43.11
N ARG F 439 7.08 13.22 43.35
CA ARG F 439 7.08 12.14 44.32
C ARG F 439 8.37 12.19 45.11
N THR F 440 8.27 11.97 46.42
CA THR F 440 9.39 12.07 47.34
C THR F 440 9.62 10.73 48.03
N MET F 441 10.88 10.34 48.14
CA MET F 441 11.26 9.07 48.76
C MET F 441 12.47 9.31 49.67
N GLN F 442 12.56 8.50 50.73
CA GLN F 442 13.65 8.60 51.69
C GLN F 442 14.35 7.26 51.80
N ALA F 443 15.68 7.26 51.72
CA ALA F 443 16.48 6.05 51.82
C ALA F 443 17.42 6.16 53.01
N LEU F 444 17.71 5.00 53.63
CA LEU F 444 18.53 4.95 54.83
C LEU F 444 19.89 4.33 54.54
N PRO F 445 20.94 4.75 55.23
CA PRO F 445 22.28 4.23 54.94
C PRO F 445 22.42 2.77 55.33
N TYR F 446 23.29 2.07 54.60
CA TYR F 446 23.64 0.70 54.93
C TYR F 446 24.44 0.68 56.22
N SER F 447 24.06 -0.21 57.13
CA SER F 447 24.58 -0.20 58.50
C SER F 447 25.90 -0.97 58.57
N THR F 448 26.98 -0.26 58.85
CA THR F 448 28.26 -0.92 59.07
C THR F 448 28.22 -1.73 60.36
N VAL F 449 28.98 -2.84 60.37
CA VAL F 449 28.91 -3.77 61.48
C VAL F 449 29.42 -3.13 62.77
N GLY F 450 30.59 -2.50 62.70
CA GLY F 450 31.16 -1.87 63.87
C GLY F 450 31.61 -0.44 63.62
N ASN F 451 30.85 0.28 62.80
CA ASN F 451 31.23 1.63 62.36
C ASN F 451 32.61 1.61 61.71
N SER F 452 32.89 0.54 60.97
CA SER F 452 34.19 0.34 60.35
C SER F 452 34.30 0.99 58.98
N ASN F 453 33.20 1.52 58.42
CA ASN F 453 33.20 2.15 57.11
C ASN F 453 33.74 1.22 56.04
N ASN F 454 33.37 -0.05 56.09
CA ASN F 454 33.71 -1.03 55.08
C ASN F 454 32.47 -1.34 54.25
N TYR F 455 32.60 -1.22 52.93
CA TYR F 455 31.47 -1.37 52.03
C TYR F 455 31.88 -2.23 50.83
N LEU F 456 30.87 -2.81 50.18
CA LEU F 456 31.03 -3.44 48.88
C LEU F 456 30.01 -2.83 47.93
N HIS F 457 30.41 -2.63 46.69
CA HIS F 457 29.55 -1.99 45.70
C HIS F 457 29.59 -2.78 44.40
N LEU F 458 28.41 -3.10 43.87
CA LEU F 458 28.28 -3.78 42.59
C LEU F 458 27.62 -2.83 41.61
N SER F 459 28.29 -2.55 40.49
CA SER F 459 27.77 -1.65 39.48
C SER F 459 27.50 -2.44 38.20
N VAL F 460 26.29 -2.32 37.68
CA VAL F 460 25.83 -3.08 36.52
C VAL F 460 25.17 -2.11 35.55
N LEU F 461 25.02 -2.53 34.31
CA LEU F 461 24.33 -1.70 33.33
C LEU F 461 22.84 -1.69 33.63
N ARG F 462 22.23 -0.51 33.54
CA ARG F 462 20.81 -0.37 33.85
C ARG F 462 19.97 -0.32 32.57
N THR F 463 20.06 -1.39 31.80
CA THR F 463 19.26 -1.57 30.59
C THR F 463 18.78 -3.02 30.56
N GLU F 464 18.30 -3.44 29.41
CA GLU F 464 17.80 -4.78 29.22
C GLU F 464 18.82 -5.59 28.41
N LEU F 465 19.17 -6.76 28.90
CA LEU F 465 20.11 -7.63 28.22
C LEU F 465 19.38 -8.67 27.38
N ARG F 466 20.15 -9.44 26.62
CA ARG F 466 19.65 -10.52 25.81
C ARG F 466 20.52 -11.75 26.00
N PRO F 467 19.97 -12.95 25.83
CA PRO F 467 20.80 -14.15 25.90
C PRO F 467 21.88 -14.12 24.84
N GLY F 468 23.07 -14.61 25.21
CA GLY F 468 24.24 -14.57 24.36
C GLY F 468 25.15 -13.38 24.59
N GLU F 469 24.64 -12.32 25.21
CA GLU F 469 25.47 -11.18 25.53
C GLU F 469 26.28 -11.44 26.80
N THR F 470 27.32 -10.64 26.98
CA THR F 470 28.22 -10.78 28.12
C THR F 470 28.11 -9.55 29.01
N LEU F 471 27.99 -9.76 30.31
CA LEU F 471 27.79 -8.70 31.28
C LEU F 471 29.04 -8.56 32.15
N ASN F 472 29.53 -7.34 32.29
CA ASN F 472 30.68 -7.02 33.12
C ASN F 472 30.20 -6.38 34.41
N VAL F 473 30.36 -7.10 35.53
CA VAL F 473 29.98 -6.61 36.84
C VAL F 473 31.23 -6.09 37.55
N ASN F 474 31.21 -4.84 37.97
CA ASN F 474 32.37 -4.19 38.56
C ASN F 474 32.28 -4.27 40.08
N PHE F 475 33.05 -5.18 40.67
CA PHE F 475 33.13 -5.29 42.13
C PHE F 475 34.01 -4.16 42.65
N LEU F 476 33.44 -3.25 43.43
CA LEU F 476 34.19 -2.13 43.97
C LEU F 476 34.21 -2.22 45.50
N LEU F 477 35.37 -1.95 46.08
CA LEU F 477 35.62 -2.13 47.50
C LEU F 477 36.22 -0.87 48.08
N ARG F 478 35.73 -0.44 49.23
CA ARG F 478 36.31 0.70 49.95
C ARG F 478 36.47 0.33 51.41
N MET F 479 37.66 0.63 51.95
CA MET F 479 37.95 0.42 53.36
C MET F 479 39.27 1.12 53.67
N ASP F 480 39.65 1.09 54.94
CA ASP F 480 40.90 1.71 55.36
C ASP F 480 42.09 0.99 54.73
N ARG F 481 43.14 1.74 54.43
CA ARG F 481 44.32 1.17 53.80
C ARG F 481 45.21 0.49 54.83
N ALA F 482 44.61 -0.34 55.69
CA ALA F 482 45.36 -1.15 56.65
C ALA F 482 44.93 -2.61 56.66
N HIS F 483 43.72 -2.95 56.20
CA HIS F 483 43.27 -4.32 56.10
C HIS F 483 42.89 -4.69 54.67
N GLU F 484 43.29 -3.88 53.69
CA GLU F 484 42.96 -4.18 52.31
C GLU F 484 43.63 -5.45 51.82
N ALA F 485 44.86 -5.69 52.25
CA ALA F 485 45.62 -6.85 51.80
C ALA F 485 45.09 -8.16 52.37
N LYS F 486 44.18 -8.12 53.33
CA LYS F 486 43.64 -9.32 53.95
C LYS F 486 42.44 -9.89 53.22
N ILE F 487 42.06 -9.30 52.09
CA ILE F 487 40.97 -9.79 51.25
C ILE F 487 41.55 -10.21 49.92
N ARG F 488 41.35 -11.49 49.56
CA ARG F 488 41.92 -12.05 48.35
C ARG F 488 40.88 -12.50 47.34
N TYR F 489 39.59 -12.44 47.68
CA TYR F 489 38.57 -12.96 46.78
C TYR F 489 37.22 -12.33 47.11
N TYR F 490 36.30 -12.43 46.15
CA TYR F 490 34.89 -12.16 46.37
C TYR F 490 34.10 -13.40 45.94
N THR F 491 33.05 -13.71 46.68
CA THR F 491 32.16 -14.81 46.35
C THR F 491 30.83 -14.25 45.87
N TYR F 492 30.37 -14.72 44.70
CA TYR F 492 29.14 -14.25 44.10
C TYR F 492 28.18 -15.40 43.86
N LEU F 493 26.91 -15.16 44.15
CA LEU F 493 25.84 -16.15 43.95
C LEU F 493 24.76 -15.52 43.07
N ILE F 494 24.21 -16.33 42.18
CA ILE F 494 23.20 -15.88 41.23
C ILE F 494 21.89 -16.58 41.54
N MET F 495 20.84 -15.79 41.80
CA MET F 495 19.52 -16.31 42.12
C MET F 495 18.57 -16.05 40.97
N ASN F 496 17.88 -17.10 40.53
CA ASN F 496 16.95 -17.01 39.41
C ASN F 496 15.77 -17.93 39.66
N LYS F 497 14.55 -17.41 39.43
CA LYS F 497 13.32 -18.16 39.65
C LYS F 497 13.21 -18.67 41.09
N GLY F 498 13.81 -17.95 42.03
CA GLY F 498 13.82 -18.37 43.41
C GLY F 498 14.96 -19.32 43.75
N ARG F 499 15.30 -20.20 42.80
CA ARG F 499 16.35 -21.18 43.03
C ARG F 499 17.72 -20.50 42.96
N LEU F 500 18.75 -21.24 43.40
CA LEU F 500 20.13 -20.78 43.32
C LEU F 500 20.72 -21.24 42.00
N LEU F 501 21.10 -20.29 41.15
CA LEU F 501 21.52 -20.64 39.79
C LEU F 501 22.95 -21.14 39.74
N LYS F 502 23.90 -20.29 40.13
CA LYS F 502 25.31 -20.70 40.16
C LYS F 502 26.06 -19.82 41.12
N ALA F 503 27.25 -20.29 41.51
CA ALA F 503 28.14 -19.55 42.39
C ALA F 503 29.55 -19.66 41.81
N GLY F 504 30.53 -19.15 42.54
CA GLY F 504 31.90 -19.19 42.06
C GLY F 504 32.83 -18.40 42.95
N ARG F 505 33.84 -17.81 42.32
CA ARG F 505 34.81 -16.98 43.01
C ARG F 505 35.30 -15.90 42.06
N GLN F 506 35.85 -14.83 42.63
CA GLN F 506 36.46 -13.75 41.87
C GLN F 506 37.79 -13.43 42.54
N VAL F 507 38.86 -14.10 42.08
CA VAL F 507 40.18 -13.88 42.65
C VAL F 507 40.61 -12.44 42.41
N ARG F 508 41.10 -11.79 43.46
CA ARG F 508 41.48 -10.38 43.40
C ARG F 508 42.96 -10.25 43.73
N GLU F 509 43.71 -9.60 42.84
CA GLU F 509 45.10 -9.30 43.10
C GLU F 509 45.21 -8.15 44.09
N PRO F 510 46.04 -8.26 45.13
CA PRO F 510 46.11 -7.21 46.14
C PRO F 510 46.50 -5.86 45.54
N GLY F 511 45.92 -4.80 46.08
CA GLY F 511 46.18 -3.45 45.63
C GLY F 511 45.14 -2.89 44.66
N GLN F 512 44.27 -3.74 44.13
CA GLN F 512 43.26 -3.31 43.16
C GLN F 512 41.94 -3.01 43.88
N ASP F 513 41.35 -1.85 43.56
CA ASP F 513 40.06 -1.49 44.11
C ASP F 513 38.90 -2.03 43.27
N LEU F 514 38.98 -1.89 41.95
CA LEU F 514 37.91 -2.29 41.06
C LEU F 514 38.31 -3.56 40.32
N VAL F 515 37.44 -4.57 40.37
CA VAL F 515 37.66 -5.84 39.71
C VAL F 515 36.43 -6.17 38.86
N VAL F 516 36.65 -6.48 37.59
CA VAL F 516 35.57 -6.68 36.64
C VAL F 516 35.36 -8.18 36.45
N LEU F 517 34.12 -8.63 36.62
CA LEU F 517 33.77 -10.02 36.38
C LEU F 517 33.05 -10.14 35.04
N PRO F 518 33.63 -10.79 34.04
CA PRO F 518 32.91 -11.01 32.79
C PRO F 518 31.96 -12.19 32.92
N LEU F 519 30.67 -11.91 32.91
CA LEU F 519 29.65 -12.91 33.19
C LEU F 519 28.85 -13.19 31.92
N SER F 520 28.82 -14.44 31.50
CA SER F 520 28.05 -14.84 30.35
C SER F 520 26.58 -14.94 30.71
N ILE F 521 25.72 -14.61 29.74
CA ILE F 521 24.27 -14.68 29.91
C ILE F 521 23.73 -15.70 28.93
N THR F 522 23.01 -16.69 29.44
CA THR F 522 22.42 -17.74 28.64
C THR F 522 20.91 -17.72 28.82
N THR F 523 20.24 -18.68 28.16
CA THR F 523 18.78 -18.77 28.26
C THR F 523 18.30 -19.18 29.64
N ASP F 524 19.20 -19.62 30.52
CA ASP F 524 18.84 -19.89 31.91
C ASP F 524 18.58 -18.62 32.70
N PHE F 525 18.91 -17.45 32.16
CA PHE F 525 18.71 -16.18 32.82
C PHE F 525 17.52 -15.40 32.28
N ILE F 526 16.59 -16.09 31.58
CA ILE F 526 15.57 -15.37 30.81
C ILE F 526 14.69 -14.47 31.66
N PRO F 527 14.16 -14.89 32.81
CA PRO F 527 13.58 -13.91 33.72
C PRO F 527 14.68 -13.26 34.54
N SER F 528 14.40 -12.05 35.00
CA SER F 528 15.41 -11.25 35.71
C SER F 528 16.04 -12.04 36.84
N PHE F 529 17.37 -12.08 36.84
CA PHE F 529 18.12 -12.77 37.88
C PHE F 529 18.62 -11.77 38.92
N ARG F 530 19.24 -12.29 39.97
CA ARG F 530 19.78 -11.48 41.05
C ARG F 530 21.18 -11.97 41.39
N LEU F 531 22.09 -11.03 41.61
CA LEU F 531 23.49 -11.33 41.91
C LEU F 531 23.78 -10.85 43.32
N VAL F 532 24.27 -11.75 44.17
CA VAL F 532 24.66 -11.41 45.53
C VAL F 532 26.14 -11.79 45.70
N ALA F 533 26.94 -10.80 46.08
CA ALA F 533 28.37 -11.00 46.29
C ALA F 533 28.73 -10.60 47.70
N TYR F 534 29.82 -11.17 48.22
CA TYR F 534 30.27 -10.83 49.56
C TYR F 534 31.73 -11.23 49.72
N TYR F 535 32.37 -10.63 50.72
CA TYR F 535 33.72 -10.97 51.14
C TYR F 535 33.78 -10.96 52.65
N THR F 536 34.65 -11.79 53.21
CA THR F 536 34.79 -11.86 54.66
C THR F 536 36.25 -11.70 55.05
N LEU F 537 36.47 -11.07 56.20
CA LEU F 537 37.82 -10.80 56.70
C LEU F 537 37.76 -10.68 58.21
N ILE F 538 38.92 -10.80 58.84
CA ILE F 538 39.02 -10.62 60.28
C ILE F 538 38.93 -9.12 60.59
N GLY F 539 38.23 -8.79 61.66
CA GLY F 539 38.01 -7.40 62.00
C GLY F 539 39.27 -6.74 62.55
N ALA F 540 39.21 -5.41 62.64
CA ALA F 540 40.30 -4.65 63.25
C ALA F 540 40.46 -5.01 64.72
N SER F 541 39.34 -5.08 65.45
CA SER F 541 39.41 -5.47 66.85
C SER F 541 39.83 -6.92 67.02
N GLY F 542 39.35 -7.80 66.14
CA GLY F 542 39.71 -9.20 66.20
C GLY F 542 38.55 -10.14 65.90
N GLN F 543 37.36 -9.58 65.69
CA GLN F 543 36.18 -10.38 65.39
C GLN F 543 36.13 -10.65 63.88
N ARG F 544 35.05 -11.30 63.44
CA ARG F 544 34.84 -11.58 62.03
C ARG F 544 34.01 -10.48 61.40
N GLU F 545 34.11 -10.39 60.07
CA GLU F 545 33.41 -9.35 59.32
C GLU F 545 32.89 -9.96 58.03
N VAL F 546 31.61 -9.70 57.72
CA VAL F 546 31.01 -10.10 56.45
C VAL F 546 30.36 -8.86 55.84
N VAL F 547 30.77 -8.51 54.62
CA VAL F 547 30.23 -7.37 53.90
C VAL F 547 29.66 -7.87 52.59
N ALA F 548 28.41 -7.48 52.30
CA ALA F 548 27.72 -8.03 51.15
C ALA F 548 26.93 -6.95 50.43
N ASP F 549 26.70 -7.18 49.13
CA ASP F 549 25.86 -6.33 48.31
C ASP F 549 25.13 -7.20 47.29
N SER F 550 24.09 -6.63 46.69
CA SER F 550 23.29 -7.38 45.72
C SER F 550 22.72 -6.41 44.70
N VAL F 551 22.37 -6.95 43.53
CA VAL F 551 21.76 -6.18 42.45
C VAL F 551 20.74 -7.05 41.74
N TRP F 552 19.72 -6.40 41.19
CA TRP F 552 18.67 -7.07 40.43
C TRP F 552 18.82 -6.66 38.97
N VAL F 553 18.98 -7.64 38.09
CA VAL F 553 19.27 -7.40 36.69
C VAL F 553 18.16 -8.02 35.85
N ASP F 554 17.59 -7.24 34.94
CA ASP F 554 16.46 -7.66 34.11
C ASP F 554 16.94 -7.91 32.69
N VAL F 555 16.61 -9.07 32.14
CA VAL F 555 16.97 -9.43 30.78
C VAL F 555 15.68 -9.63 29.98
N LYS F 556 15.81 -9.54 28.66
CA LYS F 556 14.65 -9.60 27.78
C LYS F 556 13.88 -10.89 27.98
N ASP F 557 12.54 -10.77 28.02
CA ASP F 557 11.66 -11.91 28.23
C ASP F 557 11.34 -12.54 26.87
N SER F 558 11.86 -13.75 26.66
CA SER F 558 11.57 -14.50 25.44
C SER F 558 11.69 -15.99 25.75
N CYS F 559 11.10 -16.80 24.89
CA CYS F 559 11.15 -18.23 25.09
C CYS F 559 12.59 -18.74 24.97
N VAL F 560 12.86 -19.86 25.63
CA VAL F 560 14.19 -20.46 25.54
C VAL F 560 14.50 -20.84 24.11
N GLY F 561 13.52 -21.39 23.40
CA GLY F 561 13.65 -21.73 22.00
C GLY F 561 13.21 -20.61 21.08
N SER F 562 12.66 -20.99 19.94
CA SER F 562 12.13 -20.02 18.98
C SER F 562 10.96 -20.64 18.25
N LEU F 563 10.12 -19.76 17.69
CA LEU F 563 8.95 -20.20 16.94
C LEU F 563 8.54 -19.07 16.02
N VAL F 564 8.60 -19.30 14.71
CA VAL F 564 8.31 -18.30 13.70
C VAL F 564 7.42 -18.90 12.64
N VAL F 565 6.37 -18.18 12.26
CA VAL F 565 5.45 -18.59 11.20
C VAL F 565 5.57 -17.59 10.06
N LYS F 566 5.80 -18.08 8.85
CA LYS F 566 5.95 -17.24 7.67
C LYS F 566 5.30 -17.92 6.49
N SER F 567 5.43 -17.30 5.32
CA SER F 567 4.81 -17.79 4.09
C SER F 567 5.84 -18.60 3.30
N GLY F 568 5.54 -19.88 3.09
CA GLY F 568 6.44 -20.72 2.31
C GLY F 568 6.47 -20.34 0.83
N GLN F 569 5.31 -20.00 0.28
CA GLN F 569 5.23 -19.65 -1.13
C GLN F 569 5.90 -18.29 -1.38
N SER F 570 6.29 -18.08 -2.64
CA SER F 570 6.93 -16.83 -3.03
C SER F 570 5.97 -15.67 -2.83
N GLU F 571 6.46 -14.59 -2.20
CA GLU F 571 5.64 -13.42 -1.89
C GLU F 571 5.54 -12.57 -3.15
N ASP F 572 4.60 -12.94 -4.02
CA ASP F 572 4.40 -12.22 -5.28
C ASP F 572 2.92 -11.98 -5.57
N ARG F 573 2.03 -12.19 -4.61
CA ARG F 573 0.60 -12.03 -4.85
C ARG F 573 -0.08 -11.80 -3.51
N GLN F 574 -1.10 -10.94 -3.51
CA GLN F 574 -1.96 -10.86 -2.34
C GLN F 574 -2.87 -12.08 -2.30
N PRO F 575 -3.08 -12.66 -1.12
CA PRO F 575 -3.93 -13.86 -1.04
C PRO F 575 -5.33 -13.58 -1.56
N VAL F 576 -5.89 -14.57 -2.26
CA VAL F 576 -7.21 -14.43 -2.87
C VAL F 576 -8.16 -15.41 -2.19
N PRO F 577 -9.44 -15.09 -2.07
CA PRO F 577 -10.37 -15.97 -1.35
C PRO F 577 -10.45 -17.35 -1.98
N GLY F 578 -10.45 -18.38 -1.13
CA GLY F 578 -10.62 -19.74 -1.57
C GLY F 578 -9.37 -20.41 -2.11
N GLN F 579 -8.29 -19.67 -2.35
CA GLN F 579 -7.10 -20.26 -2.92
C GLN F 579 -6.26 -20.93 -1.84
N GLN F 580 -5.31 -21.75 -2.27
CA GLN F 580 -4.43 -22.48 -1.37
C GLN F 580 -3.21 -21.63 -1.03
N MET F 581 -2.86 -21.61 0.26
CA MET F 581 -1.68 -20.90 0.74
C MET F 581 -0.83 -21.85 1.56
N THR F 582 0.48 -21.71 1.45
CA THR F 582 1.44 -22.58 2.12
C THR F 582 2.11 -21.82 3.25
N LEU F 583 2.07 -22.39 4.45
CA LEU F 583 2.66 -21.80 5.63
C LEU F 583 3.92 -22.58 6.03
N LYS F 584 4.88 -21.87 6.61
CA LYS F 584 6.13 -22.45 7.08
C LYS F 584 6.28 -22.13 8.56
N ILE F 585 6.47 -23.17 9.37
CA ILE F 585 6.66 -23.02 10.82
C ILE F 585 8.07 -23.52 11.14
N GLU F 586 8.85 -22.68 11.80
CA GLU F 586 10.21 -23.02 12.21
C GLU F 586 10.27 -23.00 13.73
N GLY F 587 10.71 -24.09 14.33
CA GLY F 587 10.74 -24.19 15.77
C GLY F 587 11.70 -25.26 16.24
N ASP F 588 11.70 -25.47 17.56
CA ASP F 588 12.60 -26.44 18.17
C ASP F 588 12.18 -27.83 17.74
N HIS F 589 13.17 -28.70 17.51
CA HIS F 589 12.90 -30.03 16.99
C HIS F 589 12.10 -30.87 17.98
N GLY F 590 11.10 -31.58 17.47
CA GLY F 590 10.27 -32.41 18.32
C GLY F 590 9.20 -31.68 19.09
N ALA F 591 9.07 -30.36 18.90
CA ALA F 591 8.05 -29.60 19.59
C ALA F 591 6.67 -29.86 18.97
N ARG F 592 5.64 -29.49 19.71
CA ARG F 592 4.27 -29.58 19.24
C ARG F 592 3.75 -28.15 19.07
N VAL F 593 3.31 -27.83 17.86
CA VAL F 593 2.83 -26.49 17.52
C VAL F 593 1.33 -26.55 17.33
N VAL F 594 0.63 -25.57 17.89
CA VAL F 594 -0.82 -25.46 17.77
C VAL F 594 -1.16 -24.10 17.17
N LEU F 595 -2.14 -24.08 16.27
CA LEU F 595 -2.50 -22.88 15.52
C LEU F 595 -3.96 -22.51 15.75
N VAL F 596 -4.24 -21.24 15.49
CA VAL F 596 -5.61 -20.73 15.42
C VAL F 596 -5.57 -19.42 14.64
N ALA F 597 -6.63 -19.17 13.87
CA ALA F 597 -6.74 -17.98 13.05
C ALA F 597 -7.91 -17.12 13.54
N VAL F 598 -7.68 -15.82 13.69
CA VAL F 598 -8.71 -14.91 14.18
C VAL F 598 -8.87 -13.76 13.19
N ASP F 599 -10.00 -13.07 13.30
CA ASP F 599 -10.41 -12.09 12.32
C ASP F 599 -9.54 -10.84 12.31
N LYS F 600 -8.84 -10.54 13.40
CA LYS F 600 -8.09 -9.32 13.69
C LYS F 600 -9.02 -8.16 14.03
N GLY F 601 -10.34 -8.31 13.88
CA GLY F 601 -11.24 -7.32 14.43
C GLY F 601 -11.52 -7.55 15.90
N VAL F 602 -11.44 -8.79 16.34
CA VAL F 602 -11.59 -9.11 17.77
C VAL F 602 -10.24 -9.15 18.47
N PHE F 603 -9.15 -9.39 17.74
CA PHE F 603 -7.82 -9.36 18.34
C PHE F 603 -7.49 -7.96 18.86
N VAL F 604 -7.87 -6.93 18.12
CA VAL F 604 -7.51 -5.56 18.50
C VAL F 604 -8.16 -5.18 19.83
N LEU F 605 -9.44 -5.52 20.00
CA LEU F 605 -10.15 -5.19 21.23
C LEU F 605 -9.77 -6.07 22.41
N ASN F 606 -8.95 -7.10 22.19
CA ASN F 606 -8.49 -8.00 23.24
C ASN F 606 -7.28 -7.45 23.99
N LYS F 607 -7.05 -6.14 23.94
CA LYS F 607 -5.87 -5.56 24.58
C LYS F 607 -5.87 -5.71 26.09
N LYS F 608 -7.03 -6.03 26.69
CA LYS F 608 -7.10 -6.18 28.14
C LYS F 608 -6.23 -7.32 28.63
N ASN F 609 -6.22 -8.45 27.91
CA ASN F 609 -5.42 -9.60 28.31
C ASN F 609 -5.20 -10.49 27.10
N LYS F 610 -3.95 -10.72 26.73
CA LYS F 610 -3.58 -11.62 25.65
C LYS F 610 -2.54 -12.61 26.16
N LEU F 611 -2.48 -13.76 25.50
CA LEU F 611 -1.47 -14.78 25.82
C LEU F 611 -0.18 -14.38 25.13
N THR F 612 0.75 -13.81 25.90
CA THR F 612 2.03 -13.35 25.38
C THR F 612 3.14 -13.84 26.29
N GLN F 613 4.35 -13.93 25.73
CA GLN F 613 5.49 -14.40 26.49
C GLN F 613 5.78 -13.49 27.68
N SER F 614 5.60 -12.18 27.49
CA SER F 614 5.81 -11.25 28.59
C SER F 614 4.86 -11.53 29.74
N LYS F 615 3.58 -11.83 29.42
CA LYS F 615 2.62 -12.14 30.48
C LYS F 615 3.00 -13.42 31.20
N ILE F 616 3.47 -14.43 30.47
CA ILE F 616 3.87 -15.69 31.09
C ILE F 616 5.02 -15.45 32.05
N TRP F 617 6.03 -14.71 31.60
CA TRP F 617 7.19 -14.48 32.45
C TRP F 617 6.85 -13.58 33.63
N ASP F 618 5.89 -12.67 33.46
CA ASP F 618 5.40 -11.90 34.60
C ASP F 618 4.71 -12.82 35.61
N VAL F 619 3.90 -13.77 35.13
CA VAL F 619 3.24 -14.71 36.02
C VAL F 619 4.28 -15.51 36.80
N VAL F 620 5.36 -15.91 36.14
CA VAL F 620 6.44 -16.60 36.85
C VAL F 620 7.11 -15.66 37.84
N GLU F 621 7.36 -14.41 37.44
CA GLU F 621 8.05 -13.46 38.30
C GLU F 621 7.25 -13.08 39.53
N LYS F 622 5.95 -13.35 39.55
CA LYS F 622 5.12 -13.05 40.72
C LYS F 622 5.32 -14.05 41.84
N ALA F 623 6.15 -15.07 41.65
CA ALA F 623 6.37 -16.08 42.68
C ALA F 623 7.85 -16.17 43.04
N ASP F 624 8.50 -15.01 43.22
CA ASP F 624 9.90 -14.98 43.61
C ASP F 624 10.02 -15.07 45.13
N ILE F 625 11.10 -15.71 45.59
CA ILE F 625 11.30 -15.90 47.03
C ILE F 625 11.56 -14.56 47.70
N GLY F 626 12.45 -13.75 47.13
CA GLY F 626 12.77 -12.44 47.67
C GLY F 626 12.07 -11.34 46.90
N CYS F 627 11.74 -10.27 47.61
CA CYS F 627 10.95 -9.19 47.03
C CYS F 627 11.61 -7.81 47.10
N THR F 628 12.44 -7.55 48.10
CA THR F 628 13.16 -6.28 48.14
C THR F 628 14.14 -6.19 46.97
N PRO F 629 14.18 -5.06 46.26
CA PRO F 629 14.94 -5.02 45.00
C PRO F 629 16.43 -5.33 45.12
N GLY F 630 17.19 -4.56 45.89
CA GLY F 630 18.63 -4.74 45.84
C GLY F 630 19.50 -4.54 47.05
N SER F 631 18.95 -4.28 48.23
CA SER F 631 19.81 -4.04 49.38
C SER F 631 19.04 -4.21 50.68
N GLY F 632 19.78 -4.24 51.78
CA GLY F 632 19.21 -4.37 53.11
C GLY F 632 20.04 -3.58 54.10
N LYS F 633 19.47 -3.42 55.30
CA LYS F 633 20.11 -2.58 56.31
C LYS F 633 21.46 -3.15 56.75
N ASP F 634 21.53 -4.46 56.96
CA ASP F 634 22.75 -5.14 57.35
C ASP F 634 23.16 -6.14 56.27
N TYR F 635 24.27 -6.85 56.52
CA TYR F 635 24.63 -7.96 55.65
C TYR F 635 23.56 -9.05 55.70
N ALA F 636 23.02 -9.32 56.89
CA ALA F 636 21.93 -10.28 57.01
C ALA F 636 20.70 -9.81 56.25
N GLY F 637 20.43 -8.51 56.29
CA GLY F 637 19.33 -7.96 55.49
C GLY F 637 19.54 -8.18 54.00
N VAL F 638 20.77 -7.97 53.54
CA VAL F 638 21.07 -8.18 52.12
C VAL F 638 20.87 -9.64 51.75
N PHE F 639 21.32 -10.56 52.60
CA PHE F 639 21.20 -11.98 52.28
C PHE F 639 19.75 -12.45 52.34
N SER F 640 18.96 -11.92 53.28
CA SER F 640 17.57 -12.34 53.42
C SER F 640 16.67 -11.74 52.34
N ASP F 641 16.92 -10.48 51.97
CA ASP F 641 16.09 -9.83 50.96
C ASP F 641 16.20 -10.53 49.61
N ALA F 642 17.40 -10.95 49.24
CA ALA F 642 17.60 -11.65 47.98
C ALA F 642 17.03 -13.06 47.98
N GLY F 643 16.63 -13.57 49.14
CA GLY F 643 16.10 -14.92 49.22
C GLY F 643 17.18 -15.93 49.53
N LEU F 644 18.06 -15.60 50.47
CA LEU F 644 19.18 -16.45 50.83
C LEU F 644 19.30 -16.50 52.35
N THR F 645 19.93 -17.56 52.83
CA THR F 645 20.30 -17.69 54.23
C THR F 645 21.79 -17.94 54.33
N PHE F 646 22.39 -17.50 55.43
CA PHE F 646 23.84 -17.57 55.59
C PHE F 646 24.15 -17.80 57.06
N THR F 647 24.70 -18.97 57.37
CA THR F 647 25.10 -19.32 58.72
C THR F 647 26.57 -19.72 58.74
N SER F 648 27.29 -19.22 59.74
CA SER F 648 28.72 -19.46 59.88
C SER F 648 29.01 -20.09 61.24
N SER F 649 30.21 -20.67 61.35
CA SER F 649 30.61 -21.27 62.61
C SER F 649 30.71 -20.24 63.73
N SER F 650 30.96 -18.98 63.38
CA SER F 650 30.98 -17.90 64.36
C SER F 650 29.55 -17.45 64.64
N GLY F 651 29.40 -16.31 65.32
CA GLY F 651 28.09 -15.82 65.68
C GLY F 651 27.45 -14.92 64.62
N GLN F 652 27.60 -15.28 63.35
CA GLN F 652 27.03 -14.53 62.25
C GLN F 652 25.99 -15.40 61.55
N GLN F 653 24.75 -14.91 61.50
CA GLN F 653 23.68 -15.64 60.85
C GLN F 653 22.55 -14.68 60.50
N THR F 654 21.70 -15.10 59.58
CA THR F 654 20.55 -14.31 59.16
C THR F 654 19.30 -14.77 59.91
N ALA F 655 18.40 -13.82 60.15
CA ALA F 655 17.19 -14.12 60.91
C ALA F 655 16.31 -15.11 60.17
N GLN F 656 15.69 -16.00 60.92
CA GLN F 656 14.81 -17.01 60.35
C GLN F 656 13.57 -16.37 59.74
N ARG F 657 13.15 -16.88 58.58
CA ARG F 657 11.94 -16.46 57.92
C ARG F 657 10.88 -17.55 58.08
N ALA F 658 9.70 -17.17 58.54
CA ALA F 658 8.61 -18.11 58.76
C ALA F 658 7.41 -17.88 57.84
N GLU F 659 7.20 -16.66 57.35
CA GLU F 659 6.07 -16.38 56.48
C GLU F 659 6.37 -16.85 55.05
N LEU F 660 5.32 -17.23 54.34
CA LEU F 660 5.44 -17.68 52.97
C LEU F 660 5.32 -16.54 51.96
N GLN F 661 5.04 -15.33 52.43
CA GLN F 661 5.00 -14.15 51.56
C GLN F 661 5.50 -12.97 52.36
N CYS F 662 6.42 -12.20 51.79
CA CYS F 662 6.96 -11.06 52.50
C CYS F 662 5.90 -9.96 52.63
N PRO F 663 6.05 -9.04 53.59
CA PRO F 663 5.02 -8.01 53.80
C PRO F 663 4.66 -7.22 52.56
N GLN F 664 3.51 -6.55 52.59
CA GLN F 664 3.02 -5.83 51.43
C GLN F 664 3.94 -4.67 51.08
N PRO F 665 4.02 -4.29 49.80
CA PRO F 665 4.88 -3.19 49.35
C PRO F 665 4.51 -1.85 49.99
N SER G 672 -38.51 13.74 9.69
CA SER G 672 -39.10 15.07 9.82
C SER G 672 -39.97 15.16 11.06
N VAL G 673 -40.93 14.23 11.18
CA VAL G 673 -41.85 14.23 12.31
C VAL G 673 -41.27 13.57 13.55
N GLN G 674 -40.06 13.03 13.48
CA GLN G 674 -39.47 12.38 14.64
C GLN G 674 -39.27 13.38 15.78
N LEU G 675 -38.66 14.53 15.49
CA LEU G 675 -38.48 15.60 16.45
C LEU G 675 -37.67 15.12 17.66
N THR G 676 -36.48 14.58 17.36
CA THR G 676 -35.69 13.88 18.37
C THR G 676 -35.11 14.85 19.40
N GLU G 677 -34.74 16.05 18.98
CA GLU G 677 -33.98 16.96 19.84
C GLU G 677 -34.75 17.28 21.12
N LYS G 678 -36.01 17.72 20.98
CA LYS G 678 -36.78 18.08 22.17
C LYS G 678 -37.19 16.85 22.97
N ARG G 679 -37.31 15.69 22.31
CA ARG G 679 -37.52 14.44 23.07
C ARG G 679 -36.35 14.19 24.01
N MET G 680 -35.12 14.31 23.49
CA MET G 680 -33.95 14.14 24.35
C MET G 680 -33.89 15.21 25.42
N ASP G 681 -34.27 16.44 25.07
CA ASP G 681 -34.25 17.54 26.04
C ASP G 681 -35.18 17.26 27.20
N LYS G 682 -36.39 16.79 26.93
CA LYS G 682 -37.35 16.51 28.00
C LYS G 682 -36.90 15.32 28.85
N VAL G 683 -36.37 14.28 28.23
CA VAL G 683 -35.93 13.10 28.96
C VAL G 683 -34.79 13.44 29.91
N GLY G 684 -33.97 14.44 29.55
CA GLY G 684 -32.87 14.85 30.41
C GLY G 684 -33.28 15.56 31.68
N LYS G 685 -34.56 15.84 31.86
CA LYS G 685 -35.09 16.51 33.04
C LYS G 685 -36.03 15.60 33.82
N TYR G 686 -35.65 14.34 33.96
CA TYR G 686 -36.44 13.35 34.69
C TYR G 686 -35.50 12.45 35.47
N PRO G 687 -35.98 11.83 36.54
CA PRO G 687 -35.15 10.88 37.30
C PRO G 687 -34.71 9.71 36.44
N LYS G 688 -33.66 9.03 36.91
CA LYS G 688 -33.07 7.94 36.13
C LYS G 688 -34.05 6.81 35.90
N GLU G 689 -34.82 6.43 36.93
CA GLU G 689 -35.72 5.30 36.80
C GLU G 689 -36.93 5.63 35.94
N LEU G 690 -37.33 6.89 35.86
CA LEU G 690 -38.46 7.32 35.06
C LEU G 690 -38.07 7.67 33.62
N ARG G 691 -36.78 7.67 33.29
CA ARG G 691 -36.38 8.01 31.93
C ARG G 691 -36.89 6.98 30.92
N LYS G 692 -36.80 5.70 31.26
CA LYS G 692 -37.30 4.66 30.35
C LYS G 692 -38.81 4.73 30.21
N CYS G 693 -39.51 5.16 31.25
CA CYS G 693 -40.96 5.23 31.19
C CYS G 693 -41.44 6.33 30.25
N CYS G 694 -40.69 7.44 30.17
CA CYS G 694 -41.08 8.54 29.30
C CYS G 694 -40.49 8.42 27.91
N GLU G 695 -39.32 7.78 27.76
CA GLU G 695 -38.74 7.61 26.43
C GLU G 695 -39.66 6.81 25.52
N ASP G 696 -40.24 5.73 26.03
CA ASP G 696 -41.18 4.93 25.25
C ASP G 696 -42.56 5.56 25.19
N GLY G 697 -42.80 6.64 25.92
CA GLY G 697 -44.06 7.33 25.84
C GLY G 697 -44.19 8.31 24.70
N MET G 698 -43.10 8.62 24.01
CA MET G 698 -43.12 9.58 22.91
C MET G 698 -43.13 8.91 21.54
N ARG G 699 -42.43 7.79 21.38
CA ARG G 699 -42.45 7.06 20.13
C ARG G 699 -43.85 6.55 19.83
N GLU G 700 -44.27 6.66 18.57
CA GLU G 700 -45.63 6.32 18.18
C GLU G 700 -45.69 4.87 17.73
N ASN G 701 -46.62 4.11 18.32
CA ASN G 701 -46.84 2.72 17.96
C ASN G 701 -47.57 2.61 16.62
N PRO G 702 -47.37 1.52 15.88
CA PRO G 702 -47.98 1.40 14.55
C PRO G 702 -49.49 1.19 14.55
N MET G 703 -50.08 0.83 15.69
CA MET G 703 -51.51 0.54 15.74
C MET G 703 -52.37 1.79 15.83
N ARG G 704 -51.76 2.97 15.93
CA ARG G 704 -52.49 4.24 16.02
C ARG G 704 -53.43 4.25 17.23
N PHE G 705 -52.82 4.16 18.40
CA PHE G 705 -53.55 4.12 19.67
C PHE G 705 -53.32 5.41 20.43
N SER G 706 -54.41 6.06 20.86
CA SER G 706 -54.30 7.19 21.77
C SER G 706 -53.77 6.72 23.11
N CYS G 707 -52.88 7.51 23.71
CA CYS G 707 -52.15 7.04 24.89
C CYS G 707 -53.06 6.81 26.08
N GLN G 708 -54.29 7.30 26.05
CA GLN G 708 -55.26 6.91 27.09
C GLN G 708 -55.51 5.41 27.02
N ARG G 709 -55.60 4.85 25.81
CA ARG G 709 -55.76 3.41 25.65
C ARG G 709 -54.45 2.66 25.86
N ARG G 710 -53.32 3.26 25.47
CA ARG G 710 -52.04 2.59 25.64
C ARG G 710 -51.67 2.43 27.11
N THR G 711 -52.12 3.35 27.97
CA THR G 711 -51.78 3.29 29.38
C THR G 711 -52.32 2.03 30.05
N ARG G 712 -53.40 1.45 29.51
CA ARG G 712 -53.96 0.23 30.08
C ARG G 712 -53.00 -0.96 29.99
N PHE G 713 -52.01 -0.89 29.11
CA PHE G 713 -51.08 -1.99 28.91
C PHE G 713 -49.82 -1.89 29.75
N ILE G 714 -49.66 -0.82 30.52
CA ILE G 714 -48.43 -0.60 31.28
C ILE G 714 -48.51 -1.39 32.59
N SER G 715 -47.61 -2.34 32.77
CA SER G 715 -47.59 -3.18 33.96
C SER G 715 -46.55 -2.65 34.95
N LEU G 716 -46.84 -1.46 35.48
CA LEU G 716 -45.96 -0.81 36.44
C LEU G 716 -46.82 0.06 37.36
N GLY G 717 -46.16 0.92 38.14
CA GLY G 717 -46.85 1.74 39.10
C GLY G 717 -47.58 2.91 38.45
N GLU G 718 -48.34 3.62 39.30
CA GLU G 718 -49.11 4.76 38.82
C GLU G 718 -48.21 5.91 38.38
N ALA G 719 -47.02 6.03 38.98
CA ALA G 719 -46.08 7.06 38.54
C ALA G 719 -45.67 6.86 37.09
N CYS G 720 -45.40 5.60 36.71
CA CYS G 720 -45.05 5.31 35.31
C CYS G 720 -46.22 5.64 34.39
N LYS G 721 -47.44 5.29 34.78
CA LYS G 721 -48.59 5.60 33.94
C LYS G 721 -48.75 7.11 33.77
N LYS G 722 -48.59 7.87 34.85
CA LYS G 722 -48.73 9.32 34.77
C LYS G 722 -47.66 9.93 33.86
N VAL G 723 -46.41 9.50 34.04
CA VAL G 723 -45.32 10.03 33.24
C VAL G 723 -45.52 9.69 31.78
N PHE G 724 -45.92 8.45 31.49
CA PHE G 724 -46.18 8.03 30.12
C PHE G 724 -47.27 8.88 29.49
N LEU G 725 -48.39 9.08 30.19
CA LEU G 725 -49.49 9.86 29.63
C LEU G 725 -49.08 11.30 29.39
N ASP G 726 -48.38 11.91 30.35
CA ASP G 726 -47.96 13.30 30.20
C ASP G 726 -47.00 13.46 29.01
N CYS G 727 -45.98 12.59 28.93
CA CYS G 727 -45.03 12.69 27.84
C CYS G 727 -45.70 12.47 26.49
N CYS G 728 -46.62 11.50 26.41
CA CYS G 728 -47.27 11.22 25.14
C CYS G 728 -48.13 12.39 24.69
N ASN G 729 -48.92 12.96 25.61
CA ASN G 729 -49.74 14.10 25.22
C ASN G 729 -48.89 15.28 24.80
N TYR G 730 -47.81 15.56 25.54
CA TYR G 730 -46.93 16.67 25.20
C TYR G 730 -46.35 16.50 23.81
N ILE G 731 -45.74 15.33 23.54
CA ILE G 731 -45.11 15.15 22.23
C ILE G 731 -46.15 15.08 21.12
N THR G 732 -47.35 14.55 21.39
CA THR G 732 -48.39 14.52 20.37
C THR G 732 -48.78 15.92 19.94
N GLU G 733 -49.06 16.79 20.92
CA GLU G 733 -49.42 18.16 20.57
C GLU G 733 -48.27 18.88 19.88
N LEU G 734 -47.04 18.67 20.37
CA LEU G 734 -45.89 19.35 19.80
C LEU G 734 -45.68 18.96 18.33
N ARG G 735 -45.72 17.65 18.05
CA ARG G 735 -45.49 17.19 16.69
C ARG G 735 -46.67 17.54 15.78
N ARG G 736 -47.89 17.58 16.32
CA ARG G 736 -49.02 18.03 15.52
C ARG G 736 -48.84 19.49 15.11
N GLN G 737 -48.40 20.34 16.04
CA GLN G 737 -48.12 21.73 15.68
C GLN G 737 -47.01 21.82 14.65
N HIS G 738 -45.95 21.03 14.82
CA HIS G 738 -44.83 21.09 13.87
C HIS G 738 -45.28 20.66 12.48
N ALA G 739 -46.09 19.61 12.38
CA ALA G 739 -46.55 19.16 11.07
C ALA G 739 -47.61 20.07 10.48
N ARG G 740 -48.33 20.81 11.32
CA ARG G 740 -49.28 21.80 10.79
C ARG G 740 -48.59 23.05 10.29
N ALA G 741 -47.46 23.42 10.90
CA ALA G 741 -46.81 24.68 10.55
C ALA G 741 -45.80 24.53 9.40
N SER G 742 -44.90 23.55 9.49
CA SER G 742 -43.76 23.48 8.58
C SER G 742 -43.94 22.45 7.47
N HIS G 743 -45.14 21.90 7.28
CA HIS G 743 -45.40 20.97 6.20
C HIS G 743 -46.43 21.57 5.26
N LEU G 744 -46.13 21.57 3.97
CA LEU G 744 -47.01 22.09 2.93
C LEU G 744 -47.21 21.02 1.87
N GLY G 745 -48.44 20.91 1.37
CA GLY G 745 -48.73 19.91 0.35
C GLY G 745 -48.40 20.34 -1.07
N LEU G 746 -48.17 21.64 -1.29
CA LEU G 746 -47.87 22.16 -2.61
C LEU G 746 -46.48 22.78 -2.68
N ALA G 747 -45.61 22.53 -1.69
CA ALA G 747 -44.36 23.25 -1.59
C ALA G 747 -43.42 22.93 -2.75
N ARG G 748 -43.42 21.68 -3.21
CA ARG G 748 -42.47 21.14 -4.19
C ARG G 748 -41.04 21.05 -3.65
N SER G 749 -40.83 21.40 -2.39
CA SER G 749 -39.54 21.27 -1.73
C SER G 749 -39.61 20.11 -0.75
N ASN G 750 -38.60 19.24 -0.80
CA ASN G 750 -38.61 18.05 0.03
C ASN G 750 -38.59 18.43 1.51
N LEU G 751 -39.28 17.64 2.32
CA LEU G 751 -39.33 17.89 3.76
C LEU G 751 -37.95 17.74 4.38
N ASP G 752 -37.64 18.62 5.33
CA ASP G 752 -36.35 18.57 5.99
C ASP G 752 -36.19 17.27 6.76
N GLU G 753 -34.99 16.70 6.72
CA GLU G 753 -34.65 15.48 7.43
C GLU G 753 -33.57 15.78 8.46
N ASP G 754 -33.76 15.29 9.67
CA ASP G 754 -32.84 15.52 10.78
C ASP G 754 -32.14 14.22 11.14
N ILE G 755 -30.81 14.28 11.29
CA ILE G 755 -30.06 13.14 11.75
C ILE G 755 -30.53 12.74 13.13
N ILE G 756 -30.66 11.43 13.37
CA ILE G 756 -31.22 10.94 14.62
C ILE G 756 -30.35 11.36 15.80
N ALA G 757 -29.04 11.18 15.67
CA ALA G 757 -28.08 11.50 16.72
C ALA G 757 -28.48 10.86 18.06
N GLU G 758 -28.65 9.54 18.02
CA GLU G 758 -29.17 8.79 19.15
C GLU G 758 -28.07 8.48 20.16
N GLU G 759 -28.44 7.78 21.22
CA GLU G 759 -27.54 7.30 22.25
C GLU G 759 -27.66 5.78 22.33
N ASN G 760 -26.99 5.18 23.32
CA ASN G 760 -27.04 3.75 23.65
C ASN G 760 -26.35 2.90 22.59
N ILE G 761 -25.58 3.51 21.70
CA ILE G 761 -24.91 2.84 20.59
C ILE G 761 -24.22 1.57 21.06
N VAL G 762 -24.41 0.48 20.31
CA VAL G 762 -23.90 -0.84 20.68
C VAL G 762 -22.74 -1.17 19.75
N SER G 763 -21.66 -1.66 20.34
CA SER G 763 -20.49 -2.01 19.55
C SER G 763 -20.72 -3.29 18.77
N ARG G 764 -19.84 -3.53 17.80
CA ARG G 764 -19.94 -4.74 16.98
C ARG G 764 -19.77 -5.98 17.85
N SER G 765 -20.49 -7.04 17.49
CA SER G 765 -20.39 -8.30 18.20
C SER G 765 -20.39 -9.53 17.31
N GLU G 766 -20.41 -9.37 15.99
CA GLU G 766 -20.40 -10.50 15.06
C GLU G 766 -19.11 -10.43 14.23
N PHE G 767 -18.25 -11.42 14.41
CA PHE G 767 -17.02 -11.54 13.65
C PHE G 767 -16.95 -12.94 13.04
N PRO G 768 -16.27 -13.08 11.90
CA PRO G 768 -16.19 -14.41 11.26
C PRO G 768 -15.56 -15.44 12.19
N GLU G 769 -16.05 -16.66 12.08
CA GLU G 769 -15.63 -17.74 12.97
C GLU G 769 -14.17 -18.12 12.74
N SER G 770 -13.52 -18.59 13.80
CA SER G 770 -12.14 -19.00 13.72
C SER G 770 -12.02 -20.37 13.05
N TRP G 771 -10.88 -20.58 12.39
CA TRP G 771 -10.58 -21.84 11.73
C TRP G 771 -9.16 -22.23 12.09
N LEU G 772 -8.63 -23.24 11.40
CA LEU G 772 -7.26 -23.70 11.61
C LEU G 772 -7.05 -24.17 13.05
N TRP G 773 -7.93 -25.05 13.51
CA TRP G 773 -7.87 -25.62 14.85
C TRP G 773 -7.24 -27.01 14.82
N ASN G 774 -5.96 -27.05 14.44
CA ASN G 774 -5.24 -28.31 14.34
C ASN G 774 -3.86 -28.16 14.95
N VAL G 775 -3.32 -29.29 15.41
CA VAL G 775 -2.01 -29.35 16.07
C VAL G 775 -1.07 -30.17 15.19
N GLU G 776 0.21 -29.80 15.20
CA GLU G 776 1.22 -30.54 14.45
C GLU G 776 2.46 -30.69 15.30
N ASP G 777 3.24 -31.73 14.99
CA ASP G 777 4.51 -31.98 15.63
C ASP G 777 5.62 -31.85 14.59
N LEU G 778 6.63 -31.04 14.90
CA LEU G 778 7.79 -30.89 14.02
C LEU G 778 8.70 -32.10 14.19
N LYS G 779 8.99 -32.79 13.09
CA LYS G 779 9.79 -34.00 13.13
C LYS G 779 10.91 -34.04 12.11
N GLU G 780 11.06 -33.00 11.29
CA GLU G 780 12.12 -32.96 10.30
C GLU G 780 13.48 -32.87 11.00
N PRO G 781 14.54 -33.32 10.33
CA PRO G 781 15.88 -33.23 10.93
C PRO G 781 16.28 -31.78 11.11
N PRO G 782 16.62 -31.38 12.32
CA PRO G 782 16.90 -29.96 12.58
C PRO G 782 18.16 -29.49 11.88
N LYS G 783 18.15 -28.21 11.50
CA LYS G 783 19.34 -27.54 11.01
C LYS G 783 19.71 -26.47 12.01
N ASN G 784 20.93 -26.56 12.55
CA ASN G 784 21.43 -25.73 13.65
C ASN G 784 20.37 -25.46 14.71
N GLY G 785 19.55 -26.47 15.02
CA GLY G 785 18.53 -26.36 16.03
C GLY G 785 17.14 -26.00 15.54
N ILE G 786 17.03 -25.49 14.31
CA ILE G 786 15.75 -25.04 13.76
C ILE G 786 15.19 -26.13 12.86
N SER G 787 13.93 -26.51 13.09
CA SER G 787 13.23 -27.49 12.26
C SER G 787 12.12 -26.77 11.50
N THR G 788 12.12 -26.92 10.19
CA THR G 788 11.18 -26.25 9.31
C THR G 788 10.14 -27.24 8.81
N LYS G 789 8.87 -26.89 8.97
CA LYS G 789 7.76 -27.70 8.48
C LYS G 789 6.91 -26.86 7.55
N LEU G 790 6.61 -27.39 6.38
CA LEU G 790 5.79 -26.71 5.38
C LEU G 790 4.38 -27.25 5.45
N MET G 791 3.43 -26.38 5.81
CA MET G 791 2.02 -26.75 5.92
C MET G 791 1.20 -25.87 4.98
N ASN G 792 0.26 -26.49 4.28
CA ASN G 792 -0.61 -25.78 3.36
C ASN G 792 -2.01 -25.64 3.94
N ILE G 793 -2.61 -24.48 3.71
CA ILE G 793 -3.94 -24.16 4.23
C ILE G 793 -4.79 -23.63 3.09
N PHE G 794 -6.10 -23.84 3.21
CA PHE G 794 -7.06 -23.37 2.22
C PHE G 794 -7.76 -22.14 2.80
N LEU G 795 -7.47 -20.98 2.23
CA LEU G 795 -8.06 -19.74 2.74
C LEU G 795 -9.57 -19.76 2.62
N LYS G 796 -10.24 -19.18 3.61
CA LYS G 796 -11.69 -19.09 3.58
C LYS G 796 -12.12 -17.95 2.66
N ASP G 797 -13.43 -17.90 2.39
CA ASP G 797 -14.00 -16.97 1.42
C ASP G 797 -14.51 -15.69 2.08
N SER G 798 -13.87 -15.24 3.15
CA SER G 798 -14.22 -13.99 3.80
C SER G 798 -13.17 -12.93 3.47
N ILE G 799 -13.63 -11.71 3.19
CA ILE G 799 -12.74 -10.61 2.81
C ILE G 799 -12.34 -9.92 4.11
N THR G 800 -11.35 -10.48 4.79
CA THR G 800 -10.86 -9.94 6.06
C THR G 800 -9.35 -10.05 6.07
N THR G 801 -8.76 -9.88 7.25
CA THR G 801 -7.31 -10.01 7.45
C THR G 801 -7.08 -10.94 8.65
N TRP G 802 -6.77 -12.21 8.36
CA TRP G 802 -6.62 -13.21 9.40
C TRP G 802 -5.30 -13.03 10.14
N GLU G 803 -5.26 -13.50 11.38
CA GLU G 803 -4.09 -13.38 12.25
C GLU G 803 -3.80 -14.75 12.86
N ILE G 804 -2.90 -15.51 12.25
CA ILE G 804 -2.59 -16.85 12.75
C ILE G 804 -1.78 -16.73 14.03
N LEU G 805 -2.23 -17.41 15.07
CA LEU G 805 -1.55 -17.43 16.37
C LEU G 805 -0.98 -18.82 16.59
N ALA G 806 0.32 -18.90 16.85
CA ALA G 806 1.01 -20.17 17.03
C ALA G 806 1.66 -20.22 18.40
N VAL G 807 1.48 -21.35 19.09
CA VAL G 807 2.12 -21.62 20.36
C VAL G 807 2.71 -23.02 20.30
N SER G 808 3.98 -23.16 20.70
CA SER G 808 4.70 -24.41 20.58
C SER G 808 5.01 -24.96 21.96
N MET G 809 4.87 -26.27 22.11
CA MET G 809 5.18 -26.98 23.35
C MET G 809 6.30 -27.97 23.10
N SER G 810 7.35 -27.88 23.91
CA SER G 810 8.48 -28.79 23.81
C SER G 810 8.95 -29.17 25.21
N ASP G 811 9.30 -30.44 25.39
CA ASP G 811 9.71 -30.95 26.69
C ASP G 811 11.13 -30.52 27.08
N LYS G 812 11.92 -30.02 26.14
CA LYS G 812 13.29 -29.61 26.44
C LYS G 812 13.40 -28.13 26.79
N LYS G 813 12.66 -27.28 26.09
CA LYS G 813 12.77 -25.83 26.29
C LYS G 813 11.51 -25.21 26.85
N GLY G 814 10.33 -25.77 26.61
CA GLY G 814 9.10 -25.33 27.24
C GLY G 814 8.13 -24.74 26.23
N ILE G 815 7.51 -23.62 26.63
CA ILE G 815 6.43 -23.00 25.87
C ILE G 815 6.93 -21.69 25.29
N CYS G 816 6.73 -21.52 23.98
CA CYS G 816 7.06 -20.29 23.28
C CYS G 816 5.84 -19.80 22.51
N VAL G 817 5.61 -18.49 22.55
CA VAL G 817 4.47 -17.87 21.89
C VAL G 817 4.99 -17.07 20.70
N ALA G 818 4.56 -17.45 19.50
CA ALA G 818 5.00 -16.77 18.30
C ALA G 818 4.17 -15.52 18.06
N ASP G 819 4.76 -14.58 17.32
CA ASP G 819 4.05 -13.36 16.97
C ASP G 819 2.95 -13.66 15.95
N PRO G 820 1.85 -12.90 15.97
CA PRO G 820 0.78 -13.13 15.00
C PRO G 820 1.25 -12.91 13.57
N PHE G 821 0.73 -13.72 12.66
CA PHE G 821 1.03 -13.63 11.23
C PHE G 821 -0.21 -13.14 10.50
N GLU G 822 -0.06 -12.04 9.76
CA GLU G 822 -1.19 -11.38 9.12
C GLU G 822 -1.32 -11.86 7.67
N VAL G 823 -2.49 -12.39 7.32
CA VAL G 823 -2.82 -12.78 5.96
C VAL G 823 -4.00 -11.92 5.52
N THR G 824 -3.75 -10.98 4.62
CA THR G 824 -4.77 -10.04 4.18
C THR G 824 -5.38 -10.55 2.88
N VAL G 825 -6.62 -11.03 2.95
CA VAL G 825 -7.34 -11.51 1.78
C VAL G 825 -8.08 -10.34 1.15
N MET G 826 -7.89 -10.14 -0.15
CA MET G 826 -8.46 -8.99 -0.84
C MET G 826 -9.00 -9.44 -2.20
N GLN G 827 -10.01 -8.70 -2.67
CA GLN G 827 -10.58 -8.93 -3.99
C GLN G 827 -11.14 -7.61 -4.51
N ASP G 828 -11.33 -7.54 -5.82
CA ASP G 828 -11.70 -6.30 -6.48
C ASP G 828 -13.08 -6.34 -7.13
N PHE G 829 -13.49 -7.46 -7.70
CA PHE G 829 -14.79 -7.59 -8.35
C PHE G 829 -15.57 -8.70 -7.68
N PHE G 830 -16.77 -8.38 -7.20
CA PHE G 830 -17.62 -9.34 -6.50
C PHE G 830 -19.00 -9.35 -7.15
N ILE G 831 -19.48 -10.53 -7.50
CA ILE G 831 -20.81 -10.72 -8.07
C ILE G 831 -21.66 -11.46 -7.05
N ASP G 832 -22.76 -10.83 -6.63
CA ASP G 832 -23.66 -11.39 -5.64
C ASP G 832 -25.05 -11.52 -6.25
N LEU G 833 -25.60 -12.73 -6.15
CA LEU G 833 -26.88 -13.07 -6.76
C LEU G 833 -27.97 -13.03 -5.69
N ARG G 834 -28.88 -12.07 -5.81
CA ARG G 834 -29.96 -11.87 -4.84
C ARG G 834 -31.17 -12.69 -5.26
N LEU G 835 -31.62 -13.57 -4.39
CA LEU G 835 -32.79 -14.40 -4.63
C LEU G 835 -33.77 -14.32 -3.46
N PRO G 836 -35.05 -14.54 -3.72
CA PRO G 836 -35.99 -14.71 -2.61
C PRO G 836 -35.74 -16.05 -1.92
N TYR G 837 -36.22 -16.16 -0.69
CA TYR G 837 -36.04 -17.40 0.06
C TYR G 837 -36.65 -18.56 -0.71
N SER G 838 -37.92 -18.44 -1.09
CA SER G 838 -38.60 -19.48 -1.84
C SER G 838 -39.70 -18.85 -2.66
N VAL G 839 -39.79 -19.21 -3.93
CA VAL G 839 -40.79 -18.67 -4.84
C VAL G 839 -41.75 -19.80 -5.23
N VAL G 840 -43.05 -19.53 -5.04
CA VAL G 840 -44.05 -20.54 -5.35
C VAL G 840 -44.07 -20.82 -6.84
N ARG G 841 -44.39 -22.06 -7.21
CA ARG G 841 -44.46 -22.44 -8.61
C ARG G 841 -45.46 -21.57 -9.35
N ASN G 842 -45.11 -21.19 -10.58
CA ASN G 842 -45.92 -20.31 -11.43
C ASN G 842 -46.08 -18.92 -10.80
N GLU G 843 -44.99 -18.38 -10.27
CA GLU G 843 -44.94 -17.02 -9.76
C GLU G 843 -43.81 -16.28 -10.47
N GLN G 844 -44.11 -15.09 -10.96
CA GLN G 844 -43.17 -14.32 -11.76
C GLN G 844 -42.34 -13.43 -10.83
N VAL G 845 -41.06 -13.75 -10.68
CA VAL G 845 -40.19 -13.10 -9.71
C VAL G 845 -38.96 -12.57 -10.43
N GLU G 846 -38.51 -11.37 -10.04
CA GLU G 846 -37.37 -10.70 -10.66
C GLU G 846 -36.15 -10.83 -9.76
N ILE G 847 -35.44 -11.95 -9.90
CA ILE G 847 -34.15 -12.07 -9.25
C ILE G 847 -33.15 -11.13 -9.92
N ARG G 848 -32.12 -10.75 -9.18
CA ARG G 848 -31.16 -9.78 -9.67
C ARG G 848 -29.75 -10.25 -9.32
N ALA G 849 -28.77 -9.73 -10.06
CA ALA G 849 -27.36 -9.98 -9.80
C ALA G 849 -26.69 -8.64 -9.60
N VAL G 850 -26.10 -8.44 -8.43
CA VAL G 850 -25.44 -7.18 -8.09
C VAL G 850 -23.94 -7.37 -8.24
N LEU G 851 -23.33 -6.55 -9.08
CA LEU G 851 -21.90 -6.59 -9.35
C LEU G 851 -21.23 -5.43 -8.64
N TYR G 852 -20.28 -5.72 -7.76
CA TYR G 852 -19.55 -4.69 -7.03
C TYR G 852 -18.15 -4.51 -7.62
N ASN G 853 -17.80 -3.27 -7.92
CA ASN G 853 -16.47 -2.90 -8.37
C ASN G 853 -15.78 -2.13 -7.26
N TYR G 854 -14.62 -2.63 -6.83
CA TYR G 854 -13.90 -2.05 -5.70
C TYR G 854 -12.70 -1.22 -6.10
N ARG G 855 -12.42 -1.08 -7.40
CA ARG G 855 -11.29 -0.26 -7.83
C ARG G 855 -11.56 1.21 -7.52
N GLN G 856 -10.50 1.92 -7.13
CA GLN G 856 -10.67 3.29 -6.68
C GLN G 856 -11.00 4.22 -7.84
N ASN G 857 -10.22 4.17 -8.92
CA ASN G 857 -10.46 4.97 -10.13
C ASN G 857 -10.35 4.11 -11.38
N GLN G 858 -11.08 2.99 -11.41
CA GLN G 858 -11.16 2.17 -12.61
C GLN G 858 -12.61 1.76 -12.85
N GLU G 859 -12.94 1.52 -14.11
CA GLU G 859 -14.29 1.19 -14.53
C GLU G 859 -14.26 -0.18 -15.19
N LEU G 860 -14.89 -1.17 -14.56
CA LEU G 860 -14.93 -2.51 -15.12
C LEU G 860 -15.92 -2.57 -16.28
N LYS G 861 -15.64 -3.47 -17.22
CA LYS G 861 -16.52 -3.71 -18.36
C LYS G 861 -16.83 -5.21 -18.37
N VAL G 862 -17.87 -5.59 -17.62
CA VAL G 862 -18.21 -6.99 -17.39
C VAL G 862 -19.17 -7.46 -18.48
N ARG G 863 -19.18 -8.77 -18.73
CA ARG G 863 -20.09 -9.40 -19.67
C ARG G 863 -20.88 -10.46 -18.92
N VAL G 864 -21.97 -10.06 -18.24
CA VAL G 864 -22.76 -11.00 -17.47
C VAL G 864 -23.58 -11.88 -18.42
N GLU G 865 -23.88 -13.09 -17.96
CA GLU G 865 -24.61 -14.07 -18.75
C GLU G 865 -25.43 -14.95 -17.82
N LEU G 866 -26.63 -15.29 -18.25
CA LEU G 866 -27.52 -16.17 -17.50
C LEU G 866 -27.60 -17.53 -18.20
N LEU G 867 -27.16 -18.57 -17.51
CA LEU G 867 -27.20 -19.92 -18.09
C LEU G 867 -28.62 -20.45 -18.11
N HIS G 868 -28.97 -21.16 -19.18
CA HIS G 868 -30.31 -21.71 -19.32
C HIS G 868 -30.50 -22.89 -18.38
N ASN G 869 -31.70 -22.99 -17.82
CA ASN G 869 -32.07 -24.08 -16.92
C ASN G 869 -33.42 -24.63 -17.36
N PRO G 870 -33.57 -25.95 -17.49
CA PRO G 870 -34.85 -26.50 -17.96
C PRO G 870 -36.02 -26.22 -17.03
N ALA G 871 -35.76 -26.04 -15.73
CA ALA G 871 -36.84 -25.91 -14.77
C ALA G 871 -37.67 -24.64 -14.99
N PHE G 872 -37.01 -23.53 -15.31
CA PHE G 872 -37.68 -22.26 -15.52
C PHE G 872 -37.22 -21.64 -16.82
N CYS G 873 -38.15 -21.05 -17.56
CA CYS G 873 -37.81 -20.41 -18.84
C CYS G 873 -37.29 -19.01 -18.54
N SER G 874 -35.97 -18.88 -18.49
CA SER G 874 -35.35 -17.57 -18.37
C SER G 874 -35.52 -16.80 -19.67
N LEU G 875 -35.07 -15.55 -19.65
CA LEU G 875 -35.02 -14.78 -20.89
C LEU G 875 -34.06 -15.41 -21.88
N ALA G 876 -33.13 -16.25 -21.42
CA ALA G 876 -32.23 -17.01 -22.28
C ALA G 876 -32.91 -18.31 -22.66
N THR G 877 -33.31 -18.44 -23.91
CA THR G 877 -33.87 -19.69 -24.40
C THR G 877 -32.73 -20.67 -24.71
N THR G 878 -33.12 -21.92 -24.99
CA THR G 878 -32.12 -22.95 -25.28
C THR G 878 -31.32 -22.61 -26.54
N LYS G 879 -31.97 -21.96 -27.51
CA LYS G 879 -31.28 -21.66 -28.77
C LYS G 879 -30.18 -20.63 -28.58
N ARG G 880 -30.47 -19.53 -27.88
CA ARG G 880 -29.53 -18.44 -27.71
C ARG G 880 -29.40 -18.11 -26.22
N ARG G 881 -28.16 -18.02 -25.76
CA ARG G 881 -27.88 -17.62 -24.39
C ARG G 881 -27.94 -16.10 -24.26
N HIS G 882 -28.35 -15.64 -23.08
CA HIS G 882 -28.56 -14.22 -22.82
C HIS G 882 -27.29 -13.63 -22.21
N GLN G 883 -26.72 -12.63 -22.88
CA GLN G 883 -25.51 -11.96 -22.42
C GLN G 883 -25.70 -10.46 -22.47
N GLN G 884 -25.21 -9.75 -21.45
CA GLN G 884 -25.30 -8.31 -21.39
C GLN G 884 -23.95 -7.75 -20.99
N THR G 885 -23.50 -6.71 -21.70
CA THR G 885 -22.27 -6.01 -21.36
C THR G 885 -22.63 -4.76 -20.56
N VAL G 886 -22.15 -4.70 -19.31
CA VAL G 886 -22.46 -3.61 -18.40
C VAL G 886 -21.15 -3.03 -17.87
N THR G 887 -21.10 -1.71 -17.74
CA THR G 887 -19.94 -1.01 -17.22
C THR G 887 -20.25 -0.50 -15.82
N ILE G 888 -19.42 -0.87 -14.87
CA ILE G 888 -19.62 -0.52 -13.46
C ILE G 888 -18.78 0.72 -13.14
N PRO G 889 -19.38 1.78 -12.62
CA PRO G 889 -18.61 2.98 -12.27
C PRO G 889 -17.63 2.69 -11.14
N PRO G 890 -16.55 3.46 -11.04
CA PRO G 890 -15.59 3.24 -9.96
C PRO G 890 -16.24 3.42 -8.59
N LYS G 891 -15.83 2.56 -7.65
CA LYS G 891 -16.32 2.61 -6.27
C LYS G 891 -17.84 2.57 -6.21
N SER G 892 -18.44 1.72 -7.03
CA SER G 892 -19.89 1.67 -7.15
C SER G 892 -20.31 0.23 -7.44
N SER G 893 -21.60 0.06 -7.74
CA SER G 893 -22.15 -1.25 -8.05
C SER G 893 -23.30 -1.08 -9.02
N LEU G 894 -23.57 -2.14 -9.79
CA LEU G 894 -24.63 -2.13 -10.77
C LEU G 894 -25.45 -3.41 -10.66
N SER G 895 -26.77 -3.26 -10.72
CA SER G 895 -27.70 -4.37 -10.55
C SER G 895 -28.29 -4.76 -11.90
N VAL G 896 -28.14 -6.03 -12.27
CA VAL G 896 -28.67 -6.55 -13.52
C VAL G 896 -29.91 -7.39 -13.18
N PRO G 897 -31.11 -6.93 -13.49
CA PRO G 897 -32.31 -7.72 -13.15
C PRO G 897 -32.57 -8.82 -14.16
N TYR G 898 -33.07 -9.94 -13.67
CA TYR G 898 -33.48 -11.06 -14.49
C TYR G 898 -34.86 -11.52 -14.05
N VAL G 899 -35.63 -12.06 -14.99
CA VAL G 899 -36.97 -12.57 -14.72
C VAL G 899 -36.98 -14.07 -14.98
N ILE G 900 -37.39 -14.84 -13.98
CA ILE G 900 -37.53 -16.29 -14.09
C ILE G 900 -38.89 -16.69 -13.53
N VAL G 901 -39.59 -17.54 -14.26
CA VAL G 901 -40.86 -18.10 -13.81
C VAL G 901 -40.68 -19.61 -13.65
N PRO G 902 -40.78 -20.14 -12.42
CA PRO G 902 -40.54 -21.57 -12.22
C PRO G 902 -41.77 -22.39 -12.53
N LEU G 903 -41.59 -23.46 -13.31
CA LEU G 903 -42.66 -24.40 -13.62
C LEU G 903 -42.37 -25.81 -13.12
N LYS G 904 -41.38 -25.96 -12.24
CA LYS G 904 -41.03 -27.24 -11.64
C LYS G 904 -40.86 -27.03 -10.14
N THR G 905 -40.90 -28.13 -9.40
CA THR G 905 -40.77 -28.10 -7.95
C THR G 905 -39.39 -28.60 -7.52
N GLY G 906 -39.07 -28.37 -6.24
CA GLY G 906 -37.81 -28.82 -5.69
C GLY G 906 -36.78 -27.73 -5.52
N LEU G 907 -35.49 -28.10 -5.59
CA LEU G 907 -34.39 -27.14 -5.52
C LEU G 907 -33.67 -27.14 -6.86
N GLN G 908 -33.54 -25.96 -7.46
CA GLN G 908 -32.90 -25.82 -8.77
C GLN G 908 -31.86 -24.72 -8.71
N GLU G 909 -30.84 -24.84 -9.56
CA GLU G 909 -29.69 -23.97 -9.53
C GLU G 909 -29.87 -22.79 -10.49
N VAL G 910 -29.61 -21.58 -9.99
CA VAL G 910 -29.58 -20.37 -10.80
C VAL G 910 -28.13 -19.91 -10.86
N GLU G 911 -27.57 -19.86 -12.07
CA GLU G 911 -26.17 -19.53 -12.27
C GLU G 911 -26.05 -18.35 -13.22
N VAL G 912 -25.17 -17.41 -12.87
CA VAL G 912 -24.80 -16.30 -13.75
C VAL G 912 -23.28 -16.30 -13.87
N LYS G 913 -22.79 -16.25 -15.11
CA LYS G 913 -21.36 -16.21 -15.38
C LYS G 913 -20.97 -14.81 -15.84
N ALA G 914 -19.98 -14.24 -15.16
CA ALA G 914 -19.51 -12.89 -15.46
C ALA G 914 -18.02 -12.93 -15.77
N ALA G 915 -17.62 -12.32 -16.87
CA ALA G 915 -16.22 -12.22 -17.27
C ALA G 915 -15.85 -10.76 -17.43
N VAL G 916 -14.83 -10.32 -16.71
CA VAL G 916 -14.39 -8.93 -16.77
C VAL G 916 -13.45 -8.77 -17.95
N TYR G 917 -13.39 -7.58 -18.52
CA TYR G 917 -12.53 -7.29 -19.66
C TYR G 917 -11.21 -6.71 -19.17
N HIS G 918 -10.11 -7.32 -19.61
CA HIS G 918 -8.74 -6.89 -19.36
C HIS G 918 -8.32 -7.05 -17.90
N HIS G 919 -9.15 -7.66 -17.06
CA HIS G 919 -8.79 -7.91 -15.67
C HIS G 919 -8.75 -9.39 -15.32
N PHE G 920 -9.07 -10.28 -16.28
CA PHE G 920 -8.86 -11.72 -16.16
C PHE G 920 -9.88 -12.32 -15.19
N ILE G 921 -10.59 -11.47 -14.45
CA ILE G 921 -11.52 -11.98 -13.44
C ILE G 921 -12.71 -12.62 -14.14
N SER G 922 -12.95 -13.89 -13.87
CA SER G 922 -14.04 -14.65 -14.46
C SER G 922 -14.99 -15.18 -13.39
N ASP G 923 -15.21 -14.39 -12.35
CA ASP G 923 -16.02 -14.83 -11.22
C ASP G 923 -17.48 -15.01 -11.64
N GLY G 924 -18.03 -16.17 -11.31
CA GLY G 924 -19.44 -16.42 -11.50
C GLY G 924 -20.01 -17.12 -10.28
N VAL G 925 -21.23 -16.78 -9.94
CA VAL G 925 -21.86 -17.22 -8.69
C VAL G 925 -23.05 -18.08 -9.00
N ARG G 926 -23.17 -19.21 -8.31
CA ARG G 926 -24.27 -20.14 -8.47
C ARG G 926 -24.99 -20.30 -7.15
N LYS G 927 -26.31 -20.28 -7.18
CA LYS G 927 -27.11 -20.39 -5.98
C LYS G 927 -28.26 -21.36 -6.23
N SER G 928 -28.90 -21.77 -5.13
CA SER G 928 -29.99 -22.75 -5.17
C SER G 928 -31.29 -22.05 -4.79
N LEU G 929 -32.30 -22.20 -5.64
CA LEU G 929 -33.61 -21.61 -5.40
C LEU G 929 -34.62 -22.71 -5.12
N LYS G 930 -35.38 -22.56 -4.04
CA LYS G 930 -36.38 -23.53 -3.63
C LYS G 930 -37.75 -23.09 -4.13
N VAL G 931 -38.43 -23.99 -4.83
CA VAL G 931 -39.74 -23.72 -5.41
C VAL G 931 -40.72 -24.73 -4.85
N VAL G 932 -41.84 -24.23 -4.33
CA VAL G 932 -42.78 -25.04 -3.57
C VAL G 932 -44.14 -24.98 -4.25
N PRO G 933 -45.00 -25.96 -4.01
CA PRO G 933 -46.35 -25.92 -4.59
C PRO G 933 -47.16 -24.75 -4.08
N GLU G 934 -48.35 -24.58 -4.68
CA GLU G 934 -49.17 -23.41 -4.40
C GLU G 934 -49.82 -23.46 -3.03
N GLY G 935 -50.27 -24.65 -2.60
CA GLY G 935 -51.03 -24.79 -1.38
C GLY G 935 -50.15 -24.75 -0.14
N ILE G 936 -50.77 -25.13 0.98
CA ILE G 936 -50.10 -25.21 2.27
C ILE G 936 -50.06 -26.67 2.69
N ARG G 937 -48.86 -27.19 2.92
CA ARG G 937 -48.70 -28.60 3.25
C ARG G 937 -49.26 -28.90 4.63
N MET G 938 -49.92 -30.06 4.77
CA MET G 938 -50.50 -30.45 6.03
C MET G 938 -50.32 -31.96 6.24
N ASN G 939 -50.27 -32.36 7.51
CA ASN G 939 -50.21 -33.75 7.91
C ASN G 939 -51.48 -34.12 8.63
N LYS G 940 -52.14 -35.18 8.18
CA LYS G 940 -53.40 -35.63 8.75
C LYS G 940 -53.27 -37.06 9.25
N THR G 941 -53.94 -37.35 10.36
CA THR G 941 -53.97 -38.68 10.94
C THR G 941 -55.27 -39.36 10.58
N VAL G 942 -55.18 -40.55 9.99
CA VAL G 942 -56.34 -41.29 9.53
C VAL G 942 -56.53 -42.61 10.26
N ALA G 943 -55.57 -43.05 11.06
CA ALA G 943 -55.65 -44.35 11.72
C ALA G 943 -54.70 -44.38 12.90
N VAL G 944 -55.23 -44.72 14.08
CA VAL G 944 -54.43 -44.85 15.29
C VAL G 944 -54.75 -46.16 16.00
N ARG G 945 -55.22 -47.14 15.24
CA ARG G 945 -55.71 -48.38 15.83
C ARG G 945 -54.61 -49.11 16.60
N THR G 946 -54.97 -49.63 17.77
CA THR G 946 -54.07 -50.44 18.57
C THR G 946 -54.01 -51.87 18.03
N LEU G 947 -53.03 -52.62 18.52
CA LEU G 947 -52.82 -54.01 18.07
C LEU G 947 -52.65 -54.90 19.31
N ASP G 948 -53.76 -55.46 19.79
CA ASP G 948 -53.75 -56.44 20.87
C ASP G 948 -54.64 -57.61 20.47
N PRO G 949 -54.17 -58.44 19.52
CA PRO G 949 -55.03 -59.52 19.01
C PRO G 949 -55.40 -60.57 20.04
N GLU G 950 -54.64 -60.69 21.14
CA GLU G 950 -54.94 -61.72 22.13
C GLU G 950 -56.32 -61.52 22.75
N ARG G 951 -56.67 -60.27 23.03
CA ARG G 951 -57.96 -59.93 23.63
C ARG G 951 -58.90 -59.24 22.64
N LEU G 952 -58.45 -58.15 22.02
CA LEU G 952 -59.31 -57.41 21.09
C LEU G 952 -59.62 -58.24 19.85
N GLY G 953 -58.66 -59.04 19.39
CA GLY G 953 -58.85 -59.84 18.19
C GLY G 953 -59.94 -60.88 18.37
N ARG G 954 -60.24 -61.56 17.26
CA ARG G 954 -61.33 -62.53 17.25
C ARG G 954 -60.93 -63.84 17.94
N GLU G 955 -59.95 -64.54 17.38
CA GLU G 955 -59.38 -65.73 18.03
C GLU G 955 -57.87 -65.71 17.77
N GLY G 956 -57.15 -65.02 18.63
CA GLY G 956 -55.71 -64.89 18.48
C GLY G 956 -55.30 -64.18 17.20
N VAL G 957 -56.24 -63.50 16.55
CA VAL G 957 -56.01 -62.81 15.29
C VAL G 957 -56.82 -61.53 15.28
N GLN G 958 -56.20 -60.44 14.85
CA GLN G 958 -56.84 -59.12 14.81
C GLN G 958 -56.93 -58.66 13.36
N LYS G 959 -58.11 -58.17 12.98
CA LYS G 959 -58.33 -57.60 11.66
C LYS G 959 -58.72 -56.14 11.81
N GLU G 960 -57.99 -55.26 11.13
CA GLU G 960 -58.23 -53.82 11.20
C GLU G 960 -58.46 -53.29 9.79
N ASP G 961 -59.54 -52.55 9.61
CA ASP G 961 -59.87 -51.93 8.33
C ASP G 961 -59.45 -50.47 8.37
N ILE G 962 -58.57 -50.08 7.46
CA ILE G 962 -58.00 -48.75 7.44
C ILE G 962 -58.61 -47.98 6.26
N PRO G 963 -59.46 -46.99 6.50
CA PRO G 963 -60.06 -46.25 5.39
C PRO G 963 -59.04 -45.35 4.72
N PRO G 964 -59.27 -44.98 3.46
CA PRO G 964 -58.36 -44.04 2.79
C PRO G 964 -58.51 -42.64 3.35
N ALA G 965 -57.47 -41.84 3.16
CA ALA G 965 -57.49 -40.46 3.62
C ALA G 965 -58.49 -39.64 2.81
N ASP G 966 -58.91 -38.51 3.38
CA ASP G 966 -59.92 -37.68 2.72
C ASP G 966 -59.37 -37.07 1.43
N LEU G 967 -58.34 -36.23 1.56
CA LEU G 967 -57.69 -35.59 0.41
C LEU G 967 -58.70 -34.84 -0.46
N SER G 968 -59.71 -34.27 0.18
CA SER G 968 -60.76 -33.58 -0.58
C SER G 968 -60.25 -32.28 -1.18
N ASP G 969 -59.45 -31.52 -0.42
CA ASP G 969 -58.97 -30.21 -0.84
C ASP G 969 -57.55 -30.26 -1.38
N GLN G 970 -57.16 -31.36 -2.00
CA GLN G 970 -55.81 -31.49 -2.52
C GLN G 970 -55.57 -30.51 -3.67
N VAL G 971 -54.37 -29.92 -3.68
CA VAL G 971 -54.00 -28.98 -4.74
C VAL G 971 -53.78 -29.77 -6.03
N PRO G 972 -54.25 -29.28 -7.19
CA PRO G 972 -54.07 -30.04 -8.43
C PRO G 972 -52.60 -30.24 -8.77
N ASP G 973 -52.30 -31.41 -9.32
CA ASP G 973 -50.96 -31.76 -9.80
C ASP G 973 -49.91 -31.64 -8.69
N THR G 974 -50.23 -32.22 -7.53
CA THR G 974 -49.29 -32.26 -6.41
C THR G 974 -49.38 -33.64 -5.77
N GLU G 975 -48.26 -34.36 -5.75
CA GLU G 975 -48.25 -35.71 -5.20
C GLU G 975 -48.41 -35.68 -3.69
N SER G 976 -49.08 -36.71 -3.17
CA SER G 976 -49.28 -36.88 -1.74
C SER G 976 -48.71 -38.22 -1.32
N GLU G 977 -48.02 -38.23 -0.17
CA GLU G 977 -47.33 -39.41 0.33
C GLU G 977 -47.97 -39.85 1.63
N THR G 978 -48.33 -41.12 1.72
CA THR G 978 -48.89 -41.71 2.93
C THR G 978 -47.85 -42.61 3.58
N ARG G 979 -47.74 -42.53 4.90
CA ARG G 979 -46.81 -43.32 5.67
C ARG G 979 -47.53 -44.05 6.79
N ILE G 980 -47.19 -45.31 6.98
CA ILE G 980 -47.76 -46.14 8.05
C ILE G 980 -46.62 -46.60 8.94
N LEU G 981 -46.83 -46.54 10.26
CA LEU G 981 -45.81 -46.85 11.25
C LEU G 981 -46.34 -47.93 12.18
N LEU G 982 -45.54 -48.96 12.40
CA LEU G 982 -45.91 -50.10 13.25
C LEU G 982 -45.09 -50.04 14.53
N GLN G 983 -45.78 -49.86 15.65
CA GLN G 983 -45.14 -49.78 16.96
C GLN G 983 -45.21 -51.14 17.63
N GLY G 984 -44.04 -51.71 17.93
CA GLY G 984 -44.02 -52.91 18.74
C GLY G 984 -44.26 -52.68 20.22
N THR G 985 -44.29 -51.41 20.62
CA THR G 985 -44.47 -51.02 22.02
C THR G 985 -45.10 -49.64 22.03
N PRO G 986 -46.04 -49.38 22.94
CA PRO G 986 -46.69 -48.05 22.96
C PRO G 986 -45.73 -46.91 23.23
N VAL G 987 -44.55 -47.19 23.77
CA VAL G 987 -43.58 -46.16 24.14
C VAL G 987 -42.39 -46.14 23.20
N ALA G 988 -42.34 -47.05 22.24
CA ALA G 988 -41.13 -47.22 21.42
C ALA G 988 -40.80 -45.97 20.61
N GLN G 989 -41.81 -45.37 19.96
CA GLN G 989 -41.55 -44.22 19.10
C GLN G 989 -40.98 -43.06 19.90
N MET G 990 -41.61 -42.72 21.02
CA MET G 990 -41.13 -41.61 21.82
C MET G 990 -39.74 -41.88 22.39
N THR G 991 -39.47 -43.12 22.76
CA THR G 991 -38.14 -43.47 23.26
C THR G 991 -37.07 -43.28 22.19
N GLU G 992 -37.28 -43.86 21.02
CA GLU G 992 -36.30 -43.73 19.94
C GLU G 992 -36.16 -42.29 19.48
N ASP G 993 -37.22 -41.48 19.61
CA ASP G 993 -37.10 -40.06 19.28
C ASP G 993 -36.32 -39.31 20.34
N ALA G 994 -36.59 -39.59 21.62
CA ALA G 994 -35.98 -38.83 22.70
C ALA G 994 -34.49 -39.12 22.83
N VAL G 995 -34.08 -40.36 22.61
CA VAL G 995 -32.67 -40.70 22.75
C VAL G 995 -31.82 -39.96 21.71
N ASP G 996 -32.36 -39.77 20.51
CA ASP G 996 -31.63 -39.11 19.45
C ASP G 996 -31.71 -37.59 19.60
N ALA G 997 -30.83 -36.89 18.88
CA ALA G 997 -30.75 -35.43 18.94
C ALA G 997 -31.48 -34.76 17.78
N GLU G 998 -31.12 -35.12 16.54
CA GLU G 998 -31.72 -34.51 15.36
C GLU G 998 -33.19 -34.84 15.20
N ARG G 999 -33.71 -35.83 15.93
CA ARG G 999 -35.11 -36.20 15.86
C ARG G 999 -35.90 -35.86 17.11
N LEU G 1000 -35.24 -35.38 18.17
CA LEU G 1000 -35.93 -35.07 19.41
C LEU G 1000 -36.94 -33.93 19.23
N LYS G 1001 -36.66 -33.02 18.31
CA LYS G 1001 -37.51 -31.85 18.12
C LYS G 1001 -38.83 -32.18 17.42
N HIS G 1002 -39.00 -33.39 16.91
CA HIS G 1002 -40.19 -33.78 16.18
C HIS G 1002 -41.23 -34.46 17.06
N LEU G 1003 -41.00 -34.52 18.38
CA LEU G 1003 -42.01 -35.06 19.27
C LEU G 1003 -43.27 -34.20 19.32
N ILE G 1004 -43.16 -32.90 19.03
CA ILE G 1004 -44.29 -31.99 19.06
C ILE G 1004 -44.34 -31.23 17.74
N VAL G 1005 -45.44 -30.50 17.55
CA VAL G 1005 -45.69 -29.76 16.31
C VAL G 1005 -45.88 -28.28 16.60
N THR G 1006 -45.34 -27.81 17.72
CA THR G 1006 -45.49 -26.44 18.16
C THR G 1006 -44.12 -25.86 18.46
N PRO G 1007 -43.98 -24.53 18.43
CA PRO G 1007 -42.70 -23.91 18.77
C PRO G 1007 -42.37 -24.04 20.25
N SER G 1008 -41.08 -23.89 20.56
CA SER G 1008 -40.54 -24.16 21.88
C SER G 1008 -39.58 -23.04 22.30
N GLY G 1009 -40.05 -21.80 22.31
CA GLY G 1009 -39.21 -20.67 22.64
C GLY G 1009 -39.45 -19.96 23.96
N CYS G 1010 -40.29 -20.49 24.83
CA CYS G 1010 -40.59 -19.81 26.09
C CYS G 1010 -40.12 -20.68 27.26
N GLY G 1011 -40.54 -20.29 28.47
CA GLY G 1011 -40.05 -20.95 29.66
C GLY G 1011 -40.45 -22.41 29.74
N GLU G 1012 -41.75 -22.69 29.61
CA GLU G 1012 -42.22 -24.07 29.77
C GLU G 1012 -41.86 -24.93 28.57
N GLN G 1013 -42.04 -24.40 27.36
CA GLN G 1013 -41.85 -25.21 26.16
C GLN G 1013 -40.40 -25.58 25.92
N ASN G 1014 -39.47 -24.97 26.64
CA ASN G 1014 -38.05 -25.28 26.53
C ASN G 1014 -37.67 -26.56 27.25
N MET G 1015 -38.66 -27.38 27.62
CA MET G 1015 -38.44 -28.66 28.29
C MET G 1015 -38.33 -29.83 27.32
N ILE G 1016 -38.32 -29.59 26.02
CA ILE G 1016 -38.10 -30.68 25.08
C ILE G 1016 -36.72 -31.27 25.25
N GLY G 1017 -35.73 -30.43 25.58
CA GLY G 1017 -34.38 -30.93 25.77
C GLY G 1017 -34.24 -31.86 26.95
N MET G 1018 -34.96 -31.57 28.04
CA MET G 1018 -34.77 -32.26 29.30
C MET G 1018 -35.76 -33.40 29.52
N THR G 1019 -37.06 -33.09 29.53
CA THR G 1019 -38.04 -34.05 30.02
C THR G 1019 -38.13 -35.33 29.20
N PRO G 1020 -38.29 -35.29 27.87
CA PRO G 1020 -38.37 -36.56 27.12
C PRO G 1020 -37.12 -37.41 27.27
N THR G 1021 -35.95 -36.80 27.18
CA THR G 1021 -34.70 -37.56 27.30
C THR G 1021 -34.57 -38.14 28.70
N VAL G 1022 -34.92 -37.37 29.74
CA VAL G 1022 -34.83 -37.86 31.10
C VAL G 1022 -35.74 -39.07 31.29
N ILE G 1023 -36.98 -38.97 30.82
CA ILE G 1023 -37.92 -40.08 30.99
C ILE G 1023 -37.47 -41.29 30.19
N ALA G 1024 -36.98 -41.08 28.97
CA ALA G 1024 -36.51 -42.21 28.16
C ALA G 1024 -35.34 -42.91 28.82
N VAL G 1025 -34.38 -42.15 29.34
CA VAL G 1025 -33.22 -42.75 30.00
C VAL G 1025 -33.65 -43.51 31.24
N HIS G 1026 -34.54 -42.93 32.05
CA HIS G 1026 -35.00 -43.62 33.25
C HIS G 1026 -35.72 -44.92 32.91
N TYR G 1027 -36.59 -44.89 31.89
CA TYR G 1027 -37.32 -46.09 31.51
C TYR G 1027 -36.39 -47.16 30.97
N LEU G 1028 -35.44 -46.77 30.12
CA LEU G 1028 -34.49 -47.75 29.58
C LEU G 1028 -33.63 -48.33 30.69
N ASP G 1029 -33.22 -47.52 31.66
CA ASP G 1029 -32.40 -48.02 32.75
C ASP G 1029 -33.18 -49.01 33.62
N GLU G 1030 -34.39 -48.63 34.04
CA GLU G 1030 -35.17 -49.54 34.89
C GLU G 1030 -35.72 -50.73 34.13
N THR G 1031 -35.68 -50.72 32.79
CA THR G 1031 -36.02 -51.90 32.02
C THR G 1031 -34.79 -52.64 31.51
N GLU G 1032 -33.64 -51.96 31.43
CA GLU G 1032 -32.38 -52.55 30.99
C GLU G 1032 -32.50 -53.08 29.56
N GLN G 1033 -32.75 -52.16 28.64
CA GLN G 1033 -32.76 -52.44 27.21
C GLN G 1033 -31.52 -51.90 26.51
N TRP G 1034 -30.57 -51.36 27.27
CA TRP G 1034 -29.40 -50.72 26.66
C TRP G 1034 -28.50 -51.73 25.96
N GLU G 1035 -28.42 -52.97 26.47
CA GLU G 1035 -27.52 -53.96 25.90
C GLU G 1035 -27.88 -54.28 24.45
N LYS G 1036 -29.15 -54.20 24.08
CA LYS G 1036 -29.57 -54.43 22.71
C LYS G 1036 -29.81 -53.15 21.93
N PHE G 1037 -30.23 -52.08 22.60
CA PHE G 1037 -30.41 -50.80 21.93
C PHE G 1037 -29.07 -50.13 21.66
N GLY G 1038 -28.12 -50.26 22.58
CA GLY G 1038 -26.80 -49.70 22.39
C GLY G 1038 -26.37 -48.75 23.49
N LEU G 1039 -25.42 -49.20 24.31
CA LEU G 1039 -24.94 -48.39 25.42
C LEU G 1039 -24.20 -47.14 24.95
N GLU G 1040 -23.71 -47.14 23.70
CA GLU G 1040 -23.01 -45.98 23.17
C GLU G 1040 -23.90 -44.75 23.09
N LYS G 1041 -25.22 -44.92 23.02
CA LYS G 1041 -26.13 -43.78 22.89
C LYS G 1041 -26.43 -43.09 24.21
N ARG G 1042 -26.14 -43.74 25.35
CA ARG G 1042 -26.47 -43.16 26.64
C ARG G 1042 -25.75 -41.82 26.85
N GLN G 1043 -24.46 -41.78 26.52
CA GLN G 1043 -23.69 -40.53 26.66
C GLN G 1043 -24.31 -39.43 25.81
N GLY G 1044 -24.76 -39.77 24.61
CA GLY G 1044 -25.45 -38.79 23.77
C GLY G 1044 -26.68 -38.21 24.44
N ALA G 1045 -27.50 -39.07 25.03
CA ALA G 1045 -28.67 -38.62 25.77
C ALA G 1045 -28.27 -37.71 26.93
N LEU G 1046 -27.21 -38.08 27.63
CA LEU G 1046 -26.72 -37.25 28.73
C LEU G 1046 -26.30 -35.87 28.23
N GLU G 1047 -25.61 -35.83 27.09
CA GLU G 1047 -25.24 -34.55 26.49
C GLU G 1047 -26.46 -33.72 26.14
N LEU G 1048 -27.49 -34.37 25.59
CA LEU G 1048 -28.74 -33.69 25.28
C LEU G 1048 -29.35 -33.06 26.53
N ILE G 1049 -29.41 -33.83 27.62
CA ILE G 1049 -29.93 -33.32 28.88
C ILE G 1049 -29.09 -32.15 29.37
N LYS G 1050 -27.76 -32.27 29.25
CA LYS G 1050 -26.88 -31.18 29.66
C LYS G 1050 -27.16 -29.91 28.87
N LYS G 1051 -27.33 -30.02 27.56
CA LYS G 1051 -27.65 -28.87 26.72
C LYS G 1051 -28.99 -28.26 27.13
N GLY G 1052 -30.00 -29.11 27.34
CA GLY G 1052 -31.30 -28.61 27.77
C GLY G 1052 -31.22 -27.87 29.10
N TYR G 1053 -30.45 -28.42 30.05
CA TYR G 1053 -30.25 -27.75 31.33
C TYR G 1053 -29.52 -26.42 31.15
N THR G 1054 -28.52 -26.39 30.28
CA THR G 1054 -27.82 -25.14 30.01
C THR G 1054 -28.77 -24.08 29.46
N GLN G 1055 -29.73 -24.48 28.63
CA GLN G 1055 -30.69 -23.51 28.11
C GLN G 1055 -31.65 -23.02 29.18
N GLN G 1056 -32.09 -23.90 30.07
CA GLN G 1056 -33.13 -23.54 31.02
C GLN G 1056 -32.68 -22.48 32.01
N LEU G 1057 -31.37 -22.43 32.31
CA LEU G 1057 -30.89 -21.42 33.25
C LEU G 1057 -31.06 -20.00 32.73
N ALA G 1058 -31.35 -19.83 31.43
CA ALA G 1058 -31.57 -18.50 30.90
C ALA G 1058 -32.81 -17.83 31.50
N PHE G 1059 -33.76 -18.63 31.99
CA PHE G 1059 -35.00 -18.12 32.54
C PHE G 1059 -34.97 -17.97 34.05
N ARG G 1060 -33.84 -18.26 34.69
CA ARG G 1060 -33.77 -18.21 36.14
C ARG G 1060 -33.57 -16.76 36.60
N GLN G 1061 -34.53 -16.26 37.37
CA GLN G 1061 -34.39 -14.94 37.96
C GLN G 1061 -33.34 -14.97 39.05
N PRO G 1062 -32.78 -13.81 39.42
CA PRO G 1062 -31.84 -13.78 40.55
C PRO G 1062 -32.47 -14.18 41.87
N SER G 1063 -33.80 -14.15 41.98
CA SER G 1063 -34.50 -14.55 43.19
C SER G 1063 -34.79 -16.04 43.23
N SER G 1064 -34.00 -16.85 42.51
CA SER G 1064 -34.10 -18.31 42.55
C SER G 1064 -35.46 -18.81 42.06
N ALA G 1065 -36.08 -18.10 41.13
CA ALA G 1065 -37.38 -18.47 40.59
C ALA G 1065 -37.34 -18.39 39.07
N PHE G 1066 -38.10 -19.27 38.42
CA PHE G 1066 -38.11 -19.37 36.97
C PHE G 1066 -39.31 -18.63 36.40
N ALA G 1067 -39.06 -17.79 35.41
CA ALA G 1067 -40.10 -16.97 34.79
C ALA G 1067 -40.47 -17.52 33.42
N ALA G 1068 -41.71 -17.26 33.01
CA ALA G 1068 -42.18 -17.77 31.73
C ALA G 1068 -41.38 -17.20 30.57
N PHE G 1069 -41.06 -15.91 30.62
CA PHE G 1069 -40.25 -15.25 29.61
C PHE G 1069 -39.07 -14.56 30.29
N VAL G 1070 -38.11 -14.11 29.48
CA VAL G 1070 -36.88 -13.56 30.01
C VAL G 1070 -37.17 -12.21 30.67
N LYS G 1071 -36.72 -12.06 31.91
CA LYS G 1071 -36.87 -10.81 32.67
C LYS G 1071 -38.35 -10.41 32.80
N ARG G 1072 -39.10 -11.27 33.47
CA ARG G 1072 -40.52 -11.03 33.73
C ARG G 1072 -40.88 -11.66 35.06
N ALA G 1073 -42.14 -11.49 35.46
CA ALA G 1073 -42.58 -11.92 36.79
C ALA G 1073 -42.47 -13.43 36.93
N PRO G 1074 -41.84 -13.93 38.00
CA PRO G 1074 -41.70 -15.38 38.17
C PRO G 1074 -43.04 -16.08 38.37
N SER G 1075 -43.12 -17.30 37.86
CA SER G 1075 -44.36 -18.07 37.87
C SER G 1075 -44.22 -19.27 38.80
N THR G 1076 -45.20 -19.44 39.69
CA THR G 1076 -45.17 -20.57 40.62
C THR G 1076 -45.31 -21.90 39.88
N TRP G 1077 -46.22 -21.96 38.91
CA TRP G 1077 -46.44 -23.21 38.19
C TRP G 1077 -45.17 -23.65 37.45
N LEU G 1078 -44.53 -22.73 36.74
CA LEU G 1078 -43.31 -23.07 36.02
C LEU G 1078 -42.19 -23.43 36.98
N THR G 1079 -42.08 -22.73 38.10
CA THR G 1079 -41.05 -23.06 39.08
C THR G 1079 -41.24 -24.48 39.61
N ALA G 1080 -42.48 -24.85 39.92
CA ALA G 1080 -42.75 -26.21 40.39
C ALA G 1080 -42.42 -27.24 39.32
N TYR G 1081 -42.80 -26.96 38.06
CA TYR G 1081 -42.49 -27.91 36.99
C TYR G 1081 -40.98 -28.07 36.82
N VAL G 1082 -40.24 -26.97 36.87
CA VAL G 1082 -38.79 -27.02 36.73
C VAL G 1082 -38.17 -27.82 37.87
N VAL G 1083 -38.66 -27.62 39.09
CA VAL G 1083 -38.15 -28.38 40.23
C VAL G 1083 -38.43 -29.86 40.04
N LYS G 1084 -39.63 -30.20 39.57
CA LYS G 1084 -39.96 -31.60 39.33
C LYS G 1084 -39.05 -32.23 38.29
N VAL G 1085 -38.78 -31.50 37.20
CA VAL G 1085 -37.91 -32.06 36.15
C VAL G 1085 -36.47 -32.15 36.63
N PHE G 1086 -35.99 -31.15 37.36
CA PHE G 1086 -34.62 -31.16 37.86
C PHE G 1086 -34.40 -32.30 38.85
N SER G 1087 -35.36 -32.55 39.73
CA SER G 1087 -35.20 -33.61 40.72
C SER G 1087 -35.10 -34.98 40.09
N LEU G 1088 -35.57 -35.14 38.86
CA LEU G 1088 -35.46 -36.42 38.15
C LEU G 1088 -34.12 -36.60 37.44
N ALA G 1089 -33.32 -35.55 37.34
CA ALA G 1089 -32.11 -35.59 36.54
C ALA G 1089 -30.83 -35.49 37.36
N VAL G 1090 -30.91 -35.36 38.68
CA VAL G 1090 -29.71 -35.29 39.50
C VAL G 1090 -28.91 -36.58 39.40
N ASN G 1091 -29.60 -37.72 39.32
CA ASN G 1091 -28.93 -39.00 39.21
C ASN G 1091 -28.31 -39.22 37.83
N LEU G 1092 -28.67 -38.40 36.84
CA LEU G 1092 -28.12 -38.52 35.49
C LEU G 1092 -26.99 -37.53 35.25
N ILE G 1093 -27.27 -36.23 35.35
CA ILE G 1093 -26.27 -35.20 35.11
C ILE G 1093 -25.96 -34.49 36.42
N ALA G 1094 -24.98 -33.59 36.40
CA ALA G 1094 -24.54 -32.88 37.60
C ALA G 1094 -25.38 -31.62 37.78
N ILE G 1095 -26.64 -31.82 38.18
CA ILE G 1095 -27.53 -30.72 38.47
C ILE G 1095 -27.05 -30.00 39.72
N ASP G 1096 -26.94 -28.67 39.64
CA ASP G 1096 -26.52 -27.90 40.78
C ASP G 1096 -27.57 -27.99 41.89
N SER G 1097 -27.12 -28.34 43.10
CA SER G 1097 -28.04 -28.46 44.22
C SER G 1097 -28.48 -27.09 44.74
N GLN G 1098 -27.63 -26.08 44.58
CA GLN G 1098 -27.97 -24.74 45.06
C GLN G 1098 -29.20 -24.20 44.33
N VAL G 1099 -29.25 -24.36 43.01
CA VAL G 1099 -30.36 -23.84 42.22
C VAL G 1099 -31.67 -24.51 42.63
N LEU G 1100 -31.68 -25.84 42.68
CA LEU G 1100 -32.90 -26.57 43.00
C LEU G 1100 -33.34 -26.30 44.44
N CYS G 1101 -32.40 -26.27 45.38
CA CYS G 1101 -32.75 -25.98 46.76
C CYS G 1101 -33.28 -24.57 46.92
N GLY G 1102 -32.69 -23.60 46.21
CA GLY G 1102 -33.20 -22.24 46.25
C GLY G 1102 -34.59 -22.12 45.69
N ALA G 1103 -34.86 -22.83 44.59
CA ALA G 1103 -36.21 -22.82 44.01
C ALA G 1103 -37.22 -23.43 44.97
N VAL G 1104 -36.87 -24.55 45.60
CA VAL G 1104 -37.77 -25.19 46.55
C VAL G 1104 -38.03 -24.28 47.73
N LYS G 1105 -36.98 -23.64 48.26
CA LYS G 1105 -37.14 -22.73 49.38
C LYS G 1105 -38.01 -21.54 49.00
N TRP G 1106 -37.83 -20.99 47.79
CA TRP G 1106 -38.67 -19.89 47.33
C TRP G 1106 -40.13 -20.30 47.27
N LEU G 1107 -40.39 -21.49 46.71
CA LEU G 1107 -41.77 -21.98 46.63
C LEU G 1107 -42.38 -22.12 48.02
N ILE G 1108 -41.63 -22.69 48.96
CA ILE G 1108 -42.18 -22.97 50.28
C ILE G 1108 -42.39 -21.67 51.07
N LEU G 1109 -41.47 -20.72 50.96
CA LEU G 1109 -41.52 -19.52 51.80
C LEU G 1109 -42.38 -18.41 51.17
N GLU G 1110 -42.02 -17.96 49.96
CA GLU G 1110 -42.62 -16.76 49.43
C GLU G 1110 -43.95 -16.97 48.72
N LYS G 1111 -44.35 -18.22 48.47
CA LYS G 1111 -45.55 -18.47 47.68
C LYS G 1111 -46.61 -19.29 48.39
N GLN G 1112 -46.33 -19.80 49.59
CA GLN G 1112 -47.26 -20.68 50.30
C GLN G 1112 -48.01 -19.90 51.37
N LYS G 1113 -49.34 -19.96 51.32
CA LYS G 1113 -50.18 -19.35 52.33
C LYS G 1113 -50.30 -20.26 53.54
N PRO G 1114 -50.60 -19.70 54.72
CA PRO G 1114 -50.72 -20.53 55.92
C PRO G 1114 -51.78 -21.61 55.80
N ASP G 1115 -52.85 -21.38 55.03
CA ASP G 1115 -53.90 -22.38 54.89
C ASP G 1115 -53.40 -23.64 54.20
N GLY G 1116 -52.38 -23.52 53.36
CA GLY G 1116 -51.86 -24.64 52.61
C GLY G 1116 -52.08 -24.50 51.12
N VAL G 1117 -52.12 -23.26 50.65
CA VAL G 1117 -52.39 -22.94 49.25
C VAL G 1117 -51.22 -22.14 48.71
N PHE G 1118 -50.75 -22.50 47.52
CA PHE G 1118 -49.65 -21.80 46.88
C PHE G 1118 -50.19 -20.65 46.04
N GLN G 1119 -49.75 -19.43 46.34
CA GLN G 1119 -50.21 -18.25 45.64
C GLN G 1119 -49.55 -18.14 44.28
N GLU G 1120 -50.25 -17.49 43.35
CA GLU G 1120 -49.71 -17.20 42.02
C GLU G 1120 -49.92 -15.72 41.72
N ASP G 1121 -48.84 -15.04 41.33
CA ASP G 1121 -48.88 -13.62 41.04
C ASP G 1121 -48.60 -13.29 39.59
N ALA G 1122 -47.77 -14.07 38.90
CA ALA G 1122 -47.51 -13.85 37.50
C ALA G 1122 -48.74 -14.26 36.68
N PRO G 1123 -48.88 -13.75 35.46
CA PRO G 1123 -50.00 -14.16 34.61
C PRO G 1123 -49.99 -15.65 34.38
N VAL G 1124 -51.19 -16.23 34.35
CA VAL G 1124 -51.34 -17.69 34.33
C VAL G 1124 -50.85 -18.25 33.00
N ILE G 1125 -50.33 -19.47 33.05
CA ILE G 1125 -49.80 -20.16 31.87
C ILE G 1125 -50.70 -21.31 31.45
N HIS G 1126 -51.12 -22.14 32.41
CA HIS G 1126 -52.05 -23.22 32.15
C HIS G 1126 -53.48 -22.74 32.40
N GLN G 1127 -54.43 -23.68 32.48
CA GLN G 1127 -55.82 -23.34 32.80
C GLN G 1127 -55.96 -23.21 34.32
N GLU G 1128 -55.66 -22.00 34.81
CA GLU G 1128 -55.74 -21.67 36.23
C GLU G 1128 -54.94 -22.64 37.09
N ASN G 1135 -65.38 -17.96 44.81
CA ASN G 1135 -64.92 -18.83 45.87
C ASN G 1135 -63.50 -19.33 45.57
N ASN G 1136 -63.09 -19.19 44.31
CA ASN G 1136 -61.77 -19.63 43.83
C ASN G 1136 -61.55 -21.12 44.08
N ASN G 1137 -62.62 -21.91 43.98
CA ASN G 1137 -62.52 -23.36 44.11
C ASN G 1137 -62.18 -23.98 42.76
N GLU G 1138 -61.55 -25.15 42.83
CA GLU G 1138 -61.07 -25.92 41.68
C GLU G 1138 -59.91 -25.25 40.96
N LYS G 1139 -59.52 -24.04 41.38
CA LYS G 1139 -58.36 -23.34 40.84
C LYS G 1139 -57.13 -23.53 41.73
N ASP G 1140 -57.27 -23.24 43.03
CA ASP G 1140 -56.15 -23.46 43.95
C ASP G 1140 -55.90 -24.94 44.18
N MET G 1141 -56.92 -25.78 44.05
CA MET G 1141 -56.73 -27.21 44.24
C MET G 1141 -55.79 -27.80 43.22
N ALA G 1142 -55.97 -27.45 41.95
CA ALA G 1142 -55.10 -27.98 40.89
C ALA G 1142 -53.67 -27.49 41.05
N LEU G 1143 -53.49 -26.20 41.34
CA LEU G 1143 -52.16 -25.66 41.53
C LEU G 1143 -51.46 -26.29 42.73
N THR G 1144 -52.19 -26.45 43.84
CA THR G 1144 -51.61 -27.08 45.02
C THR G 1144 -51.25 -28.54 44.74
N ALA G 1145 -52.11 -29.26 44.02
CA ALA G 1145 -51.79 -30.64 43.68
C ALA G 1145 -50.55 -30.72 42.81
N PHE G 1146 -50.43 -29.82 41.82
CA PHE G 1146 -49.26 -29.85 40.96
C PHE G 1146 -47.99 -29.54 41.74
N VAL G 1147 -48.03 -28.52 42.60
CA VAL G 1147 -46.84 -28.17 43.38
C VAL G 1147 -46.48 -29.30 44.33
N LEU G 1148 -47.49 -29.96 44.91
CA LEU G 1148 -47.22 -31.10 45.78
C LEU G 1148 -46.55 -32.24 45.01
N ILE G 1149 -47.04 -32.53 43.80
CA ILE G 1149 -46.40 -33.55 42.98
C ILE G 1149 -44.96 -33.16 42.69
N SER G 1150 -44.71 -31.86 42.47
CA SER G 1150 -43.34 -31.39 42.26
C SER G 1150 -42.49 -31.57 43.51
N LEU G 1151 -43.03 -31.22 44.68
CA LEU G 1151 -42.24 -31.30 45.92
C LEU G 1151 -41.92 -32.75 46.29
N GLN G 1152 -42.84 -33.67 46.04
CA GLN G 1152 -42.58 -35.07 46.37
C GLN G 1152 -41.39 -35.65 45.60
N GLU G 1153 -41.01 -35.04 44.48
CA GLU G 1153 -39.81 -35.47 43.77
C GLU G 1153 -38.54 -34.98 44.46
N ALA G 1154 -38.58 -33.78 45.04
CA ALA G 1154 -37.44 -33.22 45.76
C ALA G 1154 -37.55 -33.41 47.28
N LYS G 1155 -38.16 -34.50 47.72
CA LYS G 1155 -38.34 -34.72 49.15
C LYS G 1155 -37.02 -35.09 49.82
N ASP G 1156 -36.24 -35.98 49.21
CA ASP G 1156 -35.01 -36.48 49.80
C ASP G 1156 -33.78 -35.81 49.22
N ILE G 1157 -33.94 -34.72 48.49
CA ILE G 1157 -32.84 -34.05 47.81
C ILE G 1157 -32.45 -32.76 48.54
N CYS G 1158 -33.41 -31.89 48.79
CA CYS G 1158 -33.17 -30.65 49.52
C CYS G 1158 -33.69 -30.72 50.95
N GLU G 1159 -33.81 -31.94 51.49
CA GLU G 1159 -34.27 -32.10 52.87
C GLU G 1159 -33.30 -31.50 53.87
N GLU G 1160 -32.02 -31.44 53.52
CA GLU G 1160 -31.01 -30.88 54.42
C GLU G 1160 -30.91 -29.36 54.30
N GLN G 1161 -30.92 -28.83 53.07
CA GLN G 1161 -30.85 -27.38 52.89
C GLN G 1161 -32.17 -26.72 53.27
N VAL G 1162 -33.29 -27.34 52.94
CA VAL G 1162 -34.61 -26.85 53.28
C VAL G 1162 -35.18 -27.73 54.39
N ASN G 1163 -35.55 -27.12 55.50
CA ASN G 1163 -35.96 -27.83 56.71
C ASN G 1163 -37.47 -28.04 56.79
N SER G 1164 -38.26 -27.00 56.50
CA SER G 1164 -39.70 -27.05 56.68
C SER G 1164 -40.44 -27.70 55.52
N LEU G 1165 -39.74 -28.44 54.66
CA LEU G 1165 -40.40 -29.10 53.54
C LEU G 1165 -41.44 -30.13 53.99
N PRO G 1166 -41.15 -31.04 54.92
CA PRO G 1166 -42.19 -31.99 55.34
C PRO G 1166 -43.42 -31.33 55.92
N GLY G 1167 -43.25 -30.23 56.67
CA GLY G 1167 -44.42 -29.52 57.18
C GLY G 1167 -45.27 -28.94 56.08
N SER G 1168 -44.63 -28.37 55.06
CA SER G 1168 -45.38 -27.84 53.92
C SER G 1168 -46.12 -28.95 53.19
N ILE G 1169 -45.46 -30.10 53.00
CA ILE G 1169 -46.11 -31.22 52.32
C ILE G 1169 -47.32 -31.70 53.12
N THR G 1170 -47.17 -31.81 54.45
CA THR G 1170 -48.28 -32.23 55.29
C THR G 1170 -49.44 -31.24 55.23
N LYS G 1171 -49.13 -29.94 55.30
CA LYS G 1171 -50.19 -28.94 55.23
C LYS G 1171 -50.92 -28.99 53.90
N ALA G 1172 -50.18 -29.10 52.79
CA ALA G 1172 -50.80 -29.17 51.47
C ALA G 1172 -51.66 -30.41 51.35
N GLY G 1173 -51.18 -31.55 51.85
CA GLY G 1173 -51.96 -32.77 51.79
C GLY G 1173 -53.23 -32.68 52.61
N ASP G 1174 -53.15 -32.07 53.79
CA ASP G 1174 -54.34 -31.90 54.61
C ASP G 1174 -55.35 -30.99 53.94
N PHE G 1175 -54.88 -29.90 53.31
CA PHE G 1175 -55.80 -29.04 52.58
C PHE G 1175 -56.44 -29.77 51.40
N LEU G 1176 -55.65 -30.56 50.68
CA LEU G 1176 -56.18 -31.31 49.55
C LEU G 1176 -57.25 -32.31 50.00
N GLU G 1177 -57.01 -33.00 51.11
CA GLU G 1177 -58.00 -33.94 51.62
C GLU G 1177 -59.25 -33.23 52.13
N ALA G 1178 -59.08 -32.03 52.72
CA ALA G 1178 -60.21 -31.34 53.33
C ALA G 1178 -61.29 -30.99 52.31
N ASN G 1179 -60.89 -30.51 51.14
CA ASN G 1179 -61.83 -30.00 50.13
C ASN G 1179 -61.86 -30.88 48.88
N TYR G 1180 -61.54 -32.16 49.02
CA TYR G 1180 -61.54 -33.05 47.86
C TYR G 1180 -62.94 -33.48 47.42
N MET G 1181 -63.93 -33.39 48.31
CA MET G 1181 -65.28 -33.84 47.97
C MET G 1181 -66.07 -32.82 47.16
N ASN G 1182 -65.62 -31.57 47.09
CA ASN G 1182 -66.36 -30.52 46.40
C ASN G 1182 -65.94 -30.35 44.95
N LEU G 1183 -64.98 -31.13 44.46
CA LEU G 1183 -64.54 -31.01 43.08
C LEU G 1183 -65.60 -31.51 42.12
N GLN G 1184 -65.72 -30.85 40.98
CA GLN G 1184 -66.67 -31.23 39.94
C GLN G 1184 -66.00 -31.54 38.60
N ARG G 1185 -64.93 -30.83 38.26
CA ARG G 1185 -64.25 -31.09 37.00
C ARG G 1185 -63.46 -32.40 37.07
N SER G 1186 -63.24 -33.00 35.90
CA SER G 1186 -62.51 -34.26 35.84
C SER G 1186 -61.01 -34.03 36.01
N TYR G 1187 -60.48 -32.93 35.48
CA TYR G 1187 -59.04 -32.69 35.54
C TYR G 1187 -58.57 -32.49 36.98
N THR G 1188 -59.27 -31.64 37.73
CA THR G 1188 -58.90 -31.41 39.13
C THR G 1188 -59.05 -32.69 39.95
N VAL G 1189 -60.12 -33.44 39.71
CA VAL G 1189 -60.32 -34.70 40.43
C VAL G 1189 -59.16 -35.64 40.15
N ALA G 1190 -58.76 -35.79 38.89
CA ALA G 1190 -57.68 -36.71 38.55
C ALA G 1190 -56.36 -36.27 39.15
N ILE G 1191 -56.02 -34.97 39.07
CA ILE G 1191 -54.73 -34.53 39.56
C ILE G 1191 -54.67 -34.62 41.09
N ALA G 1192 -55.76 -34.27 41.78
CA ALA G 1192 -55.79 -34.40 43.23
C ALA G 1192 -55.73 -35.87 43.64
N GLY G 1193 -56.40 -36.74 42.89
CA GLY G 1193 -56.32 -38.15 43.17
C GLY G 1193 -54.92 -38.70 43.04
N TYR G 1194 -54.20 -38.28 41.99
CA TYR G 1194 -52.81 -38.71 41.84
C TYR G 1194 -51.95 -38.18 42.97
N ALA G 1195 -52.15 -36.92 43.37
CA ALA G 1195 -51.37 -36.38 44.48
C ALA G 1195 -51.62 -37.16 45.77
N LEU G 1196 -52.89 -37.47 46.05
CA LEU G 1196 -53.21 -38.23 47.25
C LEU G 1196 -52.64 -39.64 47.19
N ALA G 1197 -52.73 -40.28 46.01
CA ALA G 1197 -52.19 -41.62 45.87
C ALA G 1197 -50.68 -41.63 46.09
N GLN G 1198 -50.00 -40.59 45.61
CA GLN G 1198 -48.58 -40.43 45.94
C GLN G 1198 -48.38 -40.27 47.43
N MET G 1199 -49.23 -39.49 48.09
CA MET G 1199 -49.13 -39.31 49.53
C MET G 1199 -49.72 -40.48 50.32
N GLY G 1200 -50.47 -41.36 49.66
CA GLY G 1200 -51.03 -42.52 50.32
C GLY G 1200 -52.33 -42.29 51.06
N ARG G 1201 -53.00 -41.16 50.85
CA ARG G 1201 -54.25 -40.85 51.53
C ARG G 1201 -55.47 -41.13 50.67
N LEU G 1202 -55.31 -41.81 49.54
CA LEU G 1202 -56.42 -42.13 48.65
C LEU G 1202 -57.08 -43.41 49.15
N LYS G 1203 -57.96 -43.25 50.13
CA LYS G 1203 -58.68 -44.37 50.72
C LYS G 1203 -60.05 -43.90 51.19
N GLY G 1204 -60.94 -44.88 51.39
CA GLY G 1204 -62.28 -44.59 51.83
C GLY G 1204 -63.17 -44.09 50.72
N PRO G 1205 -64.14 -43.23 51.06
CA PRO G 1205 -65.04 -42.70 50.02
C PRO G 1205 -64.33 -41.90 48.94
N LEU G 1206 -63.17 -41.33 49.24
CA LEU G 1206 -62.43 -40.57 48.24
C LEU G 1206 -62.09 -41.42 47.02
N LEU G 1207 -61.71 -42.67 47.26
CA LEU G 1207 -61.39 -43.59 46.17
C LEU G 1207 -62.61 -43.81 45.27
N ASN G 1208 -63.79 -43.94 45.87
CA ASN G 1208 -65.02 -44.10 45.09
C ASN G 1208 -65.27 -42.89 44.20
N LYS G 1209 -65.05 -41.68 44.73
CA LYS G 1209 -65.16 -40.48 43.91
C LYS G 1209 -64.18 -40.50 42.75
N PHE G 1210 -62.98 -41.02 42.97
CA PHE G 1210 -62.00 -41.14 41.89
C PHE G 1210 -62.45 -42.12 40.81
N LEU G 1211 -62.99 -43.27 41.22
CA LEU G 1211 -63.34 -44.29 40.24
C LEU G 1211 -64.61 -43.93 39.47
N THR G 1212 -65.60 -43.34 40.16
CA THR G 1212 -66.87 -43.06 39.51
C THR G 1212 -66.79 -41.90 38.51
N THR G 1213 -65.75 -41.07 38.59
CA THR G 1213 -65.63 -39.96 37.66
C THR G 1213 -65.32 -40.46 36.24
N ALA G 1214 -64.62 -41.59 36.13
CA ALA G 1214 -64.29 -42.12 34.81
C ALA G 1214 -65.54 -42.43 34.01
N LYS G 1215 -65.54 -42.02 32.75
CA LYS G 1215 -66.67 -42.22 31.85
C LYS G 1215 -66.40 -43.46 31.00
N ASP G 1216 -67.31 -44.43 31.06
CA ASP G 1216 -67.21 -45.73 30.40
C ASP G 1216 -66.09 -46.58 31.00
N LYS G 1217 -65.60 -46.22 32.19
CA LYS G 1217 -64.49 -46.93 32.84
C LYS G 1217 -63.28 -47.01 31.93
N ASN G 1218 -63.06 -45.98 31.11
CA ASN G 1218 -62.02 -46.01 30.10
C ASN G 1218 -61.22 -44.71 30.02
N ARG G 1219 -61.68 -43.62 30.61
CA ARG G 1219 -61.04 -42.32 30.44
C ARG G 1219 -61.61 -41.34 31.45
N TRP G 1220 -60.81 -40.35 31.81
CA TRP G 1220 -61.28 -39.22 32.61
C TRP G 1220 -61.62 -38.03 31.70
N GLU G 1221 -62.59 -38.28 30.82
CA GLU G 1221 -62.92 -37.33 29.76
C GLU G 1221 -63.78 -36.18 30.30
N ASP G 1222 -63.58 -35.01 29.70
CA ASP G 1222 -64.42 -33.85 29.92
C ASP G 1222 -64.85 -33.30 28.57
N PRO G 1223 -66.11 -32.92 28.42
CA PRO G 1223 -66.56 -32.38 27.12
C PRO G 1223 -65.82 -31.12 26.76
N GLY G 1224 -65.54 -30.97 25.47
CA GLY G 1224 -64.84 -29.79 24.97
C GLY G 1224 -63.33 -29.95 24.90
N LYS G 1225 -62.67 -29.96 26.06
CA LYS G 1225 -61.22 -30.03 26.09
C LYS G 1225 -60.73 -31.35 25.53
N GLN G 1226 -59.63 -31.29 24.77
CA GLN G 1226 -59.09 -32.47 24.08
C GLN G 1226 -57.74 -32.90 24.65
N LEU G 1227 -56.76 -32.00 24.71
CA LEU G 1227 -55.47 -32.35 25.28
C LEU G 1227 -55.51 -32.37 26.80
N TYR G 1228 -56.32 -31.50 27.42
CA TYR G 1228 -56.49 -31.56 28.86
C TYR G 1228 -57.07 -32.89 29.29
N ASN G 1229 -57.96 -33.47 28.49
CA ASN G 1229 -58.49 -34.80 28.78
C ASN G 1229 -57.37 -35.84 28.77
N VAL G 1230 -56.46 -35.74 27.80
CA VAL G 1230 -55.32 -36.66 27.72
C VAL G 1230 -54.44 -36.52 28.96
N GLU G 1231 -54.16 -35.28 29.37
CA GLU G 1231 -53.33 -35.07 30.56
C GLU G 1231 -54.01 -35.61 31.82
N ALA G 1232 -55.32 -35.38 31.95
CA ALA G 1232 -56.04 -35.87 33.12
C ALA G 1232 -56.08 -37.40 33.15
N THR G 1233 -56.25 -38.03 31.98
CA THR G 1233 -56.23 -39.48 31.92
C THR G 1233 -54.85 -40.01 32.28
N SER G 1234 -53.78 -39.32 31.86
CA SER G 1234 -52.44 -39.72 32.27
C SER G 1234 -52.27 -39.63 33.78
N TYR G 1235 -52.75 -38.55 34.40
CA TYR G 1235 -52.69 -38.45 35.85
C TYR G 1235 -53.47 -39.58 36.52
N ALA G 1236 -54.64 -39.90 35.99
CA ALA G 1236 -55.45 -40.97 36.57
C ALA G 1236 -54.75 -42.32 36.45
N LEU G 1237 -54.12 -42.58 35.30
CA LEU G 1237 -53.39 -43.84 35.14
C LEU G 1237 -52.21 -43.92 36.08
N LEU G 1238 -51.50 -42.80 36.29
CA LEU G 1238 -50.41 -42.80 37.25
C LEU G 1238 -50.93 -43.06 38.66
N ALA G 1239 -52.08 -42.47 39.01
CA ALA G 1239 -52.67 -42.73 40.32
C ALA G 1239 -53.06 -44.19 40.48
N LEU G 1240 -53.64 -44.79 39.43
CA LEU G 1240 -54.01 -46.20 39.48
C LEU G 1240 -52.79 -47.08 39.66
N LEU G 1241 -51.69 -46.75 38.98
CA LEU G 1241 -50.44 -47.47 39.17
C LEU G 1241 -49.94 -47.33 40.60
N GLN G 1242 -50.05 -46.12 41.17
CA GLN G 1242 -49.64 -45.92 42.55
C GLN G 1242 -50.49 -46.72 43.52
N LEU G 1243 -51.73 -47.04 43.13
CA LEU G 1243 -52.64 -47.81 43.97
C LEU G 1243 -52.44 -49.32 43.81
N LYS G 1244 -51.51 -49.74 42.97
CA LYS G 1244 -51.20 -51.16 42.77
C LYS G 1244 -52.42 -51.95 42.29
N ASP G 1245 -53.06 -51.43 41.24
CA ASP G 1245 -54.20 -52.08 40.61
C ASP G 1245 -53.87 -52.35 39.15
N PHE G 1246 -54.19 -53.57 38.68
CA PHE G 1246 -53.90 -53.97 37.31
C PHE G 1246 -55.12 -54.54 36.61
N ASP G 1247 -56.31 -54.18 37.04
CA ASP G 1247 -57.55 -54.58 36.38
C ASP G 1247 -58.26 -53.42 35.70
N PHE G 1248 -58.27 -52.25 36.32
CA PHE G 1248 -58.87 -51.04 35.77
C PHE G 1248 -57.91 -50.28 34.86
N VAL G 1249 -56.66 -50.72 34.78
CA VAL G 1249 -55.61 -50.05 34.02
C VAL G 1249 -55.70 -50.35 32.52
N PRO G 1250 -55.85 -51.61 32.09
CA PRO G 1250 -55.76 -51.91 30.64
C PRO G 1250 -56.70 -51.08 29.79
N PRO G 1251 -57.96 -50.82 30.22
CA PRO G 1251 -58.78 -49.90 29.41
C PRO G 1251 -58.19 -48.51 29.28
N VAL G 1252 -57.62 -47.97 30.37
CA VAL G 1252 -57.02 -46.64 30.31
C VAL G 1252 -55.81 -46.64 29.38
N VAL G 1253 -55.00 -47.70 29.45
CA VAL G 1253 -53.84 -47.80 28.56
C VAL G 1253 -54.29 -47.90 27.11
N ARG G 1254 -55.35 -48.67 26.86
CA ARG G 1254 -55.87 -48.79 25.50
C ARG G 1254 -56.37 -47.45 24.98
N TRP G 1255 -57.05 -46.67 25.82
CA TRP G 1255 -57.57 -45.38 25.37
C TRP G 1255 -56.44 -44.38 25.14
N LEU G 1256 -55.46 -44.33 26.06
CA LEU G 1256 -54.40 -43.34 25.95
C LEU G 1256 -53.54 -43.55 24.70
N ASN G 1257 -53.36 -44.81 24.29
CA ASN G 1257 -52.59 -45.11 23.09
C ASN G 1257 -53.33 -44.70 21.82
N GLU G 1258 -54.60 -44.32 21.92
CA GLU G 1258 -55.41 -44.00 20.76
C GLU G 1258 -55.36 -42.52 20.39
N GLN G 1259 -55.29 -41.62 21.36
CA GLN G 1259 -55.46 -40.19 21.10
C GLN G 1259 -54.16 -39.58 20.60
N ARG G 1260 -53.81 -39.95 19.36
CA ARG G 1260 -52.69 -39.36 18.63
C ARG G 1260 -53.29 -38.64 17.43
N TYR G 1261 -53.70 -37.39 17.62
CA TYR G 1261 -54.43 -36.66 16.60
C TYR G 1261 -53.51 -35.99 15.59
N TYR G 1262 -52.46 -35.33 16.06
CA TYR G 1262 -51.65 -34.46 15.21
C TYR G 1262 -50.41 -35.21 14.73
N GLY G 1263 -50.21 -35.22 13.42
CA GLY G 1263 -49.11 -35.99 12.85
C GLY G 1263 -49.23 -37.45 13.23
N GLY G 1264 -48.13 -38.01 13.72
CA GLY G 1264 -48.11 -39.37 14.23
C GLY G 1264 -48.21 -39.47 15.74
N GLY G 1265 -48.24 -38.35 16.45
CA GLY G 1265 -48.26 -38.37 17.90
C GLY G 1265 -49.17 -37.33 18.52
N TYR G 1266 -48.77 -36.76 19.64
CA TYR G 1266 -49.55 -35.76 20.36
C TYR G 1266 -49.02 -34.37 20.01
N GLY G 1267 -49.89 -33.39 20.19
CA GLY G 1267 -49.56 -32.02 19.80
C GLY G 1267 -48.69 -31.24 20.75
N SER G 1268 -49.21 -30.93 21.94
CA SER G 1268 -48.54 -30.03 22.86
C SER G 1268 -47.41 -30.74 23.59
N THR G 1269 -46.75 -30.03 24.50
CA THR G 1269 -45.68 -30.60 25.31
C THR G 1269 -46.19 -31.21 26.60
N GLN G 1270 -47.13 -30.55 27.29
CA GLN G 1270 -47.60 -31.07 28.57
C GLN G 1270 -48.28 -32.42 28.39
N ALA G 1271 -49.18 -32.53 27.42
CA ALA G 1271 -49.86 -33.80 27.18
C ALA G 1271 -48.89 -34.88 26.73
N THR G 1272 -47.94 -34.51 25.86
CA THR G 1272 -46.95 -35.48 25.40
C THR G 1272 -46.13 -36.03 26.56
N PHE G 1273 -45.63 -35.14 27.43
CA PHE G 1273 -44.82 -35.57 28.55
C PHE G 1273 -45.64 -36.39 29.55
N MET G 1274 -46.89 -36.00 29.80
CA MET G 1274 -47.69 -36.76 30.74
C MET G 1274 -48.01 -38.16 30.21
N VAL G 1275 -48.32 -38.28 28.92
CA VAL G 1275 -48.55 -39.61 28.35
C VAL G 1275 -47.28 -40.44 28.38
N PHE G 1276 -46.14 -39.81 28.06
CA PHE G 1276 -44.86 -40.52 28.11
C PHE G 1276 -44.61 -41.06 29.51
N GLN G 1277 -44.82 -40.21 30.53
CA GLN G 1277 -44.61 -40.63 31.91
C GLN G 1277 -45.56 -41.75 32.31
N ALA G 1278 -46.84 -41.62 31.96
CA ALA G 1278 -47.82 -42.62 32.37
C ALA G 1278 -47.55 -43.97 31.72
N LEU G 1279 -47.28 -43.97 30.42
CA LEU G 1279 -47.00 -45.24 29.74
C LEU G 1279 -45.70 -45.85 30.22
N ALA G 1280 -44.67 -45.04 30.46
CA ALA G 1280 -43.42 -45.57 30.99
C ALA G 1280 -43.63 -46.18 32.38
N GLN G 1281 -44.43 -45.53 33.22
CA GLN G 1281 -44.71 -46.07 34.55
C GLN G 1281 -45.48 -47.38 34.44
N TYR G 1282 -46.43 -47.46 33.52
CA TYR G 1282 -47.17 -48.71 33.34
C TYR G 1282 -46.25 -49.84 32.87
N GLN G 1283 -45.32 -49.52 31.97
CA GLN G 1283 -44.42 -50.55 31.47
C GLN G 1283 -43.41 -50.98 32.54
N LYS G 1284 -43.00 -50.06 33.40
CA LYS G 1284 -42.05 -50.40 34.46
C LYS G 1284 -42.64 -51.39 35.44
N ASP G 1285 -43.89 -51.19 35.84
CA ASP G 1285 -44.54 -52.00 36.87
C ASP G 1285 -45.26 -53.21 36.31
N ALA G 1286 -45.17 -53.46 35.00
CA ALA G 1286 -45.81 -54.64 34.43
C ALA G 1286 -45.16 -55.90 35.02
N PRO G 1287 -45.97 -56.91 35.39
CA PRO G 1287 -45.42 -58.11 36.05
C PRO G 1287 -44.72 -59.03 35.05
N ASP G 1288 -43.59 -58.54 34.53
CA ASP G 1288 -42.82 -59.21 33.49
C ASP G 1288 -43.73 -59.57 32.30
N HIS G 1289 -44.27 -58.52 31.68
CA HIS G 1289 -45.24 -58.71 30.61
C HIS G 1289 -44.64 -59.53 29.47
N GLN G 1290 -43.49 -59.11 28.96
CA GLN G 1290 -42.82 -59.80 27.87
C GLN G 1290 -43.80 -60.12 26.74
N GLU G 1291 -43.72 -61.33 26.19
CA GLU G 1291 -44.69 -61.82 25.21
C GLU G 1291 -44.82 -60.88 24.03
N LEU G 1292 -43.69 -60.42 23.51
CA LEU G 1292 -43.67 -59.50 22.38
C LEU G 1292 -43.24 -60.30 21.16
N ASN G 1293 -44.21 -60.86 20.46
CA ASN G 1293 -43.98 -61.65 19.24
C ASN G 1293 -44.98 -61.24 18.17
N LEU G 1294 -45.15 -59.93 17.97
CA LEU G 1294 -46.09 -59.45 16.98
C LEU G 1294 -45.66 -59.85 15.58
N ASP G 1295 -46.65 -60.15 14.74
CA ASP G 1295 -46.43 -60.48 13.33
C ASP G 1295 -47.57 -59.84 12.55
N VAL G 1296 -47.27 -58.73 11.89
CA VAL G 1296 -48.28 -57.93 11.20
C VAL G 1296 -48.14 -58.16 9.70
N SER G 1297 -49.23 -58.58 9.07
CA SER G 1297 -49.26 -58.81 7.63
C SER G 1297 -50.18 -57.78 6.98
N LEU G 1298 -49.65 -57.05 6.01
CA LEU G 1298 -50.38 -55.97 5.36
C LEU G 1298 -50.71 -56.38 3.92
N GLN G 1299 -51.99 -56.38 3.59
CA GLN G 1299 -52.45 -56.72 2.24
C GLN G 1299 -52.80 -55.41 1.54
N LEU G 1300 -51.83 -54.87 0.80
CA LEU G 1300 -52.02 -53.61 0.08
C LEU G 1300 -52.57 -53.90 -1.30
N PRO G 1301 -53.78 -53.43 -1.64
CA PRO G 1301 -54.30 -53.69 -2.99
C PRO G 1301 -53.40 -53.16 -4.10
N SER G 1302 -52.72 -52.04 -3.86
CA SER G 1302 -51.84 -51.46 -4.88
C SER G 1302 -50.59 -52.31 -5.12
N ARG G 1303 -50.30 -53.28 -4.26
CA ARG G 1303 -49.14 -54.14 -4.41
C ARG G 1303 -49.60 -55.59 -4.55
N SER G 1304 -49.11 -56.26 -5.59
CA SER G 1304 -49.47 -57.67 -5.78
C SER G 1304 -48.96 -58.53 -4.64
N SER G 1305 -47.72 -58.29 -4.21
CA SER G 1305 -47.12 -59.09 -3.15
C SER G 1305 -47.56 -58.59 -1.77
N LYS G 1306 -47.81 -59.54 -0.87
CA LYS G 1306 -48.18 -59.20 0.49
C LYS G 1306 -46.98 -58.70 1.27
N ILE G 1307 -47.21 -57.70 2.13
CA ILE G 1307 -46.17 -57.15 3.01
C ILE G 1307 -46.33 -57.76 4.39
N THR G 1308 -45.21 -58.10 5.01
CA THR G 1308 -45.23 -58.76 6.31
C THR G 1308 -44.02 -58.31 7.12
N HIS G 1309 -44.25 -57.97 8.39
CA HIS G 1309 -43.19 -57.67 9.32
C HIS G 1309 -43.47 -58.39 10.63
N ARG G 1310 -42.45 -59.02 11.20
CA ARG G 1310 -42.56 -59.67 12.50
C ARG G 1310 -41.64 -58.96 13.48
N ILE G 1311 -42.19 -58.53 14.61
CA ILE G 1311 -41.43 -57.84 15.65
C ILE G 1311 -41.46 -58.72 16.89
N HIS G 1312 -40.32 -59.30 17.22
CA HIS G 1312 -40.17 -60.13 18.41
C HIS G 1312 -39.37 -59.38 19.46
N TRP G 1313 -39.33 -59.94 20.67
CA TRP G 1313 -38.53 -59.34 21.72
C TRP G 1313 -37.06 -59.44 21.38
N GLU G 1314 -36.27 -58.50 21.92
CA GLU G 1314 -34.85 -58.38 21.61
C GLU G 1314 -34.62 -58.15 20.12
N SER G 1315 -35.48 -57.33 19.52
CA SER G 1315 -35.34 -56.98 18.11
C SER G 1315 -34.38 -55.80 17.97
N ALA G 1316 -34.32 -55.22 16.77
CA ALA G 1316 -33.38 -54.13 16.53
C ALA G 1316 -33.95 -52.80 17.01
N SER G 1317 -35.10 -52.39 16.48
CA SER G 1317 -35.65 -51.07 16.76
C SER G 1317 -37.11 -51.06 17.17
N LEU G 1318 -37.85 -52.17 17.00
CA LEU G 1318 -39.26 -52.28 17.35
C LEU G 1318 -40.14 -51.32 16.54
N LEU G 1319 -39.59 -50.68 15.51
CA LEU G 1319 -40.35 -49.77 14.66
C LEU G 1319 -40.21 -50.22 13.21
N ARG G 1320 -41.34 -50.32 12.51
CA ARG G 1320 -41.36 -50.66 11.09
C ARG G 1320 -42.22 -49.65 10.37
N SER G 1321 -41.67 -49.04 9.32
CA SER G 1321 -42.36 -48.00 8.57
C SER G 1321 -42.47 -48.38 7.11
N GLU G 1322 -43.63 -48.09 6.51
CA GLU G 1322 -43.88 -48.34 5.10
C GLU G 1322 -44.46 -47.08 4.46
N GLU G 1323 -44.16 -46.88 3.19
CA GLU G 1323 -44.56 -45.68 2.47
C GLU G 1323 -45.33 -46.03 1.22
N THR G 1324 -46.26 -45.14 0.85
CA THR G 1324 -47.07 -45.30 -0.35
C THR G 1324 -47.26 -43.93 -0.99
N LYS G 1325 -47.35 -43.91 -2.32
CA LYS G 1325 -47.53 -42.69 -3.07
C LYS G 1325 -48.97 -42.48 -3.54
N GLU G 1326 -49.89 -43.35 -3.14
CA GLU G 1326 -51.28 -43.24 -3.57
C GLU G 1326 -52.19 -43.43 -2.36
N ASN G 1327 -53.40 -42.87 -2.47
CA ASN G 1327 -54.39 -42.93 -1.41
C ASN G 1327 -55.30 -44.12 -1.63
N GLU G 1328 -55.36 -45.02 -0.65
CA GLU G 1328 -56.23 -46.18 -0.73
C GLU G 1328 -56.46 -46.72 0.67
N GLY G 1329 -57.45 -47.59 0.79
CA GLY G 1329 -57.75 -48.27 2.04
C GLY G 1329 -57.27 -49.72 1.98
N PHE G 1330 -56.75 -50.20 3.11
CA PHE G 1330 -56.19 -51.53 3.18
C PHE G 1330 -56.70 -52.20 4.45
N THR G 1331 -56.18 -53.39 4.73
CA THR G 1331 -56.56 -54.18 5.90
C THR G 1331 -55.29 -54.64 6.62
N VAL G 1332 -55.36 -54.73 7.93
CA VAL G 1332 -54.23 -55.10 8.78
C VAL G 1332 -54.55 -56.40 9.49
N THR G 1333 -53.65 -57.37 9.38
CA THR G 1333 -53.81 -58.67 10.02
C THR G 1333 -52.63 -58.90 10.97
N ALA G 1334 -52.95 -59.29 12.21
CA ALA G 1334 -51.95 -59.59 13.23
C ALA G 1334 -52.34 -60.89 13.92
N GLU G 1335 -51.34 -61.59 14.46
CA GLU G 1335 -51.54 -62.92 15.02
C GLU G 1335 -51.35 -62.98 16.54
N GLY G 1336 -51.30 -61.84 17.21
CA GLY G 1336 -51.26 -61.84 18.66
C GLY G 1336 -49.86 -61.87 19.24
N LYS G 1337 -49.80 -62.29 20.50
CA LYS G 1337 -48.55 -62.36 21.28
C LYS G 1337 -47.91 -60.97 21.40
N GLY G 1338 -48.65 -60.07 22.02
CA GLY G 1338 -48.11 -58.75 22.33
C GLY G 1338 -49.21 -57.70 22.28
N GLN G 1339 -48.78 -56.45 22.45
CA GLN G 1339 -49.67 -55.29 22.44
C GLN G 1339 -48.96 -54.18 21.66
N GLY G 1340 -49.22 -54.13 20.35
CA GLY G 1340 -48.62 -53.13 19.49
C GLY G 1340 -49.56 -51.99 19.16
N THR G 1341 -49.07 -51.09 18.31
CA THR G 1341 -49.83 -49.92 17.90
C THR G 1341 -49.55 -49.63 16.43
N LEU G 1342 -50.53 -49.05 15.75
CA LEU G 1342 -50.44 -48.69 14.36
C LEU G 1342 -50.88 -47.24 14.18
N SER G 1343 -50.07 -46.45 13.49
CA SER G 1343 -50.39 -45.05 13.23
C SER G 1343 -50.13 -44.75 11.77
N VAL G 1344 -51.13 -44.18 11.09
CA VAL G 1344 -51.03 -43.82 9.69
C VAL G 1344 -51.19 -42.31 9.55
N VAL G 1345 -50.26 -41.67 8.85
CA VAL G 1345 -50.28 -40.23 8.63
C VAL G 1345 -50.07 -39.99 7.14
N THR G 1346 -50.79 -39.00 6.60
CA THR G 1346 -50.70 -38.65 5.20
C THR G 1346 -50.25 -37.21 5.05
N MET G 1347 -49.47 -36.95 4.00
CA MET G 1347 -48.92 -35.63 3.72
C MET G 1347 -49.43 -35.16 2.37
N TYR G 1348 -50.00 -33.95 2.33
CA TYR G 1348 -50.56 -33.41 1.10
C TYR G 1348 -50.62 -31.90 1.22
N HIS G 1349 -51.06 -31.25 0.15
CA HIS G 1349 -51.20 -29.81 0.09
C HIS G 1349 -52.67 -29.43 0.01
N ALA G 1350 -53.05 -28.40 0.74
CA ALA G 1350 -54.43 -27.91 0.78
C ALA G 1350 -54.51 -26.53 0.16
N LYS G 1351 -55.60 -26.27 -0.56
CA LYS G 1351 -55.76 -24.99 -1.23
C LYS G 1351 -55.90 -23.87 -0.23
N ALA G 1352 -55.46 -22.68 -0.63
CA ALA G 1352 -55.47 -21.49 0.23
C ALA G 1352 -56.90 -20.96 0.32
N LYS G 1353 -57.66 -21.49 1.27
CA LYS G 1353 -59.01 -21.03 1.54
C LYS G 1353 -59.16 -20.76 3.03
N ASP G 1354 -59.91 -19.70 3.35
CA ASP G 1354 -60.17 -19.39 4.75
C ASP G 1354 -60.92 -20.54 5.41
N GLN G 1355 -60.51 -20.87 6.64
CA GLN G 1355 -61.15 -21.96 7.36
C GLN G 1355 -62.62 -21.67 7.57
N LEU G 1356 -63.47 -22.64 7.24
CA LEU G 1356 -64.92 -22.42 7.30
C LEU G 1356 -65.39 -22.24 8.74
N THR G 1357 -65.02 -23.16 9.62
CA THR G 1357 -65.46 -23.13 11.01
C THR G 1357 -64.24 -23.06 11.92
N CYS G 1358 -64.15 -21.98 12.68
CA CYS G 1358 -63.10 -21.80 13.68
C CYS G 1358 -63.67 -22.17 15.04
N ASN G 1359 -62.97 -23.04 15.76
CA ASN G 1359 -63.55 -23.66 16.95
C ASN G 1359 -63.83 -22.64 18.04
N LYS G 1360 -62.83 -21.83 18.39
CA LYS G 1360 -63.00 -20.87 19.48
C LYS G 1360 -62.45 -19.49 19.20
N PHE G 1361 -61.61 -19.30 18.18
CA PHE G 1361 -60.98 -18.02 17.90
C PHE G 1361 -61.63 -17.37 16.69
N ASP G 1362 -61.85 -16.07 16.77
CA ASP G 1362 -62.29 -15.27 15.64
C ASP G 1362 -61.12 -14.38 15.21
N LEU G 1363 -60.72 -14.52 13.95
CA LEU G 1363 -59.52 -13.88 13.45
C LEU G 1363 -59.84 -13.08 12.19
N LYS G 1364 -59.29 -11.87 12.10
CA LYS G 1364 -59.37 -11.04 10.91
C LYS G 1364 -58.01 -10.43 10.65
N VAL G 1365 -57.50 -10.61 9.44
CA VAL G 1365 -56.18 -10.12 9.05
C VAL G 1365 -56.32 -9.33 7.75
N THR G 1366 -55.78 -8.11 7.75
CA THR G 1366 -55.89 -7.22 6.59
C THR G 1366 -54.54 -6.57 6.33
N ILE G 1367 -54.13 -6.55 5.07
CA ILE G 1367 -52.90 -5.91 4.64
C ILE G 1367 -53.24 -4.75 3.72
N LYS G 1368 -52.70 -3.57 4.03
CA LYS G 1368 -52.97 -2.36 3.29
C LYS G 1368 -51.68 -1.61 3.01
N PRO G 1369 -51.62 -0.85 1.92
CA PRO G 1369 -50.42 -0.05 1.64
C PRO G 1369 -50.16 0.96 2.75
N ALA G 1370 -48.88 1.21 3.00
CA ALA G 1370 -48.49 2.14 4.04
C ALA G 1370 -48.91 3.56 3.67
N PRO G 1371 -49.53 4.31 4.58
CA PRO G 1371 -49.95 5.68 4.23
C PRO G 1371 -48.81 6.57 3.78
N GLU G 1372 -47.64 6.43 4.40
CA GLU G 1372 -46.46 7.23 4.04
C GLU G 1372 -45.25 6.32 4.04
N THR G 1373 -44.30 6.60 3.14
CA THR G 1373 -43.08 5.80 3.08
C THR G 1373 -42.31 5.86 4.38
N GLU G 1374 -42.12 7.07 4.91
CA GLU G 1374 -41.41 7.33 6.17
C GLU G 1374 -40.04 6.67 6.08
N LYS G 1375 -39.66 5.80 7.00
CA LYS G 1375 -38.38 5.10 6.95
C LYS G 1375 -38.56 3.76 6.23
N ARG G 1376 -37.83 3.57 5.14
CA ARG G 1376 -37.89 2.37 4.34
C ARG G 1376 -36.48 1.87 4.06
N PRO G 1377 -36.26 0.55 4.10
CA PRO G 1377 -34.96 0.01 3.71
C PRO G 1377 -34.62 0.33 2.27
N GLN G 1378 -33.32 0.46 1.99
CA GLN G 1378 -32.88 0.84 0.66
C GLN G 1378 -33.33 -0.17 -0.40
N ASP G 1379 -33.21 -1.46 -0.09
CA ASP G 1379 -33.56 -2.49 -1.06
C ASP G 1379 -35.08 -2.62 -1.21
N ALA G 1380 -35.83 -2.33 -0.15
CA ALA G 1380 -37.27 -2.54 -0.16
C ALA G 1380 -37.94 -1.74 -1.27
N LYS G 1381 -38.80 -2.41 -2.04
CA LYS G 1381 -39.50 -1.75 -3.13
C LYS G 1381 -40.75 -1.04 -2.64
N ASN G 1382 -41.51 -1.66 -1.74
CA ASN G 1382 -42.69 -1.03 -1.17
C ASN G 1382 -42.90 -1.57 0.24
N THR G 1383 -43.63 -0.80 1.05
CA THR G 1383 -43.91 -1.16 2.42
C THR G 1383 -45.42 -1.19 2.64
N MET G 1384 -45.89 -2.20 3.37
CA MET G 1384 -47.30 -2.36 3.67
C MET G 1384 -47.45 -2.66 5.15
N ILE G 1385 -48.64 -2.36 5.67
CA ILE G 1385 -48.96 -2.55 7.08
C ILE G 1385 -49.89 -3.74 7.20
N LEU G 1386 -49.49 -4.73 7.98
CA LEU G 1386 -50.30 -5.91 8.24
C LEU G 1386 -50.93 -5.77 9.62
N GLU G 1387 -52.26 -5.82 9.67
CA GLU G 1387 -52.99 -5.65 10.91
C GLU G 1387 -53.80 -6.90 11.21
N ILE G 1388 -53.65 -7.41 12.43
CA ILE G 1388 -54.27 -8.66 12.87
C ILE G 1388 -55.10 -8.39 14.11
N CYS G 1389 -56.36 -8.81 14.09
CA CYS G 1389 -57.25 -8.67 15.23
C CYS G 1389 -57.86 -10.04 15.53
N THR G 1390 -57.71 -10.49 16.78
CA THR G 1390 -58.18 -11.80 17.19
C THR G 1390 -58.92 -11.70 18.52
N ARG G 1391 -59.93 -12.57 18.69
CA ARG G 1391 -60.74 -12.60 19.89
C ARG G 1391 -61.03 -14.05 20.26
N TYR G 1392 -61.21 -14.30 21.55
CA TYR G 1392 -61.52 -15.62 22.06
C TYR G 1392 -63.01 -15.68 22.36
N ARG G 1393 -63.72 -16.61 21.70
CA ARG G 1393 -65.17 -16.69 21.85
C ARG G 1393 -65.61 -17.34 23.16
N GLY G 1394 -64.69 -17.93 23.92
CA GLY G 1394 -65.04 -18.57 25.16
C GLY G 1394 -65.28 -17.59 26.29
N ASP G 1395 -65.71 -18.14 27.43
CA ASP G 1395 -66.01 -17.31 28.58
C ASP G 1395 -64.75 -16.64 29.16
N GLN G 1396 -63.65 -17.37 29.21
CA GLN G 1396 -62.41 -16.88 29.83
C GLN G 1396 -61.32 -16.75 28.79
N ASP G 1397 -60.35 -15.88 29.08
CA ASP G 1397 -59.24 -15.64 28.16
C ASP G 1397 -58.42 -16.90 27.95
N ALA G 1398 -57.86 -17.02 26.75
CA ALA G 1398 -57.00 -18.17 26.46
C ALA G 1398 -55.77 -18.15 27.33
N THR G 1399 -55.34 -19.32 27.78
CA THR G 1399 -54.21 -19.41 28.70
C THR G 1399 -52.95 -18.87 28.05
N MET G 1400 -52.61 -19.38 26.88
CA MET G 1400 -51.48 -18.89 26.09
C MET G 1400 -51.76 -19.22 24.63
N SER G 1401 -51.48 -18.25 23.75
CA SER G 1401 -51.79 -18.41 22.34
C SER G 1401 -50.59 -17.97 21.50
N ILE G 1402 -50.57 -18.45 20.27
CA ILE G 1402 -49.44 -18.23 19.36
C ILE G 1402 -49.97 -17.87 17.98
N LEU G 1403 -49.35 -16.88 17.36
CA LEU G 1403 -49.64 -16.47 15.99
C LEU G 1403 -48.53 -16.96 15.08
N ASP G 1404 -48.88 -17.86 14.16
CA ASP G 1404 -47.96 -18.32 13.13
C ASP G 1404 -48.32 -17.60 11.83
N ILE G 1405 -47.42 -16.74 11.36
CA ILE G 1405 -47.68 -15.91 10.19
C ILE G 1405 -46.76 -16.37 9.06
N SER G 1406 -47.35 -16.96 8.04
CA SER G 1406 -46.62 -17.37 6.84
C SER G 1406 -46.73 -16.26 5.80
N MET G 1407 -45.60 -15.86 5.23
CA MET G 1407 -45.53 -14.65 4.44
C MET G 1407 -45.23 -14.95 2.98
N MET G 1408 -45.71 -14.07 2.10
CA MET G 1408 -45.59 -14.24 0.67
C MET G 1408 -44.15 -14.04 0.22
N THR G 1409 -43.92 -14.18 -1.09
CA THR G 1409 -42.58 -14.18 -1.65
C THR G 1409 -41.96 -12.79 -1.59
N GLY G 1410 -40.73 -12.73 -1.10
CA GLY G 1410 -39.97 -11.49 -1.06
C GLY G 1410 -40.31 -10.56 0.08
N PHE G 1411 -41.23 -10.94 0.95
CA PHE G 1411 -41.68 -10.07 2.04
C PHE G 1411 -40.89 -10.38 3.30
N ALA G 1412 -40.48 -9.33 4.01
CA ALA G 1412 -39.84 -9.45 5.30
C ALA G 1412 -40.46 -8.42 6.24
N PRO G 1413 -40.64 -8.78 7.51
CA PRO G 1413 -41.23 -7.84 8.46
C PRO G 1413 -40.20 -6.79 8.89
N ASP G 1414 -40.73 -5.69 9.44
CA ASP G 1414 -39.88 -4.61 9.94
C ASP G 1414 -39.54 -4.94 11.39
N THR G 1415 -38.30 -5.35 11.62
CA THR G 1415 -37.91 -5.83 12.94
C THR G 1415 -37.98 -4.73 13.99
N ASP G 1416 -37.85 -3.46 13.58
CA ASP G 1416 -37.96 -2.36 14.53
C ASP G 1416 -39.35 -2.31 15.16
N ASP G 1417 -40.40 -2.51 14.36
CA ASP G 1417 -41.75 -2.48 14.90
C ASP G 1417 -41.98 -3.61 15.89
N LEU G 1418 -41.51 -4.82 15.57
CA LEU G 1418 -41.67 -5.94 16.48
C LEU G 1418 -40.89 -5.72 17.77
N LYS G 1419 -39.67 -5.20 17.66
CA LYS G 1419 -38.90 -4.89 18.86
C LYS G 1419 -39.61 -3.85 19.72
N GLN G 1420 -40.20 -2.84 19.08
CA GLN G 1420 -40.95 -1.83 19.83
C GLN G 1420 -42.16 -2.44 20.52
N LEU G 1421 -42.85 -3.36 19.83
CA LEU G 1421 -44.01 -4.03 20.45
C LEU G 1421 -43.60 -4.85 21.65
N ALA G 1422 -42.51 -5.60 21.54
CA ALA G 1422 -42.15 -6.55 22.59
C ALA G 1422 -41.40 -5.87 23.74
N ASN G 1423 -40.24 -5.27 23.44
CA ASN G 1423 -39.38 -4.74 24.49
C ASN G 1423 -39.98 -3.51 25.17
N GLY G 1424 -40.85 -2.78 24.48
CA GLY G 1424 -41.41 -1.56 25.03
C GLY G 1424 -42.14 -1.79 26.34
N VAL G 1425 -42.41 -0.67 27.01
CA VAL G 1425 -43.12 -0.72 28.29
C VAL G 1425 -44.51 -1.31 28.12
N ASP G 1426 -45.16 -0.98 27.00
CA ASP G 1426 -46.52 -1.48 26.76
C ASP G 1426 -46.55 -2.99 26.66
N ARG G 1427 -45.60 -3.57 25.91
CA ARG G 1427 -45.46 -5.02 25.80
C ARG G 1427 -46.73 -5.67 25.26
N TYR G 1428 -47.07 -5.34 24.02
CA TYR G 1428 -48.24 -5.93 23.39
C TYR G 1428 -48.04 -7.42 23.13
N ILE G 1429 -46.81 -7.83 22.79
CA ILE G 1429 -46.50 -9.22 22.53
C ILE G 1429 -45.36 -9.63 23.46
N SER G 1430 -45.40 -10.87 23.93
CA SER G 1430 -44.38 -11.36 24.84
C SER G 1430 -43.02 -11.45 24.16
N LYS G 1431 -42.96 -12.10 23.00
CA LYS G 1431 -41.73 -12.19 22.23
C LYS G 1431 -42.07 -12.67 20.82
N TYR G 1432 -41.12 -12.49 19.91
CA TYR G 1432 -41.27 -12.87 18.52
C TYR G 1432 -40.05 -13.69 18.08
N GLU G 1433 -40.28 -14.64 17.17
CA GLU G 1433 -39.22 -15.52 16.71
C GLU G 1433 -39.32 -15.66 15.19
N LEU G 1434 -38.29 -15.21 14.49
CA LEU G 1434 -38.25 -15.24 13.03
C LEU G 1434 -37.59 -16.49 12.48
N ASP G 1435 -37.05 -17.36 13.33
CA ASP G 1435 -36.29 -18.53 12.89
C ASP G 1435 -37.06 -19.79 13.24
N LYS G 1436 -37.34 -20.60 12.22
CA LYS G 1436 -38.01 -21.88 12.34
C LYS G 1436 -37.51 -22.78 11.22
N ALA G 1437 -38.16 -23.93 11.06
CA ALA G 1437 -37.87 -24.78 9.90
C ALA G 1437 -38.42 -24.14 8.62
N PHE G 1438 -39.69 -23.71 8.65
CA PHE G 1438 -40.41 -23.06 7.56
C PHE G 1438 -39.99 -23.56 6.18
N SER G 1439 -40.13 -24.87 5.96
CA SER G 1439 -39.66 -25.47 4.71
C SER G 1439 -40.34 -24.88 3.49
N ASP G 1440 -41.57 -24.36 3.63
CA ASP G 1440 -42.27 -23.80 2.48
C ASP G 1440 -41.95 -22.31 2.29
N ARG G 1441 -42.29 -21.48 3.28
CA ARG G 1441 -42.13 -20.04 3.16
C ARG G 1441 -41.80 -19.46 4.52
N ASN G 1442 -41.16 -18.29 4.50
CA ASN G 1442 -40.70 -17.65 5.73
C ASN G 1442 -41.87 -17.44 6.69
N THR G 1443 -41.66 -17.85 7.94
CA THR G 1443 -42.69 -17.78 8.97
C THR G 1443 -42.21 -16.93 10.13
N LEU G 1444 -43.15 -16.23 10.75
CA LEU G 1444 -42.90 -15.45 11.95
C LEU G 1444 -43.84 -15.95 13.03
N ILE G 1445 -43.29 -16.22 14.22
CA ILE G 1445 -44.06 -16.75 15.34
C ILE G 1445 -44.10 -15.70 16.43
N ILE G 1446 -45.29 -15.34 16.86
CA ILE G 1446 -45.51 -14.33 17.89
C ILE G 1446 -46.16 -15.01 19.08
N TYR G 1447 -45.56 -14.88 20.26
CA TYR G 1447 -46.07 -15.50 21.47
C TYR G 1447 -46.96 -14.50 22.21
N LEU G 1448 -48.26 -14.74 22.17
CA LEU G 1448 -49.23 -13.92 22.89
C LEU G 1448 -49.47 -14.53 24.26
N ASP G 1449 -49.32 -13.72 25.31
CA ASP G 1449 -49.57 -14.21 26.66
C ASP G 1449 -51.03 -14.60 26.84
N LYS G 1450 -51.95 -13.79 26.30
CA LYS G 1450 -53.37 -14.06 26.44
C LYS G 1450 -54.13 -13.36 25.33
N VAL G 1451 -55.34 -13.85 25.07
CA VAL G 1451 -56.26 -13.24 24.11
C VAL G 1451 -57.53 -12.87 24.87
N SER G 1452 -57.93 -11.60 24.76
CA SER G 1452 -59.06 -11.10 25.53
C SER G 1452 -60.38 -11.50 24.87
N HIS G 1453 -61.27 -12.12 25.64
CA HIS G 1453 -62.56 -12.53 25.11
C HIS G 1453 -63.54 -11.37 25.00
N SER G 1454 -63.42 -10.37 25.87
CA SER G 1454 -64.39 -9.27 25.89
C SER G 1454 -64.32 -8.44 24.60
N GLU G 1455 -63.11 -8.08 24.17
CA GLU G 1455 -62.95 -7.25 22.99
C GLU G 1455 -61.84 -7.81 22.11
N ASP G 1456 -61.81 -7.35 20.86
CA ASP G 1456 -60.76 -7.77 19.94
C ASP G 1456 -59.39 -7.26 20.40
N ASP G 1457 -58.39 -8.13 20.30
CA ASP G 1457 -57.01 -7.76 20.55
C ASP G 1457 -56.32 -7.55 19.21
N CYS G 1458 -55.82 -6.34 18.97
CA CYS G 1458 -55.31 -5.94 17.67
C CYS G 1458 -53.86 -5.53 17.77
N LEU G 1459 -53.07 -5.95 16.78
CA LEU G 1459 -51.67 -5.55 16.65
C LEU G 1459 -51.35 -5.43 15.18
N ALA G 1460 -50.49 -4.48 14.83
CA ALA G 1460 -50.10 -4.25 13.45
C ALA G 1460 -48.61 -3.98 13.36
N PHE G 1461 -48.02 -4.36 12.23
CA PHE G 1461 -46.60 -4.12 11.98
C PHE G 1461 -46.38 -4.06 10.47
N LYS G 1462 -45.24 -3.53 10.08
CA LYS G 1462 -44.93 -3.25 8.69
C LYS G 1462 -44.14 -4.39 8.06
N VAL G 1463 -44.53 -4.77 6.86
CA VAL G 1463 -43.83 -5.80 6.07
C VAL G 1463 -43.34 -5.15 4.78
N HIS G 1464 -42.08 -5.38 4.46
CA HIS G 1464 -41.46 -4.79 3.27
C HIS G 1464 -41.17 -5.86 2.24
N GLN G 1465 -41.33 -5.51 0.98
CA GLN G 1465 -41.02 -6.40 -0.14
C GLN G 1465 -39.72 -5.98 -0.79
N TYR G 1466 -38.84 -6.94 -1.05
CA TYR G 1466 -37.54 -6.66 -1.65
C TYR G 1466 -37.45 -7.07 -3.11
N PHE G 1467 -38.15 -8.11 -3.52
CA PHE G 1467 -38.20 -8.55 -4.91
C PHE G 1467 -39.61 -8.34 -5.43
N ASN G 1468 -39.74 -7.59 -6.52
CA ASN G 1468 -41.07 -7.40 -7.09
C ASN G 1468 -41.57 -8.69 -7.71
N VAL G 1469 -42.86 -8.96 -7.54
CA VAL G 1469 -43.46 -10.25 -7.87
C VAL G 1469 -44.83 -9.99 -8.47
N GLU G 1470 -45.20 -10.84 -9.43
CA GLU G 1470 -46.54 -10.80 -10.02
C GLU G 1470 -47.17 -12.17 -9.86
N LEU G 1471 -48.50 -12.19 -9.80
CA LEU G 1471 -49.26 -13.40 -9.50
C LEU G 1471 -48.89 -13.95 -8.14
N ILE G 1472 -48.73 -13.04 -7.16
CA ILE G 1472 -48.25 -13.42 -5.84
C ILE G 1472 -49.32 -14.21 -5.10
N GLN G 1473 -48.92 -15.30 -4.45
CA GLN G 1473 -49.83 -16.15 -3.70
C GLN G 1473 -50.12 -15.56 -2.33
N PRO G 1474 -51.28 -15.88 -1.76
CA PRO G 1474 -51.65 -15.31 -0.47
C PRO G 1474 -50.85 -15.92 0.67
N GLY G 1475 -50.73 -15.13 1.76
CA GLY G 1475 -50.10 -15.58 2.96
C GLY G 1475 -51.12 -16.00 4.00
N ALA G 1476 -50.69 -16.79 4.97
CA ALA G 1476 -51.57 -17.37 5.97
C ALA G 1476 -51.22 -16.85 7.35
N VAL G 1477 -52.25 -16.72 8.19
CA VAL G 1477 -52.11 -16.37 9.59
C VAL G 1477 -52.93 -17.36 10.39
N LYS G 1478 -52.30 -18.03 11.36
CA LYS G 1478 -52.96 -19.04 12.16
C LYS G 1478 -52.75 -18.72 13.64
N VAL G 1479 -53.84 -18.62 14.38
CA VAL G 1479 -53.81 -18.41 15.82
C VAL G 1479 -54.36 -19.66 16.51
N TYR G 1480 -53.61 -20.18 17.47
CA TYR G 1480 -54.02 -21.37 18.20
C TYR G 1480 -53.57 -21.27 19.65
N ALA G 1481 -54.35 -21.90 20.53
CA ALA G 1481 -53.95 -22.03 21.92
C ALA G 1481 -52.90 -23.12 22.04
N TYR G 1482 -51.82 -22.82 22.75
CA TYR G 1482 -50.69 -23.76 22.81
C TYR G 1482 -51.10 -25.06 23.49
N TYR G 1483 -51.67 -24.98 24.69
CA TYR G 1483 -51.90 -26.19 25.47
C TYR G 1483 -53.12 -26.98 25.00
N ASN G 1484 -53.99 -26.36 24.21
CA ASN G 1484 -55.10 -27.06 23.56
C ASN G 1484 -55.09 -26.62 22.09
N LEU G 1485 -54.58 -27.49 21.21
CA LEU G 1485 -54.46 -27.14 19.81
C LEU G 1485 -55.75 -27.32 19.02
N GLU G 1486 -56.81 -27.82 19.66
CA GLU G 1486 -58.09 -27.96 18.97
C GLU G 1486 -58.66 -26.62 18.56
N GLU G 1487 -58.45 -25.59 19.38
CA GLU G 1487 -59.04 -24.27 19.16
C GLU G 1487 -58.08 -23.41 18.36
N SER G 1488 -58.22 -23.45 17.03
CA SER G 1488 -57.35 -22.70 16.14
C SER G 1488 -58.20 -22.09 15.03
N CYS G 1489 -57.76 -20.93 14.54
CA CYS G 1489 -58.44 -20.21 13.46
C CYS G 1489 -57.41 -19.78 12.43
N THR G 1490 -57.71 -20.01 11.15
CA THR G 1490 -56.79 -19.71 10.06
C THR G 1490 -57.44 -18.72 9.10
N ARG G 1491 -56.67 -17.74 8.65
CA ARG G 1491 -57.15 -16.76 7.68
C ARG G 1491 -56.03 -16.47 6.69
N PHE G 1492 -56.42 -15.95 5.53
CA PHE G 1492 -55.49 -15.67 4.44
C PHE G 1492 -55.59 -14.21 4.04
N TYR G 1493 -54.46 -13.60 3.75
CA TYR G 1493 -54.39 -12.20 3.34
C TYR G 1493 -53.60 -12.08 2.05
N HIS G 1494 -54.08 -11.22 1.15
CA HIS G 1494 -53.43 -11.00 -0.14
C HIS G 1494 -53.63 -9.54 -0.51
N PRO G 1495 -52.59 -8.86 -1.01
CA PRO G 1495 -52.76 -7.47 -1.42
C PRO G 1495 -53.83 -7.32 -2.50
N GLU G 1496 -54.56 -6.22 -2.45
CA GLU G 1496 -55.64 -5.97 -3.40
C GLU G 1496 -55.11 -5.32 -4.68
N GLY G 1500 -58.05 -6.96 -15.60
CA GLY G 1500 -57.78 -8.11 -14.75
C GLY G 1500 -56.37 -8.13 -14.18
N LYS G 1501 -55.82 -9.33 -14.06
CA LYS G 1501 -54.47 -9.49 -13.54
C LYS G 1501 -53.45 -8.86 -14.49
N LEU G 1502 -52.34 -8.39 -13.92
CA LEU G 1502 -51.28 -7.75 -14.68
C LEU G 1502 -49.99 -8.56 -14.52
N ASN G 1503 -49.31 -8.81 -15.64
CA ASN G 1503 -48.04 -9.50 -15.63
C ASN G 1503 -46.91 -8.48 -15.78
N LYS G 1504 -45.67 -8.98 -15.89
CA LYS G 1504 -44.51 -8.12 -15.96
C LYS G 1504 -43.47 -8.55 -16.99
N LEU G 1505 -43.78 -9.55 -17.82
CA LEU G 1505 -42.76 -10.16 -18.67
C LEU G 1505 -43.28 -10.61 -20.03
N CYS G 1506 -44.44 -10.15 -20.48
CA CYS G 1506 -44.97 -10.60 -21.76
C CYS G 1506 -44.11 -10.07 -22.90
N ARG G 1507 -43.34 -10.95 -23.53
CA ARG G 1507 -42.44 -10.61 -24.62
C ARG G 1507 -42.57 -11.68 -25.70
N ASP G 1508 -41.63 -11.67 -26.65
CA ASP G 1508 -41.72 -12.60 -27.77
C ASP G 1508 -41.60 -14.05 -27.32
N GLU G 1509 -40.71 -14.33 -26.37
CA GLU G 1509 -40.51 -15.69 -25.88
C GLU G 1509 -40.87 -15.88 -24.41
N LEU G 1510 -40.73 -14.86 -23.58
CA LEU G 1510 -41.03 -15.01 -22.16
C LEU G 1510 -42.51 -15.21 -21.92
N CYS G 1511 -43.37 -14.56 -22.72
CA CYS G 1511 -44.80 -14.74 -22.59
C CYS G 1511 -45.27 -16.09 -23.09
N ARG G 1512 -44.41 -16.86 -23.75
CA ARG G 1512 -44.78 -18.14 -24.34
C ARG G 1512 -44.43 -19.33 -23.45
N CYS G 1513 -43.27 -19.30 -22.77
CA CYS G 1513 -42.95 -20.38 -21.84
C CYS G 1513 -43.95 -20.43 -20.70
N ALA G 1514 -44.33 -19.26 -20.17
CA ALA G 1514 -45.34 -19.22 -19.11
C ALA G 1514 -46.66 -19.78 -19.60
N GLU G 1515 -47.06 -19.43 -20.82
CA GLU G 1515 -48.33 -19.88 -21.38
C GLU G 1515 -48.19 -21.19 -22.15
N GLU G 1516 -47.01 -21.80 -22.16
CA GLU G 1516 -46.84 -23.08 -22.85
C GLU G 1516 -47.70 -24.18 -22.23
N ASN G 1517 -48.04 -24.06 -20.95
CA ASN G 1517 -48.89 -25.02 -20.29
C ASN G 1517 -50.37 -24.68 -20.50
N CYS G 1518 -51.23 -25.58 -20.04
CA CYS G 1518 -52.69 -25.50 -20.11
C CYS G 1518 -53.22 -25.59 -21.53
N PHE G 1519 -52.37 -25.77 -22.53
CA PHE G 1519 -52.79 -25.75 -23.93
C PHE G 1519 -51.95 -26.75 -24.72
N ILE G 1520 -52.32 -26.92 -25.98
CA ILE G 1520 -51.51 -27.66 -26.94
C ILE G 1520 -50.76 -26.65 -27.78
N GLN G 1521 -49.73 -27.13 -28.49
CA GLN G 1521 -48.84 -26.23 -29.23
C GLN G 1521 -49.56 -25.51 -30.37
N LYS G 1522 -50.74 -25.99 -30.78
CA LYS G 1522 -51.48 -25.31 -31.82
C LYS G 1522 -51.93 -23.93 -31.35
N SER G 1523 -51.92 -22.97 -32.27
CA SER G 1523 -52.22 -21.58 -31.96
C SER G 1523 -53.70 -21.24 -32.08
N ASP G 1524 -54.55 -22.21 -32.42
CA ASP G 1524 -56.00 -22.02 -32.49
C ASP G 1524 -56.40 -20.96 -33.50
N ASP G 1525 -55.56 -20.72 -34.50
CA ASP G 1525 -55.89 -19.75 -35.55
C ASP G 1525 -55.80 -20.34 -36.95
N LYS G 1526 -54.85 -21.25 -37.18
CA LYS G 1526 -54.67 -21.91 -38.48
C LYS G 1526 -54.91 -23.41 -38.35
N VAL G 1527 -55.94 -23.78 -37.60
CA VAL G 1527 -56.22 -25.20 -37.38
C VAL G 1527 -56.75 -25.82 -38.67
N THR G 1528 -56.13 -26.90 -39.11
CA THR G 1528 -56.56 -27.63 -40.29
C THR G 1528 -57.38 -28.84 -39.87
N LEU G 1529 -58.27 -29.26 -40.77
CA LEU G 1529 -59.14 -30.40 -40.47
C LEU G 1529 -58.32 -31.67 -40.25
N GLU G 1530 -57.30 -31.91 -41.08
CA GLU G 1530 -56.50 -33.12 -40.95
C GLU G 1530 -55.74 -33.13 -39.63
N GLU G 1531 -55.15 -32.01 -39.25
CA GLU G 1531 -54.41 -31.94 -37.99
C GLU G 1531 -55.34 -32.15 -36.79
N ARG G 1532 -56.53 -31.53 -36.82
CA ARG G 1532 -57.50 -31.72 -35.75
C ARG G 1532 -57.95 -33.17 -35.65
N LEU G 1533 -58.20 -33.81 -36.80
CA LEU G 1533 -58.60 -35.22 -36.78
C LEU G 1533 -57.47 -36.10 -36.23
N ASP G 1534 -56.23 -35.81 -36.62
CA ASP G 1534 -55.11 -36.62 -36.17
C ASP G 1534 -54.88 -36.48 -34.66
N LYS G 1535 -54.93 -35.25 -34.14
CA LYS G 1535 -54.67 -35.02 -32.73
C LYS G 1535 -55.89 -35.21 -31.83
N ALA G 1536 -57.06 -35.43 -32.41
CA ALA G 1536 -58.29 -35.52 -31.61
C ALA G 1536 -58.26 -36.72 -30.68
N CYS G 1537 -58.18 -37.93 -31.24
CA CYS G 1537 -58.35 -39.13 -30.44
C CYS G 1537 -57.11 -40.02 -30.47
N GLU G 1538 -55.95 -39.42 -30.25
CA GLU G 1538 -54.73 -40.21 -30.07
C GLU G 1538 -54.92 -41.13 -28.87
N PRO G 1539 -54.37 -42.38 -28.92
CA PRO G 1539 -54.55 -43.33 -27.82
C PRO G 1539 -54.31 -42.75 -26.43
N GLY G 1540 -53.51 -41.69 -26.33
CA GLY G 1540 -53.40 -40.98 -25.06
C GLY G 1540 -54.71 -40.32 -24.68
N VAL G 1541 -55.45 -39.78 -25.66
CA VAL G 1541 -56.72 -39.14 -25.38
C VAL G 1541 -57.77 -40.20 -25.07
N ASP G 1542 -58.58 -39.94 -24.03
CA ASP G 1542 -59.61 -40.88 -23.63
C ASP G 1542 -61.01 -40.26 -23.56
N TYR G 1543 -61.14 -38.96 -23.85
CA TYR G 1543 -62.44 -38.32 -23.83
C TYR G 1543 -62.39 -37.05 -24.67
N VAL G 1544 -63.45 -36.80 -25.43
CA VAL G 1544 -63.62 -35.57 -26.18
C VAL G 1544 -65.05 -35.08 -25.94
N TYR G 1545 -65.17 -33.81 -25.54
CA TYR G 1545 -66.45 -33.23 -25.16
C TYR G 1545 -66.70 -31.96 -25.95
N LYS G 1546 -67.98 -31.64 -26.15
CA LYS G 1546 -68.41 -30.35 -26.67
C LYS G 1546 -69.40 -29.78 -25.66
N THR G 1547 -68.99 -28.74 -24.94
CA THR G 1547 -69.75 -28.25 -23.80
C THR G 1547 -69.99 -26.75 -23.94
N ARG G 1548 -70.69 -26.19 -22.96
CA ARG G 1548 -70.98 -24.77 -22.89
C ARG G 1548 -70.59 -24.24 -21.51
N LEU G 1549 -70.12 -23.00 -21.47
CA LEU G 1549 -69.72 -22.38 -20.21
C LEU G 1549 -70.93 -21.84 -19.48
N VAL G 1550 -71.03 -22.15 -18.19
CA VAL G 1550 -72.13 -21.68 -17.36
C VAL G 1550 -71.77 -20.39 -16.62
N LYS G 1551 -70.65 -20.40 -15.91
CA LYS G 1551 -70.19 -19.23 -15.19
C LYS G 1551 -68.69 -19.31 -15.00
N VAL G 1552 -68.08 -18.17 -14.71
CA VAL G 1552 -66.66 -18.07 -14.45
C VAL G 1552 -66.47 -17.64 -13.00
N GLN G 1553 -65.83 -18.50 -12.21
CA GLN G 1553 -65.51 -18.20 -10.82
C GLN G 1553 -64.00 -18.04 -10.70
N LEU G 1554 -63.53 -16.82 -10.95
CA LEU G 1554 -62.11 -16.53 -10.87
C LEU G 1554 -61.71 -16.33 -9.41
N SER G 1555 -60.62 -17.00 -9.01
CA SER G 1555 -60.13 -16.93 -7.64
C SER G 1555 -58.65 -16.58 -7.66
N ASN G 1556 -58.05 -16.55 -6.47
CA ASN G 1556 -56.70 -16.04 -6.33
C ASN G 1556 -55.66 -16.99 -6.92
N ASP G 1557 -55.84 -18.30 -6.74
CA ASP G 1557 -54.85 -19.27 -7.15
C ASP G 1557 -55.30 -20.16 -8.30
N PHE G 1558 -56.51 -20.69 -8.27
CA PHE G 1558 -57.01 -21.58 -9.31
C PHE G 1558 -58.42 -21.13 -9.72
N ASP G 1559 -58.63 -21.01 -11.02
CA ASP G 1559 -59.90 -20.55 -11.55
C ASP G 1559 -60.83 -21.74 -11.77
N GLU G 1560 -62.12 -21.53 -11.49
CA GLU G 1560 -63.13 -22.57 -11.68
C GLU G 1560 -63.99 -22.22 -12.89
N TYR G 1561 -64.09 -23.18 -13.82
CA TYR G 1561 -64.93 -23.05 -15.01
C TYR G 1561 -65.93 -24.20 -14.99
N ILE G 1562 -67.20 -23.88 -14.78
CA ILE G 1562 -68.25 -24.89 -14.72
C ILE G 1562 -68.81 -25.08 -16.12
N MET G 1563 -68.52 -26.23 -16.72
CA MET G 1563 -68.88 -26.51 -18.10
C MET G 1563 -70.15 -27.36 -18.12
N ALA G 1564 -71.17 -26.88 -18.83
CA ALA G 1564 -72.39 -27.65 -19.03
C ALA G 1564 -72.21 -28.55 -20.25
N ILE G 1565 -72.32 -29.85 -20.05
CA ILE G 1565 -72.05 -30.79 -21.14
C ILE G 1565 -73.20 -30.73 -22.14
N GLU G 1566 -72.88 -30.49 -23.40
CA GLU G 1566 -73.86 -30.46 -24.47
C GLU G 1566 -73.94 -31.77 -25.23
N GLN G 1567 -72.80 -32.40 -25.54
CA GLN G 1567 -72.77 -33.68 -26.20
C GLN G 1567 -71.38 -34.29 -26.02
N THR G 1568 -71.36 -35.59 -25.73
CA THR G 1568 -70.11 -36.34 -25.58
C THR G 1568 -69.89 -37.19 -26.83
N ILE G 1569 -68.86 -36.83 -27.60
CA ILE G 1569 -68.56 -37.60 -28.80
C ILE G 1569 -68.12 -39.02 -28.44
N LYS G 1570 -67.26 -39.15 -27.44
CA LYS G 1570 -66.81 -40.45 -26.97
C LYS G 1570 -66.78 -40.45 -25.44
N SER G 1571 -66.83 -41.65 -24.88
CA SER G 1571 -66.85 -41.84 -23.44
C SER G 1571 -65.63 -42.65 -22.99
N GLY G 1572 -65.13 -42.33 -21.80
CA GLY G 1572 -63.99 -43.02 -21.25
C GLY G 1572 -64.26 -43.61 -19.88
N SER G 1573 -63.30 -43.43 -18.95
CA SER G 1573 -63.45 -43.97 -17.61
C SER G 1573 -64.47 -43.19 -16.77
N ASP G 1574 -64.91 -42.02 -17.22
CA ASP G 1574 -65.87 -41.21 -16.50
C ASP G 1574 -67.18 -41.17 -17.27
N GLU G 1575 -68.28 -41.43 -16.56
CA GLU G 1575 -69.61 -41.48 -17.16
C GLU G 1575 -70.31 -40.15 -16.96
N VAL G 1576 -70.87 -39.61 -18.05
CA VAL G 1576 -71.61 -38.36 -18.02
C VAL G 1576 -72.86 -38.53 -18.87
N GLN G 1577 -73.81 -37.61 -18.69
CA GLN G 1577 -75.04 -37.58 -19.46
C GLN G 1577 -75.23 -36.19 -20.05
N VAL G 1578 -75.99 -36.13 -21.14
CA VAL G 1578 -76.25 -34.85 -21.80
C VAL G 1578 -77.05 -33.96 -20.85
N GLY G 1579 -76.61 -32.70 -20.74
CA GLY G 1579 -77.24 -31.75 -19.84
C GLY G 1579 -76.64 -31.69 -18.45
N GLN G 1580 -75.74 -32.61 -18.11
CA GLN G 1580 -75.09 -32.58 -16.81
C GLN G 1580 -74.02 -31.49 -16.77
N GLN G 1581 -73.55 -31.19 -15.56
CA GLN G 1581 -72.57 -30.14 -15.35
C GLN G 1581 -71.30 -30.71 -14.75
N ARG G 1582 -70.16 -30.18 -15.19
CA ARG G 1582 -68.84 -30.53 -14.65
C ARG G 1582 -68.08 -29.24 -14.39
N THR G 1583 -67.00 -29.35 -13.62
CA THR G 1583 -66.18 -28.21 -13.27
C THR G 1583 -64.73 -28.47 -13.66
N PHE G 1584 -64.11 -27.48 -14.30
CA PHE G 1584 -62.72 -27.53 -14.69
C PHE G 1584 -61.93 -26.50 -13.91
N ILE G 1585 -60.73 -26.88 -13.48
CA ILE G 1585 -59.87 -26.03 -12.66
C ILE G 1585 -58.62 -25.71 -13.47
N SER G 1586 -58.29 -24.42 -13.55
CA SER G 1586 -57.18 -23.96 -14.36
C SER G 1586 -56.26 -23.07 -13.53
N PRO G 1587 -54.95 -23.13 -13.80
CA PRO G 1587 -54.01 -22.24 -13.10
C PRO G 1587 -54.25 -20.78 -13.45
N ILE G 1588 -53.89 -19.90 -12.52
CA ILE G 1588 -54.14 -18.46 -12.69
C ILE G 1588 -53.31 -17.90 -13.84
N LYS G 1589 -52.10 -18.43 -14.03
CA LYS G 1589 -51.22 -17.90 -15.08
C LYS G 1589 -51.79 -18.07 -16.48
N CYS G 1590 -52.72 -19.00 -16.66
CA CYS G 1590 -53.32 -19.26 -17.97
C CYS G 1590 -54.66 -18.56 -18.17
N ARG G 1591 -55.04 -17.63 -17.27
CA ARG G 1591 -56.32 -16.95 -17.41
C ARG G 1591 -56.41 -16.17 -18.72
N GLU G 1592 -55.35 -15.45 -19.07
CA GLU G 1592 -55.37 -14.68 -20.31
C GLU G 1592 -55.26 -15.57 -21.54
N ALA G 1593 -54.49 -16.66 -21.46
CA ALA G 1593 -54.38 -17.57 -22.59
C ALA G 1593 -55.71 -18.25 -22.90
N LEU G 1594 -56.43 -18.68 -21.86
CA LEU G 1594 -57.74 -19.28 -22.06
C LEU G 1594 -58.75 -18.26 -22.57
N LYS G 1595 -58.78 -17.07 -21.96
CA LYS G 1595 -59.71 -15.99 -22.27
C LYS G 1595 -61.11 -16.51 -22.58
N LEU G 1596 -61.62 -17.37 -21.70
CA LEU G 1596 -62.97 -17.89 -21.85
C LEU G 1596 -63.99 -16.80 -21.53
N GLU G 1597 -65.20 -16.99 -22.06
CA GLU G 1597 -66.28 -16.02 -21.91
C GLU G 1597 -67.55 -16.71 -21.44
N GLU G 1598 -68.46 -15.91 -20.91
CA GLU G 1598 -69.74 -16.41 -20.43
C GLU G 1598 -70.61 -16.87 -21.60
N LYS G 1599 -71.42 -17.89 -21.34
CA LYS G 1599 -72.42 -18.45 -22.27
C LYS G 1599 -71.83 -18.61 -23.68
N LYS G 1600 -70.79 -19.44 -23.75
CA LYS G 1600 -70.15 -19.75 -25.02
C LYS G 1600 -69.86 -21.24 -25.09
N HIS G 1601 -69.73 -21.75 -26.31
CA HIS G 1601 -69.51 -23.16 -26.56
C HIS G 1601 -68.02 -23.43 -26.83
N TYR G 1602 -67.55 -24.58 -26.36
CA TYR G 1602 -66.15 -24.96 -26.49
C TYR G 1602 -66.05 -26.46 -26.71
N LEU G 1603 -64.92 -26.88 -27.26
CA LEU G 1603 -64.63 -28.30 -27.49
C LEU G 1603 -63.32 -28.65 -26.81
N MET G 1604 -63.35 -29.67 -25.95
CA MET G 1604 -62.17 -30.08 -25.20
C MET G 1604 -62.00 -31.60 -25.28
N TRP G 1605 -60.77 -32.04 -25.54
CA TRP G 1605 -60.38 -33.43 -25.39
C TRP G 1605 -59.14 -33.49 -24.53
N GLY G 1606 -59.02 -34.56 -23.74
CA GLY G 1606 -57.93 -34.68 -22.80
C GLY G 1606 -57.56 -36.12 -22.53
N LEU G 1607 -56.63 -36.31 -21.60
CA LEU G 1607 -56.10 -37.63 -21.27
C LEU G 1607 -57.07 -38.42 -20.41
N SER G 1608 -56.69 -39.66 -20.10
CA SER G 1608 -57.51 -40.54 -19.27
C SER G 1608 -57.43 -40.17 -17.79
N SER G 1609 -56.29 -39.65 -17.33
CA SER G 1609 -56.08 -39.36 -15.92
C SER G 1609 -56.35 -37.90 -15.58
N ASP G 1610 -57.01 -37.16 -16.47
CA ASP G 1610 -57.30 -35.75 -16.25
C ASP G 1610 -58.54 -35.53 -15.38
N PHE G 1611 -59.02 -36.57 -14.69
CA PHE G 1611 -60.15 -36.43 -13.77
C PHE G 1611 -59.61 -36.32 -12.35
N TRP G 1612 -60.07 -35.30 -11.63
CA TRP G 1612 -59.57 -35.01 -10.28
C TRP G 1612 -60.48 -35.54 -9.18
N GLY G 1613 -61.80 -35.55 -9.41
CA GLY G 1613 -62.71 -36.01 -8.37
C GLY G 1613 -62.53 -37.49 -8.08
N GLU G 1614 -62.78 -37.85 -6.83
CA GLU G 1614 -62.63 -39.23 -6.38
C GLU G 1614 -63.73 -40.11 -6.96
N PRO G 1616 -67.57 -37.81 -6.82
CA PRO G 1616 -68.49 -36.76 -6.38
C PRO G 1616 -68.42 -35.51 -7.26
N ASN G 1617 -67.46 -34.63 -6.98
CA ASN G 1617 -67.28 -33.43 -7.80
C ASN G 1617 -66.85 -33.81 -9.21
N LEU G 1618 -65.98 -34.80 -9.35
CA LEU G 1618 -65.49 -35.26 -10.65
C LEU G 1618 -64.90 -34.11 -11.46
N SER G 1619 -64.12 -33.27 -10.78
CA SER G 1619 -63.51 -32.12 -11.44
C SER G 1619 -62.43 -32.57 -12.43
N TYR G 1620 -62.19 -31.72 -13.42
CA TYR G 1620 -61.17 -31.94 -14.43
C TYR G 1620 -60.12 -30.85 -14.36
N ILE G 1621 -58.90 -31.19 -14.76
CA ILE G 1621 -57.78 -30.25 -14.74
C ILE G 1621 -57.31 -30.01 -16.16
N ILE G 1622 -57.19 -28.75 -16.55
CA ILE G 1622 -56.73 -28.36 -17.88
C ILE G 1622 -55.21 -28.54 -17.90
N GLY G 1623 -54.76 -29.68 -18.41
CA GLY G 1623 -53.35 -30.02 -18.43
C GLY G 1623 -52.66 -29.57 -19.70
N LYS G 1624 -51.48 -30.16 -19.94
CA LYS G 1624 -50.70 -29.83 -21.12
C LYS G 1624 -51.24 -30.51 -22.38
N ASP G 1625 -52.08 -31.53 -22.23
CA ASP G 1625 -52.66 -32.25 -23.36
C ASP G 1625 -54.17 -32.03 -23.44
N THR G 1626 -54.65 -30.89 -22.97
CA THR G 1626 -56.06 -30.53 -23.05
C THR G 1626 -56.25 -29.47 -24.12
N TRP G 1627 -57.16 -29.73 -25.05
CA TRP G 1627 -57.42 -28.85 -26.18
C TRP G 1627 -58.63 -27.96 -25.86
N VAL G 1628 -58.58 -26.73 -26.36
CA VAL G 1628 -59.67 -25.77 -26.17
C VAL G 1628 -59.87 -25.03 -27.48
N GLU G 1629 -61.05 -25.18 -28.09
CA GLU G 1629 -61.43 -24.45 -29.29
C GLU G 1629 -62.75 -23.76 -29.05
N HIS G 1630 -62.82 -22.47 -29.38
CA HIS G 1630 -64.03 -21.69 -29.19
C HIS G 1630 -65.00 -21.99 -30.32
N TRP G 1631 -66.05 -22.73 -30.00
CA TRP G 1631 -67.06 -23.06 -31.01
C TRP G 1631 -67.88 -21.81 -31.34
N PRO G 1632 -67.91 -21.38 -32.60
CA PRO G 1632 -68.70 -20.19 -32.95
C PRO G 1632 -70.18 -20.42 -32.70
N GLU G 1633 -70.86 -19.33 -32.34
CA GLU G 1633 -72.30 -19.39 -32.10
C GLU G 1633 -73.05 -19.66 -33.40
N GLU G 1634 -74.26 -20.24 -33.25
CA GLU G 1634 -75.04 -20.61 -34.43
C GLU G 1634 -75.41 -19.39 -35.27
N ASP G 1635 -75.80 -18.30 -34.62
CA ASP G 1635 -76.16 -17.09 -35.36
C ASP G 1635 -74.94 -16.39 -35.97
N GLU G 1636 -73.75 -16.60 -35.39
CA GLU G 1636 -72.53 -15.99 -35.93
C GLU G 1636 -71.81 -16.87 -36.94
N CYS G 1637 -72.33 -18.08 -37.21
CA CYS G 1637 -71.70 -18.95 -38.19
C CYS G 1637 -71.84 -18.45 -39.63
N GLN G 1638 -72.68 -17.44 -39.87
CA GLN G 1638 -72.93 -16.95 -41.21
C GLN G 1638 -71.97 -15.83 -41.62
N ASP G 1639 -71.04 -15.44 -40.76
CA ASP G 1639 -70.07 -14.42 -41.13
C ASP G 1639 -68.90 -15.04 -41.89
N GLU G 1640 -68.11 -14.18 -42.53
CA GLU G 1640 -66.97 -14.64 -43.31
C GLU G 1640 -65.91 -15.27 -42.43
N GLU G 1641 -65.70 -14.72 -41.24
CA GLU G 1641 -64.63 -15.18 -40.35
C GLU G 1641 -65.03 -16.39 -39.52
N ASN G 1642 -66.27 -16.88 -39.64
CA ASN G 1642 -66.71 -18.04 -38.89
C ASN G 1642 -67.31 -19.15 -39.74
N GLN G 1643 -67.76 -18.87 -40.96
CA GLN G 1643 -68.29 -19.91 -41.83
C GLN G 1643 -67.18 -20.85 -42.30
N LYS G 1644 -65.95 -20.36 -42.40
CA LYS G 1644 -64.82 -21.21 -42.77
C LYS G 1644 -64.52 -22.26 -41.72
N GLN G 1645 -64.98 -22.06 -40.49
CA GLN G 1645 -64.69 -22.97 -39.39
C GLN G 1645 -65.90 -23.74 -38.89
N CYS G 1646 -67.10 -23.18 -39.00
CA CYS G 1646 -68.29 -23.89 -38.51
C CYS G 1646 -68.50 -25.20 -39.26
N GLN G 1647 -68.38 -25.17 -40.58
CA GLN G 1647 -68.58 -26.39 -41.37
C GLN G 1647 -67.48 -27.41 -41.08
N ASP G 1648 -66.24 -26.96 -40.88
CA ASP G 1648 -65.16 -27.88 -40.54
C ASP G 1648 -65.41 -28.54 -39.20
N LEU G 1649 -65.83 -27.76 -38.20
CA LEU G 1649 -66.11 -28.33 -36.89
C LEU G 1649 -67.28 -29.31 -36.96
N GLY G 1650 -68.32 -28.96 -37.71
CA GLY G 1650 -69.45 -29.88 -37.85
C GLY G 1650 -69.07 -31.18 -38.54
N ALA G 1651 -68.28 -31.09 -39.61
CA ALA G 1651 -67.83 -32.29 -40.30
C ALA G 1651 -66.95 -33.15 -39.41
N PHE G 1652 -66.05 -32.52 -38.66
CA PHE G 1652 -65.20 -33.26 -37.73
C PHE G 1652 -66.04 -33.98 -36.66
N THR G 1653 -67.00 -33.26 -36.07
CA THR G 1653 -67.84 -33.86 -35.04
C THR G 1653 -68.66 -35.01 -35.59
N GLU G 1654 -69.26 -34.83 -36.77
CA GLU G 1654 -70.06 -35.90 -37.36
C GLU G 1654 -69.19 -37.11 -37.72
N SER G 1655 -67.99 -36.86 -38.25
CA SER G 1655 -67.09 -37.96 -38.61
C SER G 1655 -66.70 -38.77 -37.38
N MET G 1656 -66.39 -38.09 -36.27
CA MET G 1656 -66.02 -38.85 -35.08
C MET G 1656 -67.22 -39.45 -34.36
N VAL G 1657 -68.41 -38.88 -34.52
CA VAL G 1657 -69.61 -39.46 -33.92
C VAL G 1657 -70.01 -40.74 -34.64
N VAL G 1658 -70.00 -40.72 -35.99
CA VAL G 1658 -70.51 -41.83 -36.76
C VAL G 1658 -69.37 -42.77 -37.16
N PHE G 1659 -68.42 -42.26 -37.93
CA PHE G 1659 -67.34 -43.10 -38.43
C PHE G 1659 -66.35 -43.49 -37.34
N GLY G 1660 -66.29 -42.73 -36.24
CA GLY G 1660 -65.34 -43.05 -35.21
C GLY G 1660 -63.92 -42.67 -35.60
N CYS G 1661 -62.97 -43.29 -34.92
CA CYS G 1661 -61.55 -43.00 -35.15
C CYS G 1661 -60.95 -44.08 -36.03
N PRO G 1662 -60.49 -43.74 -37.25
CA PRO G 1662 -59.83 -44.75 -38.08
C PRO G 1662 -58.59 -45.35 -37.43
N ASN G 1663 -57.86 -44.58 -36.64
CA ASN G 1663 -56.67 -45.08 -35.94
C ASN G 1663 -56.84 -44.96 -34.43
#